data_8ZC3
#
_entry.id   8ZC3
#
_cell.length_a   1.00
_cell.length_b   1.00
_cell.length_c   1.00
_cell.angle_alpha   90.00
_cell.angle_beta   90.00
_cell.angle_gamma   90.00
#
_symmetry.space_group_name_H-M   'P 1'
#
loop_
_entity.id
_entity.type
_entity.pdbx_description
1 polymer 'Spike glycoprotein'
2 polymer 'Light chain of D1F6 Fab'
3 polymer 'Heavy chain of D1F6 Fab'
4 branched 2-acetamido-2-deoxy-beta-D-glucopyranose-(1-4)-2-acetamido-2-deoxy-beta-D-glucopyranose
5 non-polymer 2-acetamido-2-deoxy-beta-D-glucopyranose
#
loop_
_entity_poly.entity_id
_entity_poly.type
_entity_poly.pdbx_seq_one_letter_code
_entity_poly.pdbx_strand_id
1 'polypeptide(L)'
;QCVNLITRTQSYTNSFTRGVYYPDKVFRSSVLHSTQDLFLPFFSNVTWFHAISGTNGTKRFDNPVLPFNDGVYFASTEKS
NIIRGWIFGTTLDSKTQSLLIVNNATNVVIKVCEFQFCNDPFLDVYYHKNNKSWMESEFRVYSSANNCTFEYVSQPFLMD
LEGKQGNFKNLREFVFKNIDGYFKIYSKHTPINLGRDLPQGFSALEPLVDLPIGINITRFQTLLALHRSYLTPGDSSSGW
TAGAAAYYVGYLQPRTFLLKYNENGTITDAVDCALDPLSETKCTLKSFTVEKGIYQTSNFRVQPTESIVRFPNITNLCPF
DEVFNATRFASVYAWNRKRISNCVADYSVLYNFAPFFAFKCYGVSPTKLNDLCFTNVYADSFVIRGNEVSQIAPGQTGNI
ADYNYKLPDDFTGCVIAWNSNKLDSKVGGNYNYRYRLFRKSNLKPFERDISTEIYQAGNKPCNGVAGVNCYFPLQSYGFR
PTYGVGHQPYRVVVLSFELLHAPATVCGPKKSTNLVKNKCVNFNFNGLTGTGVLTESNKKFLPFQQFGRDIADTTDAVRD
PQTLEILDITPCSFGGVSVITPGTNTSNQVAVLYQGVNCTEVPVAIHADQLTPTWRVYSTGSNVFQTRAGCLIGAEYVNN
SYECDIPIGAGICASYQTQTKSRSVASQSIIAYTMSLGAENSVAYSNNSIAIPTNFTISVTTEILPVSMTKTSVDCTMYI
CGDSTECSNLLLQYGSFCTQLKRALTGIAVEQDKNTQEVFAQVKQIYKTPPIKYFGGFNFSQILPDPSKPSKRSPIEDLL
FNKVTLADAGFIKQYGDCLGDIAARDLICAQKFNGLTVLPPLLTDEMIAQYTSALLAGTITSGWTFGAGPALQIPFPMQM
AYRFNGIGVTQNVLYENQKLIANQFNSAIGKIQDSLSSTPSALGKLQDVVNHNAQALNTLVKQLSSKFGAISSVLNDILS
RLDPPEAEVQIDRLITGRLQSLQTYVTQQLIRAAEIRASANLAATKMSECVLGQSKRVDFCGKGYHLMSFPQSAPHGVVF
LHVTYVPAQEKNFTTAPAICHDGKAHFPREGVFVSNGTHWFVTQRNFYEPQIITTDNTFVSGNCDVVIGIVNNTVYDPLQ
PELDSFKEELDKYFKNHTSPDVDLGDISGINASVVNIQKEIDRLNEVAKNLNESLIDLQELGKYEQYIKGSGRENLYFQG
GGGSGYIPEAPRDGQAYVRKDGEWVLLSTFLGHHHHHH
;
A,B,C
2 'polypeptide(L)'
;QPVLTQPPSASGPPGQSVSISCSGSRSNIGTNFVYWYQQLPGAAPKLLIYKNDQRPSGVPERFFGSKSGTSASLAISGLR
SEDEVDYYCAAWDDSLSGHVFGAGTKVTVLGTKLTVLGQPKAAPSVTLFPPSSEELQANKATLVCLISDFYPGAVTVAWK
ADSSPVKAGVETTTPSKQSNNKYAASSYLSLTPEQWKSHRSYSCQVTHEGSTVEKTVAPTECS
;
D,M,N
3 'polypeptide(L)'
;EVQLVQSGAEVKKPGASVKVSCKASGYIFSDYNIHWVRQAPGQGLEWMGWISPDSDDTNYAQSFQGRVTMTRDTSITTVY
MELSSLRSDDTAVYFCARSVGYCSLNSCQRWMWFDTWGQGALVTVSSASTKGPSVFPLAPSSKSTSGGTAALGCLVKDYF
PEPVTVSWNSGALTSGVHTFPAVLQSSGLYSLSSVVTVPSSSLGTQTYICNVNHKPSNTKVDKKVEPKSC
;
E,Q,R
#
loop_
_chem_comp.id
_chem_comp.type
_chem_comp.name
_chem_comp.formula
NAG D-saccharide, beta linking 2-acetamido-2-deoxy-beta-D-glucopyranose 'C8 H15 N O6'
#
# COMPACT_ATOMS: atom_id res chain seq x y z
N SER A 11 -22.03 -35.51 37.04
CA SER A 11 -23.35 -34.97 37.29
C SER A 11 -23.61 -33.73 36.44
N TYR A 12 -24.88 -33.45 36.18
CA TYR A 12 -25.30 -32.31 35.37
C TYR A 12 -25.92 -31.25 36.26
N THR A 13 -25.41 -30.02 36.17
CA THR A 13 -25.92 -28.90 36.94
C THR A 13 -26.16 -27.72 36.01
N ASN A 14 -27.34 -27.12 36.09
CA ASN A 14 -27.70 -26.01 35.21
C ASN A 14 -27.11 -24.71 35.74
N SER A 15 -26.47 -23.95 34.86
CA SER A 15 -25.92 -22.64 35.20
C SER A 15 -26.99 -21.58 34.95
N PHE A 16 -27.21 -20.71 35.94
CA PHE A 16 -28.29 -19.74 35.86
C PHE A 16 -27.83 -18.42 35.28
N THR A 17 -26.82 -17.79 35.89
CA THR A 17 -26.44 -16.42 35.57
C THR A 17 -24.95 -16.27 35.31
N ARG A 18 -24.12 -17.24 35.70
CA ARG A 18 -22.67 -17.12 35.64
C ARG A 18 -22.17 -17.01 34.19
N GLY A 19 -20.99 -16.41 34.04
CA GLY A 19 -20.37 -16.24 32.74
C GLY A 19 -20.46 -14.84 32.20
N VAL A 20 -20.30 -13.84 33.07
CA VAL A 20 -20.36 -12.44 32.70
C VAL A 20 -19.09 -11.76 33.18
N TYR A 21 -18.36 -11.12 32.28
CA TYR A 21 -17.13 -10.43 32.61
C TYR A 21 -17.02 -9.16 31.76
N TYR A 22 -16.15 -8.26 32.20
CA TYR A 22 -15.94 -7.00 31.49
C TYR A 22 -15.21 -7.26 30.17
N PRO A 23 -15.72 -6.75 29.04
CA PRO A 23 -15.05 -6.96 27.76
C PRO A 23 -13.71 -6.23 27.67
N ASP A 24 -13.73 -4.94 27.97
CA ASP A 24 -12.53 -4.10 27.92
C ASP A 24 -12.43 -3.27 29.19
N LYS A 25 -11.28 -2.61 29.34
CA LYS A 25 -11.05 -1.72 30.49
C LYS A 25 -11.53 -0.31 30.17
N VAL A 26 -12.84 -0.19 29.96
CA VAL A 26 -13.47 1.06 29.57
C VAL A 26 -14.60 1.38 30.54
N PHE A 27 -15.03 2.63 30.52
CA PHE A 27 -16.11 3.11 31.37
C PHE A 27 -17.25 3.65 30.50
N ARG A 28 -18.47 3.30 30.87
CA ARG A 28 -19.67 3.80 30.22
C ARG A 28 -20.67 4.25 31.26
N SER A 29 -21.27 5.42 31.03
CA SER A 29 -22.18 6.04 32.01
C SER A 29 -23.61 5.54 31.79
N SER A 30 -23.81 4.27 32.19
CA SER A 30 -25.12 3.60 32.17
C SER A 30 -25.74 3.60 30.77
N VAL A 31 -24.92 3.27 29.78
CA VAL A 31 -25.35 3.22 28.38
C VAL A 31 -25.20 1.78 27.90
N LEU A 32 -26.26 1.27 27.26
CA LEU A 32 -26.24 -0.09 26.75
C LEU A 32 -25.26 -0.23 25.59
N HIS A 33 -24.50 -1.33 25.59
CA HIS A 33 -23.50 -1.60 24.56
C HIS A 33 -23.55 -3.06 24.19
N SER A 34 -23.37 -3.35 22.90
CA SER A 34 -23.37 -4.71 22.39
C SER A 34 -21.94 -5.13 22.08
N THR A 35 -21.53 -6.29 22.60
CA THR A 35 -20.19 -6.80 22.43
C THR A 35 -20.27 -8.24 21.94
N GLN A 36 -19.44 -8.58 20.96
CA GLN A 36 -19.42 -9.92 20.37
C GLN A 36 -18.07 -10.57 20.70
N ASP A 37 -18.01 -11.18 21.89
CA ASP A 37 -16.83 -11.91 22.33
C ASP A 37 -17.20 -13.29 22.84
N LEU A 38 -16.24 -13.98 23.45
CA LEU A 38 -16.49 -15.31 24.01
C LEU A 38 -17.22 -15.17 25.35
N PHE A 39 -18.45 -15.65 25.41
CA PHE A 39 -19.26 -15.58 26.62
C PHE A 39 -19.94 -16.92 26.87
N LEU A 40 -20.16 -17.22 28.15
CA LEU A 40 -20.85 -18.44 28.54
C LEU A 40 -22.35 -18.25 28.39
N PRO A 41 -23.04 -19.08 27.62
CA PRO A 41 -24.48 -18.87 27.40
C PRO A 41 -25.30 -19.13 28.65
N PHE A 42 -26.44 -18.44 28.71
CA PHE A 42 -27.37 -18.61 29.81
C PHE A 42 -28.12 -19.94 29.68
N PHE A 43 -28.46 -20.51 30.84
CA PHE A 43 -29.24 -21.76 30.95
C PHE A 43 -28.55 -22.92 30.23
N SER A 44 -27.24 -23.04 30.41
CA SER A 44 -26.45 -24.12 29.84
C SER A 44 -25.91 -24.99 30.97
N ASN A 45 -26.11 -26.30 30.84
CA ASN A 45 -25.66 -27.22 31.89
C ASN A 45 -24.14 -27.35 31.90
N VAL A 46 -23.58 -27.52 33.09
CA VAL A 46 -22.15 -27.71 33.27
C VAL A 46 -21.93 -28.97 34.10
N THR A 47 -20.74 -29.53 33.99
CA THR A 47 -20.41 -30.78 34.65
C THR A 47 -20.11 -30.54 36.13
N TRP A 48 -20.71 -31.36 36.98
CA TRP A 48 -20.42 -31.37 38.42
C TRP A 48 -19.57 -32.60 38.69
N PHE A 49 -18.27 -32.39 38.90
CA PHE A 49 -17.31 -33.50 38.98
C PHE A 49 -17.15 -33.96 40.42
N HIS A 50 -17.21 -35.28 40.62
CA HIS A 50 -17.00 -35.86 41.94
C HIS A 50 -16.13 -37.12 41.88
N ALA A 51 -15.48 -37.40 40.76
CA ALA A 51 -14.66 -38.60 40.60
C ALA A 51 -13.19 -38.20 40.49
N ILE A 52 -12.35 -38.90 41.24
CA ILE A 52 -10.91 -38.63 41.22
C ILE A 52 -10.24 -39.51 40.17
N PRO A 64 -8.68 -36.91 36.40
CA PRO A 64 -8.85 -37.39 35.03
C PRO A 64 -8.39 -36.35 34.00
N VAL A 65 -8.94 -36.43 32.80
CA VAL A 65 -8.61 -35.51 31.71
C VAL A 65 -9.84 -34.66 31.39
N LEU A 66 -9.63 -33.36 31.23
CA LEU A 66 -10.71 -32.43 30.94
C LEU A 66 -10.42 -31.70 29.63
N PRO A 67 -11.28 -31.79 28.63
CA PRO A 67 -11.04 -31.05 27.38
C PRO A 67 -11.25 -29.55 27.58
N PHE A 68 -10.58 -28.78 26.74
CA PHE A 68 -10.58 -27.32 26.83
C PHE A 68 -10.94 -26.73 25.47
N ASN A 69 -11.71 -25.65 25.48
CA ASN A 69 -12.14 -25.00 24.25
C ASN A 69 -11.96 -23.50 24.36
N ASP A 70 -12.51 -22.75 23.41
CA ASP A 70 -12.37 -21.29 23.41
C ASP A 70 -13.20 -20.70 24.54
N GLY A 71 -12.54 -20.40 25.65
CA GLY A 71 -13.22 -19.87 26.82
C GLY A 71 -13.70 -20.95 27.76
N VAL A 72 -13.27 -20.90 29.02
CA VAL A 72 -13.64 -21.89 30.03
C VAL A 72 -14.05 -21.14 31.30
N TYR A 73 -15.12 -21.61 31.94
CA TYR A 73 -15.60 -21.05 33.20
C TYR A 73 -15.32 -22.05 34.31
N PHE A 74 -14.77 -21.55 35.41
CA PHE A 74 -14.35 -22.39 36.53
C PHE A 74 -15.04 -21.92 37.81
N ALA A 75 -15.42 -22.89 38.65
CA ALA A 75 -16.08 -22.59 39.91
C ALA A 75 -15.78 -23.69 40.90
N SER A 76 -15.62 -23.31 42.17
CA SER A 76 -15.35 -24.27 43.24
C SER A 76 -15.89 -23.73 44.55
N THR A 77 -16.10 -24.64 45.49
CA THR A 77 -16.60 -24.26 46.82
C THR A 77 -15.45 -24.16 47.82
N ILE A 82 -9.89 -24.37 49.98
CA ILE A 82 -9.68 -25.78 50.28
C ILE A 82 -9.02 -26.46 49.08
N ILE A 83 -9.60 -26.27 47.90
CA ILE A 83 -9.11 -26.86 46.65
C ILE A 83 -8.52 -25.75 45.80
N ARG A 84 -7.29 -25.96 45.33
CA ARG A 84 -6.57 -24.93 44.60
C ARG A 84 -5.61 -25.58 43.63
N GLY A 85 -5.18 -24.80 42.64
CA GLY A 85 -4.21 -25.26 41.67
C GLY A 85 -4.84 -25.52 40.31
N TRP A 86 -4.11 -25.15 39.26
CA TRP A 86 -4.58 -25.35 37.89
C TRP A 86 -3.42 -25.90 37.05
N ILE A 87 -3.77 -26.75 36.08
CA ILE A 87 -2.80 -27.34 35.17
C ILE A 87 -3.22 -26.98 33.75
N PHE A 88 -2.26 -26.45 32.97
CA PHE A 88 -2.50 -26.07 31.58
C PHE A 88 -1.40 -26.65 30.71
N GLY A 89 -1.73 -26.82 29.43
CA GLY A 89 -0.78 -27.35 28.47
C GLY A 89 -1.50 -27.85 27.23
N THR A 90 -0.73 -28.55 26.40
CA THR A 90 -1.24 -29.13 25.16
C THR A 90 -1.24 -30.65 25.20
N THR A 91 -0.09 -31.27 25.47
CA THR A 91 0.00 -32.71 25.58
C THR A 91 0.57 -33.18 26.91
N LEU A 92 0.78 -32.26 27.86
CA LEU A 92 1.23 -32.56 29.22
C LEU A 92 2.57 -33.30 29.25
N ASP A 93 3.51 -32.86 28.41
CA ASP A 93 4.81 -33.50 28.31
C ASP A 93 5.88 -32.41 28.18
N SER A 94 7.10 -32.83 27.86
CA SER A 94 8.23 -31.92 27.70
C SER A 94 8.46 -31.52 26.25
N LYS A 95 7.58 -31.94 25.34
CA LYS A 95 7.72 -31.63 23.93
C LYS A 95 6.93 -30.40 23.51
N THR A 96 6.25 -29.73 24.45
CA THR A 96 5.47 -28.54 24.13
C THR A 96 5.42 -27.65 25.35
N GLN A 97 5.04 -26.39 25.11
CA GLN A 97 4.94 -25.42 26.19
C GLN A 97 3.70 -25.70 27.05
N SER A 98 3.75 -25.23 28.29
CA SER A 98 2.68 -25.43 29.24
C SER A 98 2.68 -24.29 30.25
N LEU A 99 1.62 -24.24 31.06
CA LEU A 99 1.46 -23.22 32.08
C LEU A 99 1.08 -23.89 33.40
N LEU A 100 1.60 -23.36 34.50
CA LEU A 100 1.32 -23.88 35.84
C LEU A 100 1.25 -22.72 36.82
N ILE A 101 0.23 -22.74 37.67
CA ILE A 101 0.00 -21.68 38.64
C ILE A 101 -0.24 -22.32 40.02
N VAL A 102 0.47 -21.83 41.03
CA VAL A 102 0.33 -22.30 42.40
C VAL A 102 0.24 -21.11 43.33
N ASN A 103 -0.83 -21.05 44.14
CA ASN A 103 -1.01 -20.00 45.15
C ASN A 103 -1.54 -20.67 46.41
N ASN A 104 -0.62 -21.10 47.28
CA ASN A 104 -1.02 -21.90 48.43
C ASN A 104 -1.51 -21.02 49.59
N ALA A 105 -0.61 -20.23 50.19
CA ALA A 105 -1.00 -19.39 51.31
C ALA A 105 -0.37 -18.01 51.35
N THR A 106 0.72 -17.75 50.63
CA THR A 106 1.45 -16.51 50.83
C THR A 106 1.72 -15.76 49.53
N ASN A 107 1.88 -16.49 48.43
CA ASN A 107 2.21 -15.86 47.16
C ASN A 107 1.76 -16.76 46.02
N VAL A 108 1.66 -16.17 44.83
CA VAL A 108 1.28 -16.88 43.61
C VAL A 108 2.49 -16.91 42.68
N VAL A 109 2.73 -18.07 42.06
CA VAL A 109 3.78 -18.24 41.08
C VAL A 109 3.16 -18.74 39.79
N ILE A 110 3.65 -18.24 38.66
CA ILE A 110 3.20 -18.64 37.34
C ILE A 110 4.42 -19.14 36.58
N LYS A 111 4.46 -20.43 36.30
CA LYS A 111 5.59 -21.06 35.62
C LYS A 111 5.18 -21.46 34.22
N VAL A 112 5.88 -20.95 33.22
CA VAL A 112 5.69 -21.35 31.82
C VAL A 112 6.98 -22.02 31.32
N CYS A 113 6.91 -23.33 31.14
CA CYS A 113 8.03 -24.17 30.73
C CYS A 113 7.47 -25.52 30.34
N GLU A 114 8.36 -26.48 30.11
CA GLU A 114 7.98 -27.86 29.84
C GLU A 114 8.61 -28.78 30.89
N PHE A 115 7.81 -29.71 31.40
CA PHE A 115 8.25 -30.61 32.45
C PHE A 115 7.35 -31.84 32.45
N GLN A 116 7.81 -32.89 33.14
CA GLN A 116 7.01 -34.09 33.29
C GLN A 116 5.85 -33.84 34.23
N PHE A 117 4.65 -34.24 33.81
CA PHE A 117 3.43 -34.03 34.57
C PHE A 117 2.81 -35.36 34.94
N CYS A 118 2.34 -35.46 36.19
CA CYS A 118 1.74 -36.69 36.67
C CYS A 118 0.38 -36.93 36.02
N ASN A 119 -0.02 -38.20 35.98
CA ASN A 119 -1.33 -38.56 35.43
C ASN A 119 -2.45 -38.05 36.32
N ASP A 120 -2.29 -38.12 37.64
CA ASP A 120 -3.26 -37.59 38.60
C ASP A 120 -2.52 -36.70 39.59
N PRO A 121 -2.14 -35.49 39.18
CA PRO A 121 -1.36 -34.64 40.07
C PRO A 121 -2.22 -33.97 41.13
N PHE A 122 -1.66 -33.85 42.33
CA PHE A 122 -2.32 -33.23 43.46
C PHE A 122 -1.26 -32.72 44.43
N LEU A 123 -1.68 -32.19 45.57
CA LEU A 123 -0.79 -31.65 46.57
C LEU A 123 -1.00 -32.37 47.90
N ASP A 124 0.08 -32.49 48.66
CA ASP A 124 0.03 -33.15 49.96
C ASP A 124 -0.16 -32.13 51.08
N GLU A 136 0.66 -30.17 54.62
CA GLU A 136 1.43 -29.30 53.74
C GLU A 136 2.92 -29.40 54.04
N SER A 137 3.51 -30.54 53.69
CA SER A 137 4.94 -30.76 53.94
C SER A 137 5.64 -31.23 52.67
N GLU A 138 4.89 -31.87 51.77
CA GLU A 138 5.43 -32.40 50.52
C GLU A 138 4.65 -31.83 49.35
N PHE A 139 5.35 -31.70 48.21
CA PHE A 139 4.75 -31.22 46.97
C PHE A 139 5.07 -32.21 45.87
N ARG A 140 4.03 -32.77 45.27
CA ARG A 140 4.19 -33.77 44.22
C ARG A 140 3.51 -33.33 42.92
N VAL A 141 3.72 -32.07 42.54
CA VAL A 141 3.09 -31.54 41.33
C VAL A 141 3.69 -32.12 40.05
N TYR A 142 4.89 -32.68 40.13
CA TYR A 142 5.53 -33.28 38.96
C TYR A 142 5.78 -34.77 39.17
N PHE A 150 9.53 -18.76 32.39
CA PHE A 150 9.95 -17.91 33.50
C PHE A 150 8.97 -18.00 34.66
N GLU A 151 9.20 -17.18 35.69
CA GLU A 151 8.36 -17.17 36.88
C GLU A 151 7.87 -15.75 37.15
N TYR A 152 6.59 -15.64 37.48
CA TYR A 152 5.96 -14.37 37.79
C TYR A 152 5.32 -14.45 39.17
N VAL A 153 5.47 -13.38 39.96
CA VAL A 153 4.95 -13.33 41.32
C VAL A 153 4.01 -12.14 41.44
N SER A 154 2.89 -12.35 42.13
CA SER A 154 1.89 -11.31 42.32
C SER A 154 1.19 -11.54 43.65
N GLN A 155 0.11 -10.79 43.89
CA GLN A 155 -0.66 -10.90 45.11
C GLN A 155 -1.51 -12.17 45.12
N PRO A 156 -1.76 -12.75 46.31
CA PRO A 156 -2.61 -13.94 46.37
C PRO A 156 -4.08 -13.65 46.10
N PHE A 157 -4.88 -14.69 45.95
CA PHE A 157 -6.30 -14.56 45.62
C PHE A 157 -7.18 -14.80 46.86
N LEU A 158 -6.70 -14.38 48.02
CA LEU A 158 -7.45 -14.54 49.26
C LEU A 158 -7.37 -13.27 50.11
N LYS A 169 -21.53 -17.62 52.05
CA LYS A 169 -20.07 -17.53 52.09
C LYS A 169 -19.51 -17.20 50.71
N ASN A 170 -18.26 -16.72 50.69
CA ASN A 170 -17.63 -16.34 49.43
C ASN A 170 -17.29 -17.57 48.60
N LEU A 171 -17.62 -17.51 47.32
CA LEU A 171 -17.40 -18.62 46.40
C LEU A 171 -16.31 -18.25 45.39
N ARG A 172 -15.48 -19.23 45.06
CA ARG A 172 -14.38 -19.02 44.11
C ARG A 172 -14.93 -19.11 42.69
N GLU A 173 -14.91 -17.99 41.98
CA GLU A 173 -15.36 -17.93 40.59
C GLU A 173 -14.20 -17.46 39.72
N PHE A 174 -13.90 -18.23 38.68
CA PHE A 174 -12.79 -17.91 37.79
C PHE A 174 -13.19 -18.14 36.35
N VAL A 175 -12.79 -17.21 35.48
CA VAL A 175 -12.97 -17.33 34.04
C VAL A 175 -11.61 -17.20 33.38
N PHE A 176 -11.20 -18.23 32.64
CA PHE A 176 -9.91 -18.25 31.97
C PHE A 176 -10.11 -18.12 30.47
N LYS A 177 -9.42 -17.16 29.86
CA LYS A 177 -9.53 -16.92 28.42
C LYS A 177 -8.13 -16.74 27.85
N ASN A 178 -7.91 -17.30 26.66
CA ASN A 178 -6.60 -17.26 26.02
C ASN A 178 -6.80 -17.03 24.52
N ILE A 179 -6.76 -15.76 24.11
CA ILE A 179 -6.84 -15.39 22.70
C ILE A 179 -5.72 -14.43 22.38
N ASP A 180 -5.23 -14.50 21.13
CA ASP A 180 -4.22 -13.60 20.57
C ASP A 180 -2.91 -13.60 21.37
N GLY A 181 -2.56 -14.75 21.95
CA GLY A 181 -1.32 -14.84 22.68
C GLY A 181 -1.30 -14.15 24.03
N TYR A 182 -2.46 -13.93 24.64
CA TYR A 182 -2.55 -13.33 25.96
C TYR A 182 -3.39 -14.22 26.86
N PHE A 183 -3.11 -14.16 28.16
CA PHE A 183 -3.79 -14.96 29.17
C PHE A 183 -4.50 -14.01 30.14
N LYS A 184 -5.81 -13.86 29.97
CA LYS A 184 -6.61 -12.98 30.81
C LYS A 184 -7.28 -13.78 31.92
N ILE A 185 -7.23 -13.24 33.13
CA ILE A 185 -7.78 -13.89 34.32
C ILE A 185 -8.87 -12.99 34.89
N TYR A 186 -10.04 -13.56 35.14
CA TYR A 186 -11.16 -12.85 35.74
C TYR A 186 -11.61 -13.60 36.98
N SER A 187 -11.66 -12.89 38.11
CA SER A 187 -12.02 -13.49 39.39
C SER A 187 -12.95 -12.58 40.16
N LYS A 188 -13.82 -13.19 40.97
CA LYS A 188 -14.75 -12.46 41.82
C LYS A 188 -15.19 -13.36 42.95
N HIS A 189 -15.49 -12.76 44.10
CA HIS A 189 -16.00 -13.46 45.26
C HIS A 189 -17.29 -12.80 45.72
N THR A 190 -18.37 -13.58 45.78
CA THR A 190 -19.68 -13.09 46.19
C THR A 190 -20.18 -13.89 47.37
N PRO A 191 -20.43 -13.27 48.53
CA PRO A 191 -20.92 -14.02 49.68
C PRO A 191 -22.43 -14.25 49.60
N ILE A 192 -22.85 -15.44 50.04
CA ILE A 192 -24.27 -15.78 50.06
C ILE A 192 -24.70 -16.14 51.48
N ASP A 197 -23.65 -26.09 44.72
CA ASP A 197 -24.81 -25.23 44.54
C ASP A 197 -24.39 -23.86 44.02
N LEU A 198 -24.82 -23.54 42.80
CA LEU A 198 -24.49 -22.24 42.22
C LEU A 198 -25.30 -21.14 42.90
N PRO A 199 -24.68 -19.98 43.15
CA PRO A 199 -25.41 -18.90 43.82
C PRO A 199 -26.44 -18.26 42.91
N GLN A 200 -27.46 -17.68 43.53
CA GLN A 200 -28.52 -16.98 42.82
C GLN A 200 -28.38 -15.48 43.01
N GLY A 201 -28.40 -14.75 41.91
CA GLY A 201 -28.23 -13.30 41.91
C GLY A 201 -27.19 -12.92 40.89
N PHE A 202 -27.29 -11.68 40.41
CA PHE A 202 -26.36 -11.19 39.39
C PHE A 202 -25.05 -10.77 40.02
N SER A 203 -23.94 -11.14 39.39
CA SER A 203 -22.61 -10.75 39.83
C SER A 203 -21.73 -10.48 38.63
N ALA A 204 -20.85 -9.49 38.75
CA ALA A 204 -19.92 -9.11 37.69
C ALA A 204 -18.50 -9.32 38.18
N LEU A 205 -17.70 -10.00 37.36
CA LEU A 205 -16.33 -10.30 37.73
C LEU A 205 -15.42 -9.10 37.45
N GLU A 206 -14.17 -9.22 37.89
CA GLU A 206 -13.17 -8.18 37.72
C GLU A 206 -11.93 -8.76 37.05
N PRO A 207 -11.30 -8.01 36.15
CA PRO A 207 -10.12 -8.53 35.46
C PRO A 207 -8.86 -8.42 36.32
N LEU A 208 -7.89 -9.26 35.97
CA LEU A 208 -6.61 -9.33 36.66
C LEU A 208 -5.49 -9.05 35.67
N VAL A 209 -4.24 -9.27 36.11
CA VAL A 209 -3.08 -9.00 35.27
C VAL A 209 -3.03 -10.00 34.11
N ASP A 210 -2.31 -9.59 33.06
CA ASP A 210 -2.20 -10.37 31.83
C ASP A 210 -0.72 -10.54 31.46
N LEU A 211 -0.37 -11.75 31.03
CA LEU A 211 0.99 -12.08 30.63
C LEU A 211 0.99 -12.61 29.20
N PRO A 212 1.77 -12.01 28.29
CA PRO A 212 1.81 -12.49 26.89
C PRO A 212 2.65 -13.76 26.71
N ILE A 213 2.03 -14.90 27.02
CA ILE A 213 2.71 -16.18 26.88
C ILE A 213 2.89 -16.54 25.41
N GLY A 214 1.84 -16.36 24.60
CA GLY A 214 1.91 -16.64 23.18
C GLY A 214 2.07 -18.10 22.82
N ILE A 215 1.41 -18.99 23.55
CA ILE A 215 1.48 -20.42 23.27
C ILE A 215 0.08 -20.95 23.00
N ASN A 216 -0.04 -22.24 22.70
CA ASN A 216 -1.33 -22.87 22.44
C ASN A 216 -1.73 -23.75 23.62
N ILE A 217 -3.04 -23.84 23.86
CA ILE A 217 -3.60 -24.66 24.92
C ILE A 217 -4.64 -25.58 24.30
N THR A 218 -4.50 -26.88 24.56
CA THR A 218 -5.44 -27.89 24.06
C THR A 218 -6.35 -28.45 25.15
N ARG A 219 -5.77 -28.91 26.25
CA ARG A 219 -6.54 -29.41 27.39
C ARG A 219 -6.06 -28.74 28.66
N PHE A 220 -6.78 -28.98 29.75
CA PHE A 220 -6.44 -28.41 31.05
C PHE A 220 -6.87 -29.37 32.15
N GLN A 221 -6.25 -29.21 33.32
CA GLN A 221 -6.54 -30.03 34.47
C GLN A 221 -6.49 -29.17 35.73
N THR A 222 -6.95 -29.74 36.83
CA THR A 222 -6.97 -29.08 38.13
C THR A 222 -6.05 -29.80 39.10
N LEU A 223 -5.97 -29.29 40.32
CA LEU A 223 -5.14 -29.85 41.38
C LEU A 223 -5.96 -30.00 42.64
N LEU A 224 -5.62 -31.01 43.44
CA LEU A 224 -6.30 -31.31 44.69
C LEU A 224 -5.36 -30.99 45.84
N ALA A 225 -5.74 -30.01 46.66
CA ALA A 225 -4.92 -29.61 47.79
C ALA A 225 -5.34 -30.37 49.04
N LEU A 226 -4.36 -30.82 49.82
CA LEU A 226 -4.59 -31.56 51.05
C LEU A 226 -3.95 -30.82 52.22
N HIS A 227 -4.67 -30.74 53.33
CA HIS A 227 -4.18 -30.07 54.52
C HIS A 227 -3.71 -31.07 55.57
N ALA A 244 -14.26 -37.57 45.55
CA ALA A 244 -13.37 -36.44 45.35
C ALA A 244 -14.04 -35.13 45.76
N ALA A 245 -13.42 -34.01 45.39
CA ALA A 245 -13.94 -32.70 45.70
C ALA A 245 -14.96 -32.29 44.64
N ALA A 246 -15.48 -31.07 44.74
CA ALA A 246 -16.47 -30.54 43.82
C ALA A 246 -15.92 -29.31 43.12
N TYR A 247 -15.98 -29.32 41.79
CA TYR A 247 -15.55 -28.18 40.98
C TYR A 247 -16.30 -28.20 39.66
N TYR A 248 -16.56 -27.01 39.13
CA TYR A 248 -17.38 -26.85 37.94
C TYR A 248 -16.52 -26.43 36.75
N VAL A 249 -16.78 -27.05 35.60
CA VAL A 249 -16.07 -26.75 34.36
C VAL A 249 -17.11 -26.38 33.31
N GLY A 250 -16.93 -25.22 32.68
CA GLY A 250 -17.84 -24.75 31.66
C GLY A 250 -17.14 -24.60 30.31
N TYR A 251 -17.97 -24.32 29.29
CA TYR A 251 -17.48 -24.14 27.93
C TYR A 251 -18.16 -22.92 27.33
N LEU A 252 -17.41 -22.18 26.52
CA LEU A 252 -17.85 -20.89 25.99
C LEU A 252 -17.90 -20.92 24.48
N GLN A 253 -18.90 -20.21 23.92
CA GLN A 253 -19.03 -20.04 22.48
C GLN A 253 -19.35 -18.58 22.19
N PRO A 254 -18.87 -18.04 21.06
CA PRO A 254 -19.06 -16.61 20.81
C PRO A 254 -20.49 -16.27 20.41
N ARG A 255 -21.00 -15.18 21.00
CA ARG A 255 -22.32 -14.66 20.69
C ARG A 255 -22.35 -13.18 21.07
N THR A 256 -23.55 -12.60 21.09
CA THR A 256 -23.73 -11.19 21.40
C THR A 256 -24.45 -11.02 22.73
N PHE A 257 -24.04 -10.01 23.48
CA PHE A 257 -24.60 -9.73 24.79
C PHE A 257 -24.78 -8.22 24.95
N LEU A 258 -25.75 -7.83 25.78
CA LEU A 258 -25.97 -6.44 26.14
C LEU A 258 -25.67 -6.27 27.61
N LEU A 259 -24.79 -5.33 27.92
CA LEU A 259 -24.33 -5.09 29.29
C LEU A 259 -24.73 -3.68 29.68
N LYS A 260 -25.44 -3.54 30.81
CA LYS A 260 -25.91 -2.25 31.27
C LYS A 260 -25.12 -1.85 32.51
N TYR A 261 -24.47 -0.69 32.47
CA TYR A 261 -23.62 -0.20 33.54
C TYR A 261 -24.43 0.66 34.50
N ASN A 262 -23.81 1.06 35.60
CA ASN A 262 -24.40 1.97 36.57
C ASN A 262 -23.67 3.31 36.53
N GLU A 263 -24.19 4.26 37.31
CA GLU A 263 -23.55 5.56 37.39
C GLU A 263 -22.28 5.51 38.25
N ASN A 264 -22.13 4.49 39.10
CA ASN A 264 -20.84 4.22 39.73
C ASN A 264 -19.84 3.62 38.74
N GLY A 265 -20.32 2.98 37.68
CA GLY A 265 -19.43 2.33 36.73
C GLY A 265 -19.32 0.84 36.99
N THR A 266 -20.43 0.21 37.36
CA THR A 266 -20.46 -1.21 37.68
C THR A 266 -21.64 -1.85 36.96
N ILE A 267 -21.43 -3.04 36.40
CA ILE A 267 -22.47 -3.74 35.69
C ILE A 267 -23.48 -4.30 36.68
N THR A 268 -24.76 -4.01 36.46
CA THR A 268 -25.82 -4.46 37.35
C THR A 268 -26.94 -5.24 36.67
N ASP A 269 -26.95 -5.33 35.34
CA ASP A 269 -28.00 -6.06 34.63
C ASP A 269 -27.48 -6.50 33.27
N ALA A 270 -27.57 -7.80 33.00
CA ALA A 270 -27.18 -8.36 31.71
C ALA A 270 -28.23 -9.37 31.26
N VAL A 271 -28.41 -9.46 29.94
CA VAL A 271 -29.38 -10.38 29.35
C VAL A 271 -28.73 -11.03 28.12
N ASP A 272 -29.01 -12.32 27.92
CA ASP A 272 -28.61 -13.00 26.70
C ASP A 272 -29.68 -12.78 25.64
N CYS A 273 -29.28 -12.94 24.37
CA CYS A 273 -30.22 -12.82 23.25
C CYS A 273 -29.97 -13.95 22.25
N ALA A 274 -29.85 -15.18 22.76
CA ALA A 274 -29.71 -16.34 21.89
C ALA A 274 -30.55 -17.53 22.34
N LEU A 275 -31.53 -17.32 23.21
CA LEU A 275 -32.35 -18.40 23.74
C LEU A 275 -33.84 -18.25 23.47
N ASP A 276 -34.34 -17.02 23.34
CA ASP A 276 -35.76 -16.78 23.08
C ASP A 276 -35.90 -15.64 22.08
N PRO A 277 -36.97 -15.65 21.29
CA PRO A 277 -37.25 -14.49 20.42
C PRO A 277 -37.48 -13.19 21.18
N LEU A 278 -38.04 -13.26 22.39
CA LEU A 278 -38.16 -12.07 23.23
C LEU A 278 -36.79 -11.54 23.62
N SER A 279 -35.85 -12.44 23.91
CA SER A 279 -34.48 -12.04 24.22
C SER A 279 -33.83 -11.36 23.01
N GLU A 280 -34.07 -11.89 21.81
CA GLU A 280 -33.54 -11.26 20.60
C GLU A 280 -34.19 -9.90 20.35
N THR A 281 -35.47 -9.78 20.69
CA THR A 281 -36.17 -8.50 20.57
C THR A 281 -35.58 -7.46 21.52
N LYS A 282 -35.27 -7.86 22.75
CA LYS A 282 -34.58 -6.97 23.67
C LYS A 282 -33.13 -6.73 23.27
N CYS A 283 -32.58 -7.63 22.44
CA CYS A 283 -31.17 -7.53 22.04
C CYS A 283 -30.95 -6.43 21.02
N THR A 284 -31.90 -6.21 20.12
CA THR A 284 -31.75 -5.28 19.02
C THR A 284 -32.37 -3.91 19.30
N LEU A 285 -32.90 -3.69 20.51
CA LEU A 285 -33.50 -2.42 20.87
C LEU A 285 -32.73 -1.65 21.92
N LYS A 286 -31.63 -2.21 22.43
CA LYS A 286 -30.73 -1.57 23.40
C LYS A 286 -31.44 -1.14 24.68
N SER A 287 -32.44 -1.91 25.10
CA SER A 287 -33.18 -1.61 26.32
C SER A 287 -33.82 -2.88 26.84
N PHE A 288 -34.06 -2.92 28.14
CA PHE A 288 -34.76 -4.02 28.78
C PHE A 288 -36.27 -3.83 28.81
N THR A 289 -36.76 -2.65 28.44
CA THR A 289 -38.19 -2.34 28.44
C THR A 289 -38.65 -2.15 27.00
N VAL A 290 -39.72 -2.85 26.62
CA VAL A 290 -40.26 -2.79 25.27
C VAL A 290 -41.75 -2.46 25.36
N GLU A 291 -42.26 -1.90 24.27
CA GLU A 291 -43.67 -1.54 24.16
C GLU A 291 -44.41 -2.55 23.29
N LYS A 292 -45.73 -2.40 23.25
CA LYS A 292 -46.57 -3.30 22.48
C LYS A 292 -46.45 -2.97 20.99
N GLY A 293 -46.19 -4.00 20.19
CA GLY A 293 -46.07 -3.81 18.75
C GLY A 293 -45.24 -4.91 18.14
N ILE A 294 -45.15 -4.86 16.81
CA ILE A 294 -44.38 -5.84 16.06
C ILE A 294 -42.97 -5.31 15.85
N TYR A 295 -41.97 -6.12 16.23
CA TYR A 295 -40.57 -5.76 16.10
C TYR A 295 -39.88 -6.83 15.25
N GLN A 296 -39.40 -6.45 14.07
CA GLN A 296 -38.69 -7.37 13.20
C GLN A 296 -37.23 -7.41 13.61
N THR A 297 -36.73 -8.62 13.94
CA THR A 297 -35.38 -8.79 14.47
C THR A 297 -34.45 -9.49 13.50
N SER A 298 -34.83 -10.66 13.00
CA SER A 298 -33.93 -11.45 12.16
C SER A 298 -34.78 -12.22 11.15
N ASN A 299 -34.19 -13.25 10.55
CA ASN A 299 -34.85 -14.07 9.54
C ASN A 299 -34.99 -15.50 10.04
N PHE A 300 -35.86 -16.25 9.37
CA PHE A 300 -36.00 -17.68 9.56
C PHE A 300 -35.50 -18.39 8.31
N ARG A 301 -34.56 -19.32 8.49
CA ARG A 301 -33.98 -20.05 7.37
C ARG A 301 -33.55 -21.42 7.85
N VAL A 302 -33.81 -22.43 7.03
CA VAL A 302 -33.43 -23.81 7.33
C VAL A 302 -31.99 -24.03 6.89
N GLN A 303 -31.22 -24.76 7.74
CA GLN A 303 -29.83 -25.05 7.43
C GLN A 303 -29.72 -26.33 6.61
N PRO A 304 -28.73 -26.42 5.70
CA PRO A 304 -28.53 -27.66 4.94
C PRO A 304 -28.00 -28.79 5.81
N THR A 305 -28.79 -29.87 5.94
CA THR A 305 -28.38 -30.98 6.80
C THR A 305 -27.25 -31.78 6.17
N GLU A 306 -27.34 -32.07 4.88
CA GLU A 306 -26.33 -32.84 4.16
C GLU A 306 -25.93 -32.09 2.90
N SER A 307 -25.05 -32.70 2.11
CA SER A 307 -24.55 -32.12 0.87
C SER A 307 -24.58 -33.15 -0.23
N ILE A 308 -24.75 -32.68 -1.47
CA ILE A 308 -24.77 -33.53 -2.65
C ILE A 308 -23.80 -32.96 -3.68
N VAL A 309 -22.99 -33.84 -4.27
CA VAL A 309 -22.07 -33.49 -5.34
C VAL A 309 -22.18 -34.54 -6.44
N ARG A 310 -22.23 -34.09 -7.69
CA ARG A 310 -22.27 -34.98 -8.85
C ARG A 310 -21.20 -34.54 -9.83
N PHE A 311 -20.23 -35.42 -10.09
CA PHE A 311 -19.17 -35.18 -11.06
C PHE A 311 -19.44 -35.98 -12.34
N PRO A 312 -19.00 -35.49 -13.50
CA PRO A 312 -19.24 -36.22 -14.75
C PRO A 312 -18.54 -37.57 -14.79
N ASN A 313 -19.20 -38.53 -15.45
CA ASN A 313 -18.71 -39.90 -15.54
C ASN A 313 -17.74 -39.99 -16.71
N ILE A 314 -16.45 -39.82 -16.42
CA ILE A 314 -15.40 -39.99 -17.41
C ILE A 314 -14.12 -40.42 -16.69
N THR A 315 -13.51 -41.49 -17.17
CA THR A 315 -12.28 -42.03 -16.58
C THR A 315 -11.30 -42.30 -17.71
N ASN A 316 -10.43 -41.31 -17.99
CA ASN A 316 -9.43 -41.45 -19.03
C ASN A 316 -8.03 -41.03 -18.62
N LEU A 317 -7.84 -40.46 -17.43
CA LEU A 317 -6.53 -40.20 -16.82
C LEU A 317 -5.67 -39.28 -17.70
N CYS A 318 -6.11 -38.00 -17.75
CA CYS A 318 -5.52 -36.88 -18.51
C CYS A 318 -4.00 -36.91 -18.53
N PRO A 319 -3.38 -37.00 -19.70
CA PRO A 319 -1.91 -37.17 -19.77
C PRO A 319 -1.16 -35.87 -19.51
N PHE A 320 -1.16 -35.45 -18.24
CA PHE A 320 -0.40 -34.27 -17.85
C PHE A 320 1.10 -34.54 -17.78
N ASP A 321 1.50 -35.80 -17.58
CA ASP A 321 2.91 -36.14 -17.55
C ASP A 321 3.57 -36.02 -18.92
N GLU A 322 2.79 -36.14 -20.00
CA GLU A 322 3.34 -35.95 -21.34
C GLU A 322 3.70 -34.49 -21.58
N VAL A 323 2.80 -33.57 -21.23
CA VAL A 323 3.09 -32.15 -21.42
C VAL A 323 4.04 -31.62 -20.35
N PHE A 324 4.14 -32.28 -19.21
CA PHE A 324 5.07 -31.85 -18.17
C PHE A 324 6.45 -32.51 -18.32
N ASN A 325 6.50 -33.83 -18.24
CA ASN A 325 7.77 -34.55 -18.30
C ASN A 325 8.09 -34.97 -19.73
N ALA A 326 8.20 -33.97 -20.60
CA ALA A 326 8.56 -34.20 -21.99
C ALA A 326 10.08 -34.29 -22.13
N THR A 327 10.52 -35.04 -23.14
CA THR A 327 11.94 -35.25 -23.35
C THR A 327 12.63 -34.02 -23.93
N ARG A 328 11.90 -33.13 -24.59
CA ARG A 328 12.48 -31.92 -25.16
C ARG A 328 11.39 -30.87 -25.29
N PHE A 329 11.83 -29.61 -25.32
CA PHE A 329 10.94 -28.46 -25.43
C PHE A 329 11.30 -27.63 -26.65
N ALA A 330 10.31 -26.88 -27.15
CA ALA A 330 10.54 -25.92 -28.22
C ALA A 330 11.03 -24.60 -27.62
N SER A 331 11.22 -23.60 -28.49
CA SER A 331 11.73 -22.31 -28.06
C SER A 331 10.62 -21.49 -27.41
N VAL A 332 11.01 -20.35 -26.83
CA VAL A 332 10.04 -19.48 -26.17
C VAL A 332 9.13 -18.80 -27.19
N TYR A 333 9.69 -18.34 -28.31
CA TYR A 333 8.92 -17.70 -29.35
C TYR A 333 8.26 -18.68 -30.31
N ALA A 334 8.50 -19.98 -30.13
CA ALA A 334 7.89 -21.03 -30.94
C ALA A 334 7.21 -22.06 -30.03
N TRP A 335 6.45 -21.55 -29.05
CA TRP A 335 5.79 -22.41 -28.08
C TRP A 335 4.64 -23.18 -28.72
N ASN A 336 4.42 -24.39 -28.23
CA ASN A 336 3.35 -25.26 -28.70
C ASN A 336 2.16 -25.20 -27.75
N ARG A 337 0.99 -25.53 -28.29
CA ARG A 337 -0.26 -25.50 -27.52
C ARG A 337 -0.92 -26.88 -27.58
N LYS A 338 -1.39 -27.35 -26.42
CA LYS A 338 -2.05 -28.64 -26.29
C LYS A 338 -3.38 -28.46 -25.57
N ARG A 339 -4.39 -29.16 -26.05
CA ARG A 339 -5.73 -29.12 -25.47
C ARG A 339 -6.02 -30.41 -24.73
N ILE A 340 -6.45 -30.29 -23.47
CA ILE A 340 -6.77 -31.43 -22.63
C ILE A 340 -8.25 -31.34 -22.25
N SER A 341 -9.01 -32.37 -22.60
CA SER A 341 -10.44 -32.40 -22.32
C SER A 341 -10.91 -33.84 -22.35
N ASN A 342 -12.11 -34.05 -21.81
CA ASN A 342 -12.81 -35.34 -21.81
C ASN A 342 -11.99 -36.43 -21.12
N CYS A 343 -11.47 -36.10 -19.94
CA CYS A 343 -10.74 -37.04 -19.10
C CYS A 343 -10.90 -36.58 -17.65
N VAL A 344 -10.15 -37.21 -16.74
CA VAL A 344 -10.21 -36.88 -15.32
C VAL A 344 -8.85 -36.33 -14.90
N ALA A 345 -8.88 -35.19 -14.20
CA ALA A 345 -7.67 -34.46 -13.82
C ALA A 345 -7.35 -34.75 -12.37
N ASP A 346 -6.30 -35.54 -12.14
CA ASP A 346 -5.82 -35.84 -10.80
C ASP A 346 -4.67 -34.90 -10.47
N TYR A 347 -4.92 -33.94 -9.58
CA TYR A 347 -3.92 -32.95 -9.22
C TYR A 347 -3.05 -33.40 -8.04
N SER A 348 -2.45 -34.59 -8.18
CA SER A 348 -1.54 -35.12 -7.18
C SER A 348 -0.16 -35.44 -7.73
N VAL A 349 0.01 -35.46 -9.06
CA VAL A 349 1.32 -35.69 -9.67
C VAL A 349 2.15 -34.41 -9.71
N LEU A 350 1.56 -33.26 -9.37
CA LEU A 350 2.27 -31.99 -9.41
C LEU A 350 3.39 -31.96 -8.38
N TYR A 351 3.14 -32.48 -7.17
CA TYR A 351 4.09 -32.38 -6.07
C TYR A 351 5.30 -33.31 -6.22
N ASN A 352 5.31 -34.20 -7.21
CA ASN A 352 6.43 -35.10 -7.45
C ASN A 352 7.46 -34.53 -8.42
N PHE A 353 7.58 -33.20 -8.48
CA PHE A 353 8.45 -32.51 -9.44
C PHE A 353 9.28 -31.45 -8.74
N ALA A 354 9.93 -31.84 -7.63
CA ALA A 354 10.92 -31.08 -6.85
C ALA A 354 10.30 -29.87 -6.13
N PRO A 355 10.98 -29.29 -5.14
CA PRO A 355 10.51 -28.02 -4.57
C PRO A 355 10.45 -26.92 -5.61
N PHE A 356 9.47 -26.03 -5.46
CA PHE A 356 9.08 -25.09 -6.49
C PHE A 356 9.44 -23.66 -6.11
N PHE A 357 9.78 -22.87 -7.13
CA PHE A 357 9.80 -21.41 -7.05
C PHE A 357 8.50 -20.80 -7.56
N ALA A 358 7.38 -21.51 -7.40
CA ALA A 358 6.13 -21.22 -8.07
C ALA A 358 5.00 -21.66 -7.15
N PHE A 359 3.83 -21.92 -7.75
CA PHE A 359 2.55 -22.41 -7.19
C PHE A 359 1.75 -21.27 -6.57
N LYS A 360 2.26 -20.05 -6.56
CA LYS A 360 1.40 -18.90 -6.29
C LYS A 360 0.53 -18.63 -7.50
N CYS A 361 -0.76 -18.35 -7.26
CA CYS A 361 -1.70 -18.22 -8.35
C CYS A 361 -2.57 -16.99 -8.15
N TYR A 362 -2.99 -16.40 -9.27
CA TYR A 362 -3.84 -15.21 -9.28
C TYR A 362 -5.16 -15.56 -9.94
N GLY A 363 -6.27 -15.21 -9.30
CA GLY A 363 -7.59 -15.48 -9.83
C GLY A 363 -8.10 -16.88 -9.60
N VAL A 364 -7.33 -17.75 -8.95
CA VAL A 364 -7.75 -19.11 -8.66
C VAL A 364 -7.04 -19.56 -7.39
N SER A 365 -7.70 -20.46 -6.65
CA SER A 365 -7.15 -20.95 -5.39
C SER A 365 -6.33 -22.21 -5.65
N PRO A 366 -5.01 -22.19 -5.41
CA PRO A 366 -4.23 -23.42 -5.59
C PRO A 366 -4.50 -24.47 -4.53
N THR A 367 -4.95 -24.08 -3.34
CA THR A 367 -5.29 -25.06 -2.31
C THR A 367 -6.58 -25.81 -2.67
N LYS A 368 -7.57 -25.10 -3.20
CA LYS A 368 -8.83 -25.71 -3.62
C LYS A 368 -8.76 -25.98 -5.12
N LEU A 369 -8.20 -27.13 -5.46
CA LEU A 369 -8.02 -27.53 -6.86
C LEU A 369 -8.84 -28.76 -7.23
N ASN A 370 -9.66 -29.29 -6.32
CA ASN A 370 -10.43 -30.50 -6.57
C ASN A 370 -11.93 -30.28 -6.61
N ASP A 371 -12.44 -29.27 -5.89
CA ASP A 371 -13.88 -29.08 -5.80
C ASP A 371 -14.47 -28.50 -7.08
N LEU A 372 -13.79 -27.53 -7.69
CA LEU A 372 -14.31 -26.87 -8.88
C LEU A 372 -14.15 -27.76 -10.10
N CYS A 373 -15.10 -27.66 -11.03
CA CYS A 373 -15.04 -28.37 -12.30
C CYS A 373 -15.24 -27.39 -13.45
N PHE A 374 -14.43 -27.53 -14.49
CA PHE A 374 -14.43 -26.61 -15.62
C PHE A 374 -13.99 -27.37 -16.87
N THR A 375 -13.69 -26.63 -17.93
CA THR A 375 -13.25 -27.22 -19.19
C THR A 375 -12.30 -26.24 -19.87
N ASN A 376 -11.93 -26.56 -21.12
CA ASN A 376 -11.07 -25.74 -21.97
C ASN A 376 -9.71 -25.47 -21.31
N VAL A 377 -8.96 -26.56 -21.11
CA VAL A 377 -7.65 -26.49 -20.47
C VAL A 377 -6.58 -26.42 -21.55
N TYR A 378 -5.75 -25.38 -21.51
CA TYR A 378 -4.64 -25.20 -22.43
C TYR A 378 -3.36 -25.00 -21.64
N ALA A 379 -2.28 -25.65 -22.07
CA ALA A 379 -1.00 -25.57 -21.38
C ALA A 379 0.11 -25.35 -22.40
N ASP A 380 1.00 -24.40 -22.11
CA ASP A 380 2.16 -24.11 -22.93
C ASP A 380 3.43 -24.19 -22.09
N SER A 381 4.53 -24.58 -22.73
CA SER A 381 5.80 -24.76 -22.04
C SER A 381 6.88 -23.92 -22.71
N PHE A 382 7.72 -23.30 -21.89
CA PHE A 382 8.86 -22.52 -22.36
C PHE A 382 9.91 -22.50 -21.26
N VAL A 383 10.92 -21.63 -21.41
CA VAL A 383 11.99 -21.50 -20.45
C VAL A 383 12.19 -20.02 -20.13
N ILE A 384 12.82 -19.75 -18.98
CA ILE A 384 13.07 -18.40 -18.52
C ILE A 384 14.51 -18.34 -18.01
N ARG A 385 15.09 -17.13 -18.03
CA ARG A 385 16.47 -16.96 -17.58
C ARG A 385 16.62 -17.19 -16.09
N GLY A 386 15.65 -16.76 -15.29
CA GLY A 386 15.73 -16.93 -13.85
C GLY A 386 15.64 -15.63 -13.09
N ASN A 387 16.24 -14.58 -13.63
CA ASN A 387 16.16 -13.26 -13.03
C ASN A 387 14.84 -12.56 -13.33
N GLU A 388 14.04 -13.11 -14.24
CA GLU A 388 12.75 -12.55 -14.60
C GLU A 388 11.66 -13.61 -14.54
N VAL A 389 11.67 -14.40 -13.46
CA VAL A 389 10.61 -15.38 -13.22
C VAL A 389 9.28 -14.69 -12.98
N SER A 390 9.30 -13.60 -12.19
CA SER A 390 8.10 -12.84 -11.90
C SER A 390 7.58 -12.05 -13.09
N GLN A 391 8.35 -11.96 -14.18
CA GLN A 391 7.89 -11.26 -15.38
C GLN A 391 6.74 -11.98 -16.07
N ILE A 392 6.56 -13.27 -15.82
CA ILE A 392 5.41 -14.02 -16.36
C ILE A 392 4.28 -13.82 -15.36
N ALA A 393 3.60 -12.69 -15.49
CA ALA A 393 2.54 -12.30 -14.58
C ALA A 393 1.68 -11.24 -15.25
N PRO A 394 0.38 -11.18 -14.97
CA PRO A 394 -0.46 -10.12 -15.54
C PRO A 394 -0.13 -8.76 -14.92
N GLY A 395 0.06 -7.77 -15.77
CA GLY A 395 0.38 -6.42 -15.34
C GLY A 395 1.85 -6.05 -15.43
N GLN A 396 2.74 -7.05 -15.52
CA GLN A 396 4.17 -6.80 -15.60
C GLN A 396 4.60 -6.87 -17.07
N THR A 397 5.11 -5.75 -17.59
CA THR A 397 5.49 -5.65 -18.99
C THR A 397 6.87 -5.01 -19.09
N GLY A 398 7.79 -5.71 -19.76
CA GLY A 398 9.12 -5.17 -20.01
C GLY A 398 9.55 -5.40 -21.44
N ASN A 399 10.71 -6.03 -21.63
CA ASN A 399 11.16 -6.45 -22.95
C ASN A 399 10.92 -7.94 -23.15
N ILE A 400 11.43 -8.77 -22.23
CA ILE A 400 11.13 -10.20 -22.25
C ILE A 400 9.69 -10.41 -21.82
N ALA A 401 9.01 -11.36 -22.48
CA ALA A 401 7.58 -11.68 -22.28
C ALA A 401 6.69 -10.50 -22.64
N ASP A 402 7.16 -9.65 -23.54
CA ASP A 402 6.38 -8.60 -24.19
C ASP A 402 6.50 -8.66 -25.70
N TYR A 403 7.69 -9.01 -26.22
CA TYR A 403 7.90 -9.23 -27.64
C TYR A 403 7.79 -10.70 -28.03
N ASN A 404 7.69 -11.61 -27.06
CA ASN A 404 7.63 -13.04 -27.30
C ASN A 404 6.30 -13.65 -26.91
N TYR A 405 5.88 -13.45 -25.65
CA TYR A 405 4.61 -14.01 -25.17
C TYR A 405 4.11 -13.09 -24.06
N LYS A 406 3.16 -12.23 -24.39
CA LYS A 406 2.60 -11.28 -23.44
C LYS A 406 1.39 -11.91 -22.76
N LEU A 407 1.46 -12.05 -21.44
CA LEU A 407 0.35 -12.62 -20.69
C LEU A 407 -0.79 -11.60 -20.59
N PRO A 408 -2.02 -11.97 -20.93
CA PRO A 408 -3.13 -11.02 -20.85
C PRO A 408 -3.49 -10.69 -19.41
N ASP A 409 -4.09 -9.50 -19.24
CA ASP A 409 -4.56 -9.09 -17.92
C ASP A 409 -5.68 -9.99 -17.43
N ASP A 410 -6.61 -10.36 -18.31
CA ASP A 410 -7.69 -11.28 -17.99
C ASP A 410 -7.25 -12.67 -18.44
N PHE A 411 -6.57 -13.38 -17.53
CA PHE A 411 -5.99 -14.67 -17.87
C PHE A 411 -6.50 -15.75 -16.92
N THR A 412 -6.83 -15.34 -15.67
CA THR A 412 -7.28 -16.17 -14.55
C THR A 412 -6.59 -17.54 -14.48
N GLY A 413 -5.27 -17.51 -14.60
CA GLY A 413 -4.47 -18.72 -14.55
C GLY A 413 -3.12 -18.42 -13.90
N CYS A 414 -2.29 -19.46 -13.84
CA CYS A 414 -0.98 -19.35 -13.20
C CYS A 414 -0.06 -20.40 -13.81
N VAL A 415 1.20 -20.37 -13.38
CA VAL A 415 2.25 -21.22 -13.93
C VAL A 415 2.75 -22.17 -12.84
N ILE A 416 3.48 -23.19 -13.28
CA ILE A 416 4.19 -24.09 -12.38
C ILE A 416 5.64 -24.17 -12.85
N ALA A 417 6.58 -24.13 -11.89
CA ALA A 417 7.99 -24.07 -12.23
C ALA A 417 8.82 -24.58 -11.05
N TRP A 418 10.03 -25.02 -11.35
CA TRP A 418 10.99 -25.41 -10.34
C TRP A 418 12.40 -25.26 -10.91
N ASN A 419 13.38 -25.27 -10.02
CA ASN A 419 14.77 -25.08 -10.42
C ASN A 419 15.26 -26.27 -11.24
N SER A 420 16.11 -25.98 -12.23
CA SER A 420 16.62 -27.00 -13.15
C SER A 420 18.15 -26.87 -13.21
N ASN A 421 18.83 -27.68 -12.40
CA ASN A 421 20.28 -27.74 -12.40
C ASN A 421 20.82 -29.08 -12.92
N LYS A 422 19.94 -30.06 -13.17
CA LYS A 422 20.37 -31.36 -13.64
C LYS A 422 19.56 -31.86 -14.83
N LEU A 423 18.64 -31.05 -15.37
CA LEU A 423 17.75 -31.49 -16.44
C LEU A 423 18.28 -31.10 -17.83
N ASP A 424 18.48 -29.80 -18.06
CA ASP A 424 18.93 -29.32 -19.36
C ASP A 424 20.10 -28.34 -19.24
N SER A 425 20.77 -28.32 -18.09
CA SER A 425 21.93 -27.46 -17.88
C SER A 425 23.19 -28.30 -17.99
N LYS A 426 24.04 -27.99 -18.97
CA LYS A 426 25.27 -28.72 -19.21
C LYS A 426 26.46 -27.78 -19.08
N VAL A 427 27.61 -28.36 -18.72
CA VAL A 427 28.83 -27.56 -18.60
C VAL A 427 29.31 -27.11 -19.97
N GLY A 428 29.05 -27.89 -21.02
CA GLY A 428 29.42 -27.50 -22.37
C GLY A 428 28.51 -26.52 -23.05
N GLY A 429 27.38 -26.19 -22.44
CA GLY A 429 26.47 -25.23 -23.00
C GLY A 429 25.24 -25.88 -23.60
N ASN A 430 24.15 -25.12 -23.64
CA ASN A 430 22.88 -25.57 -24.20
C ASN A 430 22.33 -24.46 -25.08
N TYR A 431 22.38 -24.66 -26.40
CA TYR A 431 21.94 -23.66 -27.37
C TYR A 431 20.56 -23.96 -27.92
N ASN A 432 19.72 -24.67 -27.16
CA ASN A 432 18.47 -25.19 -27.70
C ASN A 432 17.41 -24.10 -27.85
N TYR A 433 17.39 -23.11 -26.96
CA TYR A 433 16.29 -22.16 -26.87
C TYR A 433 16.71 -20.78 -27.34
N ARG A 434 15.79 -20.07 -28.00
CA ARG A 434 15.97 -18.71 -28.46
C ARG A 434 14.74 -17.89 -28.08
N TYR A 435 14.83 -16.58 -28.28
CA TYR A 435 13.70 -15.69 -28.05
C TYR A 435 13.85 -14.46 -28.93
N ARG A 436 12.74 -13.73 -29.08
CA ARG A 436 12.67 -12.58 -29.98
C ARG A 436 13.19 -11.34 -29.27
N LEU A 437 14.34 -10.83 -29.73
CA LEU A 437 14.91 -9.61 -29.15
C LEU A 437 14.09 -8.38 -29.52
N PHE A 438 13.81 -8.21 -30.82
CA PHE A 438 13.24 -6.99 -31.35
C PHE A 438 11.90 -7.27 -32.01
N ARG A 439 10.93 -6.37 -31.79
CA ARG A 439 9.64 -6.42 -32.45
C ARG A 439 9.21 -5.00 -32.78
N LYS A 440 8.43 -4.87 -33.86
CA LYS A 440 7.99 -3.55 -34.30
C LYS A 440 7.03 -2.90 -33.30
N SER A 441 6.09 -3.67 -32.77
CA SER A 441 5.10 -3.15 -31.84
C SER A 441 4.84 -4.19 -30.75
N ASN A 442 3.93 -3.85 -29.84
CA ASN A 442 3.56 -4.77 -28.77
C ASN A 442 2.77 -5.95 -29.33
N LEU A 443 3.06 -7.14 -28.82
CA LEU A 443 2.42 -8.36 -29.29
C LEU A 443 1.15 -8.63 -28.50
N LYS A 444 0.06 -8.88 -29.21
CA LYS A 444 -1.19 -9.25 -28.56
C LYS A 444 -1.08 -10.64 -27.96
N PRO A 445 -1.80 -10.90 -26.87
CA PRO A 445 -1.73 -12.22 -26.23
C PRO A 445 -2.33 -13.32 -27.10
N PHE A 446 -1.84 -14.55 -26.85
CA PHE A 446 -2.27 -15.77 -27.55
C PHE A 446 -2.06 -15.67 -29.06
N GLU A 447 -0.88 -15.17 -29.45
CA GLU A 447 -0.47 -15.09 -30.85
C GLU A 447 0.93 -15.66 -30.97
N ARG A 448 1.04 -16.85 -31.56
CA ARG A 448 2.34 -17.45 -31.82
C ARG A 448 2.89 -16.89 -33.13
N ASP A 449 4.07 -16.27 -33.07
CA ASP A 449 4.65 -15.58 -34.20
C ASP A 449 6.01 -16.16 -34.54
N ILE A 450 6.35 -16.14 -35.83
CA ILE A 450 7.64 -16.59 -36.34
C ILE A 450 8.26 -15.46 -37.15
N SER A 451 9.57 -15.25 -36.96
CA SER A 451 10.26 -14.18 -37.68
C SER A 451 11.67 -14.63 -38.02
N THR A 452 12.12 -14.26 -39.22
CA THR A 452 13.45 -14.61 -39.69
C THR A 452 14.12 -13.36 -40.25
N GLU A 453 13.32 -12.41 -40.71
CA GLU A 453 13.81 -11.21 -41.38
C GLU A 453 14.54 -10.30 -40.40
N ILE A 454 15.45 -9.49 -40.94
CA ILE A 454 16.33 -8.65 -40.13
C ILE A 454 15.55 -7.42 -39.68
N TYR A 455 15.52 -7.19 -38.37
CA TYR A 455 14.87 -6.00 -37.83
C TYR A 455 15.69 -4.76 -38.18
N GLN A 456 15.00 -3.68 -38.54
CA GLN A 456 15.63 -2.46 -38.99
C GLN A 456 15.59 -1.39 -37.90
N ALA A 457 16.57 -0.48 -37.96
CA ALA A 457 16.67 0.62 -37.01
C ALA A 457 16.91 1.94 -37.73
N GLY A 458 16.38 2.08 -38.94
CA GLY A 458 16.56 3.30 -39.71
C GLY A 458 15.44 3.47 -40.71
N ASN A 459 15.48 4.61 -41.41
CA ASN A 459 14.47 4.92 -42.41
C ASN A 459 14.69 4.21 -43.74
N LYS A 460 15.88 3.67 -43.98
CA LYS A 460 16.16 2.98 -45.23
C LYS A 460 15.52 1.59 -45.22
N PRO A 461 15.22 1.04 -46.40
CA PRO A 461 14.76 -0.36 -46.45
C PRO A 461 15.84 -1.32 -45.99
N CYS A 462 15.40 -2.41 -45.36
CA CYS A 462 16.32 -3.38 -44.77
C CYS A 462 15.62 -4.72 -44.67
N ASN A 463 16.09 -5.70 -45.41
CA ASN A 463 15.51 -7.04 -45.36
C ASN A 463 16.55 -8.13 -45.10
N GLY A 464 17.74 -8.00 -45.66
CA GLY A 464 18.78 -9.01 -45.47
C GLY A 464 20.18 -8.45 -45.38
N VAL A 465 20.30 -7.17 -45.06
CA VAL A 465 21.59 -6.48 -45.06
C VAL A 465 22.16 -6.52 -43.65
N ALA A 466 23.42 -6.95 -43.53
CA ALA A 466 24.13 -7.02 -42.26
C ALA A 466 25.28 -6.02 -42.24
N GLY A 467 25.84 -5.82 -41.05
CA GLY A 467 26.90 -4.85 -40.86
C GLY A 467 26.44 -3.41 -40.84
N VAL A 468 25.14 -3.17 -40.78
CA VAL A 468 24.55 -1.84 -40.80
C VAL A 468 23.80 -1.76 -39.47
N ASN A 469 23.08 -0.66 -39.20
CA ASN A 469 22.35 -0.50 -37.95
C ASN A 469 21.25 -1.53 -37.74
N CYS A 470 20.84 -2.23 -38.80
CA CYS A 470 19.91 -3.35 -38.65
C CYS A 470 20.55 -4.47 -37.84
N TYR A 471 19.78 -5.06 -36.93
CA TYR A 471 20.25 -6.13 -36.08
C TYR A 471 19.32 -7.32 -36.19
N PHE A 472 19.87 -8.50 -35.89
CA PHE A 472 19.06 -9.71 -35.87
C PHE A 472 18.12 -9.70 -34.67
N PRO A 473 16.85 -10.06 -34.85
CA PRO A 473 15.88 -10.03 -33.74
C PRO A 473 15.88 -11.27 -32.85
N LEU A 474 16.81 -12.21 -33.04
CA LEU A 474 16.88 -13.41 -32.24
C LEU A 474 18.31 -13.63 -31.76
N GLN A 475 18.43 -14.40 -30.68
CA GLN A 475 19.74 -14.78 -30.16
C GLN A 475 19.61 -16.12 -29.46
N SER A 476 20.72 -16.84 -29.37
CA SER A 476 20.75 -18.18 -28.82
C SER A 476 21.14 -18.16 -27.35
N TYR A 477 20.44 -18.95 -26.55
CA TYR A 477 20.72 -19.03 -25.11
C TYR A 477 22.03 -19.76 -24.85
N GLY A 478 22.71 -19.34 -23.79
CA GLY A 478 23.87 -20.06 -23.30
C GLY A 478 23.67 -20.48 -21.85
N PHE A 479 23.55 -21.78 -21.62
CA PHE A 479 23.24 -22.31 -20.30
C PHE A 479 24.45 -23.09 -19.78
N ARG A 480 25.04 -22.59 -18.70
CA ARG A 480 26.17 -23.22 -18.04
C ARG A 480 25.97 -23.11 -16.54
N PRO A 481 26.56 -24.04 -15.76
CA PRO A 481 26.44 -23.95 -14.30
C PRO A 481 27.20 -22.78 -13.68
N THR A 482 28.03 -22.07 -14.44
CA THR A 482 28.77 -20.93 -13.89
C THR A 482 27.86 -19.74 -13.62
N TYR A 483 26.66 -19.70 -14.19
CA TYR A 483 25.69 -18.65 -13.91
C TYR A 483 24.67 -19.17 -12.90
N GLY A 484 24.51 -18.46 -11.80
CA GLY A 484 23.60 -18.88 -10.74
C GLY A 484 22.14 -18.66 -11.06
N VAL A 485 21.74 -17.39 -11.18
CA VAL A 485 20.33 -17.04 -11.35
C VAL A 485 20.13 -16.39 -12.72
N GLY A 486 21.18 -15.71 -13.20
CA GLY A 486 21.05 -14.91 -14.42
C GLY A 486 20.81 -15.74 -15.66
N HIS A 487 21.54 -16.84 -15.82
CA HIS A 487 21.42 -17.72 -16.98
C HIS A 487 21.29 -19.15 -16.47
N GLN A 488 20.05 -19.58 -16.20
CA GLN A 488 19.77 -20.91 -15.70
C GLN A 488 18.44 -21.36 -16.29
N PRO A 489 18.36 -22.56 -16.87
CA PRO A 489 17.08 -23.06 -17.38
C PRO A 489 16.11 -23.35 -16.25
N TYR A 490 14.82 -23.25 -16.58
CA TYR A 490 13.76 -23.49 -15.62
C TYR A 490 12.65 -24.29 -16.27
N ARG A 491 11.96 -25.09 -15.45
CA ARG A 491 10.86 -25.93 -15.92
C ARG A 491 9.52 -25.21 -15.74
N VAL A 492 9.40 -24.05 -16.37
CA VAL A 492 8.19 -23.23 -16.26
C VAL A 492 7.19 -23.66 -17.32
N VAL A 493 5.95 -23.89 -16.88
CA VAL A 493 4.84 -24.27 -17.76
C VAL A 493 3.64 -23.43 -17.36
N VAL A 494 3.08 -22.69 -18.30
CA VAL A 494 1.92 -21.85 -18.04
C VAL A 494 0.64 -22.67 -18.27
N LEU A 495 -0.33 -22.49 -17.39
CA LEU A 495 -1.62 -23.16 -17.47
C LEU A 495 -2.73 -22.12 -17.51
N SER A 496 -3.65 -22.26 -18.46
CA SER A 496 -4.72 -21.32 -18.66
C SER A 496 -6.06 -21.96 -18.32
N PHE A 497 -6.90 -21.22 -17.59
CA PHE A 497 -8.24 -21.65 -17.23
C PHE A 497 -9.26 -20.76 -17.93
N GLU A 498 -10.19 -21.37 -18.64
CA GLU A 498 -11.23 -20.66 -19.36
C GLU A 498 -12.59 -20.98 -18.74
N LEU A 499 -13.36 -19.93 -18.46
CA LEU A 499 -14.67 -20.06 -17.82
C LEU A 499 -15.80 -19.85 -18.81
N LEU A 500 -15.63 -20.35 -20.02
CA LEU A 500 -16.68 -20.26 -21.04
C LEU A 500 -17.88 -21.11 -20.65
N HIS A 501 -19.07 -20.68 -21.10
CA HIS A 501 -20.31 -21.36 -20.76
C HIS A 501 -20.37 -22.69 -21.49
N ALA A 502 -20.01 -23.76 -20.79
CA ALA A 502 -19.97 -25.10 -21.36
C ALA A 502 -20.04 -26.10 -20.20
N PRO A 503 -20.52 -27.32 -20.46
CA PRO A 503 -20.42 -28.36 -19.43
C PRO A 503 -18.98 -28.69 -19.09
N ALA A 504 -18.73 -28.94 -17.80
CA ALA A 504 -17.40 -29.23 -17.34
C ALA A 504 -16.98 -30.64 -17.76
N THR A 505 -15.72 -30.78 -18.15
CA THR A 505 -15.18 -32.06 -18.60
C THR A 505 -14.05 -32.60 -17.74
N VAL A 506 -13.16 -31.76 -17.25
CA VAL A 506 -11.97 -32.20 -16.52
C VAL A 506 -11.96 -31.55 -15.13
N CYS A 507 -11.91 -32.39 -14.11
CA CYS A 507 -11.71 -31.98 -12.71
C CYS A 507 -11.30 -33.21 -11.91
N GLY A 508 -11.35 -33.09 -10.59
CA GLY A 508 -10.82 -34.08 -9.68
C GLY A 508 -11.53 -35.41 -9.70
N PRO A 509 -10.85 -36.45 -9.19
CA PRO A 509 -11.40 -37.81 -9.25
C PRO A 509 -12.30 -38.17 -8.07
N LYS A 510 -12.79 -37.16 -7.34
CA LYS A 510 -13.64 -37.41 -6.18
C LYS A 510 -14.96 -38.06 -6.61
N LYS A 511 -15.41 -39.03 -5.82
CA LYS A 511 -16.60 -39.80 -6.14
C LYS A 511 -17.86 -38.98 -5.93
N SER A 512 -18.90 -39.35 -6.67
CA SER A 512 -20.21 -38.72 -6.54
C SER A 512 -21.11 -39.53 -5.61
N THR A 513 -22.08 -38.85 -5.02
CA THR A 513 -23.00 -39.46 -4.07
C THR A 513 -24.37 -39.70 -4.71
N ASN A 514 -25.23 -40.38 -3.96
CA ASN A 514 -26.57 -40.70 -4.45
C ASN A 514 -27.45 -39.46 -4.46
N LEU A 515 -28.45 -39.48 -5.33
CA LEU A 515 -29.37 -38.36 -5.45
C LEU A 515 -30.29 -38.28 -4.24
N VAL A 516 -30.60 -37.05 -3.81
CA VAL A 516 -31.53 -36.79 -2.73
C VAL A 516 -32.57 -35.79 -3.22
N LYS A 517 -33.80 -35.92 -2.74
CA LYS A 517 -34.91 -35.09 -3.18
C LYS A 517 -35.63 -34.50 -1.97
N ASN A 518 -36.30 -33.37 -2.23
CA ASN A 518 -37.17 -32.68 -1.26
C ASN A 518 -36.43 -32.26 0.01
N LYS A 519 -35.16 -31.87 -0.12
CA LYS A 519 -34.38 -31.36 0.99
C LYS A 519 -33.56 -30.18 0.55
N CYS A 520 -33.56 -29.11 1.34
CA CYS A 520 -32.77 -27.91 1.05
C CYS A 520 -31.31 -28.19 1.37
N VAL A 521 -30.53 -28.53 0.35
CA VAL A 521 -29.12 -28.88 0.49
C VAL A 521 -28.30 -28.03 -0.48
N ASN A 522 -27.01 -28.28 -0.51
CA ASN A 522 -26.09 -27.62 -1.43
C ASN A 522 -25.65 -28.61 -2.51
N PHE A 523 -25.78 -28.19 -3.76
CA PHE A 523 -25.49 -29.05 -4.91
C PHE A 523 -24.33 -28.50 -5.71
N ASN A 524 -23.57 -29.40 -6.33
CA ASN A 524 -22.45 -29.04 -7.20
C ASN A 524 -22.61 -29.84 -8.48
N PHE A 525 -23.06 -29.18 -9.55
CA PHE A 525 -23.32 -29.82 -10.83
C PHE A 525 -22.34 -29.25 -11.85
N ASN A 526 -21.29 -30.02 -12.14
CA ASN A 526 -20.24 -29.66 -13.10
C ASN A 526 -19.59 -28.32 -12.77
N GLY A 527 -19.30 -28.11 -11.48
CA GLY A 527 -18.70 -26.89 -11.02
C GLY A 527 -19.67 -25.78 -10.67
N LEU A 528 -20.97 -26.00 -10.83
CA LEU A 528 -21.98 -24.99 -10.50
C LEU A 528 -22.44 -25.26 -9.07
N THR A 529 -21.87 -24.51 -8.13
CA THR A 529 -22.28 -24.62 -6.74
C THR A 529 -23.55 -23.82 -6.51
N GLY A 530 -24.52 -24.43 -5.84
CA GLY A 530 -25.78 -23.76 -5.55
C GLY A 530 -26.46 -24.40 -4.36
N THR A 531 -27.35 -23.64 -3.74
CA THR A 531 -28.09 -24.08 -2.57
C THR A 531 -29.59 -23.99 -2.82
N GLY A 532 -30.31 -25.01 -2.40
CA GLY A 532 -31.74 -25.04 -2.58
C GLY A 532 -32.28 -26.44 -2.41
N VAL A 533 -33.60 -26.54 -2.53
CA VAL A 533 -34.31 -27.82 -2.42
C VAL A 533 -34.57 -28.35 -3.83
N LEU A 534 -34.27 -29.63 -4.02
CA LEU A 534 -34.37 -30.27 -5.34
C LEU A 534 -35.76 -30.85 -5.55
N THR A 535 -36.36 -30.53 -6.69
CA THR A 535 -37.67 -31.03 -7.05
C THR A 535 -37.65 -31.47 -8.52
N GLU A 536 -38.62 -32.31 -8.87
CA GLU A 536 -38.75 -32.76 -10.25
C GLU A 536 -39.19 -31.61 -11.14
N SER A 537 -38.61 -31.53 -12.33
CA SER A 537 -38.81 -30.41 -13.23
C SER A 537 -39.98 -30.70 -14.17
N ASN A 538 -41.04 -29.90 -14.06
CA ASN A 538 -42.14 -29.96 -15.00
C ASN A 538 -41.81 -29.26 -16.32
N LYS A 539 -40.82 -28.37 -16.32
CA LYS A 539 -40.43 -27.66 -17.52
C LYS A 539 -39.68 -28.60 -18.48
N LYS A 540 -39.67 -28.22 -19.76
CA LYS A 540 -39.00 -29.01 -20.78
C LYS A 540 -38.48 -28.08 -21.86
N PHE A 541 -37.49 -28.57 -22.61
CA PHE A 541 -36.90 -27.82 -23.71
C PHE A 541 -36.38 -28.80 -24.74
N LEU A 542 -35.83 -28.27 -25.82
CA LEU A 542 -35.22 -29.10 -26.85
C LEU A 542 -33.96 -29.74 -26.31
N PRO A 543 -33.79 -31.07 -26.44
CA PRO A 543 -32.64 -31.76 -25.81
C PRO A 543 -31.32 -31.50 -26.52
N PHE A 544 -30.81 -30.28 -26.40
CA PHE A 544 -29.49 -29.94 -26.90
C PHE A 544 -28.70 -29.02 -25.99
N GLN A 545 -29.23 -28.65 -24.83
CA GLN A 545 -28.58 -27.71 -23.93
C GLN A 545 -28.20 -28.40 -22.63
N GLN A 546 -27.62 -27.59 -21.73
CA GLN A 546 -27.19 -28.00 -20.40
C GLN A 546 -28.01 -27.39 -19.28
N PHE A 547 -28.07 -26.06 -19.21
CA PHE A 547 -28.75 -25.36 -18.13
C PHE A 547 -29.06 -23.95 -18.60
N GLY A 548 -30.03 -23.33 -17.93
CA GLY A 548 -30.54 -22.05 -18.37
C GLY A 548 -30.61 -21.04 -17.24
N ARG A 549 -31.29 -19.95 -17.52
CA ARG A 549 -31.47 -18.83 -16.61
C ARG A 549 -32.95 -18.54 -16.42
N ASP A 550 -33.24 -17.41 -15.79
CA ASP A 550 -34.61 -16.94 -15.59
C ASP A 550 -34.58 -15.42 -15.63
N ILE A 551 -35.65 -14.79 -15.12
CA ILE A 551 -35.70 -13.33 -15.02
C ILE A 551 -34.63 -12.84 -14.05
N ALA A 552 -34.46 -13.54 -12.93
CA ALA A 552 -33.50 -13.17 -11.91
C ALA A 552 -32.07 -13.60 -12.25
N ASP A 553 -31.86 -14.24 -13.40
CA ASP A 553 -30.55 -14.71 -13.86
C ASP A 553 -29.94 -15.70 -12.87
N THR A 554 -30.79 -16.54 -12.28
CA THR A 554 -30.38 -17.55 -11.34
C THR A 554 -30.42 -18.93 -12.02
N THR A 555 -30.21 -19.98 -11.23
CA THR A 555 -30.19 -21.35 -11.73
C THR A 555 -31.59 -21.94 -11.58
N ASP A 556 -32.15 -22.40 -12.70
CA ASP A 556 -33.48 -23.02 -12.69
C ASP A 556 -33.56 -24.34 -13.45
N ALA A 557 -32.45 -24.79 -14.04
CA ALA A 557 -32.46 -26.06 -14.77
C ALA A 557 -31.08 -26.69 -14.67
N VAL A 558 -31.07 -28.02 -14.83
CA VAL A 558 -29.83 -28.78 -14.79
C VAL A 558 -30.08 -30.11 -15.51
N ARG A 559 -29.01 -30.67 -16.08
CA ARG A 559 -29.09 -31.96 -16.78
C ARG A 559 -27.75 -32.67 -16.53
N ASP A 560 -27.68 -33.42 -15.45
CA ASP A 560 -26.44 -34.09 -15.11
C ASP A 560 -26.16 -35.22 -16.12
N PRO A 561 -24.90 -35.37 -16.56
CA PRO A 561 -24.62 -36.29 -17.66
C PRO A 561 -24.68 -37.76 -17.29
N GLN A 562 -24.71 -38.10 -16.00
CA GLN A 562 -24.83 -39.49 -15.59
C GLN A 562 -26.21 -40.04 -15.91
N THR A 563 -27.26 -39.29 -15.56
CA THR A 563 -28.64 -39.68 -15.84
C THR A 563 -29.33 -38.52 -16.53
N LEU A 564 -29.82 -38.77 -17.75
CA LEU A 564 -30.45 -37.72 -18.57
C LEU A 564 -31.85 -37.46 -18.05
N GLU A 565 -31.92 -36.70 -16.96
CA GLU A 565 -33.18 -36.32 -16.33
C GLU A 565 -33.16 -34.83 -16.01
N ILE A 566 -34.26 -34.15 -16.31
CA ILE A 566 -34.37 -32.71 -16.05
C ILE A 566 -34.79 -32.51 -14.61
N LEU A 567 -34.00 -31.72 -13.87
CA LEU A 567 -34.29 -31.40 -12.48
C LEU A 567 -34.46 -29.89 -12.33
N ASP A 568 -35.32 -29.50 -11.40
CA ASP A 568 -35.65 -28.10 -11.15
C ASP A 568 -35.00 -27.63 -9.85
N ILE A 569 -34.51 -26.40 -9.87
CA ILE A 569 -33.89 -25.78 -8.70
C ILE A 569 -34.81 -24.68 -8.20
N THR A 570 -35.28 -24.83 -6.97
CA THR A 570 -36.13 -23.84 -6.32
C THR A 570 -35.63 -23.56 -4.92
N PRO A 571 -35.79 -22.34 -4.42
CA PRO A 571 -35.34 -22.04 -3.06
C PRO A 571 -36.18 -22.76 -2.00
N CYS A 572 -35.54 -23.02 -0.87
CA CYS A 572 -36.18 -23.67 0.26
C CYS A 572 -36.84 -22.60 1.15
N SER A 573 -37.21 -22.97 2.38
CA SER A 573 -37.90 -22.05 3.27
C SER A 573 -37.02 -20.86 3.65
N PHE A 574 -37.60 -19.67 3.57
CA PHE A 574 -36.89 -18.44 3.89
C PHE A 574 -37.91 -17.38 4.28
N GLY A 575 -37.42 -16.33 4.94
CA GLY A 575 -38.28 -15.23 5.34
C GLY A 575 -37.93 -14.68 6.71
N GLY A 576 -38.51 -13.54 7.07
CA GLY A 576 -38.24 -12.92 8.34
C GLY A 576 -39.04 -13.53 9.48
N VAL A 577 -38.70 -13.12 10.69
CA VAL A 577 -39.39 -13.55 11.90
C VAL A 577 -39.78 -12.32 12.71
N SER A 578 -41.00 -12.35 13.24
CA SER A 578 -41.52 -11.26 14.07
C SER A 578 -42.08 -11.84 15.36
N VAL A 579 -42.28 -10.97 16.35
CA VAL A 579 -42.70 -11.38 17.68
C VAL A 579 -43.94 -10.57 18.06
N ILE A 580 -44.89 -11.24 18.72
CA ILE A 580 -46.06 -10.59 19.29
C ILE A 580 -45.88 -10.62 20.81
N THR A 581 -45.72 -9.46 21.42
CA THR A 581 -45.45 -9.38 22.84
C THR A 581 -46.29 -8.29 23.49
N PRO A 582 -46.73 -8.50 24.72
CA PRO A 582 -47.33 -7.39 25.49
C PRO A 582 -46.26 -6.56 26.18
N GLY A 583 -46.69 -5.62 27.03
CA GLY A 583 -45.75 -4.86 27.84
C GLY A 583 -44.95 -5.74 28.79
N THR A 584 -43.64 -5.54 28.82
CA THR A 584 -42.77 -6.38 29.66
C THR A 584 -42.93 -6.08 31.15
N ASN A 585 -43.56 -4.96 31.50
CA ASN A 585 -43.82 -4.65 32.91
C ASN A 585 -44.99 -5.43 33.47
N THR A 586 -45.79 -6.09 32.63
CA THR A 586 -46.96 -6.85 33.07
C THR A 586 -46.84 -8.35 32.83
N SER A 587 -46.21 -8.76 31.73
CA SER A 587 -46.12 -10.19 31.41
C SER A 587 -44.87 -10.43 30.57
N ASN A 588 -44.48 -11.70 30.48
CA ASN A 588 -43.30 -12.11 29.73
C ASN A 588 -43.59 -13.13 28.65
N GLN A 589 -44.81 -13.66 28.56
CA GLN A 589 -45.14 -14.65 27.53
C GLN A 589 -45.23 -13.97 26.17
N VAL A 590 -44.60 -14.58 25.17
CA VAL A 590 -44.51 -14.03 23.83
C VAL A 590 -44.99 -15.08 22.83
N ALA A 591 -44.97 -14.71 21.55
CA ALA A 591 -45.39 -15.58 20.47
C ALA A 591 -44.39 -15.51 19.33
N VAL A 592 -44.35 -16.58 18.53
CA VAL A 592 -43.42 -16.70 17.40
C VAL A 592 -44.24 -16.71 16.12
N LEU A 593 -43.92 -15.81 15.20
CA LEU A 593 -44.62 -15.69 13.93
C LEU A 593 -43.62 -15.73 12.79
N TYR A 594 -43.97 -16.44 11.72
CA TYR A 594 -43.15 -16.54 10.52
C TYR A 594 -43.89 -15.90 9.36
N GLN A 595 -43.18 -15.09 8.58
CA GLN A 595 -43.78 -14.29 7.52
C GLN A 595 -43.50 -14.91 6.16
N GLY A 596 -44.55 -15.09 5.36
CA GLY A 596 -44.40 -15.52 3.98
C GLY A 596 -44.33 -17.03 3.78
N VAL A 597 -43.51 -17.70 4.57
CA VAL A 597 -43.30 -19.13 4.37
C VAL A 597 -44.51 -19.92 4.89
N ASN A 598 -44.76 -21.06 4.25
CA ASN A 598 -45.81 -21.97 4.68
C ASN A 598 -45.33 -22.70 5.93
N CYS A 599 -46.23 -23.39 6.64
CA CYS A 599 -45.87 -23.94 7.94
C CYS A 599 -46.07 -25.45 8.03
N THR A 600 -45.95 -26.20 6.93
CA THR A 600 -45.85 -27.64 7.04
C THR A 600 -44.53 -28.04 7.68
N GLU A 601 -43.49 -27.25 7.45
CA GLU A 601 -42.19 -27.38 8.08
C GLU A 601 -42.10 -26.43 9.27
N VAL A 602 -40.95 -26.42 9.94
CA VAL A 602 -40.75 -25.57 11.10
C VAL A 602 -39.28 -25.17 11.20
N ASN A 623 -51.92 -23.79 19.14
CA ASN A 623 -50.48 -23.84 18.91
C ASN A 623 -50.14 -23.39 17.50
N VAL A 624 -50.68 -24.09 16.51
CA VAL A 624 -50.42 -23.80 15.10
C VAL A 624 -51.75 -23.45 14.44
N PHE A 625 -51.81 -22.26 13.85
CA PHE A 625 -52.99 -21.82 13.12
C PHE A 625 -52.56 -21.16 11.81
N GLN A 626 -53.18 -21.58 10.71
CA GLN A 626 -52.82 -21.09 9.38
C GLN A 626 -53.49 -19.76 9.10
N THR A 627 -52.70 -18.77 8.68
CA THR A 627 -53.23 -17.47 8.29
C THR A 627 -52.75 -17.12 6.88
N ARG A 628 -53.05 -15.90 6.44
CA ARG A 628 -52.63 -15.47 5.11
C ARG A 628 -51.22 -14.89 5.09
N ALA A 629 -50.80 -14.24 6.18
CA ALA A 629 -49.46 -13.69 6.29
C ALA A 629 -48.47 -14.66 6.93
N GLY A 630 -48.72 -15.97 6.81
CA GLY A 630 -47.90 -16.98 7.45
C GLY A 630 -48.71 -17.78 8.45
N CYS A 631 -48.10 -18.05 9.59
CA CYS A 631 -48.79 -18.73 10.68
C CYS A 631 -48.22 -18.24 12.00
N LEU A 632 -49.00 -18.38 13.06
CA LEU A 632 -48.60 -17.96 14.40
C LEU A 632 -48.34 -19.19 15.26
N ILE A 633 -47.19 -19.20 15.93
CA ILE A 633 -46.77 -20.32 16.76
C ILE A 633 -46.72 -19.87 18.21
N GLY A 634 -47.39 -20.62 19.08
CA GLY A 634 -47.45 -20.30 20.49
C GLY A 634 -48.72 -19.61 20.95
N ALA A 635 -49.72 -19.49 20.08
CA ALA A 635 -50.98 -18.86 20.43
C ALA A 635 -52.14 -19.71 19.90
N GLU A 636 -53.29 -19.56 20.54
CA GLU A 636 -54.50 -20.30 20.18
C GLU A 636 -55.49 -19.36 19.52
N TYR A 637 -55.99 -19.76 18.35
CA TYR A 637 -56.98 -18.95 17.64
C TYR A 637 -58.34 -19.05 18.33
N VAL A 638 -59.07 -17.93 18.30
CA VAL A 638 -60.42 -17.86 18.85
C VAL A 638 -61.35 -17.30 17.79
N ASN A 639 -62.63 -17.65 17.92
CA ASN A 639 -63.66 -17.20 16.99
C ASN A 639 -64.40 -15.96 17.46
N ASN A 640 -63.98 -15.37 18.59
CA ASN A 640 -64.68 -14.22 19.15
C ASN A 640 -64.27 -12.94 18.42
N SER A 641 -64.90 -11.83 18.82
CA SER A 641 -64.65 -10.53 18.23
C SER A 641 -64.22 -9.56 19.32
N TYR A 642 -63.10 -8.87 19.09
CA TYR A 642 -62.55 -7.94 20.07
C TYR A 642 -61.91 -6.78 19.31
N GLU A 643 -61.36 -5.83 20.07
CA GLU A 643 -60.70 -4.65 19.50
C GLU A 643 -59.24 -4.98 19.22
N CYS A 644 -58.75 -4.51 18.07
CA CYS A 644 -57.38 -4.78 17.66
C CYS A 644 -56.40 -4.01 18.54
N ASP A 645 -55.35 -4.70 18.99
CA ASP A 645 -54.27 -4.10 19.76
C ASP A 645 -52.93 -4.20 19.07
N ILE A 646 -52.57 -5.38 18.56
CA ILE A 646 -51.32 -5.57 17.83
C ILE A 646 -51.64 -5.81 16.35
N PRO A 647 -51.27 -4.88 15.47
CA PRO A 647 -51.55 -5.09 14.04
C PRO A 647 -50.62 -6.15 13.45
N ILE A 648 -51.20 -7.08 12.70
CA ILE A 648 -50.45 -8.19 12.13
C ILE A 648 -50.47 -8.11 10.60
N GLY A 649 -51.66 -8.18 10.03
CA GLY A 649 -51.83 -8.14 8.58
C GLY A 649 -52.92 -9.08 8.14
N ALA A 650 -53.54 -8.76 6.99
CA ALA A 650 -54.63 -9.54 6.38
C ALA A 650 -55.82 -9.69 7.33
N GLY A 651 -56.09 -8.66 8.12
CA GLY A 651 -57.21 -8.67 9.02
C GLY A 651 -56.98 -9.36 10.35
N ILE A 652 -55.81 -9.95 10.56
CA ILE A 652 -55.52 -10.67 11.79
C ILE A 652 -55.03 -9.69 12.85
N CYS A 653 -55.52 -9.84 14.07
CA CYS A 653 -55.11 -9.00 15.18
C CYS A 653 -54.89 -9.88 16.41
N ALA A 654 -53.96 -9.45 17.26
CA ALA A 654 -53.59 -10.20 18.46
C ALA A 654 -53.71 -9.32 19.69
N SER A 655 -54.19 -9.89 20.78
CA SER A 655 -54.30 -9.20 22.06
C SER A 655 -53.96 -10.16 23.19
N TYR A 656 -53.49 -9.60 24.29
CA TYR A 656 -53.10 -10.38 25.46
C TYR A 656 -54.11 -10.13 26.58
N GLN A 657 -54.56 -11.22 27.21
CA GLN A 657 -55.51 -11.12 28.31
C GLN A 657 -55.36 -12.29 29.27
N SER A 669 -53.64 -16.01 28.05
CA SER A 669 -52.35 -15.76 27.44
C SER A 669 -52.49 -14.88 26.20
N ILE A 670 -51.89 -15.31 25.10
CA ILE A 670 -51.94 -14.57 23.83
C ILE A 670 -52.87 -15.30 22.87
N ILE A 671 -53.70 -14.54 22.17
CA ILE A 671 -54.68 -15.08 21.25
C ILE A 671 -54.68 -14.26 19.96
N ALA A 672 -55.26 -14.84 18.91
CA ALA A 672 -55.37 -14.19 17.61
C ALA A 672 -56.83 -14.19 17.17
N TYR A 673 -57.24 -13.11 16.51
CA TYR A 673 -58.61 -12.98 16.05
C TYR A 673 -58.65 -12.08 14.82
N THR A 674 -59.76 -12.14 14.10
CA THR A 674 -59.93 -11.34 12.90
C THR A 674 -60.28 -9.89 13.27
N MET A 675 -60.29 -9.04 12.25
CA MET A 675 -60.59 -7.62 12.44
C MET A 675 -62.08 -7.44 12.72
N SER A 676 -62.42 -7.06 13.93
CA SER A 676 -63.79 -6.77 14.33
C SER A 676 -64.00 -5.27 14.30
N LEU A 677 -64.89 -4.80 13.42
CA LEU A 677 -65.03 -3.38 13.15
C LEU A 677 -66.04 -2.74 14.10
N GLY A 678 -65.70 -2.77 15.38
CA GLY A 678 -66.53 -2.19 16.42
C GLY A 678 -67.83 -2.93 16.62
N ALA A 679 -68.95 -2.32 16.23
CA ALA A 679 -70.26 -2.93 16.36
C ALA A 679 -71.13 -2.49 15.19
N GLU A 680 -72.16 -3.29 14.92
CA GLU A 680 -73.10 -3.01 13.83
C GLU A 680 -74.35 -2.37 14.40
N ASN A 681 -74.74 -1.24 13.82
CA ASN A 681 -75.94 -0.51 14.27
C ASN A 681 -76.54 0.17 13.04
N SER A 682 -77.55 -0.48 12.45
CA SER A 682 -78.24 0.06 11.29
C SER A 682 -79.52 0.76 11.73
N VAL A 683 -79.64 2.04 11.41
CA VAL A 683 -80.82 2.82 11.77
C VAL A 683 -81.96 2.45 10.82
N ALA A 684 -83.18 2.42 11.36
CA ALA A 684 -84.34 2.06 10.55
C ALA A 684 -84.66 3.15 9.54
N TYR A 685 -85.07 2.73 8.34
CA TYR A 685 -85.43 3.64 7.26
C TYR A 685 -86.81 3.28 6.75
N SER A 686 -87.62 4.30 6.48
CA SER A 686 -88.98 4.11 5.98
C SER A 686 -89.32 5.26 5.04
N ASN A 687 -90.59 5.32 4.64
CA ASN A 687 -91.03 6.40 3.76
C ASN A 687 -91.04 7.74 4.47
N ASN A 688 -91.45 7.77 5.74
CA ASN A 688 -91.57 9.00 6.51
C ASN A 688 -91.01 8.77 7.91
N SER A 689 -89.77 9.19 8.13
CA SER A 689 -89.13 9.06 9.42
C SER A 689 -88.03 10.11 9.54
N ILE A 690 -88.10 10.93 10.58
CA ILE A 690 -87.11 11.98 10.81
C ILE A 690 -86.78 12.02 12.30
N ALA A 691 -85.53 12.33 12.61
CA ALA A 691 -85.06 12.48 13.98
C ALA A 691 -84.23 13.75 14.08
N ILE A 692 -84.47 14.54 15.13
CA ILE A 692 -83.74 15.77 15.38
C ILE A 692 -83.25 15.72 16.82
N PRO A 693 -81.95 15.92 17.07
CA PRO A 693 -81.47 15.92 18.46
C PRO A 693 -82.01 17.10 19.25
N THR A 694 -82.18 16.88 20.56
CA THR A 694 -82.73 17.88 21.45
C THR A 694 -81.72 18.41 22.46
N ASN A 695 -80.49 17.89 22.46
CA ASN A 695 -79.48 18.34 23.42
C ASN A 695 -78.11 18.18 22.78
N PHE A 696 -77.27 19.20 22.92
CA PHE A 696 -75.93 19.18 22.36
C PHE A 696 -74.88 19.02 23.44
N THR A 697 -73.71 18.54 23.03
CA THR A 697 -72.59 18.32 23.94
C THR A 697 -71.34 18.94 23.34
N ILE A 698 -70.58 19.64 24.17
CA ILE A 698 -69.34 20.28 23.76
C ILE A 698 -68.19 19.37 24.18
N SER A 699 -67.40 18.93 23.20
CA SER A 699 -66.27 18.04 23.44
C SER A 699 -65.02 18.62 22.79
N VAL A 700 -63.87 18.31 23.38
CA VAL A 700 -62.58 18.81 22.93
C VAL A 700 -61.68 17.62 22.60
N THR A 701 -60.92 17.76 21.51
CA THR A 701 -60.03 16.70 21.02
C THR A 701 -58.66 17.29 20.75
N THR A 702 -57.63 16.64 21.26
CA THR A 702 -56.26 17.09 21.06
C THR A 702 -55.74 16.63 19.70
N GLU A 703 -55.30 17.59 18.89
CA GLU A 703 -54.70 17.32 17.59
C GLU A 703 -53.26 17.83 17.60
N ILE A 704 -52.34 16.98 17.14
CA ILE A 704 -50.91 17.27 17.21
C ILE A 704 -50.35 17.33 15.79
N LEU A 705 -49.76 18.46 15.43
CA LEU A 705 -49.09 18.66 14.15
C LEU A 705 -47.65 19.09 14.37
N PRO A 706 -46.66 18.32 13.93
CA PRO A 706 -45.27 18.76 14.04
C PRO A 706 -44.99 19.94 13.12
N VAL A 707 -44.20 20.89 13.63
CA VAL A 707 -43.89 22.10 12.88
C VAL A 707 -42.40 22.42 12.82
N SER A 708 -41.56 21.88 13.72
CA SER A 708 -40.17 22.27 13.77
C SER A 708 -39.30 21.12 14.22
N MET A 709 -38.00 21.25 13.96
CA MET A 709 -36.99 20.32 14.43
C MET A 709 -35.80 21.13 14.95
N THR A 710 -34.85 20.45 15.59
CA THR A 710 -33.62 21.10 16.01
C THR A 710 -32.75 21.41 14.79
N LYS A 711 -32.24 22.64 14.71
CA LYS A 711 -31.41 23.04 13.59
C LYS A 711 -30.06 22.36 13.65
N THR A 712 -29.60 21.88 12.49
CA THR A 712 -28.35 21.14 12.39
C THR A 712 -27.41 21.85 11.43
N SER A 713 -26.12 21.88 11.79
CA SER A 713 -25.08 22.43 10.93
C SER A 713 -23.84 21.55 11.07
N VAL A 714 -23.33 21.07 9.94
CA VAL A 714 -22.17 20.17 9.92
C VAL A 714 -21.07 20.81 9.09
N ASP A 715 -19.83 20.67 9.56
CA ASP A 715 -18.68 21.22 8.86
C ASP A 715 -18.05 20.16 7.97
N CYS A 716 -17.46 20.60 6.86
CA CYS A 716 -16.77 19.69 5.95
C CYS A 716 -15.57 19.03 6.62
N THR A 717 -14.55 19.82 6.95
CA THR A 717 -13.25 19.28 7.36
C THR A 717 -13.31 18.66 8.75
N MET A 718 -13.90 19.37 9.71
CA MET A 718 -13.88 18.92 11.10
C MET A 718 -14.74 17.68 11.33
N TYR A 719 -15.70 17.41 10.45
CA TYR A 719 -16.42 16.15 10.52
C TYR A 719 -15.77 15.05 9.68
N ILE A 720 -15.17 15.40 8.54
CA ILE A 720 -14.58 14.34 7.71
C ILE A 720 -13.33 13.78 8.37
N CYS A 721 -12.60 14.59 9.14
CA CYS A 721 -11.47 14.13 9.94
C CYS A 721 -11.17 15.19 11.00
N GLY A 722 -10.00 15.08 11.63
CA GLY A 722 -9.61 16.04 12.63
C GLY A 722 -8.14 16.42 12.62
N ASP A 723 -7.89 17.74 12.53
CA ASP A 723 -6.56 18.37 12.61
C ASP A 723 -5.48 17.66 11.80
N SER A 724 -5.84 17.23 10.59
CA SER A 724 -4.91 16.55 9.69
C SER A 724 -4.95 17.20 8.33
N THR A 725 -3.77 17.52 7.78
CA THR A 725 -3.66 18.09 6.45
C THR A 725 -3.72 17.05 5.34
N GLU A 726 -3.59 15.76 5.68
CA GLU A 726 -3.71 14.71 4.68
C GLU A 726 -5.13 14.63 4.13
N CYS A 727 -6.13 15.03 4.93
CA CYS A 727 -7.49 15.13 4.43
C CYS A 727 -7.61 16.21 3.36
N SER A 728 -6.99 17.37 3.61
CA SER A 728 -7.03 18.46 2.65
C SER A 728 -6.11 18.22 1.46
N ASN A 729 -5.19 17.26 1.56
CA ASN A 729 -4.32 16.93 0.44
C ASN A 729 -5.07 16.24 -0.70
N LEU A 730 -6.26 15.71 -0.45
CA LEU A 730 -7.06 15.06 -1.47
C LEU A 730 -8.52 15.49 -1.50
N LEU A 731 -9.04 16.10 -0.43
CA LEU A 731 -10.46 16.46 -0.39
C LEU A 731 -10.74 17.70 -1.23
N LEU A 732 -9.81 18.65 -1.26
CA LEU A 732 -9.99 19.84 -2.07
C LEU A 732 -9.93 19.52 -3.57
N GLN A 733 -9.17 18.51 -3.95
CA GLN A 733 -9.13 18.03 -5.33
C GLN A 733 -10.22 17.02 -5.63
N TYR A 734 -10.97 16.57 -4.62
CA TYR A 734 -12.06 15.63 -4.83
C TYR A 734 -13.30 16.30 -5.41
N GLY A 735 -13.42 17.62 -5.29
CA GLY A 735 -14.55 18.35 -5.84
C GLY A 735 -15.22 19.22 -4.78
N SER A 736 -16.28 19.88 -5.20
CA SER A 736 -17.07 20.73 -4.31
C SER A 736 -18.22 19.93 -3.70
N PHE A 737 -17.85 18.94 -2.89
CA PHE A 737 -18.80 18.01 -2.29
C PHE A 737 -19.17 18.40 -0.86
N CYS A 738 -18.71 19.54 -0.39
CA CYS A 738 -19.19 19.99 0.92
C CYS A 738 -19.54 21.46 0.96
N THR A 739 -19.13 22.25 -0.05
CA THR A 739 -19.71 23.57 -0.22
C THR A 739 -21.18 23.47 -0.59
N GLN A 740 -21.52 22.52 -1.46
CA GLN A 740 -22.92 22.25 -1.80
C GLN A 740 -23.69 21.76 -0.57
N LEU A 741 -23.05 20.94 0.27
CA LEU A 741 -23.68 20.48 1.51
C LEU A 741 -23.97 21.64 2.47
N LYS A 742 -23.02 22.56 2.61
CA LYS A 742 -23.25 23.72 3.46
C LYS A 742 -24.33 24.62 2.90
N ARG A 743 -24.35 24.78 1.57
CA ARG A 743 -25.41 25.58 0.92
C ARG A 743 -26.78 24.94 1.13
N ALA A 744 -26.86 23.61 1.02
CA ALA A 744 -28.14 22.91 1.22
C ALA A 744 -28.60 23.01 2.66
N LEU A 745 -27.67 22.88 3.63
CA LEU A 745 -28.05 23.01 5.03
C LEU A 745 -28.51 24.43 5.36
N THR A 746 -27.84 25.45 4.80
CA THR A 746 -28.27 26.82 5.03
C THR A 746 -29.63 27.09 4.38
N GLY A 747 -29.87 26.53 3.20
CA GLY A 747 -31.18 26.66 2.58
C GLY A 747 -32.28 25.97 3.36
N ILE A 748 -31.96 24.82 3.95
CA ILE A 748 -32.90 24.13 4.83
C ILE A 748 -33.21 25.00 6.05
N ALA A 749 -32.18 25.64 6.61
CA ALA A 749 -32.38 26.54 7.75
C ALA A 749 -33.25 27.75 7.38
N VAL A 750 -33.02 28.32 6.19
CA VAL A 750 -33.82 29.46 5.74
C VAL A 750 -35.27 29.05 5.52
N GLU A 751 -35.50 27.89 4.90
CA GLU A 751 -36.87 27.40 4.71
C GLU A 751 -37.53 27.08 6.05
N GLN A 752 -36.76 26.57 7.01
CA GLN A 752 -37.27 26.32 8.35
C GLN A 752 -37.69 27.61 9.04
N ASP A 753 -36.87 28.65 8.93
CA ASP A 753 -37.23 29.94 9.52
C ASP A 753 -38.42 30.58 8.82
N LYS A 754 -38.53 30.40 7.50
CA LYS A 754 -39.70 30.88 6.77
C LYS A 754 -40.96 30.18 7.23
N ASN A 755 -40.90 28.85 7.43
CA ASN A 755 -42.05 28.12 7.94
C ASN A 755 -42.41 28.55 9.35
N THR A 756 -41.40 28.77 10.20
CA THR A 756 -41.65 29.23 11.56
C THR A 756 -42.28 30.62 11.59
N GLN A 757 -41.84 31.51 10.70
CA GLN A 757 -42.44 32.84 10.61
C GLN A 757 -43.86 32.77 10.06
N GLU A 758 -44.11 31.86 9.13
CA GLU A 758 -45.43 31.75 8.53
C GLU A 758 -46.44 31.16 9.50
N VAL A 759 -46.03 30.18 10.31
CA VAL A 759 -46.98 29.45 11.13
C VAL A 759 -47.42 30.28 12.36
N PHE A 760 -46.61 31.26 12.77
CA PHE A 760 -46.88 31.97 14.02
C PHE A 760 -47.15 33.46 13.85
N ALA A 761 -46.47 34.14 12.93
CA ALA A 761 -46.64 35.59 12.77
C ALA A 761 -47.79 35.93 11.83
N GLN A 762 -49.00 35.51 12.20
CA GLN A 762 -50.17 35.86 11.41
C GLN A 762 -50.54 37.33 11.58
N VAL A 763 -50.37 37.86 12.79
CA VAL A 763 -50.65 39.26 13.09
C VAL A 763 -49.37 39.94 13.54
N LYS A 764 -49.27 41.24 13.24
CA LYS A 764 -48.08 42.02 13.56
C LYS A 764 -48.30 42.98 14.73
N GLN A 765 -49.41 42.83 15.45
CA GLN A 765 -49.74 43.71 16.55
C GLN A 765 -49.76 42.93 17.86
N ILE A 766 -49.22 43.54 18.92
CA ILE A 766 -49.19 42.92 20.24
C ILE A 766 -50.58 43.09 20.85
N TYR A 767 -51.33 42.00 20.96
CA TYR A 767 -52.63 42.02 21.61
C TYR A 767 -52.46 41.62 23.07
N LYS A 768 -52.74 42.56 23.97
CA LYS A 768 -52.60 42.33 25.40
C LYS A 768 -53.94 41.94 26.01
N THR A 769 -53.87 41.13 27.07
CA THR A 769 -55.09 40.67 27.73
C THR A 769 -55.76 41.81 28.50
N PRO A 770 -57.09 41.81 28.56
CA PRO A 770 -57.78 42.79 29.40
C PRO A 770 -57.54 42.51 30.87
N PRO A 771 -57.56 43.53 31.72
CA PRO A 771 -57.37 43.29 33.16
C PRO A 771 -58.53 42.60 33.84
N ILE A 772 -59.71 42.53 33.20
CA ILE A 772 -60.88 41.89 33.76
C ILE A 772 -60.97 40.47 33.23
N LYS A 773 -61.01 39.49 34.12
CA LYS A 773 -61.07 38.09 33.75
C LYS A 773 -62.50 37.57 33.62
N TYR A 774 -63.50 38.43 33.80
CA TYR A 774 -64.90 38.04 33.71
C TYR A 774 -65.34 38.14 32.25
N PHE A 775 -65.45 36.98 31.59
CA PHE A 775 -65.89 36.92 30.20
C PHE A 775 -67.32 36.43 30.07
N GLY A 776 -68.16 36.69 31.08
CA GLY A 776 -69.55 36.27 31.04
C GLY A 776 -69.77 34.90 31.65
N GLY A 777 -69.20 34.67 32.83
CA GLY A 777 -69.35 33.41 33.51
C GLY A 777 -68.51 32.27 32.97
N PHE A 778 -67.52 32.56 32.14
CA PHE A 778 -66.65 31.55 31.56
C PHE A 778 -65.30 31.58 32.27
N ASN A 779 -64.90 30.44 32.82
CA ASN A 779 -63.62 30.33 33.52
C ASN A 779 -62.51 30.11 32.52
N PHE A 780 -61.52 31.01 32.53
CA PHE A 780 -60.34 30.90 31.68
C PHE A 780 -59.12 30.94 32.60
N SER A 781 -58.74 29.78 33.12
CA SER A 781 -57.58 29.65 34.00
C SER A 781 -56.48 28.80 33.41
N GLN A 782 -56.82 27.80 32.60
CA GLN A 782 -55.85 26.95 31.93
C GLN A 782 -55.51 27.44 30.53
N ILE A 783 -56.07 28.57 30.11
CA ILE A 783 -55.85 29.07 28.76
C ILE A 783 -55.02 30.35 28.81
N LEU A 784 -55.48 31.32 29.57
CA LEU A 784 -54.79 32.60 29.66
C LEU A 784 -53.51 32.44 30.49
N PRO A 785 -52.39 33.01 30.06
CA PRO A 785 -51.14 32.87 30.83
C PRO A 785 -51.18 33.70 32.10
N ASP A 786 -51.10 33.02 33.25
CA ASP A 786 -51.06 33.71 34.52
C ASP A 786 -49.70 34.39 34.71
N PRO A 787 -49.68 35.56 35.37
CA PRO A 787 -48.41 36.26 35.57
C PRO A 787 -47.52 35.69 36.67
N SER A 788 -47.96 34.62 37.35
CA SER A 788 -47.12 34.00 38.37
C SER A 788 -45.89 33.35 37.77
N LYS A 789 -46.04 32.71 36.61
CA LYS A 789 -44.90 32.10 35.94
C LYS A 789 -44.05 33.19 35.28
N PRO A 790 -42.75 33.24 35.57
CA PRO A 790 -41.90 34.27 34.93
C PRO A 790 -41.71 34.06 33.44
N SER A 791 -41.98 32.86 32.92
CA SER A 791 -41.88 32.59 31.49
C SER A 791 -43.17 32.90 30.74
N LYS A 792 -44.18 33.44 31.44
CA LYS A 792 -45.49 33.80 30.88
C LYS A 792 -46.16 32.59 30.21
N ARG A 793 -46.42 31.57 31.03
CA ARG A 793 -47.01 30.33 30.55
C ARG A 793 -48.12 29.87 31.49
N SER A 794 -49.18 29.33 30.90
CA SER A 794 -50.25 28.73 31.67
C SER A 794 -49.78 27.40 32.24
N PRO A 795 -50.51 26.85 33.23
CA PRO A 795 -50.19 25.49 33.70
C PRO A 795 -50.29 24.41 32.62
N ILE A 796 -51.05 24.66 31.55
CA ILE A 796 -51.13 23.70 30.45
C ILE A 796 -49.79 23.57 29.72
N GLU A 797 -49.18 24.70 29.35
CA GLU A 797 -47.85 24.63 28.74
C GLU A 797 -46.79 24.17 29.72
N ASP A 798 -46.97 24.47 31.02
CA ASP A 798 -46.04 23.95 32.03
C ASP A 798 -46.09 22.43 32.09
N LEU A 799 -47.31 21.87 32.09
CA LEU A 799 -47.47 20.41 32.09
C LEU A 799 -46.99 19.80 30.78
N LEU A 800 -47.19 20.50 29.66
CA LEU A 800 -46.73 20.01 28.36
C LEU A 800 -45.21 20.01 28.27
N PHE A 801 -44.57 21.04 28.81
CA PHE A 801 -43.11 21.12 28.82
C PHE A 801 -42.52 20.09 29.76
N ASN A 802 -43.18 19.82 30.89
CA ASN A 802 -42.72 18.77 31.78
C ASN A 802 -42.99 17.38 31.23
N LYS A 803 -44.02 17.22 30.38
CA LYS A 803 -44.34 15.91 29.83
C LYS A 803 -43.34 15.49 28.77
N VAL A 804 -42.98 16.40 27.87
CA VAL A 804 -42.06 16.10 26.78
C VAL A 804 -40.63 16.30 27.28
N THR A 805 -39.71 15.53 26.73
CA THR A 805 -38.30 15.61 27.12
C THR A 805 -37.61 16.79 26.44
N ASN A 834 -15.39 15.20 17.70
CA ASN A 834 -16.78 15.54 17.43
C ASN A 834 -16.90 16.29 16.10
N GLY A 835 -16.70 17.61 16.16
CA GLY A 835 -16.82 18.44 14.97
C GLY A 835 -18.24 18.76 14.57
N LEU A 836 -19.20 18.62 15.47
CA LEU A 836 -20.60 18.87 15.18
C LEU A 836 -21.08 20.10 15.94
N THR A 837 -21.88 20.93 15.26
CA THR A 837 -22.44 22.14 15.82
C THR A 837 -23.96 22.05 15.79
N VAL A 838 -24.60 22.51 16.87
CA VAL A 838 -26.05 22.54 16.97
C VAL A 838 -26.48 24.00 16.99
N LEU A 839 -27.18 24.42 15.95
CA LEU A 839 -27.63 25.80 15.84
C LEU A 839 -28.86 26.01 16.73
N PRO A 840 -28.82 26.97 17.66
CA PRO A 840 -30.01 27.25 18.46
C PRO A 840 -31.11 27.85 17.60
N PRO A 841 -32.38 27.66 17.98
CA PRO A 841 -33.48 28.26 17.22
C PRO A 841 -33.46 29.78 17.32
N LEU A 842 -33.90 30.42 16.24
CA LEU A 842 -33.91 31.88 16.19
C LEU A 842 -34.98 32.47 17.09
N LEU A 843 -36.12 31.78 17.22
CA LEU A 843 -37.21 32.20 18.10
C LEU A 843 -37.31 31.19 19.24
N THR A 844 -37.03 31.62 20.45
CA THR A 844 -37.13 30.75 21.62
C THR A 844 -38.57 30.67 22.10
N ASP A 845 -38.77 30.01 23.25
CA ASP A 845 -40.12 29.82 23.78
C ASP A 845 -40.75 31.12 24.27
N GLU A 846 -39.97 32.17 24.51
CA GLU A 846 -40.54 33.44 24.97
C GLU A 846 -41.36 34.10 23.87
N MET A 847 -40.82 34.19 22.65
CA MET A 847 -41.59 34.78 21.56
C MET A 847 -42.75 33.90 21.15
N ILE A 848 -42.61 32.57 21.26
CA ILE A 848 -43.73 31.67 20.96
C ILE A 848 -44.84 31.85 21.98
N ALA A 849 -44.48 32.00 23.26
CA ALA A 849 -45.46 32.25 24.30
C ALA A 849 -46.16 33.60 24.10
N GLN A 850 -45.41 34.61 23.69
CA GLN A 850 -46.02 35.91 23.41
C GLN A 850 -46.93 35.84 22.19
N TYR A 851 -46.55 35.04 21.17
CA TYR A 851 -47.40 34.82 20.01
C TYR A 851 -48.72 34.18 20.41
N THR A 852 -48.65 33.15 21.27
CA THR A 852 -49.87 32.48 21.73
C THR A 852 -50.72 33.41 22.59
N SER A 853 -50.08 34.22 23.44
CA SER A 853 -50.82 35.18 24.26
C SER A 853 -51.53 36.22 23.41
N ALA A 854 -50.85 36.73 22.37
CA ALA A 854 -51.47 37.69 21.46
C ALA A 854 -52.60 37.06 20.67
N LEU A 855 -52.43 35.81 20.23
CA LEU A 855 -53.47 35.12 19.47
C LEU A 855 -54.72 34.89 20.32
N LEU A 856 -54.54 34.41 21.55
CA LEU A 856 -55.69 34.20 22.43
C LEU A 856 -56.33 35.52 22.84
N ALA A 857 -55.54 36.57 23.04
CA ALA A 857 -56.12 37.88 23.31
C ALA A 857 -56.95 38.38 22.15
N GLY A 858 -56.43 38.24 20.92
CA GLY A 858 -57.17 38.66 19.74
C GLY A 858 -58.43 37.85 19.51
N THR A 859 -58.42 36.57 19.85
CA THR A 859 -59.63 35.77 19.69
C THR A 859 -60.56 35.86 20.89
N ILE A 860 -60.14 36.47 22.00
CA ILE A 860 -61.01 36.60 23.15
C ILE A 860 -61.62 38.00 23.29
N THR A 861 -61.00 39.04 22.72
CA THR A 861 -61.53 40.38 22.86
C THR A 861 -61.88 41.07 21.55
N SER A 862 -61.46 40.53 20.41
CA SER A 862 -61.72 41.16 19.12
C SER A 862 -62.65 40.33 18.24
N GLY A 863 -63.25 39.27 18.78
CA GLY A 863 -64.13 38.45 17.98
C GLY A 863 -63.37 37.62 16.96
N TRP A 864 -64.10 37.17 15.95
CA TRP A 864 -63.52 36.37 14.87
C TRP A 864 -63.05 37.21 13.69
N THR A 865 -63.17 38.53 13.77
CA THR A 865 -62.70 39.44 12.72
C THR A 865 -61.55 40.27 13.27
N PHE A 866 -60.34 39.71 13.22
CA PHE A 866 -59.15 40.46 13.61
C PHE A 866 -57.96 40.23 12.70
N GLY A 867 -58.10 39.45 11.63
CA GLY A 867 -57.03 39.21 10.69
C GLY A 867 -57.01 40.12 9.50
N ALA A 868 -57.94 41.07 9.41
CA ALA A 868 -58.01 42.00 8.28
C ALA A 868 -58.08 43.42 8.83
N GLY A 869 -56.91 44.04 8.98
CA GLY A 869 -56.82 45.40 9.44
C GLY A 869 -56.94 45.53 10.94
N PRO A 870 -57.55 46.63 11.40
CA PRO A 870 -57.66 46.87 12.84
C PRO A 870 -58.66 45.94 13.50
N ALA A 871 -58.52 45.83 14.83
CA ALA A 871 -59.39 44.97 15.62
C ALA A 871 -60.77 45.61 15.77
N LEU A 872 -61.76 44.75 16.01
CA LEU A 872 -63.15 45.18 16.22
C LEU A 872 -63.58 44.74 17.61
N GLN A 873 -63.99 45.71 18.44
CA GLN A 873 -64.40 45.41 19.81
C GLN A 873 -65.75 44.70 19.79
N ILE A 874 -65.71 43.38 19.92
CA ILE A 874 -66.89 42.53 19.89
C ILE A 874 -66.96 41.76 21.20
N PRO A 875 -68.07 41.79 21.92
CA PRO A 875 -68.17 41.01 23.16
C PRO A 875 -68.17 39.51 22.90
N PHE A 876 -67.71 38.77 23.90
CA PHE A 876 -67.68 37.31 23.81
C PHE A 876 -69.06 36.66 23.64
N PRO A 877 -70.15 37.08 24.31
CA PRO A 877 -71.47 36.54 23.95
C PRO A 877 -71.87 36.81 22.51
N MET A 878 -71.50 37.97 21.96
CA MET A 878 -71.78 38.23 20.55
C MET A 878 -71.00 37.29 19.64
N GLN A 879 -69.74 37.00 19.99
CA GLN A 879 -68.94 36.05 19.23
C GLN A 879 -69.52 34.65 19.30
N MET A 880 -69.98 34.24 20.49
CA MET A 880 -70.60 32.93 20.64
C MET A 880 -71.90 32.84 19.86
N ALA A 881 -72.71 33.91 19.87
CA ALA A 881 -73.94 33.93 19.09
C ALA A 881 -73.66 33.86 17.59
N TYR A 882 -72.62 34.57 17.12
CA TYR A 882 -72.26 34.52 15.71
C TYR A 882 -71.76 33.13 15.32
N ARG A 883 -70.97 32.50 16.19
CA ARG A 883 -70.46 31.17 15.88
C ARG A 883 -71.56 30.11 15.95
N PHE A 884 -72.56 30.31 16.81
CA PHE A 884 -73.74 29.45 16.77
C PHE A 884 -74.58 29.68 15.52
N ASN A 885 -74.65 30.92 15.04
CA ASN A 885 -75.38 31.25 13.81
C ASN A 885 -74.67 30.76 12.57
N GLY A 886 -73.37 30.53 12.64
CA GLY A 886 -72.63 30.06 11.48
C GLY A 886 -73.05 28.69 10.99
N ILE A 887 -73.13 27.70 11.88
CA ILE A 887 -73.52 26.35 11.49
C ILE A 887 -75.01 26.14 11.68
N GLY A 888 -75.81 26.63 10.72
CA GLY A 888 -77.24 26.39 10.58
C GLY A 888 -78.10 26.35 11.83
N VAL A 889 -77.84 27.23 12.79
CA VAL A 889 -78.58 27.25 14.05
C VAL A 889 -78.93 28.69 14.40
N THR A 890 -80.20 28.93 14.71
CA THR A 890 -80.63 30.26 15.13
C THR A 890 -80.01 30.61 16.48
N GLN A 891 -79.58 31.88 16.62
CA GLN A 891 -78.81 32.35 17.77
C GLN A 891 -79.62 32.44 19.06
N ASN A 892 -80.90 32.07 19.06
CA ASN A 892 -81.72 32.10 20.28
C ASN A 892 -81.38 30.95 21.23
N VAL A 893 -80.56 29.98 20.81
CA VAL A 893 -80.25 28.84 21.65
C VAL A 893 -79.13 29.13 22.63
N LEU A 894 -78.52 30.32 22.55
CA LEU A 894 -77.33 30.61 23.35
C LEU A 894 -77.70 30.94 24.79
N TYR A 895 -78.58 31.91 25.00
CA TYR A 895 -78.88 32.41 26.33
C TYR A 895 -79.95 31.60 27.06
N GLU A 896 -80.51 30.58 26.41
CA GLU A 896 -81.49 29.72 27.08
C GLU A 896 -80.83 28.86 28.15
N ASN A 897 -79.61 28.39 27.88
CA ASN A 897 -78.86 27.52 28.78
C ASN A 897 -77.42 27.98 28.92
N GLN A 898 -77.25 29.29 29.19
CA GLN A 898 -75.92 29.87 29.28
C GLN A 898 -75.13 29.29 30.46
N LYS A 899 -75.79 29.11 31.61
CA LYS A 899 -75.14 28.47 32.75
C LYS A 899 -74.80 27.02 32.45
N LEU A 900 -75.69 26.32 31.74
CA LEU A 900 -75.44 24.92 31.38
C LEU A 900 -74.26 24.78 30.44
N ILE A 901 -74.17 25.65 29.43
CA ILE A 901 -73.04 25.54 28.50
C ILE A 901 -71.76 26.05 29.14
N ALA A 902 -71.86 26.98 30.10
CA ALA A 902 -70.67 27.38 30.86
C ALA A 902 -70.14 26.23 31.70
N ASN A 903 -71.04 25.50 32.37
CA ASN A 903 -70.64 24.33 33.15
C ASN A 903 -70.08 23.24 32.25
N GLN A 904 -70.66 23.06 31.06
CA GLN A 904 -70.15 22.07 30.11
C GLN A 904 -68.77 22.45 29.60
N PHE A 905 -68.55 23.75 29.34
CA PHE A 905 -67.22 24.21 28.92
C PHE A 905 -66.18 24.02 30.03
N ASN A 906 -66.55 24.31 31.27
CA ASN A 906 -65.63 24.09 32.38
C ASN A 906 -65.33 22.60 32.57
N SER A 907 -66.35 21.75 32.41
CA SER A 907 -66.14 20.31 32.50
C SER A 907 -65.24 19.81 31.38
N ALA A 908 -65.41 20.36 30.17
CA ALA A 908 -64.54 19.98 29.06
C ALA A 908 -63.10 20.42 29.29
N ILE A 909 -62.92 21.62 29.85
CA ILE A 909 -61.57 22.11 30.17
C ILE A 909 -60.91 21.21 31.22
N GLY A 910 -61.65 20.85 32.26
CA GLY A 910 -61.11 19.93 33.26
C GLY A 910 -60.83 18.56 32.71
N LYS A 911 -61.70 18.07 31.82
CA LYS A 911 -61.49 16.76 31.19
C LYS A 911 -60.26 16.74 30.31
N ILE A 912 -60.04 17.80 29.52
CA ILE A 912 -58.85 17.81 28.67
C ILE A 912 -57.59 18.06 29.49
N GLN A 913 -57.70 18.79 30.61
CA GLN A 913 -56.56 18.95 31.51
C GLN A 913 -56.18 17.62 32.14
N ASP A 914 -57.16 16.81 32.51
CA ASP A 914 -56.87 15.47 33.02
C ASP A 914 -56.33 14.55 31.93
N SER A 915 -56.89 14.62 30.72
CA SER A 915 -56.50 13.73 29.65
C SER A 915 -55.15 14.07 29.03
N LEU A 916 -54.67 15.30 29.21
CA LEU A 916 -53.34 15.64 28.69
C LEU A 916 -52.25 14.91 29.46
N SER A 917 -52.46 14.68 30.75
CA SER A 917 -51.50 13.96 31.58
C SER A 917 -52.00 12.57 32.00
N SER A 918 -53.13 12.12 31.45
CA SER A 918 -53.64 10.80 31.78
C SER A 918 -52.72 9.70 31.24
N THR A 919 -52.19 9.87 30.04
CA THR A 919 -51.31 8.89 29.43
C THR A 919 -50.05 9.56 28.92
N PRO A 920 -48.91 8.87 28.96
CA PRO A 920 -47.68 9.42 28.40
C PRO A 920 -47.48 9.19 26.91
N SER A 921 -48.52 8.76 26.18
CA SER A 921 -48.42 8.50 24.75
C SER A 921 -49.35 9.39 23.94
N ALA A 922 -49.82 10.50 24.52
CA ALA A 922 -50.69 11.44 23.82
C ALA A 922 -49.91 12.51 23.07
N LEU A 923 -48.57 12.52 23.19
CA LEU A 923 -47.74 13.46 22.47
C LEU A 923 -46.76 12.70 21.57
N GLY A 924 -47.29 11.76 20.80
CA GLY A 924 -46.45 10.83 20.05
C GLY A 924 -45.61 11.49 18.98
N LYS A 925 -46.14 12.54 18.34
CA LYS A 925 -45.44 13.15 17.20
C LYS A 925 -44.17 13.87 17.64
N LEU A 926 -44.24 14.65 18.72
CA LEU A 926 -43.05 15.35 19.23
C LEU A 926 -42.00 14.36 19.71
N GLN A 927 -42.42 13.32 20.43
CA GLN A 927 -41.48 12.30 20.89
C GLN A 927 -40.85 11.56 19.71
N ASP A 928 -41.63 11.28 18.67
CA ASP A 928 -41.10 10.60 17.50
C ASP A 928 -40.08 11.46 16.75
N VAL A 929 -40.37 12.75 16.57
CA VAL A 929 -39.42 13.58 15.82
C VAL A 929 -38.16 13.85 16.66
N VAL A 930 -38.31 13.99 17.97
CA VAL A 930 -37.14 14.18 18.84
C VAL A 930 -36.28 12.92 18.85
N ASN A 931 -36.92 11.75 18.96
CA ASN A 931 -36.17 10.50 18.94
C ASN A 931 -35.53 10.24 17.57
N HIS A 932 -36.19 10.65 16.49
CA HIS A 932 -35.61 10.51 15.16
C HIS A 932 -34.37 11.38 15.00
N ASN A 933 -34.44 12.63 15.47
CA ASN A 933 -33.27 13.51 15.42
C ASN A 933 -32.13 12.99 16.29
N ALA A 934 -32.47 12.49 17.49
CA ALA A 934 -31.46 11.95 18.38
C ALA A 934 -30.81 10.69 17.80
N GLN A 935 -31.61 9.82 17.18
CA GLN A 935 -31.07 8.62 16.56
C GLN A 935 -30.24 8.94 15.32
N ALA A 936 -30.63 9.97 14.57
CA ALA A 936 -29.82 10.40 13.43
C ALA A 936 -28.47 10.94 13.89
N LEU A 937 -28.46 11.74 14.96
CA LEU A 937 -27.19 12.21 15.52
C LEU A 937 -26.36 11.06 16.08
N ASN A 938 -27.02 10.09 16.71
CA ASN A 938 -26.31 8.95 17.30
C ASN A 938 -25.68 8.08 16.23
N THR A 939 -26.39 7.79 15.14
CA THR A 939 -25.77 7.02 14.07
C THR A 939 -24.77 7.84 13.28
N LEU A 940 -24.90 9.18 13.27
CA LEU A 940 -23.90 10.04 12.66
C LEU A 940 -22.57 9.96 13.41
N VAL A 941 -22.62 10.02 14.75
CA VAL A 941 -21.40 9.92 15.52
C VAL A 941 -20.94 8.46 15.66
N LYS A 942 -21.82 7.50 15.43
CA LYS A 942 -21.43 6.09 15.45
C LYS A 942 -20.70 5.69 14.16
N GLN A 943 -21.12 6.24 13.02
CA GLN A 943 -20.49 5.89 11.75
C GLN A 943 -19.08 6.47 11.61
N LEU A 944 -18.72 7.43 12.47
CA LEU A 944 -17.35 7.94 12.46
C LEU A 944 -16.35 6.89 12.95
N SER A 945 -16.76 6.05 13.89
CA SER A 945 -15.89 5.03 14.45
C SER A 945 -15.88 3.74 13.63
N SER A 946 -16.64 3.68 12.54
CA SER A 946 -16.66 2.49 11.71
C SER A 946 -15.35 2.33 10.96
N LYS A 947 -14.92 1.08 10.78
CA LYS A 947 -13.65 0.81 10.11
C LYS A 947 -13.74 1.07 8.61
N PHE A 948 -14.90 0.81 8.00
CA PHE A 948 -15.14 0.98 6.56
C PHE A 948 -14.15 0.19 5.72
N GLY A 949 -13.83 -1.03 6.17
CA GLY A 949 -12.91 -1.87 5.46
C GLY A 949 -11.44 -1.56 5.64
N ALA A 950 -11.11 -0.60 6.50
CA ALA A 950 -9.73 -0.23 6.74
C ALA A 950 -9.17 -1.02 7.93
N ILE A 951 -7.87 -0.80 8.20
CA ILE A 951 -7.24 -1.47 9.34
C ILE A 951 -7.75 -0.92 10.66
N SER A 952 -7.85 0.41 10.76
CA SER A 952 -8.31 1.05 11.98
C SER A 952 -9.11 2.29 11.63
N SER A 953 -9.98 2.69 12.55
CA SER A 953 -10.82 3.88 12.36
C SER A 953 -10.13 5.16 12.76
N VAL A 954 -8.94 5.10 13.35
CA VAL A 954 -8.22 6.29 13.80
C VAL A 954 -7.59 6.98 12.61
N LEU A 955 -7.16 8.23 12.80
CA LEU A 955 -6.55 9.03 11.74
C LEU A 955 -5.08 9.32 11.99
N ASN A 956 -4.74 9.78 13.19
CA ASN A 956 -3.36 10.12 13.50
C ASN A 956 -2.49 8.86 13.65
N ASP A 957 -3.05 7.82 14.28
CA ASP A 957 -2.27 6.61 14.50
C ASP A 957 -2.08 5.82 13.21
N ILE A 958 -3.04 5.87 12.29
CA ILE A 958 -2.95 5.08 11.07
C ILE A 958 -1.94 5.68 10.08
N LEU A 959 -1.53 6.94 10.28
CA LEU A 959 -0.55 7.55 9.39
C LEU A 959 0.86 7.04 9.68
N SER A 960 1.17 6.80 10.95
CA SER A 960 2.53 6.41 11.33
C SER A 960 2.79 4.94 11.00
N ARG A 961 1.78 4.08 11.12
CA ARG A 961 1.98 2.65 10.96
C ARG A 961 2.04 2.21 9.51
N LEU A 962 1.63 3.04 8.56
CA LEU A 962 1.56 2.65 7.16
C LEU A 962 2.37 3.60 6.30
N ASP A 963 2.95 3.04 5.24
CA ASP A 963 3.67 3.84 4.25
C ASP A 963 2.68 4.65 3.41
N PRO A 964 3.09 5.83 2.95
CA PRO A 964 2.18 6.71 2.17
C PRO A 964 1.58 6.08 0.91
N PRO A 965 2.30 5.23 0.14
CA PRO A 965 1.63 4.63 -1.04
C PRO A 965 0.42 3.75 -0.72
N GLU A 966 0.33 3.16 0.47
CA GLU A 966 -0.89 2.48 0.87
C GLU A 966 -1.74 3.28 1.85
N ALA A 967 -1.13 4.20 2.61
CA ALA A 967 -1.89 5.05 3.50
C ALA A 967 -2.79 6.01 2.72
N GLU A 968 -2.33 6.47 1.55
CA GLU A 968 -3.17 7.31 0.71
C GLU A 968 -4.42 6.57 0.23
N VAL A 969 -4.25 5.31 -0.17
CA VAL A 969 -5.39 4.50 -0.63
C VAL A 969 -6.34 4.21 0.52
N GLN A 970 -5.79 3.88 1.70
CA GLN A 970 -6.64 3.60 2.86
C GLN A 970 -7.41 4.84 3.30
N ILE A 971 -6.75 6.00 3.32
CA ILE A 971 -7.40 7.25 3.68
C ILE A 971 -8.47 7.61 2.65
N ASP A 972 -8.17 7.41 1.36
CA ASP A 972 -9.16 7.70 0.31
C ASP A 972 -10.39 6.81 0.46
N ARG A 973 -10.20 5.53 0.76
CA ARG A 973 -11.32 4.63 0.99
C ARG A 973 -12.15 5.05 2.20
N LEU A 974 -11.48 5.43 3.30
CA LEU A 974 -12.19 5.88 4.49
C LEU A 974 -12.96 7.17 4.23
N ILE A 975 -12.36 8.10 3.49
CA ILE A 975 -13.02 9.37 3.20
C ILE A 975 -14.24 9.15 2.30
N THR A 976 -14.11 8.26 1.30
CA THR A 976 -15.26 7.97 0.44
C THR A 976 -16.38 7.29 1.22
N GLY A 977 -16.05 6.37 2.13
CA GLY A 977 -17.08 5.75 2.95
C GLY A 977 -17.78 6.73 3.88
N ARG A 978 -17.01 7.62 4.52
CA ARG A 978 -17.60 8.61 5.40
C ARG A 978 -18.43 9.64 4.62
N LEU A 979 -18.00 9.97 3.40
CA LEU A 979 -18.78 10.88 2.56
C LEU A 979 -20.07 10.23 2.10
N GLN A 980 -20.04 8.92 1.83
CA GLN A 980 -21.27 8.20 1.50
C GLN A 980 -22.23 8.17 2.70
N SER A 981 -21.68 7.98 3.90
CA SER A 981 -22.51 8.02 5.10
C SER A 981 -23.11 9.41 5.31
N LEU A 982 -22.33 10.46 5.06
CA LEU A 982 -22.85 11.83 5.16
C LEU A 982 -23.90 12.10 4.10
N GLN A 983 -23.74 11.53 2.90
CA GLN A 983 -24.74 11.67 1.86
C GLN A 983 -26.04 10.99 2.24
N THR A 984 -25.96 9.80 2.85
CA THR A 984 -27.17 9.14 3.35
C THR A 984 -27.84 9.96 4.45
N TYR A 985 -27.03 10.53 5.35
CA TYR A 985 -27.58 11.36 6.43
C TYR A 985 -28.28 12.60 5.87
N VAL A 986 -27.68 13.27 4.90
CA VAL A 986 -28.28 14.50 4.40
C VAL A 986 -29.49 14.18 3.52
N THR A 987 -29.51 13.01 2.86
CA THR A 987 -30.71 12.62 2.14
C THR A 987 -31.87 12.34 3.09
N GLN A 988 -31.59 11.65 4.20
CA GLN A 988 -32.62 11.45 5.22
C GLN A 988 -33.09 12.77 5.82
N GLN A 989 -32.14 13.68 6.09
CA GLN A 989 -32.49 15.00 6.62
C GLN A 989 -33.32 15.80 5.61
N LEU A 990 -33.02 15.66 4.31
CA LEU A 990 -33.74 16.40 3.29
C LEU A 990 -35.17 15.90 3.15
N ILE A 991 -35.38 14.58 3.14
CA ILE A 991 -36.74 14.06 3.02
C ILE A 991 -37.52 14.35 4.31
N ARG A 992 -36.86 14.29 5.47
CA ARG A 992 -37.53 14.64 6.71
C ARG A 992 -37.89 16.12 6.75
N ALA A 993 -37.01 16.98 6.24
CA ALA A 993 -37.30 18.41 6.18
C ALA A 993 -38.43 18.71 5.21
N ALA A 994 -38.51 17.97 4.10
CA ALA A 994 -39.63 18.13 3.18
C ALA A 994 -40.95 17.70 3.82
N GLU A 995 -40.94 16.59 4.58
CA GLU A 995 -42.14 16.14 5.27
C GLU A 995 -42.57 17.15 6.34
N ILE A 996 -41.62 17.66 7.11
CA ILE A 996 -41.92 18.66 8.14
C ILE A 996 -42.37 19.97 7.50
N ARG A 997 -41.82 20.33 6.33
CA ARG A 997 -42.27 21.53 5.63
C ARG A 997 -43.70 21.38 5.14
N ALA A 998 -44.07 20.20 4.64
CA ALA A 998 -45.45 19.97 4.25
C ALA A 998 -46.39 20.01 5.45
N SER A 999 -45.96 19.42 6.57
CA SER A 999 -46.77 19.46 7.80
C SER A 999 -46.89 20.89 8.33
N ALA A 1000 -45.83 21.68 8.21
CA ALA A 1000 -45.87 23.07 8.65
C ALA A 1000 -46.72 23.93 7.73
N ASN A 1001 -46.75 23.62 6.43
CA ASN A 1001 -47.67 24.30 5.52
C ASN A 1001 -49.12 23.98 5.87
N LEU A 1002 -49.40 22.71 6.20
CA LEU A 1002 -50.74 22.35 6.64
C LEU A 1002 -51.09 23.03 7.96
N ALA A 1003 -50.13 23.12 8.87
CA ALA A 1003 -50.36 23.79 10.15
C ALA A 1003 -50.57 25.29 9.96
N ALA A 1004 -49.87 25.90 9.00
CA ALA A 1004 -50.07 27.32 8.70
C ALA A 1004 -51.42 27.56 8.05
N THR A 1005 -51.86 26.63 7.20
CA THR A 1005 -53.22 26.72 6.64
C THR A 1005 -54.27 26.61 7.72
N LYS A 1006 -54.08 25.69 8.66
CA LYS A 1006 -55.02 25.53 9.77
C LYS A 1006 -54.96 26.72 10.72
N MET A 1007 -53.79 27.36 10.83
CA MET A 1007 -53.67 28.63 11.53
C MET A 1007 -54.50 29.70 10.84
N SER A 1008 -54.42 29.76 9.51
CA SER A 1008 -55.13 30.76 8.72
C SER A 1008 -56.62 30.52 8.65
N GLU A 1009 -57.10 29.31 8.94
CA GLU A 1009 -58.50 28.98 8.74
C GLU A 1009 -59.24 28.67 10.04
N CYS A 1010 -58.76 27.70 10.83
CA CYS A 1010 -59.50 27.27 12.01
C CYS A 1010 -59.39 28.28 13.15
N VAL A 1011 -58.23 28.90 13.32
CA VAL A 1011 -58.06 29.87 14.40
C VAL A 1011 -58.60 31.23 13.99
N LEU A 1012 -58.25 31.70 12.79
CA LEU A 1012 -58.71 32.99 12.30
C LEU A 1012 -60.12 32.82 11.73
N GLY A 1013 -61.11 33.38 12.43
CA GLY A 1013 -62.48 33.26 11.99
C GLY A 1013 -63.03 31.86 12.22
N GLN A 1014 -64.10 31.56 11.48
CA GLN A 1014 -64.75 30.26 11.55
C GLN A 1014 -64.99 29.74 10.14
N SER A 1015 -64.83 28.43 9.97
CA SER A 1015 -65.12 27.76 8.72
C SER A 1015 -66.26 26.76 8.92
N LYS A 1016 -67.09 26.63 7.89
CA LYS A 1016 -68.29 25.81 7.96
C LYS A 1016 -68.07 24.40 7.43
N ARG A 1017 -66.83 24.03 7.12
CA ARG A 1017 -66.57 22.69 6.61
C ARG A 1017 -66.63 21.66 7.75
N VAL A 1018 -66.80 20.40 7.36
CA VAL A 1018 -67.01 19.30 8.29
C VAL A 1018 -65.66 18.64 8.58
N ASP A 1019 -65.44 18.31 9.86
CA ASP A 1019 -64.32 17.58 10.48
C ASP A 1019 -62.96 17.81 9.83
N PHE A 1020 -62.63 19.08 9.60
CA PHE A 1020 -61.27 19.50 9.26
C PHE A 1020 -60.56 20.14 10.44
N CYS A 1021 -61.27 20.99 11.19
CA CYS A 1021 -60.74 21.57 12.42
C CYS A 1021 -61.38 20.79 13.58
N GLY A 1022 -60.73 19.70 13.96
CA GLY A 1022 -61.27 18.82 14.97
C GLY A 1022 -62.24 17.80 14.38
N LYS A 1023 -63.04 17.22 15.26
CA LYS A 1023 -64.03 16.21 14.89
C LYS A 1023 -65.42 16.81 14.96
N GLY A 1024 -66.21 16.61 13.90
CA GLY A 1024 -67.54 17.15 13.85
C GLY A 1024 -67.55 18.62 13.48
N TYR A 1025 -68.62 19.30 13.91
CA TYR A 1025 -68.73 20.74 13.68
C TYR A 1025 -67.71 21.50 14.50
N HIS A 1026 -67.24 22.62 13.95
CA HIS A 1026 -66.18 23.41 14.54
C HIS A 1026 -66.70 24.78 14.96
N LEU A 1027 -66.42 25.17 16.20
CA LEU A 1027 -66.78 26.48 16.72
C LEU A 1027 -65.59 27.42 16.81
N MET A 1028 -64.51 27.00 17.47
CA MET A 1028 -63.31 27.81 17.57
C MET A 1028 -62.11 26.89 17.67
N SER A 1029 -60.92 27.48 17.68
CA SER A 1029 -59.68 26.76 17.88
C SER A 1029 -58.79 27.54 18.83
N PHE A 1030 -58.13 26.84 19.75
CA PHE A 1030 -57.27 27.45 20.76
C PHE A 1030 -55.85 26.93 20.55
N PRO A 1031 -55.03 27.64 19.77
CA PRO A 1031 -53.64 27.20 19.59
C PRO A 1031 -52.80 27.51 20.82
N GLN A 1032 -52.01 26.52 21.24
CA GLN A 1032 -51.18 26.65 22.43
C GLN A 1032 -49.74 26.32 22.06
N SER A 1033 -48.81 26.92 22.81
CA SER A 1033 -47.40 26.76 22.53
C SER A 1033 -46.91 25.36 22.87
N ALA A 1034 -45.92 24.88 22.10
CA ALA A 1034 -45.30 23.59 22.31
C ALA A 1034 -43.90 23.64 21.70
N PRO A 1035 -42.92 22.98 22.30
CA PRO A 1035 -41.56 22.98 21.73
C PRO A 1035 -41.51 22.14 20.47
N HIS A 1036 -41.21 22.81 19.34
CA HIS A 1036 -41.13 22.19 18.01
C HIS A 1036 -42.43 21.48 17.63
N GLY A 1037 -43.55 22.11 17.92
CA GLY A 1037 -44.85 21.54 17.61
C GLY A 1037 -45.95 22.45 18.08
N VAL A 1038 -47.18 21.99 17.84
CA VAL A 1038 -48.38 22.68 18.32
C VAL A 1038 -49.32 21.65 18.94
N VAL A 1039 -50.19 22.13 19.81
CA VAL A 1039 -51.25 21.33 20.42
C VAL A 1039 -52.56 22.08 20.26
N PHE A 1040 -53.63 21.33 19.92
CA PHE A 1040 -54.88 21.92 19.47
C PHE A 1040 -55.99 21.63 20.47
N LEU A 1041 -56.86 22.62 20.68
CA LEU A 1041 -58.06 22.48 21.50
C LEU A 1041 -59.24 22.96 20.68
N HIS A 1042 -60.07 22.03 20.22
CA HIS A 1042 -61.20 22.35 19.35
C HIS A 1042 -62.49 22.27 20.15
N VAL A 1043 -63.21 23.37 20.23
CA VAL A 1043 -64.56 23.38 20.80
C VAL A 1043 -65.52 22.89 19.72
N THR A 1044 -66.11 21.71 19.94
CA THR A 1044 -66.90 21.04 18.92
C THR A 1044 -68.36 20.97 19.33
N TYR A 1045 -69.22 20.79 18.32
CA TYR A 1045 -70.67 20.66 18.51
C TYR A 1045 -71.03 19.20 18.24
N VAL A 1046 -71.41 18.48 19.29
CA VAL A 1046 -71.78 17.07 19.20
C VAL A 1046 -73.25 16.94 19.61
N PRO A 1047 -74.17 16.91 18.66
CA PRO A 1047 -75.57 16.66 19.01
C PRO A 1047 -75.77 15.22 19.45
N ALA A 1048 -76.74 15.04 20.36
CA ALA A 1048 -77.03 13.73 20.91
C ALA A 1048 -78.47 13.72 21.41
N GLN A 1049 -78.90 12.55 21.91
CA GLN A 1049 -80.23 12.33 22.49
C GLN A 1049 -81.34 12.68 21.51
N GLU A 1050 -81.29 12.05 20.34
CA GLU A 1050 -82.30 12.29 19.33
C GLU A 1050 -83.61 11.59 19.69
N LYS A 1051 -84.69 12.04 19.06
CA LYS A 1051 -86.01 11.48 19.29
C LYS A 1051 -86.69 11.23 17.94
N ASN A 1052 -87.48 10.17 17.87
CA ASN A 1052 -88.18 9.83 16.64
C ASN A 1052 -89.33 10.80 16.39
N PHE A 1053 -89.53 11.15 15.12
CA PHE A 1053 -90.55 12.11 14.74
C PHE A 1053 -91.04 11.78 13.33
N THR A 1054 -92.13 12.44 12.94
CA THR A 1054 -92.70 12.28 11.61
C THR A 1054 -92.61 13.60 10.85
N THR A 1055 -92.47 13.49 9.53
CA THR A 1055 -92.29 14.68 8.69
C THR A 1055 -93.27 14.69 7.52
N ALA A 1056 -93.08 15.66 6.60
CA ALA A 1056 -93.89 15.76 5.40
C ALA A 1056 -93.08 16.53 4.36
N PRO A 1057 -93.18 16.18 3.08
CA PRO A 1057 -92.42 16.94 2.07
C PRO A 1057 -92.97 18.34 1.86
N ALA A 1058 -94.29 18.51 1.87
CA ALA A 1058 -94.91 19.81 1.66
C ALA A 1058 -96.30 19.80 2.29
N ILE A 1059 -96.94 20.97 2.27
CA ILE A 1059 -98.28 21.15 2.81
C ILE A 1059 -99.20 21.56 1.68
N CYS A 1060 -100.28 20.81 1.49
CA CYS A 1060 -101.27 21.10 0.45
C CYS A 1060 -102.46 21.77 1.12
N HIS A 1061 -102.41 23.10 1.18
CA HIS A 1061 -103.45 23.90 1.82
C HIS A 1061 -103.98 24.93 0.83
N ASP A 1062 -105.30 25.02 0.72
CA ASP A 1062 -106.01 25.97 -0.15
C ASP A 1062 -105.60 25.79 -1.62
N GLY A 1063 -105.35 24.55 -2.02
CA GLY A 1063 -105.04 24.25 -3.40
C GLY A 1063 -103.65 24.62 -3.84
N LYS A 1064 -102.76 24.99 -2.92
CA LYS A 1064 -101.40 25.38 -3.26
C LYS A 1064 -100.42 24.69 -2.32
N ALA A 1065 -99.19 24.51 -2.80
CA ALA A 1065 -98.15 23.85 -2.04
C ALA A 1065 -97.40 24.85 -1.17
N HIS A 1066 -96.98 24.39 0.01
CA HIS A 1066 -96.24 25.21 0.96
C HIS A 1066 -94.89 24.58 1.22
N PHE A 1067 -93.84 25.40 1.22
CA PHE A 1067 -92.49 24.94 1.46
C PHE A 1067 -91.84 25.79 2.56
N PRO A 1068 -91.06 25.17 3.44
CA PRO A 1068 -90.38 25.94 4.49
C PRO A 1068 -89.26 26.79 3.92
N ARG A 1069 -88.97 27.89 4.61
CA ARG A 1069 -87.88 28.77 4.21
C ARG A 1069 -86.52 28.17 4.54
N GLU A 1070 -86.29 27.89 5.82
CA GLU A 1070 -85.05 27.26 6.26
C GLU A 1070 -85.27 26.11 7.22
N GLY A 1071 -86.51 25.82 7.62
CA GLY A 1071 -86.83 24.73 8.51
C GLY A 1071 -87.35 23.52 7.79
N VAL A 1072 -88.12 22.71 8.52
CA VAL A 1072 -88.71 21.49 7.97
C VAL A 1072 -89.92 21.15 8.82
N PHE A 1073 -90.94 20.57 8.19
CA PHE A 1073 -92.17 20.17 8.88
C PHE A 1073 -91.89 18.95 9.74
N VAL A 1074 -92.01 19.09 11.05
CA VAL A 1074 -91.76 18.01 11.99
C VAL A 1074 -92.99 17.83 12.86
N SER A 1075 -93.48 16.60 12.96
CA SER A 1075 -94.68 16.29 13.72
C SER A 1075 -94.45 15.06 14.58
N ASN A 1076 -95.24 14.95 15.64
CA ASN A 1076 -95.24 13.79 16.53
C ASN A 1076 -96.57 13.06 16.55
N GLY A 1077 -97.69 13.78 16.43
CA GLY A 1077 -99.00 13.18 16.44
C GLY A 1077 -99.96 13.90 15.52
N THR A 1078 -101.15 14.24 16.04
CA THR A 1078 -102.14 14.96 15.25
C THR A 1078 -101.77 16.41 15.01
N HIS A 1079 -100.81 16.96 15.75
CA HIS A 1079 -100.36 18.33 15.58
C HIS A 1079 -99.16 18.39 14.65
N TRP A 1080 -98.87 19.60 14.16
CA TRP A 1080 -97.77 19.83 13.25
C TRP A 1080 -96.98 21.05 13.68
N PHE A 1081 -95.66 20.97 13.53
CA PHE A 1081 -94.77 22.04 13.97
C PHE A 1081 -93.60 22.13 12.99
N VAL A 1082 -92.73 23.12 13.22
CA VAL A 1082 -91.51 23.31 12.45
C VAL A 1082 -90.35 23.53 13.41
N THR A 1083 -89.16 23.20 12.96
CA THR A 1083 -87.96 23.34 13.78
C THR A 1083 -86.74 23.48 12.87
N GLN A 1084 -85.59 23.72 13.49
CA GLN A 1084 -84.34 23.90 12.79
C GLN A 1084 -83.64 22.55 12.61
N ARG A 1085 -82.37 22.59 12.20
CA ARG A 1085 -81.61 21.36 11.97
C ARG A 1085 -81.32 20.64 13.28
N ASN A 1086 -80.97 21.38 14.33
CA ASN A 1086 -80.65 20.81 15.63
C ASN A 1086 -81.38 21.58 16.72
N PHE A 1087 -81.43 20.96 17.91
CA PHE A 1087 -82.10 21.50 19.10
C PHE A 1087 -83.58 21.76 18.80
N TYR A 1088 -84.30 20.65 18.61
CA TYR A 1088 -85.70 20.64 18.23
C TYR A 1088 -86.56 21.54 19.11
N GLU A 1089 -87.23 22.49 18.47
CA GLU A 1089 -88.09 23.46 19.13
C GLU A 1089 -89.35 23.67 18.30
N PRO A 1090 -90.51 23.24 18.77
CA PRO A 1090 -91.74 23.37 17.98
C PRO A 1090 -92.17 24.82 17.81
N GLN A 1091 -92.76 25.11 16.65
CA GLN A 1091 -93.26 26.44 16.35
C GLN A 1091 -94.49 26.33 15.47
N ILE A 1092 -95.34 27.34 15.54
CA ILE A 1092 -96.57 27.37 14.76
C ILE A 1092 -96.24 27.75 13.33
N ILE A 1093 -96.75 26.96 12.37
CA ILE A 1093 -96.50 27.23 10.96
C ILE A 1093 -97.30 28.46 10.55
N THR A 1094 -96.59 29.49 10.08
CA THR A 1094 -97.19 30.74 9.66
C THR A 1094 -96.83 31.02 8.20
N THR A 1095 -97.20 32.21 7.73
CA THR A 1095 -96.94 32.59 6.34
C THR A 1095 -95.63 33.35 6.15
N ASP A 1096 -94.92 33.69 7.23
CA ASP A 1096 -93.66 34.41 7.10
C ASP A 1096 -92.46 33.48 7.07
N ASN A 1097 -92.55 32.31 7.69
CA ASN A 1097 -91.49 31.31 7.65
C ASN A 1097 -91.67 30.30 6.53
N THR A 1098 -92.71 30.45 5.72
CA THR A 1098 -92.98 29.58 4.58
C THR A 1098 -93.30 30.43 3.36
N PHE A 1099 -93.22 29.80 2.18
CA PHE A 1099 -93.53 30.48 0.93
C PHE A 1099 -94.36 29.55 0.06
N VAL A 1100 -94.75 30.05 -1.10
CA VAL A 1100 -95.63 29.31 -2.02
C VAL A 1100 -94.96 29.24 -3.38
N SER A 1101 -95.16 28.11 -4.07
CA SER A 1101 -94.62 27.92 -5.42
C SER A 1101 -95.54 26.94 -6.13
N GLY A 1102 -96.43 27.48 -6.97
CA GLY A 1102 -97.35 26.64 -7.71
C GLY A 1102 -98.43 26.03 -6.82
N ASN A 1103 -98.99 24.91 -7.31
CA ASN A 1103 -100.02 24.19 -6.60
C ASN A 1103 -99.44 22.90 -6.01
N CYS A 1104 -100.30 22.16 -5.31
CA CYS A 1104 -99.91 20.91 -4.65
C CYS A 1104 -100.56 19.74 -5.38
N ASP A 1105 -99.89 19.28 -6.45
CA ASP A 1105 -100.33 18.10 -7.18
C ASP A 1105 -99.20 17.15 -7.55
N VAL A 1106 -97.95 17.62 -7.67
CA VAL A 1106 -96.85 16.79 -8.14
C VAL A 1106 -96.03 16.22 -6.98
N VAL A 1107 -96.13 16.80 -5.78
CA VAL A 1107 -95.33 16.34 -4.65
C VAL A 1107 -95.88 15.02 -4.14
N ILE A 1108 -95.04 13.98 -4.13
CA ILE A 1108 -95.42 12.67 -3.65
C ILE A 1108 -95.31 12.64 -2.13
N GLY A 1109 -96.19 11.87 -1.49
CA GLY A 1109 -96.20 11.78 -0.05
C GLY A 1109 -96.75 12.99 0.66
N ILE A 1110 -97.42 13.90 -0.05
CA ILE A 1110 -97.93 15.11 0.55
C ILE A 1110 -99.16 14.78 1.41
N VAL A 1111 -99.34 15.55 2.49
CA VAL A 1111 -100.42 15.33 3.44
C VAL A 1111 -101.11 16.67 3.69
N ASN A 1112 -102.42 16.63 3.87
CA ASN A 1112 -103.19 17.82 4.16
C ASN A 1112 -102.91 18.31 5.59
N ASN A 1113 -102.92 19.64 5.76
CA ASN A 1113 -102.63 20.24 7.04
C ASN A 1113 -103.32 21.60 7.12
N THR A 1114 -103.60 22.03 8.35
CA THR A 1114 -104.18 23.34 8.62
C THR A 1114 -103.08 24.30 9.08
N VAL A 1115 -102.96 25.43 8.40
CA VAL A 1115 -101.91 26.41 8.68
C VAL A 1115 -102.56 27.66 9.27
N TYR A 1116 -101.95 28.19 10.33
CA TYR A 1116 -102.41 29.41 10.96
C TYR A 1116 -101.74 30.61 10.30
N ASP A 1117 -102.55 31.60 9.92
CA ASP A 1117 -102.06 32.77 9.22
C ASP A 1117 -102.01 33.97 10.16
N PRO A 1118 -100.90 34.70 10.21
CA PRO A 1118 -100.85 35.93 11.02
C PRO A 1118 -101.79 36.99 10.45
N LEU A 1119 -102.14 37.93 11.34
CA LEU A 1119 -103.03 39.08 11.13
C LEU A 1119 -104.48 38.66 10.91
N GLN A 1120 -104.79 37.37 10.99
CA GLN A 1120 -106.19 36.93 10.93
C GLN A 1120 -107.05 37.42 12.11
N PRO A 1121 -106.63 37.34 13.39
CA PRO A 1121 -107.49 37.91 14.44
C PRO A 1121 -107.67 39.42 14.37
N GLU A 1122 -106.77 40.14 13.70
CA GLU A 1122 -106.88 41.59 13.55
C GLU A 1122 -107.21 41.88 12.09
N LEU A 1123 -108.50 41.83 11.77
CA LEU A 1123 -108.99 42.08 10.42
C LEU A 1123 -109.99 43.22 10.34
N ASP A 1124 -110.93 43.29 11.28
CA ASP A 1124 -111.93 44.36 11.32
C ASP A 1124 -111.55 45.50 12.25
N SER A 1125 -110.37 45.45 12.86
CA SER A 1125 -109.94 46.50 13.76
C SER A 1125 -108.48 46.88 13.51
N SER B 11 12.31 54.90 5.59
CA SER B 11 11.03 55.54 5.28
C SER B 11 9.95 54.49 5.04
N TYR B 12 8.74 54.77 5.51
CA TYR B 12 7.60 53.86 5.38
C TYR B 12 6.45 54.58 4.70
N THR B 13 5.78 53.85 3.80
CA THR B 13 4.61 54.37 3.09
C THR B 13 3.61 53.23 2.93
N ASN B 14 2.48 53.54 2.30
CA ASN B 14 1.38 52.60 2.14
C ASN B 14 1.08 52.40 0.66
N SER B 15 1.02 51.13 0.24
CA SER B 15 0.59 50.76 -1.11
C SER B 15 -0.86 50.33 -1.06
N PHE B 16 -1.66 50.80 -2.02
CA PHE B 16 -3.11 50.61 -1.95
C PHE B 16 -3.58 49.36 -2.67
N THR B 17 -3.37 49.29 -3.99
CA THR B 17 -3.89 48.18 -4.77
C THR B 17 -2.97 47.68 -5.88
N ARG B 18 -1.76 48.21 -5.99
CA ARG B 18 -0.85 47.79 -7.05
C ARG B 18 -0.05 46.57 -6.61
N GLY B 19 0.14 45.64 -7.56
CA GLY B 19 0.87 44.42 -7.27
C GLY B 19 0.25 43.19 -7.89
N VAL B 20 -0.88 43.36 -8.56
CA VAL B 20 -1.58 42.24 -9.18
C VAL B 20 -0.90 41.87 -10.49
N TYR B 21 -0.99 40.59 -10.85
CA TYR B 21 -0.38 40.08 -12.08
C TYR B 21 -1.24 38.93 -12.59
N TYR B 22 -1.00 38.56 -13.84
CA TYR B 22 -1.72 37.45 -14.45
C TYR B 22 -1.21 36.13 -13.87
N PRO B 23 -2.07 35.30 -13.28
CA PRO B 23 -1.62 34.04 -12.69
C PRO B 23 -1.55 32.87 -13.65
N ASP B 24 -1.92 33.05 -14.91
CA ASP B 24 -1.93 31.96 -15.88
C ASP B 24 -1.67 32.52 -17.27
N LYS B 25 -1.23 31.62 -18.16
CA LYS B 25 -0.98 31.96 -19.55
C LYS B 25 -2.16 31.61 -20.46
N VAL B 26 -3.39 31.69 -19.92
CA VAL B 26 -4.58 31.37 -20.69
C VAL B 26 -5.41 32.63 -20.88
N PHE B 27 -6.48 32.54 -21.65
CA PHE B 27 -7.36 33.67 -21.95
C PHE B 27 -8.75 33.37 -21.41
N ARG B 28 -9.33 34.35 -20.73
CA ARG B 28 -10.70 34.26 -20.24
C ARG B 28 -11.44 35.55 -20.57
N SER B 29 -12.74 35.43 -20.85
CA SER B 29 -13.58 36.55 -21.25
C SER B 29 -14.69 36.72 -20.22
N SER B 30 -14.46 37.65 -19.28
CA SER B 30 -15.40 37.97 -18.20
C SER B 30 -15.77 36.73 -17.38
N VAL B 31 -14.78 35.93 -17.04
CA VAL B 31 -14.97 34.68 -16.30
C VAL B 31 -14.28 34.83 -14.96
N LEU B 32 -15.04 34.63 -13.87
CA LEU B 32 -14.46 34.68 -12.54
C LEU B 32 -13.64 33.42 -12.27
N HIS B 33 -12.44 33.61 -11.76
CA HIS B 33 -11.53 32.52 -11.48
C HIS B 33 -10.91 32.71 -10.10
N SER B 34 -10.65 31.60 -9.42
CA SER B 34 -10.04 31.60 -8.10
C SER B 34 -8.87 30.62 -8.08
N THR B 35 -7.71 31.11 -7.69
CA THR B 35 -6.51 30.29 -7.58
C THR B 35 -5.58 30.90 -6.54
N GLN B 36 -4.70 30.07 -6.01
CA GLN B 36 -3.74 30.50 -4.99
C GLN B 36 -2.34 30.56 -5.58
N ASP B 37 -1.69 31.72 -5.44
CA ASP B 37 -0.34 31.94 -5.90
C ASP B 37 0.35 32.91 -4.94
N LEU B 38 1.63 33.17 -5.19
CA LEU B 38 2.36 34.16 -4.42
C LEU B 38 1.99 35.56 -4.90
N PHE B 39 1.23 36.30 -4.08
CA PHE B 39 0.76 37.62 -4.45
C PHE B 39 1.11 38.61 -3.34
N LEU B 40 1.15 39.89 -3.72
CA LEU B 40 1.33 40.97 -2.76
C LEU B 40 -0.04 41.37 -2.22
N PRO B 41 -0.26 41.29 -0.91
CA PRO B 41 -1.58 41.65 -0.37
C PRO B 41 -1.85 43.14 -0.43
N PHE B 42 -3.13 43.48 -0.47
CA PHE B 42 -3.54 44.88 -0.48
C PHE B 42 -3.35 45.50 0.89
N PHE B 43 -3.05 46.81 0.88
CA PHE B 43 -2.78 47.61 2.08
C PHE B 43 -1.64 47.01 2.91
N SER B 44 -0.54 46.74 2.22
CA SER B 44 0.62 46.09 2.82
C SER B 44 1.71 47.11 3.14
N ASN B 45 2.54 46.78 4.12
CA ASN B 45 3.63 47.64 4.55
C ASN B 45 4.77 47.56 3.52
N VAL B 46 5.19 48.71 3.01
CA VAL B 46 6.25 48.79 2.03
C VAL B 46 7.27 49.82 2.49
N THR B 47 8.46 49.75 1.90
CA THR B 47 9.58 50.58 2.29
C THR B 47 9.97 51.54 1.17
N TRP B 48 10.45 52.72 1.56
CA TRP B 48 10.94 53.73 0.64
C TRP B 48 12.41 53.99 0.93
N PHE B 49 13.21 54.09 -0.13
CA PHE B 49 14.66 54.24 -0.01
C PHE B 49 15.10 55.57 -0.57
N HIS B 50 15.94 56.28 0.19
CA HIS B 50 16.49 57.55 -0.26
C HIS B 50 17.98 57.69 0.02
N ALA B 51 18.61 56.70 0.66
CA ALA B 51 20.03 56.78 0.99
C ALA B 51 20.89 56.46 -0.22
N ILE B 52 22.17 56.77 -0.12
CA ILE B 52 23.12 56.51 -1.20
C ILE B 52 24.19 55.55 -0.72
N PRO B 64 21.91 48.97 0.97
CA PRO B 64 22.95 47.95 0.73
C PRO B 64 22.37 46.62 0.27
N VAL B 65 22.17 45.71 1.22
CA VAL B 65 21.63 44.38 0.96
C VAL B 65 20.28 44.27 1.65
N LEU B 66 19.26 43.84 0.89
CA LEU B 66 17.91 43.70 1.42
C LEU B 66 17.53 42.22 1.50
N PRO B 67 16.74 41.83 2.51
CA PRO B 67 16.27 40.45 2.58
C PRO B 67 15.31 40.11 1.44
N PHE B 68 15.33 38.85 1.03
CA PHE B 68 14.51 38.37 -0.07
C PHE B 68 13.88 37.04 0.31
N ASN B 69 12.58 36.91 0.07
CA ASN B 69 11.87 35.66 0.39
C ASN B 69 10.61 35.58 -0.46
N ASP B 70 10.53 34.54 -1.30
CA ASP B 70 9.33 34.19 -2.06
C ASP B 70 8.85 35.33 -2.97
N GLY B 71 9.79 36.02 -3.59
CA GLY B 71 9.45 37.09 -4.51
C GLY B 71 9.69 38.46 -3.90
N VAL B 72 9.74 39.46 -4.78
CA VAL B 72 9.96 40.84 -4.37
C VAL B 72 9.27 41.75 -5.38
N TYR B 73 8.75 42.88 -4.89
CA TYR B 73 8.06 43.86 -5.72
C TYR B 73 8.93 45.11 -5.84
N PHE B 74 9.17 45.55 -7.07
CA PHE B 74 10.03 46.69 -7.34
C PHE B 74 9.26 47.71 -8.17
N ALA B 75 9.32 48.98 -7.76
CA ALA B 75 8.67 50.05 -8.49
C ALA B 75 9.42 51.35 -8.21
N SER B 76 9.37 52.26 -9.19
CA SER B 76 10.04 53.54 -9.07
C SER B 76 9.27 54.59 -9.87
N THR B 77 9.45 55.85 -9.47
CA THR B 77 8.78 56.96 -10.14
C THR B 77 9.60 57.53 -11.28
N GLU B 78 10.85 57.91 -11.02
CA GLU B 78 11.72 58.47 -12.04
C GLU B 78 12.24 57.37 -12.97
N ASN B 81 16.21 55.25 -16.30
CA ASN B 81 17.33 56.11 -16.65
C ASN B 81 18.47 55.95 -15.65
N ILE B 82 18.33 56.61 -14.49
CA ILE B 82 19.33 56.51 -13.44
C ILE B 82 19.30 55.11 -12.82
N ILE B 83 18.11 54.52 -12.70
CA ILE B 83 18.00 53.18 -12.11
C ILE B 83 18.56 52.14 -13.08
N ARG B 84 19.06 51.04 -12.50
CA ARG B 84 19.67 49.97 -13.28
C ARG B 84 19.02 48.63 -12.95
N GLY B 85 19.62 47.54 -13.44
CA GLY B 85 19.05 46.22 -13.26
C GLY B 85 19.17 45.64 -11.87
N TRP B 86 19.05 44.32 -11.75
CA TRP B 86 19.02 43.65 -10.46
C TRP B 86 19.88 42.40 -10.52
N ILE B 87 20.36 41.98 -9.34
CA ILE B 87 21.16 40.77 -9.20
C ILE B 87 20.55 39.92 -8.10
N PHE B 88 20.27 38.66 -8.41
CA PHE B 88 19.70 37.72 -7.45
C PHE B 88 20.76 36.69 -7.09
N GLY B 89 21.01 36.52 -5.79
CA GLY B 89 22.03 35.62 -5.31
C GLY B 89 21.67 35.01 -3.98
N THR B 90 22.58 34.19 -3.46
CA THR B 90 22.41 33.51 -2.18
C THR B 90 23.43 33.97 -1.16
N THR B 91 24.72 33.99 -1.52
CA THR B 91 25.77 34.46 -0.64
C THR B 91 26.38 35.78 -1.11
N LEU B 92 26.18 36.14 -2.38
CA LEU B 92 26.65 37.38 -3.00
C LEU B 92 28.18 37.49 -2.92
N ASP B 93 28.85 36.44 -3.36
CA ASP B 93 30.30 36.42 -3.49
C ASP B 93 30.65 35.47 -4.64
N SER B 94 31.92 35.06 -4.71
CA SER B 94 32.39 34.15 -5.75
C SER B 94 32.30 32.68 -5.33
N LYS B 95 31.39 32.36 -4.41
CA LYS B 95 31.23 30.99 -3.93
C LYS B 95 30.02 30.31 -4.57
N THR B 96 28.84 30.91 -4.45
CA THR B 96 27.61 30.32 -4.95
C THR B 96 27.21 30.95 -6.28
N GLN B 97 26.22 30.33 -6.93
CA GLN B 97 25.73 30.82 -8.21
C GLN B 97 24.92 32.09 -8.03
N SER B 98 25.08 33.04 -8.96
CA SER B 98 24.39 34.31 -8.90
C SER B 98 23.96 34.72 -10.31
N LEU B 99 22.94 35.57 -10.36
CA LEU B 99 22.41 36.09 -11.62
C LEU B 99 23.03 37.44 -11.95
N LEU B 100 22.70 37.93 -13.14
CA LEU B 100 23.15 39.26 -13.57
C LEU B 100 22.14 39.82 -14.57
N ILE B 101 21.49 40.92 -14.20
CA ILE B 101 20.64 41.67 -15.12
C ILE B 101 21.14 43.11 -15.11
N VAL B 102 21.65 43.58 -16.24
CA VAL B 102 22.08 44.96 -16.41
C VAL B 102 21.48 45.50 -17.70
N ASN B 103 21.21 46.81 -17.71
CA ASN B 103 20.54 47.46 -18.83
C ASN B 103 21.32 48.71 -19.23
N ASN B 104 21.23 49.05 -20.52
CA ASN B 104 21.76 50.32 -21.02
C ASN B 104 20.81 50.95 -22.03
N ALA B 105 19.51 50.66 -21.91
CA ALA B 105 18.43 51.23 -22.71
C ALA B 105 18.54 50.88 -24.20
N THR B 106 19.41 49.94 -24.55
CA THR B 106 19.49 49.44 -25.92
C THR B 106 19.39 47.93 -26.00
N ASN B 107 20.04 47.21 -25.11
CA ASN B 107 20.01 45.75 -25.08
C ASN B 107 20.14 45.28 -23.63
N VAL B 108 19.72 44.04 -23.40
CA VAL B 108 19.85 43.40 -22.10
C VAL B 108 20.57 42.06 -22.27
N VAL B 109 21.33 41.68 -21.25
CA VAL B 109 22.05 40.41 -21.24
C VAL B 109 21.76 39.68 -19.94
N ILE B 110 21.89 38.36 -19.99
CA ILE B 110 21.73 37.49 -18.83
C ILE B 110 23.01 36.68 -18.69
N LYS B 111 23.67 36.77 -17.54
CA LYS B 111 24.91 36.08 -17.28
C LYS B 111 24.79 35.29 -15.98
N VAL B 112 25.06 33.99 -16.05
CA VAL B 112 25.00 33.10 -14.89
C VAL B 112 26.40 32.50 -14.74
N CYS B 113 27.24 33.15 -13.95
CA CYS B 113 28.61 32.68 -13.71
C CYS B 113 29.02 33.10 -12.30
N GLU B 114 30.29 32.83 -11.96
CA GLU B 114 30.83 33.22 -10.66
C GLU B 114 31.41 34.63 -10.74
N PHE B 115 30.84 35.55 -9.96
CA PHE B 115 31.16 36.96 -10.02
C PHE B 115 31.63 37.45 -8.67
N GLN B 116 32.38 38.55 -8.68
CA GLN B 116 32.77 39.26 -7.48
C GLN B 116 31.91 40.52 -7.34
N PHE B 117 31.42 40.76 -6.13
CA PHE B 117 30.44 41.82 -5.88
C PHE B 117 31.00 42.83 -4.90
N CYS B 118 30.88 44.11 -5.24
CA CYS B 118 31.31 45.18 -4.36
C CYS B 118 30.23 45.50 -3.34
N ASN B 119 30.61 46.30 -2.33
CA ASN B 119 29.66 46.70 -1.29
C ASN B 119 28.58 47.63 -1.85
N ASP B 120 28.97 48.60 -2.68
CA ASP B 120 28.03 49.53 -3.31
C ASP B 120 28.33 49.60 -4.81
N PRO B 121 27.92 48.58 -5.58
CA PRO B 121 28.17 48.60 -7.02
C PRO B 121 27.30 49.61 -7.73
N PHE B 122 27.80 50.10 -8.86
CA PHE B 122 27.10 51.10 -9.66
C PHE B 122 27.58 50.99 -11.10
N LEU B 123 27.04 51.85 -11.96
CA LEU B 123 27.43 51.91 -13.36
C LEU B 123 27.81 53.34 -13.71
N ASP B 124 28.88 53.49 -14.48
CA ASP B 124 29.37 54.80 -14.87
C ASP B 124 29.16 55.04 -16.36
N SER B 137 30.44 54.46 -20.48
CA SER B 137 29.85 53.15 -20.72
C SER B 137 30.60 52.06 -19.97
N GLU B 138 31.56 52.47 -19.14
CA GLU B 138 32.33 51.53 -18.36
C GLU B 138 31.49 50.96 -17.22
N PHE B 139 31.90 49.78 -16.74
CA PHE B 139 31.19 49.06 -15.70
C PHE B 139 32.06 48.96 -14.46
N ARG B 140 31.41 48.97 -13.30
CA ARG B 140 32.06 48.87 -12.00
C ARG B 140 31.37 47.81 -11.15
N VAL B 141 31.09 46.66 -11.75
CA VAL B 141 30.41 45.58 -11.06
C VAL B 141 31.42 44.53 -10.61
N TYR B 142 32.16 43.96 -11.57
CA TYR B 142 33.15 42.93 -11.27
C TYR B 142 34.43 43.18 -12.04
N PHE B 150 24.88 30.33 -20.07
CA PHE B 150 23.53 30.88 -20.15
C PHE B 150 23.56 32.33 -20.65
N GLU B 151 22.89 32.59 -21.76
CA GLU B 151 22.84 33.92 -22.34
C GLU B 151 21.45 34.15 -22.91
N TYR B 152 20.94 35.38 -22.74
CA TYR B 152 19.60 35.72 -23.21
C TYR B 152 19.56 37.21 -23.51
N VAL B 153 19.28 37.56 -24.76
CA VAL B 153 19.25 38.95 -25.22
C VAL B 153 17.85 39.25 -25.71
N SER B 154 17.29 40.37 -25.24
CA SER B 154 15.95 40.79 -25.64
C SER B 154 15.90 42.32 -25.61
N GLN B 155 14.68 42.86 -25.62
CA GLN B 155 14.49 44.30 -25.63
C GLN B 155 14.89 44.92 -24.28
N PRO B 156 15.36 46.16 -24.28
CA PRO B 156 15.71 46.82 -23.02
C PRO B 156 14.49 47.07 -22.15
N PHE B 157 14.72 47.12 -20.84
CA PHE B 157 13.67 47.31 -19.86
C PHE B 157 13.29 48.76 -19.64
N LEU B 158 14.01 49.70 -20.25
CA LEU B 158 13.71 51.12 -20.09
C LEU B 158 13.18 51.71 -21.38
N LYS B 169 5.98 61.39 -13.63
CA LYS B 169 6.56 60.93 -14.89
C LYS B 169 5.84 59.68 -15.39
N ASN B 170 6.58 58.57 -15.46
CA ASN B 170 6.03 57.29 -15.89
C ASN B 170 6.34 56.24 -14.84
N LEU B 171 5.33 55.48 -14.42
CA LEU B 171 5.49 54.44 -13.43
C LEU B 171 5.88 53.13 -14.12
N ARG B 172 6.97 52.53 -13.64
CA ARG B 172 7.46 51.25 -14.13
C ARG B 172 7.27 50.22 -13.01
N GLU B 173 6.35 49.28 -13.22
CA GLU B 173 6.03 48.26 -12.25
C GLU B 173 6.72 46.96 -12.65
N PHE B 174 7.49 46.39 -11.71
CA PHE B 174 8.21 45.15 -11.94
C PHE B 174 7.87 44.17 -10.83
N VAL B 175 7.51 42.95 -11.21
CA VAL B 175 7.19 41.87 -10.28
C VAL B 175 8.15 40.72 -10.55
N PHE B 176 8.85 40.29 -9.50
CA PHE B 176 9.89 39.27 -9.60
C PHE B 176 9.42 38.02 -8.87
N LYS B 177 9.52 36.87 -9.54
CA LYS B 177 9.05 35.61 -8.99
C LYS B 177 10.15 34.57 -9.06
N ASN B 178 10.28 33.76 -7.99
CA ASN B 178 11.21 32.63 -7.98
C ASN B 178 10.52 31.50 -7.21
N ILE B 179 9.81 30.64 -7.94
CA ILE B 179 9.09 29.52 -7.34
C ILE B 179 9.33 28.26 -8.15
N ASP B 180 9.56 27.15 -7.43
CA ASP B 180 9.83 25.79 -7.96
C ASP B 180 10.80 25.79 -9.16
N GLY B 181 11.91 26.49 -8.99
CA GLY B 181 12.93 26.54 -10.02
C GLY B 181 12.61 27.44 -11.19
N TYR B 182 11.57 28.26 -11.10
CA TYR B 182 11.16 29.16 -12.16
C TYR B 182 11.38 30.59 -11.71
N PHE B 183 12.12 31.36 -12.52
CA PHE B 183 12.36 32.78 -12.30
C PHE B 183 11.56 33.55 -13.34
N LYS B 184 10.55 34.28 -12.88
CA LYS B 184 9.58 34.94 -13.75
C LYS B 184 9.65 36.45 -13.57
N ILE B 185 9.50 37.17 -14.68
CA ILE B 185 9.60 38.62 -14.72
C ILE B 185 8.28 39.17 -15.26
N TYR B 186 7.69 40.12 -14.53
CA TYR B 186 6.50 40.82 -14.98
C TYR B 186 6.82 42.31 -15.05
N SER B 187 6.51 42.94 -16.18
CA SER B 187 6.84 44.34 -16.40
C SER B 187 5.61 45.09 -16.91
N LYS B 188 5.50 46.35 -16.49
CA LYS B 188 4.42 47.22 -16.95
C LYS B 188 4.91 48.66 -16.93
N HIS B 189 4.59 49.40 -17.99
CA HIS B 189 4.91 50.82 -18.11
C HIS B 189 3.61 51.61 -18.23
N THR B 190 3.45 52.64 -17.40
CA THR B 190 2.22 53.43 -17.46
C THR B 190 2.50 54.90 -17.22
N PRO B 191 2.16 55.78 -18.16
CA PRO B 191 2.33 57.21 -17.92
C PRO B 191 1.30 57.74 -16.92
N ILE B 192 1.78 58.49 -15.95
CA ILE B 192 0.91 59.07 -14.92
C ILE B 192 0.85 60.59 -15.06
N LEU B 198 3.77 57.60 -4.31
CA LEU B 198 3.07 56.51 -4.98
C LEU B 198 1.84 57.01 -5.71
N PRO B 199 1.72 56.68 -7.00
CA PRO B 199 0.56 57.12 -7.80
C PRO B 199 -0.66 56.28 -7.48
N GLN B 200 -1.77 56.63 -8.13
CA GLN B 200 -3.04 55.93 -7.97
C GLN B 200 -3.51 55.42 -9.32
N GLY B 201 -3.93 54.16 -9.36
CA GLY B 201 -4.41 53.58 -10.59
C GLY B 201 -4.54 52.08 -10.45
N PHE B 202 -4.79 51.43 -11.59
CA PHE B 202 -4.95 49.98 -11.64
C PHE B 202 -4.53 49.50 -13.03
N SER B 203 -3.40 48.81 -13.11
CA SER B 203 -2.88 48.28 -14.36
C SER B 203 -2.48 46.83 -14.18
N ALA B 204 -2.62 46.06 -15.25
CA ALA B 204 -2.28 44.65 -15.22
C ALA B 204 -0.79 44.44 -15.50
N LEU B 205 -0.25 43.36 -14.93
CA LEU B 205 1.14 42.98 -15.11
C LEU B 205 1.20 41.74 -15.99
N GLU B 206 1.93 41.82 -17.10
CA GLU B 206 2.04 40.71 -18.02
C GLU B 206 3.43 40.08 -17.94
N PRO B 207 3.54 38.78 -18.18
CA PRO B 207 4.88 38.13 -18.18
C PRO B 207 5.66 38.48 -19.42
N LEU B 208 6.88 39.01 -19.22
CA LEU B 208 7.75 39.39 -20.32
C LEU B 208 8.84 38.36 -20.57
N VAL B 209 9.63 38.04 -19.55
CA VAL B 209 10.77 37.13 -19.67
C VAL B 209 10.60 36.01 -18.65
N ASP B 210 10.70 34.76 -19.12
CA ASP B 210 10.75 33.60 -18.25
C ASP B 210 12.15 32.97 -18.29
N LEU B 211 12.68 32.67 -17.11
CA LEU B 211 14.05 32.17 -16.97
C LEU B 211 14.06 30.90 -16.14
N PRO B 212 14.23 29.73 -16.76
CA PRO B 212 14.31 28.47 -15.98
C PRO B 212 15.71 28.19 -15.46
N ILE B 213 16.11 28.95 -14.44
CA ILE B 213 17.44 28.79 -13.85
C ILE B 213 17.46 27.61 -12.89
N GLY B 214 16.66 27.69 -11.83
CA GLY B 214 16.53 26.58 -10.90
C GLY B 214 17.61 26.50 -9.84
N ILE B 215 17.89 27.61 -9.17
CA ILE B 215 18.85 27.65 -8.09
C ILE B 215 18.23 28.36 -6.88
N ASN B 216 18.80 28.09 -5.71
CA ASN B 216 18.32 28.70 -4.48
C ASN B 216 18.78 30.15 -4.42
N ILE B 217 17.83 31.07 -4.20
CA ILE B 217 18.10 32.50 -4.15
C ILE B 217 17.48 33.06 -2.87
N THR B 218 18.27 33.81 -2.10
CA THR B 218 17.76 34.42 -0.88
C THR B 218 18.18 35.88 -0.69
N ARG B 219 18.92 36.47 -1.62
CA ARG B 219 19.39 37.84 -1.48
C ARG B 219 18.99 38.67 -2.70
N PHE B 220 18.62 39.93 -2.45
CA PHE B 220 18.21 40.84 -3.50
C PHE B 220 18.76 42.22 -3.19
N GLN B 221 19.35 42.87 -4.20
CA GLN B 221 19.92 44.21 -4.07
C GLN B 221 19.46 45.07 -5.23
N THR B 222 19.80 46.36 -5.16
CA THR B 222 19.37 47.33 -6.16
C THR B 222 20.57 48.02 -6.77
N LEU B 223 20.57 48.15 -8.09
CA LEU B 223 21.63 48.81 -8.84
C LEU B 223 21.14 50.14 -9.38
N LEU B 224 22.07 51.10 -9.47
CA LEU B 224 21.75 52.42 -10.00
C LEU B 224 22.99 52.99 -10.68
N ALA B 225 22.77 53.78 -11.73
CA ALA B 225 23.86 54.39 -12.45
C ALA B 225 24.39 55.62 -11.71
N LEU B 226 25.62 55.99 -12.02
CA LEU B 226 26.28 57.14 -11.41
C LEU B 226 27.17 57.80 -12.44
N HIS B 227 27.71 58.97 -12.08
CA HIS B 227 28.59 59.72 -12.96
C HIS B 227 29.70 60.35 -12.14
N ARG B 228 30.81 60.65 -12.82
CA ARG B 228 31.98 61.24 -12.20
C ARG B 228 32.25 62.61 -12.83
N SER B 229 33.36 63.22 -12.42
CA SER B 229 33.74 64.53 -12.94
C SER B 229 34.38 64.41 -14.32
N ALA B 245 17.89 59.31 -6.64
CA ALA B 245 16.81 58.42 -7.10
C ALA B 245 16.13 57.75 -5.91
N ALA B 246 14.99 57.10 -6.17
CA ALA B 246 14.24 56.42 -5.14
C ALA B 246 13.49 55.25 -5.76
N TYR B 247 13.13 54.29 -4.91
CA TYR B 247 12.41 53.10 -5.37
C TYR B 247 11.61 52.53 -4.20
N TYR B 248 10.67 51.66 -4.55
CA TYR B 248 9.79 51.02 -3.58
C TYR B 248 10.02 49.52 -3.59
N VAL B 249 10.13 48.93 -2.40
CA VAL B 249 10.42 47.51 -2.24
C VAL B 249 9.25 46.87 -1.50
N GLY B 250 8.70 45.80 -2.09
CA GLY B 250 7.61 45.08 -1.49
C GLY B 250 7.96 43.63 -1.23
N TYR B 251 6.99 42.91 -0.67
CA TYR B 251 7.13 41.50 -0.34
C TYR B 251 5.89 40.74 -0.80
N LEU B 252 6.04 39.43 -0.95
CA LEU B 252 4.98 38.56 -1.45
C LEU B 252 4.67 37.48 -0.42
N GLN B 253 3.39 37.17 -0.27
CA GLN B 253 2.92 36.16 0.65
C GLN B 253 1.96 35.22 -0.06
N PRO B 254 1.96 33.92 0.29
CA PRO B 254 1.07 32.96 -0.39
C PRO B 254 -0.35 33.06 0.14
N ARG B 255 -1.28 33.43 -0.74
CA ARG B 255 -2.69 33.51 -0.41
C ARG B 255 -3.49 33.41 -1.70
N THR B 256 -4.81 33.45 -1.58
CA THR B 256 -5.73 33.28 -2.69
C THR B 256 -6.36 34.63 -3.05
N PHE B 257 -6.29 34.99 -4.33
CA PHE B 257 -6.87 36.23 -4.83
C PHE B 257 -8.10 35.92 -5.68
N LEU B 258 -8.84 36.99 -6.00
CA LEU B 258 -9.98 36.92 -6.90
C LEU B 258 -9.72 37.81 -8.10
N LEU B 259 -9.86 37.23 -9.29
CA LEU B 259 -9.62 37.94 -10.54
C LEU B 259 -10.89 37.90 -11.40
N LYS B 260 -11.24 39.04 -11.96
CA LYS B 260 -12.36 39.17 -12.88
C LYS B 260 -11.88 39.77 -14.19
N TYR B 261 -12.17 39.08 -15.29
CA TYR B 261 -11.75 39.53 -16.60
C TYR B 261 -12.86 40.35 -17.26
N ASN B 262 -12.64 40.74 -18.51
CA ASN B 262 -13.62 41.46 -19.32
C ASN B 262 -13.68 40.82 -20.69
N GLU B 263 -14.50 41.41 -21.57
CA GLU B 263 -14.64 40.88 -22.93
C GLU B 263 -13.38 41.12 -23.76
N ASN B 264 -12.65 42.21 -23.48
CA ASN B 264 -11.44 42.49 -24.23
C ASN B 264 -10.27 41.61 -23.79
N GLY B 265 -10.21 41.26 -22.52
CA GLY B 265 -9.16 40.39 -22.03
C GLY B 265 -8.16 41.08 -21.12
N THR B 266 -8.62 42.04 -20.34
CA THR B 266 -7.79 42.76 -19.39
C THR B 266 -8.31 42.51 -17.97
N ILE B 267 -7.72 43.22 -17.01
CA ILE B 267 -8.11 43.13 -15.61
C ILE B 267 -8.67 44.47 -15.18
N THR B 268 -9.92 44.47 -14.70
CA THR B 268 -10.57 45.69 -14.23
C THR B 268 -10.42 45.90 -12.73
N ASP B 269 -10.59 44.86 -11.93
CA ASP B 269 -10.44 44.95 -10.49
C ASP B 269 -10.10 43.58 -9.93
N ALA B 270 -9.50 43.58 -8.74
CA ALA B 270 -9.15 42.35 -8.06
C ALA B 270 -9.24 42.59 -6.55
N VAL B 271 -9.70 41.59 -5.82
CA VAL B 271 -9.87 41.67 -4.38
C VAL B 271 -9.22 40.45 -3.73
N ASP B 272 -8.61 40.68 -2.57
CA ASP B 272 -8.16 39.61 -1.68
C ASP B 272 -9.33 39.16 -0.81
N CYS B 273 -9.14 38.05 -0.10
CA CYS B 273 -10.11 37.61 0.91
C CYS B 273 -9.37 37.09 2.14
N ALA B 274 -8.35 37.83 2.58
CA ALA B 274 -7.60 37.46 3.77
C ALA B 274 -7.37 38.65 4.71
N LEU B 275 -8.06 39.77 4.52
CA LEU B 275 -7.87 40.95 5.35
C LEU B 275 -9.14 41.53 5.92
N ASP B 276 -10.28 41.37 5.26
CA ASP B 276 -11.53 41.95 5.72
C ASP B 276 -12.65 40.92 5.65
N PRO B 277 -13.61 40.98 6.59
CA PRO B 277 -14.78 40.07 6.48
C PRO B 277 -15.61 40.28 5.23
N LEU B 278 -15.75 41.54 4.79
CA LEU B 278 -16.43 41.80 3.52
C LEU B 278 -15.64 41.22 2.36
N SER B 279 -14.32 41.24 2.45
CA SER B 279 -13.48 40.59 1.45
C SER B 279 -13.72 39.08 1.43
N GLU B 280 -13.92 38.47 2.60
CA GLU B 280 -14.22 37.04 2.62
C GLU B 280 -15.62 36.74 2.09
N THR B 281 -16.57 37.66 2.28
CA THR B 281 -17.89 37.49 1.67
C THR B 281 -17.79 37.55 0.14
N LYS B 282 -16.97 38.46 -0.38
CA LYS B 282 -16.72 38.49 -1.81
C LYS B 282 -15.96 37.24 -2.27
N CYS B 283 -15.15 36.66 -1.38
CA CYS B 283 -14.42 35.44 -1.71
C CYS B 283 -15.34 34.25 -1.85
N THR B 284 -16.29 34.10 -0.92
CA THR B 284 -17.17 32.94 -0.91
C THR B 284 -18.38 33.08 -1.83
N LEU B 285 -18.67 34.28 -2.34
CA LEU B 285 -19.73 34.46 -3.32
C LEU B 285 -19.22 34.54 -4.75
N LYS B 286 -17.90 34.67 -4.94
CA LYS B 286 -17.27 34.80 -6.27
C LYS B 286 -17.84 35.96 -7.06
N SER B 287 -18.12 37.07 -6.37
CA SER B 287 -18.68 38.25 -7.00
C SER B 287 -18.21 39.49 -6.26
N PHE B 288 -18.18 40.61 -6.97
CA PHE B 288 -17.74 41.87 -6.36
C PHE B 288 -18.81 42.46 -5.45
N THR B 289 -20.08 42.29 -5.80
CA THR B 289 -21.19 42.83 -5.03
C THR B 289 -21.88 41.70 -4.27
N VAL B 290 -22.10 41.91 -2.98
CA VAL B 290 -22.76 40.93 -2.12
C VAL B 290 -24.07 41.54 -1.63
N GLU B 291 -25.12 40.72 -1.58
CA GLU B 291 -26.42 41.18 -1.13
C GLU B 291 -26.47 41.28 0.39
N LYS B 292 -27.42 42.08 0.87
CA LYS B 292 -27.59 42.27 2.31
C LYS B 292 -28.26 41.04 2.91
N GLY B 293 -27.62 40.46 3.93
CA GLY B 293 -28.15 39.27 4.57
C GLY B 293 -27.14 38.66 5.50
N ILE B 294 -27.33 37.37 5.78
CA ILE B 294 -26.46 36.60 6.66
C ILE B 294 -25.85 35.47 5.85
N TYR B 295 -24.54 35.24 6.04
CA TYR B 295 -23.83 34.21 5.32
C TYR B 295 -22.86 33.50 6.26
N GLN B 296 -22.51 32.27 5.91
CA GLN B 296 -21.49 31.49 6.62
C GLN B 296 -20.33 31.30 5.66
N THR B 297 -19.25 32.05 5.88
CA THR B 297 -18.13 32.09 4.94
C THR B 297 -16.98 31.17 5.28
N SER B 298 -16.80 30.81 6.56
CA SER B 298 -15.66 30.01 6.98
C SER B 298 -15.98 29.39 8.34
N ASN B 299 -14.95 28.82 8.97
CA ASN B 299 -15.08 28.21 10.28
C ASN B 299 -13.93 28.65 11.15
N PHE B 300 -14.21 28.88 12.44
CA PHE B 300 -13.21 29.36 13.39
C PHE B 300 -12.76 28.20 14.27
N ARG B 301 -11.45 28.00 14.34
CA ARG B 301 -10.86 26.96 15.18
C ARG B 301 -9.48 27.42 15.62
N VAL B 302 -9.12 27.08 16.85
CA VAL B 302 -7.83 27.44 17.40
C VAL B 302 -6.86 26.27 17.27
N GLN B 303 -5.62 26.56 16.91
CA GLN B 303 -4.59 25.56 16.73
C GLN B 303 -4.06 25.06 18.07
N PRO B 304 -3.57 23.82 18.14
CA PRO B 304 -2.90 23.35 19.35
C PRO B 304 -1.62 24.11 19.61
N THR B 305 -1.28 24.26 20.89
CA THR B 305 -0.20 25.14 21.32
C THR B 305 1.04 24.43 21.85
N GLU B 306 0.92 23.32 22.58
CA GLU B 306 2.05 22.41 22.79
C GLU B 306 1.58 20.99 22.57
N SER B 307 2.48 20.04 22.82
CA SER B 307 2.18 18.61 22.71
C SER B 307 2.67 17.92 23.97
N ILE B 308 1.81 17.11 24.58
CA ILE B 308 2.10 16.42 25.83
C ILE B 308 1.85 14.93 25.64
N VAL B 309 2.85 14.11 25.96
CA VAL B 309 2.71 12.66 25.94
C VAL B 309 2.78 12.14 27.37
N ARG B 310 2.08 11.03 27.62
CA ARG B 310 2.03 10.46 28.96
C ARG B 310 2.22 8.95 28.87
N PHE B 311 3.09 8.43 29.72
CA PHE B 311 3.39 7.00 29.82
C PHE B 311 3.65 6.68 31.28
N PRO B 312 3.49 5.39 31.69
CA PRO B 312 3.68 5.04 33.11
C PRO B 312 5.11 5.23 33.62
N ASN B 313 5.29 5.01 34.92
CA ASN B 313 6.58 5.24 35.57
C ASN B 313 7.63 4.26 35.07
N ILE B 314 8.85 4.76 34.88
CA ILE B 314 9.97 3.93 34.43
C ILE B 314 10.52 3.19 35.64
N THR B 315 10.26 1.88 35.70
CA THR B 315 10.72 1.05 36.80
C THR B 315 10.91 -0.37 36.28
N ASN B 316 11.45 -1.23 37.15
CA ASN B 316 11.74 -2.64 36.84
C ASN B 316 12.66 -2.77 35.64
N LEU B 317 13.88 -2.26 35.80
CA LEU B 317 14.85 -2.24 34.71
C LEU B 317 15.38 -3.64 34.43
N CYS B 318 15.99 -3.77 33.25
CA CYS B 318 16.59 -5.03 32.84
C CYS B 318 17.87 -5.30 33.65
N PRO B 319 18.31 -6.56 33.73
CA PRO B 319 19.53 -6.87 34.49
C PRO B 319 20.83 -6.57 33.76
N PHE B 320 20.77 -5.72 32.73
CA PHE B 320 21.94 -5.33 31.95
C PHE B 320 23.05 -4.77 32.84
N ASP B 321 22.68 -3.91 33.80
CA ASP B 321 23.65 -3.36 34.73
C ASP B 321 24.26 -4.44 35.62
N GLU B 322 23.53 -5.54 35.84
CA GLU B 322 24.13 -6.68 36.53
C GLU B 322 25.16 -7.37 35.65
N VAL B 323 24.92 -7.42 34.34
CA VAL B 323 25.84 -8.12 33.44
C VAL B 323 27.12 -7.32 33.27
N PHE B 324 27.02 -6.00 33.09
CA PHE B 324 28.18 -5.18 32.78
C PHE B 324 29.01 -4.82 34.00
N ASN B 325 28.54 -5.12 35.21
CA ASN B 325 29.26 -4.71 36.42
C ASN B 325 29.64 -5.93 37.26
N ALA B 326 29.65 -7.11 36.64
CA ALA B 326 30.03 -8.34 37.34
C ALA B 326 31.52 -8.37 37.59
N THR B 327 31.92 -8.92 38.73
CA THR B 327 33.34 -8.99 39.07
C THR B 327 34.09 -10.00 38.22
N ARG B 328 33.44 -11.13 37.88
CA ARG B 328 34.09 -12.18 37.10
C ARG B 328 33.15 -12.66 36.01
N PHE B 329 33.72 -12.86 34.82
CA PHE B 329 33.02 -13.46 33.69
C PHE B 329 33.45 -14.92 33.55
N ALA B 330 33.02 -15.56 32.48
CA ALA B 330 33.38 -16.95 32.19
C ALA B 330 34.24 -17.02 30.92
N SER B 331 34.53 -18.24 30.49
CA SER B 331 35.43 -18.44 29.36
C SER B 331 34.72 -18.13 28.04
N VAL B 332 35.46 -18.28 26.94
CA VAL B 332 34.92 -17.96 25.63
C VAL B 332 33.86 -18.99 25.21
N TYR B 333 34.08 -20.27 25.52
CA TYR B 333 33.07 -21.28 25.19
C TYR B 333 31.90 -21.23 26.17
N ALA B 334 32.18 -20.99 27.44
CA ALA B 334 31.14 -20.93 28.46
C ALA B 334 30.52 -19.54 28.42
N TRP B 335 29.53 -19.37 27.54
CA TRP B 335 28.79 -18.12 27.42
C TRP B 335 27.44 -18.31 28.10
N ASN B 336 27.13 -17.44 29.05
CA ASN B 336 25.89 -17.55 29.82
C ASN B 336 24.82 -16.59 29.27
N ARG B 337 23.70 -17.17 28.85
CA ARG B 337 22.60 -16.37 28.32
C ARG B 337 21.67 -15.95 29.44
N LYS B 338 21.40 -14.65 29.53
CA LYS B 338 20.50 -14.10 30.54
C LYS B 338 19.20 -13.68 29.86
N ARG B 339 18.08 -14.19 30.36
CA ARG B 339 16.79 -13.90 29.75
C ARG B 339 16.38 -12.47 30.09
N ILE B 340 16.22 -11.65 29.05
CA ILE B 340 15.86 -10.24 29.19
C ILE B 340 14.46 -10.06 28.65
N SER B 341 13.49 -9.91 29.56
CA SER B 341 12.10 -9.75 29.16
C SER B 341 11.36 -9.00 30.26
N ASN B 342 10.29 -8.31 29.86
CA ASN B 342 9.40 -7.58 30.77
C ASN B 342 10.16 -6.52 31.57
N CYS B 343 10.90 -5.68 30.84
CA CYS B 343 11.61 -4.56 31.44
C CYS B 343 11.66 -3.44 30.40
N VAL B 344 12.53 -2.46 30.61
CA VAL B 344 12.69 -1.33 29.69
C VAL B 344 14.09 -1.39 29.08
N ALA B 345 14.15 -1.33 27.76
CA ALA B 345 15.40 -1.52 27.03
C ALA B 345 16.06 -0.18 26.72
N ASP B 346 16.48 0.51 27.78
CA ASP B 346 17.20 1.76 27.62
C ASP B 346 18.65 1.48 27.21
N TYR B 347 19.13 2.23 26.22
CA TYR B 347 20.49 2.07 25.73
C TYR B 347 21.39 3.23 26.15
N SER B 348 20.92 4.11 27.03
CA SER B 348 21.79 5.16 27.56
C SER B 348 22.82 4.63 28.54
N VAL B 349 22.60 3.44 29.10
CA VAL B 349 23.57 2.82 29.98
C VAL B 349 24.76 2.27 29.19
N LEU B 350 24.60 2.08 27.89
CA LEU B 350 25.68 1.64 27.01
C LEU B 350 26.54 2.78 26.51
N TYR B 351 26.44 3.97 27.11
CA TYR B 351 27.20 5.13 26.66
C TYR B 351 27.92 5.88 27.77
N ASN B 352 27.52 5.72 29.03
CA ASN B 352 28.15 6.42 30.15
C ASN B 352 29.30 5.62 30.76
N PHE B 353 29.91 4.72 30.00
CA PHE B 353 31.00 3.87 30.47
C PHE B 353 32.23 4.10 29.58
N ALA B 354 32.57 5.39 29.39
CA ALA B 354 33.75 5.90 28.69
C ALA B 354 33.70 5.62 27.19
N PRO B 355 34.53 6.27 26.37
CA PRO B 355 34.64 5.85 24.97
C PRO B 355 35.15 4.42 24.85
N PHE B 356 34.40 3.60 24.14
CA PHE B 356 34.72 2.19 24.00
C PHE B 356 35.91 1.98 23.07
N PHE B 357 36.45 0.77 23.09
CA PHE B 357 37.54 0.42 22.17
C PHE B 357 37.05 0.38 20.74
N ALA B 358 35.90 -0.26 20.49
CA ALA B 358 35.35 -0.34 19.14
C ALA B 358 33.86 -0.61 19.25
N PHE B 359 33.05 0.26 18.64
CA PHE B 359 31.61 0.06 18.52
C PHE B 359 31.22 -0.45 17.13
N LYS B 360 32.12 -1.17 16.47
CA LYS B 360 31.88 -1.62 15.10
C LYS B 360 30.87 -2.77 15.09
N CYS B 361 29.75 -2.57 14.41
CA CYS B 361 28.72 -3.61 14.30
C CYS B 361 27.90 -3.37 13.05
N TYR B 362 27.26 -4.44 12.58
CA TYR B 362 26.43 -4.40 11.39
C TYR B 362 25.04 -4.90 11.76
N GLY B 363 24.04 -4.04 11.61
CA GLY B 363 22.67 -4.42 11.92
C GLY B 363 21.75 -3.23 12.13
N VAL B 364 20.85 -3.34 13.11
CA VAL B 364 19.91 -2.26 13.40
C VAL B 364 20.64 -1.11 14.07
N SER B 365 20.35 0.11 13.64
CA SER B 365 20.97 1.28 14.21
C SER B 365 20.50 1.49 15.66
N PRO B 366 21.42 1.83 16.57
CA PRO B 366 21.02 1.99 17.98
C PRO B 366 20.30 3.30 18.28
N THR B 367 20.20 4.22 17.33
CA THR B 367 19.55 5.50 17.58
C THR B 367 18.03 5.42 17.55
N LYS B 368 17.46 4.32 17.06
CA LYS B 368 16.01 4.15 16.99
C LYS B 368 15.54 2.93 17.76
N LEU B 369 16.35 2.42 18.69
CA LEU B 369 15.97 1.26 19.48
C LEU B 369 15.07 1.60 20.66
N ASN B 370 14.86 2.88 20.95
CA ASN B 370 13.98 3.25 22.05
C ASN B 370 12.51 3.04 21.71
N ASP B 371 12.15 3.11 20.43
CA ASP B 371 10.78 2.91 19.99
C ASP B 371 10.54 1.56 19.31
N LEU B 372 11.59 0.87 18.90
CA LEU B 372 11.46 -0.42 18.22
C LEU B 372 11.40 -1.51 19.30
N CYS B 373 10.18 -1.84 19.72
CA CYS B 373 10.00 -2.90 20.70
C CYS B 373 10.24 -4.27 20.07
N PHE B 374 10.89 -5.16 20.82
CA PHE B 374 11.27 -6.47 20.34
C PHE B 374 10.63 -7.56 21.18
N THR B 375 10.65 -8.79 20.65
CA THR B 375 10.04 -9.92 21.33
C THR B 375 10.99 -10.52 22.38
N ASN B 376 12.14 -11.02 21.94
CA ASN B 376 13.10 -11.67 22.82
C ASN B 376 14.50 -11.15 22.53
N VAL B 377 15.34 -11.12 23.57
CA VAL B 377 16.71 -10.66 23.44
C VAL B 377 17.56 -11.37 24.50
N TYR B 378 18.75 -11.80 24.09
CA TYR B 378 19.67 -12.50 24.97
C TYR B 378 21.04 -11.81 24.93
N ALA B 379 21.77 -11.93 26.04
CA ALA B 379 23.09 -11.31 26.15
C ALA B 379 24.07 -12.27 26.80
N ASP B 380 25.31 -12.24 26.34
CA ASP B 380 26.39 -13.05 26.90
C ASP B 380 27.72 -12.36 26.62
N SER B 381 28.66 -12.50 27.55
CA SER B 381 29.94 -11.82 27.48
C SER B 381 31.06 -12.80 27.79
N PHE B 382 32.24 -12.49 27.27
CA PHE B 382 33.42 -13.34 27.45
C PHE B 382 34.67 -12.49 27.25
N VAL B 383 35.82 -13.08 27.58
CA VAL B 383 37.11 -12.44 27.45
C VAL B 383 37.94 -13.23 26.45
N ILE B 384 38.53 -12.54 25.47
CA ILE B 384 39.28 -13.17 24.39
C ILE B 384 40.39 -12.22 23.96
N ARG B 385 41.36 -12.75 23.21
CA ARG B 385 42.47 -11.96 22.69
C ARG B 385 41.96 -10.88 21.74
N GLY B 386 42.58 -9.69 21.82
CA GLY B 386 42.21 -8.56 21.01
C GLY B 386 42.53 -8.69 19.53
N ASN B 387 43.26 -9.73 19.13
CA ASN B 387 43.50 -9.96 17.71
C ASN B 387 42.30 -10.61 17.03
N GLU B 388 41.34 -11.15 17.79
CA GLU B 388 40.13 -11.71 17.20
C GLU B 388 38.87 -11.05 17.74
N VAL B 389 38.93 -9.79 18.17
CA VAL B 389 37.71 -9.10 18.60
C VAL B 389 37.02 -8.40 17.45
N SER B 390 37.75 -8.01 16.40
CA SER B 390 37.11 -7.46 15.20
C SER B 390 36.54 -8.54 14.31
N GLN B 391 36.87 -9.81 14.58
CA GLN B 391 36.37 -10.95 13.84
C GLN B 391 35.08 -11.52 14.43
N ILE B 392 34.49 -10.85 15.42
CA ILE B 392 33.16 -11.23 15.92
C ILE B 392 32.16 -10.43 15.08
N ALA B 393 31.82 -11.00 13.92
CA ALA B 393 30.96 -10.31 12.97
C ALA B 393 30.21 -11.35 12.15
N PRO B 394 29.01 -11.02 11.64
CA PRO B 394 28.28 -11.99 10.80
C PRO B 394 28.92 -12.19 9.44
N GLY B 395 29.30 -13.42 9.13
CA GLY B 395 29.85 -13.74 7.82
C GLY B 395 31.37 -13.67 7.78
N GLN B 396 32.02 -14.26 8.77
CA GLN B 396 33.47 -14.16 8.91
C GLN B 396 33.93 -15.35 9.75
N THR B 397 35.08 -15.91 9.37
CA THR B 397 35.62 -17.08 10.05
C THR B 397 37.00 -16.78 10.60
N GLY B 398 37.37 -17.51 11.65
CA GLY B 398 38.66 -17.31 12.30
C GLY B 398 38.99 -18.48 13.19
N ASN B 399 40.13 -18.38 13.86
CA ASN B 399 40.58 -19.48 14.72
C ASN B 399 39.75 -19.55 16.00
N ILE B 400 39.20 -18.43 16.45
CA ILE B 400 38.26 -18.42 17.57
C ILE B 400 36.83 -18.31 17.07
N ALA B 401 36.61 -17.54 16.01
CA ALA B 401 35.27 -17.28 15.48
C ALA B 401 34.64 -18.49 14.81
N ASP B 402 35.38 -19.56 14.57
CA ASP B 402 34.82 -20.77 13.97
C ASP B 402 34.95 -22.01 14.85
N TYR B 403 35.71 -21.94 15.94
CA TYR B 403 35.89 -23.10 16.82
C TYR B 403 35.31 -22.92 18.21
N ASN B 404 35.03 -21.69 18.63
CA ASN B 404 34.50 -21.45 19.97
C ASN B 404 33.21 -20.66 19.98
N TYR B 405 33.04 -19.71 19.06
CA TYR B 405 31.83 -18.89 19.02
C TYR B 405 31.62 -18.44 17.58
N LYS B 406 30.61 -19.00 16.92
CA LYS B 406 30.32 -18.73 15.52
C LYS B 406 29.08 -17.88 15.40
N LEU B 407 29.14 -16.87 14.52
CA LEU B 407 28.04 -15.97 14.26
C LEU B 407 27.43 -16.22 12.89
N PRO B 408 26.12 -16.41 12.79
CA PRO B 408 25.49 -16.66 11.50
C PRO B 408 25.36 -15.39 10.69
N ASP B 409 25.12 -15.57 9.39
CA ASP B 409 25.00 -14.42 8.48
C ASP B 409 23.70 -13.66 8.71
N ASP B 410 22.65 -14.34 9.17
CA ASP B 410 21.37 -13.71 9.48
C ASP B 410 21.21 -13.45 10.97
N PHE B 411 22.31 -13.11 11.65
CA PHE B 411 22.28 -12.87 13.09
C PHE B 411 21.48 -11.62 13.44
N THR B 412 21.69 -10.54 12.69
CA THR B 412 21.02 -9.24 12.86
C THR B 412 21.17 -8.71 14.28
N GLY B 413 22.42 -8.47 14.67
CA GLY B 413 22.72 -7.95 15.99
C GLY B 413 23.97 -7.11 16.03
N CYS B 414 24.31 -6.60 17.20
CA CYS B 414 25.49 -5.76 17.37
C CYS B 414 26.27 -6.19 18.60
N VAL B 415 27.57 -5.89 18.58
CA VAL B 415 28.47 -6.26 19.66
C VAL B 415 29.01 -4.98 20.31
N ILE B 416 29.44 -5.13 21.56
CA ILE B 416 30.05 -4.04 22.32
C ILE B 416 31.35 -4.55 22.93
N ALA B 417 32.45 -3.86 22.66
CA ALA B 417 33.76 -4.24 23.16
C ALA B 417 34.44 -3.02 23.77
N TRP B 418 35.14 -3.24 24.88
CA TRP B 418 35.88 -2.19 25.55
C TRP B 418 37.13 -2.79 26.19
N ASN B 419 37.95 -1.93 26.78
CA ASN B 419 39.22 -2.31 27.37
C ASN B 419 39.18 -2.14 28.88
N SER B 420 39.71 -3.12 29.59
CA SER B 420 39.83 -3.06 31.05
C SER B 420 41.16 -3.71 31.43
N ASN B 421 42.19 -2.88 31.60
CA ASN B 421 43.54 -3.35 31.89
C ASN B 421 43.87 -3.35 33.38
N LYS B 422 42.92 -2.97 34.23
CA LYS B 422 43.16 -2.94 35.67
C LYS B 422 42.22 -3.82 36.48
N LEU B 423 40.97 -4.00 36.02
CA LEU B 423 40.05 -4.88 36.73
C LEU B 423 40.24 -6.35 36.38
N ASP B 424 40.96 -6.66 35.32
CA ASP B 424 41.13 -8.05 34.90
C ASP B 424 42.59 -8.45 34.77
N SER B 425 43.45 -7.57 34.27
CA SER B 425 44.86 -7.89 34.12
C SER B 425 45.57 -7.85 35.46
N LYS B 426 46.38 -8.86 35.73
CA LYS B 426 47.12 -8.97 36.99
C LYS B 426 48.61 -9.03 36.71
N VAL B 427 49.38 -8.28 37.51
CA VAL B 427 50.83 -8.26 37.34
C VAL B 427 51.45 -9.59 37.76
N GLY B 428 50.92 -10.24 38.79
CA GLY B 428 51.43 -11.53 39.21
C GLY B 428 51.01 -12.68 38.34
N GLY B 429 49.93 -12.54 37.58
CA GLY B 429 49.46 -13.59 36.70
C GLY B 429 48.03 -14.00 36.98
N ASN B 430 47.36 -14.54 35.97
CA ASN B 430 45.98 -15.00 36.10
C ASN B 430 45.69 -15.97 34.97
N TYR B 431 44.98 -17.05 35.29
CA TYR B 431 44.67 -18.10 34.30
C TYR B 431 43.20 -18.50 34.33
N ASN B 432 42.31 -17.61 34.78
CA ASN B 432 40.91 -17.98 34.93
C ASN B 432 40.12 -17.94 33.63
N TYR B 433 40.67 -17.35 32.57
CA TYR B 433 40.05 -17.36 31.26
C TYR B 433 40.91 -18.17 30.28
N ARG B 434 40.25 -18.88 29.38
CA ARG B 434 40.92 -19.84 28.53
C ARG B 434 40.12 -20.04 27.25
N TYR B 435 40.79 -20.60 26.24
CA TYR B 435 40.18 -20.84 24.93
C TYR B 435 40.56 -22.23 24.45
N ARG B 436 39.66 -22.83 23.66
CA ARG B 436 39.83 -24.18 23.15
C ARG B 436 40.34 -24.12 21.71
N LEU B 437 41.36 -24.92 21.41
CA LEU B 437 41.98 -24.93 20.09
C LEU B 437 41.78 -26.23 19.33
N PHE B 438 41.13 -27.23 19.94
CA PHE B 438 40.97 -28.56 19.34
C PHE B 438 39.50 -28.80 19.05
N ARG B 439 39.12 -28.60 17.79
CA ARG B 439 37.78 -28.94 17.30
C ARG B 439 37.92 -29.53 15.91
N LYS B 440 37.22 -30.65 15.68
CA LYS B 440 37.36 -31.40 14.43
C LYS B 440 36.36 -30.98 13.35
N SER B 441 35.51 -30.00 13.62
CA SER B 441 34.51 -29.57 12.65
C SER B 441 34.23 -28.09 12.84
N ASN B 442 33.31 -27.57 12.04
CA ASN B 442 32.87 -26.19 12.14
C ASN B 442 31.71 -26.08 13.12
N LEU B 443 31.85 -25.19 14.10
CA LEU B 443 30.84 -25.05 15.14
C LEU B 443 29.61 -24.31 14.61
N LYS B 444 28.45 -24.91 14.81
CA LYS B 444 27.20 -24.26 14.45
C LYS B 444 26.88 -23.19 15.49
N PRO B 445 26.29 -22.06 15.08
CA PRO B 445 25.90 -21.04 16.05
C PRO B 445 24.78 -21.50 16.98
N PHE B 446 24.67 -20.78 18.10
CA PHE B 446 23.64 -21.01 19.13
C PHE B 446 23.70 -22.42 19.71
N GLU B 447 24.91 -22.90 19.95
CA GLU B 447 25.10 -24.17 20.66
C GLU B 447 26.47 -24.15 21.33
N ARG B 448 26.65 -25.05 22.29
CA ARG B 448 27.89 -25.12 23.05
C ARG B 448 28.22 -26.58 23.32
N ASP B 449 29.51 -26.89 23.35
CA ASP B 449 30.01 -28.21 23.67
C ASP B 449 31.09 -28.10 24.72
N ILE B 450 31.15 -29.08 25.61
CA ILE B 450 32.17 -29.15 26.65
C ILE B 450 33.00 -30.40 26.42
N SER B 451 34.24 -30.38 26.93
CA SER B 451 35.18 -31.47 26.74
C SER B 451 35.74 -31.90 28.09
N THR B 452 35.66 -33.19 28.39
CA THR B 452 36.28 -33.78 29.56
C THR B 452 37.43 -34.72 29.20
N GLU B 453 37.25 -35.52 28.15
CA GLU B 453 38.30 -36.41 27.66
C GLU B 453 39.39 -35.62 26.96
N ILE B 454 40.52 -36.29 26.71
CA ILE B 454 41.66 -35.69 26.04
C ILE B 454 41.50 -35.89 24.53
N TYR B 455 41.63 -34.79 23.78
CA TYR B 455 41.48 -34.84 22.34
C TYR B 455 42.59 -35.67 21.69
N GLN B 456 42.22 -36.46 20.69
CA GLN B 456 43.14 -37.34 19.99
C GLN B 456 43.28 -36.89 18.54
N ALA B 457 44.51 -36.71 18.07
CA ALA B 457 44.78 -36.26 16.73
C ALA B 457 45.13 -37.39 15.77
N GLY B 458 45.14 -38.63 16.23
CA GLY B 458 45.48 -39.77 15.40
C GLY B 458 44.75 -41.02 15.84
N ASN B 459 45.48 -42.13 15.89
CA ASN B 459 44.95 -43.42 16.32
C ASN B 459 45.81 -43.90 17.50
N LYS B 460 45.43 -43.48 18.71
CA LYS B 460 46.14 -43.84 19.91
C LYS B 460 45.15 -43.79 21.07
N PRO B 461 45.12 -44.81 21.93
CA PRO B 461 44.19 -44.79 23.07
C PRO B 461 44.59 -43.77 24.13
N CYS B 462 43.86 -42.65 24.20
CA CYS B 462 44.13 -41.58 25.15
C CYS B 462 42.80 -41.16 25.77
N ASN B 463 42.46 -41.78 26.89
CA ASN B 463 41.24 -41.49 27.64
C ASN B 463 41.58 -41.01 29.04
N GLY B 464 42.56 -40.13 29.15
CA GLY B 464 43.03 -39.66 30.44
C GLY B 464 44.53 -39.61 30.53
N VAL B 465 45.21 -39.91 29.43
CA VAL B 465 46.67 -39.89 29.36
C VAL B 465 47.09 -39.00 28.19
N ALA B 466 48.28 -38.43 28.32
CA ALA B 466 48.84 -37.57 27.29
C ALA B 466 49.65 -38.40 26.30
N GLY B 467 50.37 -37.74 25.42
CA GLY B 467 51.18 -38.44 24.43
C GLY B 467 51.76 -37.46 23.43
N VAL B 468 52.30 -38.04 22.34
CA VAL B 468 52.86 -37.23 21.27
C VAL B 468 51.80 -36.44 20.52
N ASN B 469 50.56 -36.93 20.48
CA ASN B 469 49.47 -36.24 19.82
C ASN B 469 48.23 -36.06 20.71
N CYS B 470 48.22 -36.62 21.91
CA CYS B 470 47.08 -36.50 22.82
C CYS B 470 47.29 -35.31 23.75
N TYR B 471 47.33 -34.12 23.14
CA TYR B 471 47.47 -32.89 23.89
C TYR B 471 46.16 -32.54 24.59
N PHE B 472 46.26 -31.68 25.59
CA PHE B 472 45.08 -31.16 26.26
C PHE B 472 44.31 -30.23 25.32
N PRO B 473 42.98 -30.23 25.35
CA PRO B 473 42.22 -29.36 24.44
C PRO B 473 42.30 -27.88 24.81
N LEU B 474 42.94 -27.52 25.92
CA LEU B 474 43.03 -26.14 26.36
C LEU B 474 44.49 -25.71 26.36
N GLN B 475 44.75 -24.53 25.79
CA GLN B 475 46.10 -23.99 25.65
C GLN B 475 46.28 -22.80 26.57
N SER B 476 47.49 -22.65 27.12
CA SER B 476 47.78 -21.56 28.03
C SER B 476 47.77 -20.22 27.30
N TYR B 477 47.21 -19.21 27.95
CA TYR B 477 47.11 -17.87 27.40
C TYR B 477 47.95 -16.85 28.17
N GLY B 478 47.71 -16.73 29.48
CA GLY B 478 48.50 -15.84 30.30
C GLY B 478 48.04 -14.39 30.32
N PHE B 479 47.89 -13.81 31.50
CA PHE B 479 47.56 -12.40 31.69
C PHE B 479 48.78 -11.69 32.24
N ARG B 480 49.56 -11.06 31.37
CA ARG B 480 50.71 -10.27 31.76
C ARG B 480 50.55 -8.83 31.26
N PRO B 481 50.76 -7.83 32.12
CA PRO B 481 50.74 -6.42 31.69
C PRO B 481 52.07 -5.95 31.10
N THR B 482 52.64 -6.76 30.22
CA THR B 482 53.86 -6.42 29.50
C THR B 482 53.73 -6.66 28.00
N TYR B 483 52.62 -7.20 27.55
CA TYR B 483 52.39 -7.45 26.13
C TYR B 483 51.83 -6.18 25.48
N GLY B 484 51.41 -6.29 24.23
CA GLY B 484 50.92 -5.14 23.50
C GLY B 484 49.49 -4.77 23.86
N VAL B 485 49.05 -3.65 23.29
CA VAL B 485 47.67 -3.21 23.46
C VAL B 485 46.71 -4.19 22.80
N GLY B 486 47.04 -4.64 21.59
CA GLY B 486 46.24 -5.67 20.94
C GLY B 486 46.31 -7.00 21.64
N HIS B 487 47.46 -7.33 22.22
CA HIS B 487 47.60 -8.58 22.97
C HIS B 487 46.94 -8.52 24.33
N GLN B 488 46.57 -7.33 24.81
CA GLN B 488 45.85 -7.22 26.07
C GLN B 488 44.44 -7.78 25.93
N PRO B 489 43.90 -8.38 26.99
CA PRO B 489 42.53 -8.92 26.91
C PRO B 489 41.50 -7.82 26.78
N TYR B 490 40.40 -8.15 26.10
CA TYR B 490 39.30 -7.24 25.87
C TYR B 490 38.01 -7.83 26.40
N ARG B 491 37.13 -6.97 26.91
CA ARG B 491 35.82 -7.37 27.41
C ARG B 491 34.80 -7.11 26.31
N VAL B 492 34.24 -8.19 25.76
CA VAL B 492 33.32 -8.10 24.63
C VAL B 492 32.01 -8.78 25.02
N VAL B 493 30.90 -8.13 24.66
CA VAL B 493 29.55 -8.66 24.90
C VAL B 493 28.79 -8.62 23.59
N VAL B 494 27.97 -9.65 23.36
CA VAL B 494 27.20 -9.80 22.13
C VAL B 494 25.72 -9.84 22.47
N LEU B 495 24.90 -9.20 21.65
CA LEU B 495 23.45 -9.14 21.84
C LEU B 495 22.77 -9.84 20.66
N SER B 496 21.86 -10.75 20.97
CA SER B 496 21.11 -11.49 19.96
C SER B 496 19.64 -11.08 20.02
N PHE B 497 19.07 -10.78 18.85
CA PHE B 497 17.68 -10.38 18.73
C PHE B 497 16.91 -11.46 17.98
N GLU B 498 15.82 -11.94 18.57
CA GLU B 498 14.98 -12.96 17.97
C GLU B 498 13.54 -12.47 17.93
N LEU B 499 12.93 -12.56 16.75
CA LEU B 499 11.54 -12.13 16.55
C LEU B 499 10.77 -13.26 15.89
N LEU B 500 9.49 -12.97 15.60
CA LEU B 500 8.55 -13.88 14.94
C LEU B 500 8.41 -15.19 15.73
N HIS B 501 8.40 -15.06 17.06
CA HIS B 501 8.19 -16.20 17.95
C HIS B 501 7.23 -15.94 19.09
N ALA B 502 7.01 -14.68 19.47
CA ALA B 502 6.19 -14.34 20.62
C ALA B 502 5.72 -12.91 20.46
N PRO B 503 4.65 -12.51 21.17
CA PRO B 503 4.26 -11.09 21.16
C PRO B 503 5.25 -10.19 21.89
N ALA B 504 4.97 -8.89 21.93
CA ALA B 504 5.90 -7.93 22.50
C ALA B 504 5.99 -8.08 24.01
N THR B 505 7.21 -8.27 24.50
CA THR B 505 7.47 -8.43 25.93
C THR B 505 8.31 -7.29 26.51
N VAL B 506 9.45 -6.98 25.90
CA VAL B 506 10.36 -5.94 26.38
C VAL B 506 10.50 -4.87 25.30
N CYS B 507 10.30 -3.61 25.68
CA CYS B 507 10.39 -2.48 24.77
C CYS B 507 11.34 -1.43 25.37
N GLY B 508 11.44 -0.29 24.70
CA GLY B 508 12.35 0.75 25.12
C GLY B 508 11.67 1.85 25.93
N PRO B 509 12.40 2.94 26.18
CA PRO B 509 11.83 4.04 26.97
C PRO B 509 10.84 4.85 26.15
N LYS B 510 10.12 5.73 26.85
CA LYS B 510 9.04 6.51 26.24
C LYS B 510 9.19 8.01 26.37
N LYS B 511 10.04 8.51 27.27
CA LYS B 511 10.33 9.95 27.46
C LYS B 511 9.06 10.73 27.79
N SER B 512 8.52 10.44 28.97
CA SER B 512 7.34 11.14 29.46
C SER B 512 7.68 12.58 29.83
N THR B 513 6.65 13.43 29.82
CA THR B 513 6.83 14.84 30.13
C THR B 513 5.86 15.29 31.23
N ASN B 514 5.77 16.59 31.46
CA ASN B 514 4.95 17.15 32.53
C ASN B 514 3.48 17.21 32.08
N LEU B 515 2.66 17.89 32.88
CA LEU B 515 1.22 17.96 32.64
C LEU B 515 0.78 19.42 32.52
N VAL B 516 -0.22 19.66 31.66
CA VAL B 516 -0.80 20.98 31.47
C VAL B 516 -2.31 20.87 31.67
N LYS B 517 -2.91 22.00 32.04
CA LYS B 517 -4.33 22.07 32.36
C LYS B 517 -4.97 23.26 31.68
N ASN B 518 -6.29 23.17 31.49
CA ASN B 518 -7.16 24.25 31.00
C ASN B 518 -6.76 24.72 29.59
N LYS B 519 -6.17 23.83 28.79
CA LYS B 519 -5.84 24.13 27.41
C LYS B 519 -6.14 22.91 26.55
N CYS B 520 -6.58 23.16 25.32
CA CYS B 520 -6.85 22.08 24.37
C CYS B 520 -5.59 21.82 23.54
N VAL B 521 -5.01 20.63 23.75
CA VAL B 521 -3.81 20.21 23.05
C VAL B 521 -3.97 18.74 22.67
N ASN B 522 -3.16 18.30 21.72
CA ASN B 522 -3.09 16.89 21.40
C ASN B 522 -2.32 16.11 22.47
N PHE B 523 -2.75 14.88 22.72
CA PHE B 523 -2.18 14.07 23.78
C PHE B 523 -2.02 12.63 23.30
N ASN B 524 -1.16 11.89 24.00
CA ASN B 524 -0.93 10.47 23.74
C ASN B 524 -1.06 9.75 25.08
N PHE B 525 -2.29 9.38 25.45
CA PHE B 525 -2.57 8.71 26.71
C PHE B 525 -2.64 7.20 26.45
N ASN B 526 -1.45 6.59 26.37
CA ASN B 526 -1.28 5.14 26.16
C ASN B 526 -1.97 4.67 24.88
N GLY B 527 -1.75 5.41 23.80
CA GLY B 527 -2.29 5.09 22.50
C GLY B 527 -3.49 5.91 22.09
N LEU B 528 -4.13 6.62 23.02
CA LEU B 528 -5.27 7.45 22.68
C LEU B 528 -4.81 8.84 22.27
N THR B 529 -5.22 9.26 21.07
CA THR B 529 -4.85 10.56 20.53
C THR B 529 -6.10 11.37 20.22
N GLY B 530 -6.04 12.67 20.53
CA GLY B 530 -7.15 13.55 20.29
C GLY B 530 -6.85 14.92 20.88
N THR B 531 -7.73 15.87 20.56
CA THR B 531 -7.60 17.24 21.01
C THR B 531 -8.73 17.57 21.98
N GLY B 532 -8.38 18.07 23.16
CA GLY B 532 -9.37 18.41 24.15
C GLY B 532 -8.74 19.12 25.33
N VAL B 533 -9.59 19.82 26.09
CA VAL B 533 -9.13 20.56 27.26
C VAL B 533 -8.97 19.59 28.42
N LEU B 534 -7.80 19.60 29.05
CA LEU B 534 -7.54 18.76 30.21
C LEU B 534 -8.12 19.44 31.45
N THR B 535 -9.18 18.85 32.01
CA THR B 535 -9.91 19.43 33.13
C THR B 535 -10.16 18.35 34.16
N GLU B 536 -10.06 18.73 35.44
CA GLU B 536 -10.40 17.81 36.52
C GLU B 536 -11.89 17.50 36.51
N SER B 537 -12.23 16.22 36.68
CA SER B 537 -13.60 15.76 36.61
C SER B 537 -14.14 15.47 38.02
N ASN B 538 -15.39 15.03 38.07
CA ASN B 538 -16.06 14.73 39.33
C ASN B 538 -16.40 13.25 39.52
N LYS B 539 -16.34 12.44 38.47
CA LYS B 539 -16.70 11.05 38.57
C LYS B 539 -15.57 10.24 39.22
N LYS B 540 -15.89 9.00 39.59
CA LYS B 540 -14.95 8.09 40.20
C LYS B 540 -14.85 6.81 39.37
N PHE B 541 -13.64 6.26 39.27
CA PHE B 541 -13.38 5.07 38.48
C PHE B 541 -12.96 3.92 39.39
N LEU B 542 -13.33 2.70 38.99
CA LEU B 542 -12.80 1.51 39.63
C LEU B 542 -11.32 1.37 39.28
N PRO B 543 -10.53 0.69 40.13
CA PRO B 543 -9.09 0.61 39.85
C PRO B 543 -8.71 -0.44 38.79
N PHE B 544 -9.44 -0.51 37.68
CA PHE B 544 -8.97 -1.29 36.54
C PHE B 544 -9.30 -0.70 35.18
N GLN B 545 -9.89 0.49 35.11
CA GLN B 545 -10.07 1.16 33.82
C GLN B 545 -8.88 2.07 33.51
N GLN B 546 -8.82 2.51 32.26
CA GLN B 546 -7.80 3.44 31.82
C GLN B 546 -8.43 4.69 31.22
N PHE B 547 -9.59 4.52 30.59
CA PHE B 547 -10.29 5.64 29.96
C PHE B 547 -11.77 5.29 29.87
N GLY B 548 -12.58 6.32 29.66
CA GLY B 548 -14.02 6.17 29.55
C GLY B 548 -14.53 6.57 28.18
N ARG B 549 -15.83 6.35 27.98
CA ARG B 549 -16.49 6.67 26.72
C ARG B 549 -17.87 7.22 27.01
N ASP B 550 -18.62 7.51 25.95
CA ASP B 550 -19.95 8.10 26.07
C ASP B 550 -20.84 7.46 25.00
N ILE B 551 -21.99 8.08 24.75
CA ILE B 551 -22.91 7.59 23.71
C ILE B 551 -22.30 7.72 22.33
N ALA B 552 -21.41 8.69 22.13
CA ALA B 552 -20.77 8.90 20.85
C ALA B 552 -19.56 7.99 20.61
N ASP B 553 -19.22 7.16 21.60
CA ASP B 553 -18.06 6.25 21.56
C ASP B 553 -16.76 7.01 21.29
N THR B 554 -16.62 8.17 21.94
CA THR B 554 -15.45 9.01 21.81
C THR B 554 -14.76 9.14 23.17
N THR B 555 -13.61 9.81 23.17
CA THR B 555 -12.84 9.99 24.39
C THR B 555 -13.36 11.18 25.18
N ASP B 556 -13.84 10.93 26.39
CA ASP B 556 -14.30 11.98 27.28
C ASP B 556 -13.60 11.99 28.64
N ALA B 557 -13.09 10.86 29.10
CA ALA B 557 -12.35 10.80 30.36
C ALA B 557 -11.22 9.80 30.21
N VAL B 558 -10.13 10.04 30.94
CA VAL B 558 -8.95 9.19 30.87
C VAL B 558 -8.25 9.24 32.21
N ARG B 559 -7.58 8.13 32.55
CA ARG B 559 -6.77 8.04 33.76
C ARG B 559 -5.30 8.24 33.39
N ASP B 560 -4.62 9.12 34.09
CA ASP B 560 -3.22 9.39 33.81
C ASP B 560 -2.37 8.18 34.21
N PRO B 561 -1.33 7.85 33.43
CA PRO B 561 -0.50 6.70 33.76
C PRO B 561 0.51 6.94 34.87
N GLN B 562 0.68 8.18 35.32
CA GLN B 562 1.65 8.52 36.35
C GLN B 562 1.05 8.59 37.75
N THR B 563 -0.16 9.12 37.88
CA THR B 563 -0.84 9.25 39.17
C THR B 563 -2.21 8.59 39.09
N LEU B 564 -3.01 8.79 40.13
CA LEU B 564 -4.33 8.18 40.23
C LEU B 564 -5.46 9.21 40.20
N GLU B 565 -5.24 10.35 39.53
CA GLU B 565 -6.24 11.41 39.44
C GLU B 565 -7.00 11.28 38.13
N ILE B 566 -8.33 11.33 38.21
CA ILE B 566 -9.18 11.16 37.04
C ILE B 566 -9.23 12.47 36.25
N LEU B 567 -9.09 12.37 34.94
CA LEU B 567 -9.12 13.52 34.05
C LEU B 567 -10.37 13.50 33.17
N ASP B 568 -10.66 14.64 32.56
CA ASP B 568 -11.78 14.79 31.65
C ASP B 568 -11.31 15.45 30.37
N ILE B 569 -11.85 15.00 29.24
CA ILE B 569 -11.48 15.50 27.92
C ILE B 569 -12.70 16.16 27.29
N THR B 570 -12.59 17.46 26.99
CA THR B 570 -13.63 18.20 26.31
C THR B 570 -12.97 19.10 25.27
N PRO B 571 -13.44 19.11 24.03
CA PRO B 571 -12.86 20.00 23.01
C PRO B 571 -13.11 21.46 23.33
N CYS B 572 -12.19 22.31 22.89
CA CYS B 572 -12.26 23.73 23.16
C CYS B 572 -13.23 24.41 22.18
N SER B 573 -13.24 25.73 22.21
CA SER B 573 -14.23 26.50 21.46
C SER B 573 -13.93 26.48 19.96
N PHE B 574 -14.94 26.14 19.17
CA PHE B 574 -14.83 26.14 17.72
C PHE B 574 -16.23 26.27 17.13
N GLY B 575 -16.28 26.67 15.87
CA GLY B 575 -17.55 26.81 15.18
C GLY B 575 -17.41 27.58 13.90
N GLY B 576 -18.49 27.59 13.13
CA GLY B 576 -18.51 28.31 11.87
C GLY B 576 -18.74 29.79 12.09
N VAL B 577 -17.89 30.62 11.49
CA VAL B 577 -18.00 32.06 11.63
C VAL B 577 -19.12 32.57 10.73
N SER B 578 -19.84 33.59 11.19
CA SER B 578 -20.93 34.19 10.45
C SER B 578 -20.68 35.68 10.26
N VAL B 579 -21.28 36.25 9.23
CA VAL B 579 -21.08 37.64 8.85
C VAL B 579 -22.42 38.33 8.74
N ILE B 580 -22.46 39.61 9.10
CA ILE B 580 -23.63 40.46 8.94
C ILE B 580 -23.19 41.73 8.22
N THR B 581 -23.73 41.98 7.04
CA THR B 581 -23.36 43.14 6.24
C THR B 581 -24.62 43.79 5.68
N PRO B 582 -24.61 45.12 5.53
CA PRO B 582 -25.74 45.80 4.87
C PRO B 582 -25.65 45.84 3.36
N GLY B 583 -24.61 45.28 2.78
CA GLY B 583 -24.44 45.28 1.33
C GLY B 583 -23.41 46.30 0.88
N THR B 584 -22.79 46.02 -0.27
CA THR B 584 -21.77 46.92 -0.81
C THR B 584 -22.35 48.20 -1.38
N ASN B 585 -23.63 48.19 -1.77
CA ASN B 585 -24.26 49.36 -2.37
C ASN B 585 -24.72 50.39 -1.34
N THR B 586 -24.66 50.08 -0.05
CA THR B 586 -25.11 50.98 1.00
C THR B 586 -23.96 51.49 1.85
N SER B 587 -23.18 50.59 2.46
CA SER B 587 -22.08 50.98 3.33
C SER B 587 -20.96 49.96 3.17
N ASN B 588 -19.98 50.02 4.08
CA ASN B 588 -18.87 49.09 4.08
C ASN B 588 -18.56 48.47 5.43
N GLN B 589 -19.18 48.95 6.51
CA GLN B 589 -18.94 48.38 7.83
C GLN B 589 -19.61 47.01 7.95
N VAL B 590 -18.92 46.08 8.61
CA VAL B 590 -19.37 44.70 8.72
C VAL B 590 -19.32 44.31 10.20
N ALA B 591 -20.16 43.34 10.56
CA ALA B 591 -20.24 42.83 11.94
C ALA B 591 -20.00 41.33 11.90
N VAL B 592 -18.82 40.91 12.35
CA VAL B 592 -18.45 39.51 12.33
C VAL B 592 -19.06 38.81 13.54
N LEU B 593 -19.54 37.58 13.33
CA LEU B 593 -20.26 36.83 14.35
C LEU B 593 -19.68 35.43 14.47
N TYR B 594 -19.47 34.97 15.71
CA TYR B 594 -19.07 33.60 15.98
C TYR B 594 -20.30 32.84 16.49
N GLN B 595 -20.66 31.78 15.78
CA GLN B 595 -21.90 31.04 16.06
C GLN B 595 -21.67 30.08 17.22
N GLY B 596 -22.24 30.39 18.38
CA GLY B 596 -22.16 29.51 19.53
C GLY B 596 -20.79 29.38 20.14
N VAL B 597 -19.94 30.38 19.98
CA VAL B 597 -18.57 30.34 20.48
C VAL B 597 -18.42 31.42 21.55
N ASN B 598 -18.01 31.02 22.74
CA ASN B 598 -17.73 31.97 23.81
C ASN B 598 -16.39 32.65 23.52
N CYS B 599 -16.44 33.95 23.22
CA CYS B 599 -15.25 34.69 22.79
C CYS B 599 -14.52 35.30 23.98
N THR B 600 -14.14 34.42 24.92
CA THR B 600 -13.21 34.77 25.98
C THR B 600 -11.78 34.34 25.64
N GLU B 601 -11.59 33.68 24.50
CA GLU B 601 -10.26 33.25 24.05
C GLU B 601 -10.27 33.23 22.53
N VAL B 602 -9.43 34.06 21.93
CA VAL B 602 -9.36 34.14 20.47
C VAL B 602 -7.95 34.54 20.04
N ASN B 623 -17.96 47.49 19.49
CA ASN B 623 -17.88 46.89 20.82
C ASN B 623 -18.19 45.41 20.77
N VAL B 624 -18.11 44.75 21.92
CA VAL B 624 -18.36 43.31 22.05
C VAL B 624 -19.56 43.12 22.96
N PHE B 625 -20.57 42.41 22.46
CA PHE B 625 -21.76 42.09 23.24
C PHE B 625 -22.02 40.60 23.16
N GLN B 626 -22.36 40.00 24.30
CA GLN B 626 -22.57 38.56 24.41
C GLN B 626 -24.05 38.25 24.26
N THR B 627 -24.37 37.31 23.37
CA THR B 627 -25.73 36.85 23.14
C THR B 627 -25.88 35.41 23.62
N ARG B 628 -27.06 34.83 23.37
CA ARG B 628 -27.31 33.46 23.77
C ARG B 628 -26.58 32.47 22.86
N ALA B 629 -26.48 32.79 21.58
CA ALA B 629 -25.87 31.91 20.58
C ALA B 629 -24.52 32.46 20.10
N GLY B 630 -23.75 33.03 21.01
CA GLY B 630 -22.44 33.55 20.66
C GLY B 630 -22.27 35.01 21.04
N CYS B 631 -21.30 35.68 20.41
CA CYS B 631 -21.06 37.10 20.65
C CYS B 631 -20.87 37.80 19.32
N LEU B 632 -21.26 39.08 19.29
CA LEU B 632 -21.18 39.90 18.08
C LEU B 632 -20.06 40.91 18.22
N ILE B 633 -19.21 41.00 17.20
CA ILE B 633 -18.08 41.92 17.17
C ILE B 633 -18.29 42.89 16.02
N GLY B 634 -18.18 44.19 16.32
CA GLY B 634 -18.37 45.23 15.32
C GLY B 634 -19.70 45.95 15.40
N ALA B 635 -20.55 45.61 16.35
CA ALA B 635 -21.83 46.28 16.52
C ALA B 635 -22.06 46.54 18.01
N GLU B 636 -22.87 47.55 18.30
CA GLU B 636 -23.16 47.96 19.66
C GLU B 636 -24.61 47.66 20.00
N TYR B 637 -24.85 47.25 21.24
CA TYR B 637 -26.19 46.92 21.70
C TYR B 637 -26.97 48.20 22.01
N VAL B 638 -28.24 48.21 21.62
CA VAL B 638 -29.15 49.33 21.87
C VAL B 638 -30.24 48.85 22.81
N ASN B 639 -30.49 49.61 23.87
CA ASN B 639 -31.46 49.20 24.88
C ASN B 639 -32.89 49.23 24.35
N ASN B 640 -33.24 50.24 23.56
CA ASN B 640 -34.58 50.32 23.00
C ASN B 640 -34.69 49.39 21.79
N SER B 641 -35.89 49.30 21.24
CA SER B 641 -36.21 48.33 20.19
C SER B 641 -36.68 49.03 18.93
N TYR B 642 -36.17 48.58 17.79
CA TYR B 642 -36.65 48.99 16.47
C TYR B 642 -37.14 47.75 15.71
N GLU B 643 -37.53 47.96 14.46
CA GLU B 643 -37.93 46.88 13.57
C GLU B 643 -36.78 46.57 12.62
N CYS B 644 -36.40 45.31 12.53
CA CYS B 644 -35.24 44.87 11.79
C CYS B 644 -35.65 44.11 10.53
N ASP B 645 -34.66 43.80 9.70
CA ASP B 645 -34.88 43.02 8.49
C ASP B 645 -33.86 41.92 8.27
N ILE B 646 -32.72 41.93 8.96
CA ILE B 646 -31.69 40.92 8.81
C ILE B 646 -31.55 40.19 10.14
N PRO B 647 -32.08 38.98 10.26
CA PRO B 647 -32.03 38.27 11.53
C PRO B 647 -30.67 37.62 11.79
N ILE B 648 -30.41 37.35 13.06
CA ILE B 648 -29.20 36.68 13.50
C ILE B 648 -29.50 35.34 14.15
N GLY B 649 -30.27 35.34 15.23
CA GLY B 649 -30.60 34.14 15.96
C GLY B 649 -30.70 34.40 17.44
N ALA B 650 -31.38 33.48 18.14
CA ALA B 650 -31.55 33.50 19.59
C ALA B 650 -32.21 34.80 20.08
N GLY B 651 -33.17 35.30 19.30
CA GLY B 651 -33.91 36.48 19.69
C GLY B 651 -33.17 37.79 19.55
N ILE B 652 -32.03 37.81 18.88
CA ILE B 652 -31.22 39.01 18.69
C ILE B 652 -31.21 39.34 17.20
N CYS B 653 -31.55 40.58 16.87
CA CYS B 653 -31.64 41.03 15.49
C CYS B 653 -30.81 42.29 15.30
N ALA B 654 -30.35 42.50 14.07
CA ALA B 654 -29.54 43.67 13.73
C ALA B 654 -30.04 44.29 12.44
N SER B 655 -29.80 45.59 12.30
CA SER B 655 -30.18 46.33 11.11
C SER B 655 -29.24 47.54 10.99
N TYR B 656 -29.58 48.46 10.09
CA TYR B 656 -28.80 49.68 9.88
C TYR B 656 -29.64 50.88 10.31
N GLN B 657 -29.02 51.77 11.07
CA GLN B 657 -29.70 52.96 11.57
C GLN B 657 -29.92 53.97 10.45
N SER B 669 -22.33 52.59 13.05
CA SER B 669 -22.88 52.39 11.72
C SER B 669 -23.95 51.29 11.71
N ILE B 670 -23.63 50.17 12.35
CA ILE B 670 -24.54 49.03 12.46
C ILE B 670 -24.90 48.84 13.93
N ILE B 671 -26.17 48.53 14.19
CA ILE B 671 -26.69 48.37 15.53
C ILE B 671 -27.41 47.04 15.64
N ALA B 672 -27.53 46.55 16.87
CA ALA B 672 -28.26 45.32 17.17
C ALA B 672 -29.15 45.56 18.38
N TYR B 673 -30.29 44.88 18.39
CA TYR B 673 -31.29 45.06 19.45
C TYR B 673 -32.15 43.82 19.53
N THR B 674 -33.13 43.86 20.43
CA THR B 674 -34.07 42.76 20.61
C THR B 674 -35.03 42.71 19.44
N MET B 675 -35.35 41.48 18.99
CA MET B 675 -36.27 41.26 17.87
C MET B 675 -37.66 41.71 18.31
N SER B 676 -38.15 42.79 17.72
CA SER B 676 -39.40 43.42 18.14
C SER B 676 -40.60 42.54 17.80
N LEU B 677 -41.74 42.87 18.42
CA LEU B 677 -42.97 42.13 18.25
C LEU B 677 -44.10 42.98 17.66
N GLY B 678 -43.79 44.18 17.20
CA GLY B 678 -44.78 45.10 16.65
C GLY B 678 -45.22 46.13 17.66
N ALA B 679 -46.12 47.00 17.21
CA ALA B 679 -46.68 48.03 18.06
C ALA B 679 -47.75 47.45 18.97
N GLU B 680 -47.71 47.82 20.24
CA GLU B 680 -48.70 47.34 21.20
C GLU B 680 -50.03 48.02 20.97
N ASN B 681 -51.11 47.22 20.98
CA ASN B 681 -52.45 47.71 20.72
C ASN B 681 -53.33 47.44 21.94
N SER B 682 -54.03 48.46 22.40
CA SER B 682 -54.93 48.33 23.53
C SER B 682 -56.35 48.05 23.05
N VAL B 683 -57.20 47.66 23.99
CA VAL B 683 -58.58 47.31 23.68
C VAL B 683 -59.44 47.63 24.90
N ALA B 684 -60.62 48.21 24.64
CA ALA B 684 -61.59 48.49 25.70
C ALA B 684 -62.59 47.35 25.79
N TYR B 685 -62.13 46.25 26.39
CA TYR B 685 -62.97 45.07 26.54
C TYR B 685 -64.01 45.30 27.63
N SER B 686 -65.26 45.00 27.30
CA SER B 686 -66.36 45.12 28.25
C SER B 686 -67.50 44.22 27.77
N ASN B 687 -68.54 44.13 28.59
CA ASN B 687 -69.72 43.33 28.31
C ASN B 687 -70.87 44.14 27.74
N ASN B 688 -70.64 45.40 27.38
CA ASN B 688 -71.65 46.26 26.79
C ASN B 688 -71.20 46.91 25.49
N SER B 689 -69.92 47.24 25.36
CA SER B 689 -69.43 47.99 24.21
C SER B 689 -69.33 47.11 22.97
N ILE B 690 -69.66 47.71 21.82
CA ILE B 690 -69.55 47.06 20.52
C ILE B 690 -68.92 48.07 19.56
N ALA B 691 -68.19 47.55 18.58
CA ALA B 691 -67.56 48.39 17.56
C ALA B 691 -68.06 47.95 16.18
N ILE B 692 -68.65 48.89 15.45
CA ILE B 692 -69.13 48.67 14.10
C ILE B 692 -68.40 49.64 13.17
N PRO B 693 -67.71 49.18 12.14
CA PRO B 693 -67.02 50.11 11.24
C PRO B 693 -67.98 50.92 10.40
N THR B 694 -67.59 52.16 10.12
CA THR B 694 -68.40 53.08 9.32
C THR B 694 -67.91 53.21 7.88
N ASN B 695 -66.60 53.22 7.67
CA ASN B 695 -66.02 53.36 6.34
C ASN B 695 -65.24 52.09 6.00
N PHE B 696 -65.18 51.78 4.71
CA PHE B 696 -64.44 50.63 4.22
C PHE B 696 -63.59 51.04 3.03
N THR B 697 -62.46 50.35 2.86
CA THR B 697 -61.55 50.61 1.77
C THR B 697 -61.10 49.29 1.16
N ILE B 698 -60.63 49.36 -0.08
CA ILE B 698 -60.17 48.19 -0.81
C ILE B 698 -58.66 48.26 -0.96
N SER B 699 -57.99 47.13 -0.71
CA SER B 699 -56.54 47.06 -0.79
C SER B 699 -56.14 45.82 -1.57
N VAL B 700 -54.99 45.91 -2.24
CA VAL B 700 -54.50 44.83 -3.10
C VAL B 700 -53.26 44.22 -2.45
N THR B 701 -53.07 42.92 -2.70
CA THR B 701 -51.95 42.17 -2.16
C THR B 701 -51.46 41.18 -3.20
N THR B 702 -50.15 41.16 -3.43
CA THR B 702 -49.55 40.25 -4.38
C THR B 702 -49.27 38.89 -3.74
N GLU B 703 -49.20 37.87 -4.58
CA GLU B 703 -48.95 36.51 -4.13
C GLU B 703 -48.26 35.76 -5.25
N ILE B 704 -47.07 35.23 -4.99
CA ILE B 704 -46.25 34.59 -6.02
C ILE B 704 -45.97 33.15 -5.59
N LEU B 705 -46.33 32.20 -6.45
CA LEU B 705 -46.01 30.79 -6.27
C LEU B 705 -45.36 30.27 -7.53
N PRO B 706 -44.25 29.54 -7.43
CA PRO B 706 -43.66 28.92 -8.63
C PRO B 706 -44.54 27.79 -9.15
N VAL B 707 -44.44 27.56 -10.46
CA VAL B 707 -45.22 26.53 -11.14
C VAL B 707 -44.32 25.39 -11.63
N SER B 708 -43.31 25.71 -12.44
CA SER B 708 -42.45 24.68 -13.00
C SER B 708 -41.08 25.28 -13.29
N MET B 709 -40.07 24.43 -13.39
CA MET B 709 -38.73 24.83 -13.74
C MET B 709 -38.40 24.35 -15.15
N THR B 710 -37.21 24.71 -15.62
CA THR B 710 -36.75 24.24 -16.92
C THR B 710 -36.38 22.76 -16.84
N LYS B 711 -36.92 21.97 -17.78
CA LYS B 711 -36.69 20.54 -17.78
C LYS B 711 -35.30 20.22 -18.32
N THR B 712 -34.56 19.38 -17.61
CA THR B 712 -33.20 19.02 -17.96
C THR B 712 -33.08 17.52 -18.17
N SER B 713 -32.32 17.12 -19.19
CA SER B 713 -32.10 15.72 -19.50
C SER B 713 -30.62 15.49 -19.74
N VAL B 714 -30.07 14.43 -19.14
CA VAL B 714 -28.65 14.10 -19.26
C VAL B 714 -28.51 12.70 -19.85
N ASP B 715 -27.26 12.29 -20.05
CA ASP B 715 -26.95 11.02 -20.69
C ASP B 715 -25.64 10.53 -20.09
N CYS B 716 -25.47 9.20 -20.03
CA CYS B 716 -24.20 8.63 -19.61
C CYS B 716 -23.21 8.47 -20.76
N THR B 717 -23.71 8.37 -21.99
CA THR B 717 -22.83 8.10 -23.13
C THR B 717 -21.99 9.32 -23.51
N MET B 718 -22.55 10.52 -23.41
CA MET B 718 -21.85 11.74 -23.81
C MET B 718 -21.29 12.55 -22.65
N TYR B 719 -22.06 12.70 -21.56
CA TYR B 719 -21.61 13.53 -20.45
C TYR B 719 -20.46 12.89 -19.69
N ILE B 720 -20.53 11.58 -19.45
CA ILE B 720 -19.49 10.90 -18.68
C ILE B 720 -18.21 10.79 -19.50
N CYS B 721 -18.31 10.36 -20.75
CA CYS B 721 -17.16 10.24 -21.64
C CYS B 721 -17.46 10.95 -22.95
N GLY B 722 -16.46 11.66 -23.48
CA GLY B 722 -16.66 12.46 -24.66
C GLY B 722 -16.86 11.68 -25.94
N ASP B 723 -15.82 11.02 -26.43
CA ASP B 723 -15.92 10.28 -27.70
C ASP B 723 -15.21 8.93 -27.65
N SER B 724 -14.74 8.48 -26.50
CA SER B 724 -14.00 7.23 -26.43
C SER B 724 -14.96 6.05 -26.33
N THR B 725 -14.76 5.05 -27.18
CA THR B 725 -15.58 3.84 -27.17
C THR B 725 -15.23 2.91 -26.00
N GLU B 726 -14.06 3.10 -25.37
CA GLU B 726 -13.71 2.30 -24.20
C GLU B 726 -14.64 2.61 -23.02
N CYS B 727 -15.01 3.88 -22.86
CA CYS B 727 -15.98 4.24 -21.82
C CYS B 727 -17.32 3.55 -22.06
N SER B 728 -17.74 3.50 -23.33
CA SER B 728 -18.94 2.74 -23.69
C SER B 728 -18.80 1.26 -23.37
N ASN B 729 -17.60 0.71 -23.60
CA ASN B 729 -17.36 -0.70 -23.30
C ASN B 729 -17.47 -0.99 -21.81
N LEU B 730 -16.89 -0.13 -20.96
CA LEU B 730 -17.00 -0.33 -19.52
C LEU B 730 -18.42 -0.14 -19.01
N LEU B 731 -19.16 0.87 -19.53
CA LEU B 731 -20.55 1.03 -19.11
C LEU B 731 -21.43 -0.13 -19.59
N LEU B 732 -21.15 -0.69 -20.76
CA LEU B 732 -21.94 -1.84 -21.22
C LEU B 732 -21.58 -3.13 -20.50
N GLN B 733 -20.33 -3.32 -20.07
CA GLN B 733 -20.02 -4.51 -19.29
C GLN B 733 -20.51 -4.39 -17.86
N TYR B 734 -20.55 -3.15 -17.32
CA TYR B 734 -21.08 -2.95 -15.97
C TYR B 734 -22.60 -3.10 -15.93
N GLY B 735 -23.29 -2.71 -16.99
CA GLY B 735 -24.73 -2.86 -17.03
C GLY B 735 -25.50 -1.56 -17.18
N SER B 736 -26.78 -1.56 -16.79
CA SER B 736 -27.64 -0.39 -16.91
C SER B 736 -27.77 0.26 -15.55
N PHE B 737 -27.03 1.36 -15.34
CA PHE B 737 -27.07 2.07 -14.07
C PHE B 737 -27.86 3.38 -14.14
N CYS B 738 -27.94 4.02 -15.31
CA CYS B 738 -28.59 5.32 -15.44
C CYS B 738 -29.74 5.32 -16.44
N THR B 739 -30.16 4.15 -16.92
CA THR B 739 -31.40 4.10 -17.69
C THR B 739 -32.60 4.43 -16.82
N GLN B 740 -32.58 3.99 -15.56
CA GLN B 740 -33.60 4.39 -14.61
C GLN B 740 -33.54 5.89 -14.31
N LEU B 741 -32.34 6.47 -14.31
CA LEU B 741 -32.22 7.92 -14.14
C LEU B 741 -32.79 8.67 -15.33
N LYS B 742 -32.57 8.14 -16.55
CA LYS B 742 -33.16 8.76 -17.74
C LYS B 742 -34.68 8.65 -17.72
N ARG B 743 -35.20 7.50 -17.29
CA ARG B 743 -36.65 7.34 -17.18
C ARG B 743 -37.24 8.26 -16.11
N ALA B 744 -36.53 8.43 -14.99
CA ALA B 744 -36.97 9.36 -13.97
C ALA B 744 -36.93 10.79 -14.48
N LEU B 745 -35.91 11.14 -15.27
CA LEU B 745 -35.81 12.49 -15.83
C LEU B 745 -36.95 12.79 -16.80
N THR B 746 -37.28 11.83 -17.67
CA THR B 746 -38.38 12.08 -18.61
C THR B 746 -39.74 12.02 -17.91
N GLY B 747 -39.86 11.23 -16.84
CA GLY B 747 -41.07 11.27 -16.04
C GLY B 747 -41.23 12.59 -15.31
N ILE B 748 -40.12 13.17 -14.85
CA ILE B 748 -40.16 14.50 -14.23
C ILE B 748 -40.51 15.56 -15.28
N ALA B 749 -39.99 15.41 -16.50
CA ALA B 749 -40.30 16.36 -17.57
C ALA B 749 -41.79 16.32 -17.93
N VAL B 750 -42.36 15.12 -18.07
CA VAL B 750 -43.79 15.03 -18.34
C VAL B 750 -44.60 15.40 -17.10
N GLU B 751 -44.01 15.33 -15.91
CA GLU B 751 -44.69 15.78 -14.70
C GLU B 751 -44.83 17.30 -14.69
N GLN B 752 -43.77 18.03 -15.05
CA GLN B 752 -43.95 19.47 -15.24
C GLN B 752 -44.81 19.82 -16.43
N ASP B 753 -44.85 18.96 -17.46
CA ASP B 753 -45.82 19.17 -18.54
C ASP B 753 -47.25 19.08 -18.03
N LYS B 754 -47.53 18.09 -17.18
CA LYS B 754 -48.84 17.98 -16.55
C LYS B 754 -49.11 19.15 -15.62
N ASN B 755 -48.07 19.65 -14.93
CA ASN B 755 -48.23 20.80 -14.05
C ASN B 755 -48.62 22.05 -14.82
N THR B 756 -47.92 22.33 -15.91
CA THR B 756 -48.23 23.51 -16.72
C THR B 756 -49.47 23.32 -17.58
N GLN B 757 -49.95 22.09 -17.75
CA GLN B 757 -51.22 21.86 -18.42
C GLN B 757 -52.41 21.88 -17.46
N GLU B 758 -52.18 21.69 -16.16
CA GLU B 758 -53.26 21.59 -15.20
C GLU B 758 -53.58 22.92 -14.53
N VAL B 759 -52.55 23.71 -14.18
CA VAL B 759 -52.77 24.92 -13.40
C VAL B 759 -53.42 26.02 -14.22
N PHE B 760 -53.29 25.99 -15.54
CA PHE B 760 -53.79 27.04 -16.41
C PHE B 760 -54.94 26.62 -17.29
N ALA B 761 -54.88 25.43 -17.89
CA ALA B 761 -55.93 24.95 -18.78
C ALA B 761 -57.02 24.21 -17.99
N GLN B 762 -57.71 24.98 -17.13
CA GLN B 762 -58.81 24.44 -16.34
C GLN B 762 -60.15 24.55 -17.05
N VAL B 763 -60.20 25.18 -18.21
CA VAL B 763 -61.44 25.32 -18.99
C VAL B 763 -61.18 24.83 -20.40
N LYS B 764 -62.24 24.34 -21.04
CA LYS B 764 -62.17 23.82 -22.39
C LYS B 764 -62.70 24.78 -23.44
N GLN B 765 -63.04 26.01 -23.05
CA GLN B 765 -63.57 27.01 -23.96
C GLN B 765 -62.73 28.27 -23.88
N ILE B 766 -62.48 28.88 -25.04
CA ILE B 766 -61.67 30.10 -25.14
C ILE B 766 -62.60 31.28 -25.35
N TYR B 767 -62.50 32.28 -24.49
CA TYR B 767 -63.34 33.47 -24.56
C TYR B 767 -62.48 34.70 -24.90
N LYS B 768 -63.07 35.58 -25.70
CA LYS B 768 -62.41 36.81 -26.15
C LYS B 768 -62.99 38.01 -25.41
N THR B 769 -62.14 38.99 -25.14
CA THR B 769 -62.57 40.21 -24.46
C THR B 769 -63.44 41.04 -25.40
N PRO B 770 -64.40 41.79 -24.84
CA PRO B 770 -65.20 42.68 -25.68
C PRO B 770 -64.34 43.80 -26.26
N PRO B 771 -64.69 44.32 -27.44
CA PRO B 771 -63.93 45.45 -28.00
C PRO B 771 -64.00 46.71 -27.14
N ILE B 772 -65.10 46.93 -26.44
CA ILE B 772 -65.24 48.07 -25.54
C ILE B 772 -64.87 47.62 -24.13
N LYS B 773 -64.22 48.52 -23.38
CA LYS B 773 -63.75 48.22 -22.03
C LYS B 773 -64.41 49.11 -20.99
N TYR B 774 -65.65 49.52 -21.25
CA TYR B 774 -66.40 50.35 -20.31
C TYR B 774 -67.16 49.43 -19.36
N PHE B 775 -66.71 49.39 -18.11
CA PHE B 775 -67.29 48.54 -17.08
C PHE B 775 -67.87 49.38 -15.94
N GLY B 776 -68.59 50.43 -16.30
CA GLY B 776 -69.13 51.36 -15.31
C GLY B 776 -68.07 52.19 -14.61
N GLY B 777 -67.09 52.69 -15.36
CA GLY B 777 -66.05 53.53 -14.79
C GLY B 777 -64.88 52.79 -14.18
N PHE B 778 -64.79 51.47 -14.35
CA PHE B 778 -63.69 50.69 -13.81
C PHE B 778 -62.57 50.64 -14.85
N ASN B 779 -61.41 51.20 -14.50
CA ASN B 779 -60.26 51.21 -15.38
C ASN B 779 -59.59 49.84 -15.36
N PHE B 780 -59.74 49.09 -16.46
CA PHE B 780 -59.18 47.75 -16.57
C PHE B 780 -58.19 47.66 -17.73
N SER B 781 -57.45 48.73 -17.96
CA SER B 781 -56.45 48.77 -19.01
C SER B 781 -55.06 48.34 -18.56
N GLN B 782 -54.92 47.94 -17.29
CA GLN B 782 -53.62 47.53 -16.76
C GLN B 782 -53.45 46.02 -16.65
N ILE B 783 -54.55 45.27 -16.58
CA ILE B 783 -54.47 43.82 -16.48
C ILE B 783 -54.99 43.11 -17.72
N LEU B 784 -55.85 43.75 -18.51
CA LEU B 784 -56.34 43.15 -19.74
C LEU B 784 -55.27 43.22 -20.82
N PRO B 785 -55.19 42.22 -21.70
CA PRO B 785 -54.20 42.25 -22.79
C PRO B 785 -54.56 43.32 -23.82
N ASP B 786 -53.68 44.29 -23.97
CA ASP B 786 -53.90 45.36 -24.94
C ASP B 786 -53.62 44.84 -26.34
N PRO B 787 -54.60 44.90 -27.27
CA PRO B 787 -54.38 44.42 -28.64
C PRO B 787 -53.72 45.43 -29.56
N SER B 788 -52.65 46.05 -29.08
CA SER B 788 -51.85 46.98 -29.86
C SER B 788 -50.37 46.64 -29.86
N LYS B 789 -49.83 46.16 -28.75
CA LYS B 789 -48.43 45.77 -28.67
C LYS B 789 -48.21 44.44 -29.40
N PRO B 790 -47.05 44.27 -30.04
CA PRO B 790 -46.76 43.00 -30.72
C PRO B 790 -46.57 41.82 -29.76
N SER B 791 -46.28 42.08 -28.48
CA SER B 791 -46.08 41.00 -27.53
C SER B 791 -47.39 40.33 -27.12
N LYS B 792 -48.53 41.02 -27.31
CA LYS B 792 -49.87 40.52 -26.96
C LYS B 792 -49.95 40.14 -25.49
N ARG B 793 -49.56 41.06 -24.62
CA ARG B 793 -49.54 40.83 -23.18
C ARG B 793 -50.09 42.06 -22.47
N SER B 794 -50.46 41.86 -21.20
CA SER B 794 -50.83 42.96 -20.33
C SER B 794 -49.59 43.77 -19.98
N PRO B 795 -49.75 45.08 -19.70
CA PRO B 795 -48.59 45.89 -19.30
C PRO B 795 -47.93 45.43 -18.02
N ILE B 796 -48.71 44.95 -17.05
CA ILE B 796 -48.13 44.53 -15.76
C ILE B 796 -47.32 43.24 -15.93
N GLU B 797 -47.79 42.30 -16.75
CA GLU B 797 -47.04 41.07 -16.96
C GLU B 797 -45.84 41.31 -17.90
N ASP B 798 -45.95 42.27 -18.81
CA ASP B 798 -44.77 42.68 -19.59
C ASP B 798 -43.71 43.29 -18.68
N LEU B 799 -44.13 44.14 -17.73
CA LEU B 799 -43.19 44.71 -16.77
C LEU B 799 -42.56 43.64 -15.90
N LEU B 800 -43.36 42.65 -15.48
CA LEU B 800 -42.83 41.58 -14.64
C LEU B 800 -41.86 40.68 -15.42
N PHE B 801 -42.14 40.45 -16.71
CA PHE B 801 -41.23 39.69 -17.56
C PHE B 801 -39.93 40.45 -17.79
N ASN B 802 -40.02 41.78 -17.96
CA ASN B 802 -38.80 42.58 -18.10
C ASN B 802 -38.04 42.65 -16.78
N LYS B 803 -38.72 42.48 -15.64
CA LYS B 803 -38.03 42.49 -14.36
C LYS B 803 -37.26 41.19 -14.14
N VAL B 804 -37.71 40.08 -14.72
CA VAL B 804 -37.04 38.79 -14.54
C VAL B 804 -35.81 38.74 -15.44
N THR B 805 -34.66 38.47 -14.84
CA THR B 805 -33.42 38.37 -15.59
C THR B 805 -33.32 37.04 -16.33
N ASN B 834 -20.70 20.03 -24.70
CA ASN B 834 -21.01 20.27 -23.30
C ASN B 834 -21.64 19.04 -22.66
N GLY B 835 -22.41 18.29 -23.45
CA GLY B 835 -23.09 17.11 -22.95
C GLY B 835 -24.37 17.38 -22.19
N LEU B 836 -24.84 18.62 -22.16
CA LEU B 836 -26.05 19.00 -21.43
C LEU B 836 -27.12 19.39 -22.42
N THR B 837 -28.32 18.83 -22.26
CA THR B 837 -29.46 19.13 -23.10
C THR B 837 -30.50 19.90 -22.28
N VAL B 838 -30.90 21.06 -22.77
CA VAL B 838 -31.90 21.89 -22.12
C VAL B 838 -33.20 21.75 -22.91
N LEU B 839 -34.15 21.02 -22.35
CA LEU B 839 -35.42 20.80 -23.03
C LEU B 839 -36.29 22.05 -22.92
N PRO B 840 -36.78 22.59 -24.04
CA PRO B 840 -37.67 23.75 -23.96
C PRO B 840 -39.00 23.36 -23.36
N PRO B 841 -39.72 24.30 -22.75
CA PRO B 841 -41.03 23.99 -22.18
C PRO B 841 -42.06 23.66 -23.27
N LEU B 842 -43.06 22.86 -22.88
CA LEU B 842 -44.11 22.48 -23.80
C LEU B 842 -44.95 23.68 -24.23
N LEU B 843 -45.23 24.59 -23.31
CA LEU B 843 -45.99 25.80 -23.59
C LEU B 843 -45.08 27.01 -23.44
N THR B 844 -45.02 27.83 -24.48
CA THR B 844 -44.27 29.08 -24.44
C THR B 844 -45.16 30.19 -23.88
N ASP B 845 -44.73 31.44 -24.04
CA ASP B 845 -45.47 32.57 -23.48
C ASP B 845 -46.82 32.78 -24.17
N GLU B 846 -46.98 32.33 -25.41
CA GLU B 846 -48.20 32.59 -26.17
C GLU B 846 -49.40 31.84 -25.60
N MET B 847 -49.24 30.54 -25.34
CA MET B 847 -50.37 29.75 -24.85
C MET B 847 -50.78 30.14 -23.43
N ILE B 848 -49.80 30.40 -22.56
CA ILE B 848 -50.14 30.82 -21.20
C ILE B 848 -50.72 32.23 -21.20
N ALA B 849 -50.25 33.10 -22.10
CA ALA B 849 -50.83 34.43 -22.22
C ALA B 849 -52.28 34.35 -22.70
N GLN B 850 -52.56 33.47 -23.67
CA GLN B 850 -53.93 33.30 -24.13
C GLN B 850 -54.81 32.66 -23.07
N TYR B 851 -54.26 31.75 -22.26
CA TYR B 851 -55.00 31.16 -21.15
C TYR B 851 -55.37 32.21 -20.12
N THR B 852 -54.41 33.09 -19.77
CA THR B 852 -54.70 34.17 -18.84
C THR B 852 -55.71 35.16 -19.42
N SER B 853 -55.61 35.46 -20.71
CA SER B 853 -56.57 36.34 -21.35
C SER B 853 -57.98 35.74 -21.33
N ALA B 854 -58.09 34.43 -21.59
CA ALA B 854 -59.37 33.75 -21.52
C ALA B 854 -59.92 33.74 -20.09
N LEU B 855 -59.06 33.55 -19.10
CA LEU B 855 -59.51 33.56 -17.71
C LEU B 855 -60.02 34.94 -17.28
N LEU B 856 -59.28 36.00 -17.63
CA LEU B 856 -59.74 37.35 -17.32
C LEU B 856 -61.02 37.70 -18.07
N ALA B 857 -61.14 37.29 -19.35
CA ALA B 857 -62.36 37.56 -20.09
C ALA B 857 -63.56 36.82 -19.50
N GLY B 858 -63.36 35.57 -19.08
CA GLY B 858 -64.43 34.81 -18.47
C GLY B 858 -64.85 35.36 -17.12
N THR B 859 -63.89 35.81 -16.32
CA THR B 859 -64.25 36.36 -15.01
C THR B 859 -64.68 37.82 -15.07
N ILE B 860 -64.49 38.50 -16.21
CA ILE B 860 -64.98 39.86 -16.36
C ILE B 860 -66.31 39.92 -17.12
N THR B 861 -66.66 38.86 -17.85
CA THR B 861 -67.94 38.80 -18.57
C THR B 861 -68.87 37.74 -18.01
N SER B 862 -68.41 36.51 -17.90
CA SER B 862 -69.26 35.41 -17.43
C SER B 862 -69.26 35.24 -15.91
N GLY B 863 -68.41 35.98 -15.19
CA GLY B 863 -68.37 35.81 -13.75
C GLY B 863 -67.72 34.50 -13.36
N TRP B 864 -68.31 33.83 -12.37
CA TRP B 864 -67.88 32.50 -11.97
C TRP B 864 -68.70 31.40 -12.62
N THR B 865 -69.64 31.75 -13.50
CA THR B 865 -70.54 30.75 -14.07
C THR B 865 -69.84 29.90 -15.13
N PHE B 866 -68.80 30.43 -15.78
CA PHE B 866 -68.10 29.67 -16.81
C PHE B 866 -67.27 28.54 -16.22
N GLY B 867 -66.94 28.61 -14.93
CA GLY B 867 -66.27 27.50 -14.28
C GLY B 867 -67.19 26.40 -13.79
N ALA B 868 -68.50 26.66 -13.74
CA ALA B 868 -69.48 25.65 -13.37
C ALA B 868 -70.15 25.01 -14.56
N GLY B 869 -69.82 25.42 -15.79
CA GLY B 869 -70.41 24.88 -16.98
C GLY B 869 -70.26 25.82 -18.15
N PRO B 870 -71.31 25.95 -18.96
CA PRO B 870 -71.29 26.95 -20.03
C PRO B 870 -71.37 28.35 -19.47
N ALA B 871 -70.88 29.31 -20.25
CA ALA B 871 -70.74 30.70 -19.80
C ALA B 871 -72.10 31.38 -19.74
N LEU B 872 -72.38 32.04 -18.62
CA LEU B 872 -73.54 32.91 -18.46
C LEU B 872 -73.03 34.32 -18.22
N GLN B 873 -73.27 35.21 -19.18
CA GLN B 873 -72.75 36.57 -19.07
C GLN B 873 -73.49 37.36 -18.00
N ILE B 874 -72.73 38.11 -17.20
CA ILE B 874 -73.28 38.86 -16.08
C ILE B 874 -72.64 40.25 -16.09
N PRO B 875 -73.36 41.31 -15.74
CA PRO B 875 -72.71 42.60 -15.51
C PRO B 875 -71.80 42.56 -14.29
N PHE B 876 -70.75 43.38 -14.34
CA PHE B 876 -69.71 43.41 -13.33
C PHE B 876 -70.12 44.15 -12.04
N PRO B 877 -70.90 45.24 -12.10
CA PRO B 877 -71.58 45.68 -10.86
C PRO B 877 -72.51 44.62 -10.28
N MET B 878 -73.18 43.84 -11.13
CA MET B 878 -73.99 42.73 -10.61
C MET B 878 -73.10 41.66 -9.99
N GLN B 879 -71.90 41.47 -10.54
CA GLN B 879 -70.92 40.57 -9.95
C GLN B 879 -70.52 41.04 -8.56
N MET B 880 -70.22 42.33 -8.40
CA MET B 880 -69.89 42.86 -7.08
C MET B 880 -71.07 42.75 -6.12
N ALA B 881 -72.29 42.96 -6.61
CA ALA B 881 -73.46 42.80 -5.76
C ALA B 881 -73.61 41.35 -5.30
N TYR B 882 -73.34 40.39 -6.18
CA TYR B 882 -73.46 38.98 -5.83
C TYR B 882 -72.42 38.58 -4.78
N ARG B 883 -71.16 38.97 -4.96
CA ARG B 883 -70.18 38.63 -3.93
C ARG B 883 -70.28 39.50 -2.68
N PHE B 884 -70.94 40.65 -2.75
CA PHE B 884 -71.23 41.39 -1.52
C PHE B 884 -72.33 40.71 -0.72
N ASN B 885 -73.34 40.18 -1.41
CA ASN B 885 -74.34 39.37 -0.73
C ASN B 885 -73.73 38.08 -0.18
N GLY B 886 -72.76 37.53 -0.90
CA GLY B 886 -72.09 36.32 -0.43
C GLY B 886 -71.09 36.53 0.68
N ILE B 887 -70.64 37.78 0.91
CA ILE B 887 -69.65 38.03 1.94
C ILE B 887 -70.28 38.44 3.27
N GLY B 888 -71.56 38.81 3.29
CA GLY B 888 -72.22 39.14 4.54
C GLY B 888 -72.53 40.61 4.70
N VAL B 889 -72.81 41.30 3.59
CA VAL B 889 -73.17 42.71 3.61
C VAL B 889 -74.28 42.92 2.59
N THR B 890 -75.09 43.95 2.81
CA THR B 890 -76.18 44.26 1.91
C THR B 890 -75.65 44.81 0.58
N GLN B 891 -76.45 44.64 -0.47
CA GLN B 891 -76.06 45.05 -1.81
C GLN B 891 -76.14 46.57 -2.02
N ASN B 892 -76.77 47.31 -1.11
CA ASN B 892 -76.93 48.74 -1.30
C ASN B 892 -75.66 49.53 -1.04
N VAL B 893 -74.66 48.93 -0.41
CA VAL B 893 -73.42 49.64 -0.11
C VAL B 893 -72.56 49.83 -1.36
N LEU B 894 -72.77 49.01 -2.39
CA LEU B 894 -71.96 49.12 -3.60
C LEU B 894 -72.35 50.34 -4.42
N TYR B 895 -73.66 50.57 -4.60
CA TYR B 895 -74.12 51.60 -5.52
C TYR B 895 -74.01 53.02 -4.94
N GLU B 896 -73.92 53.15 -3.61
CA GLU B 896 -73.83 54.48 -3.03
C GLU B 896 -72.45 55.10 -3.17
N ASN B 897 -71.41 54.29 -3.39
CA ASN B 897 -70.06 54.78 -3.58
C ASN B 897 -69.35 54.03 -4.71
N GLN B 898 -70.05 53.82 -5.82
CA GLN B 898 -69.49 53.08 -6.95
C GLN B 898 -68.32 53.83 -7.58
N LYS B 899 -68.45 55.16 -7.72
CA LYS B 899 -67.33 55.96 -8.22
C LYS B 899 -66.17 55.95 -7.23
N LEU B 900 -66.47 56.00 -5.93
CA LEU B 900 -65.43 55.89 -4.90
C LEU B 900 -64.72 54.55 -4.97
N ILE B 901 -65.48 53.46 -5.15
CA ILE B 901 -64.89 52.13 -5.27
C ILE B 901 -64.01 52.03 -6.50
N ALA B 902 -64.48 52.59 -7.63
CA ALA B 902 -63.69 52.59 -8.86
C ALA B 902 -62.40 53.37 -8.72
N ASN B 903 -62.47 54.56 -8.09
CA ASN B 903 -61.28 55.38 -7.92
C ASN B 903 -60.29 54.72 -6.96
N GLN B 904 -60.78 54.12 -5.88
CA GLN B 904 -59.90 53.42 -4.95
C GLN B 904 -59.25 52.20 -5.60
N PHE B 905 -60.00 51.47 -6.42
CA PHE B 905 -59.44 50.33 -7.14
C PHE B 905 -58.38 50.76 -8.14
N ASN B 906 -58.62 51.86 -8.86
CA ASN B 906 -57.63 52.37 -9.81
C ASN B 906 -56.36 52.83 -9.09
N SER B 907 -56.53 53.51 -7.94
CA SER B 907 -55.37 53.93 -7.16
C SER B 907 -54.60 52.73 -6.61
N ALA B 908 -55.31 51.69 -6.17
CA ALA B 908 -54.65 50.49 -5.67
C ALA B 908 -53.87 49.77 -6.78
N ILE B 909 -54.47 49.69 -7.97
CA ILE B 909 -53.80 49.05 -9.10
C ILE B 909 -52.55 49.84 -9.50
N GLY B 910 -52.67 51.17 -9.55
CA GLY B 910 -51.51 52.00 -9.88
C GLY B 910 -50.41 51.90 -8.85
N LYS B 911 -50.76 51.90 -7.56
CA LYS B 911 -49.72 51.84 -6.53
C LYS B 911 -49.09 50.46 -6.44
N ILE B 912 -49.84 49.39 -6.74
CA ILE B 912 -49.19 48.08 -6.70
C ILE B 912 -48.34 47.87 -7.96
N GLN B 913 -48.71 48.49 -9.09
CA GLN B 913 -47.84 48.48 -10.26
C GLN B 913 -46.55 49.24 -10.00
N ASP B 914 -46.65 50.39 -9.33
CA ASP B 914 -45.46 51.15 -8.96
C ASP B 914 -44.59 50.39 -7.96
N SER B 915 -45.22 49.70 -7.01
CA SER B 915 -44.46 48.91 -6.04
C SER B 915 -43.75 47.73 -6.69
N LEU B 916 -44.41 47.08 -7.66
CA LEU B 916 -43.77 45.98 -8.38
C LEU B 916 -42.65 46.47 -9.28
N SER B 917 -42.81 47.65 -9.88
CA SER B 917 -41.76 48.18 -10.75
C SER B 917 -40.59 48.75 -9.98
N SER B 918 -40.81 49.24 -8.76
CA SER B 918 -39.77 49.94 -8.03
C SER B 918 -38.77 48.97 -7.39
N THR B 919 -39.25 48.13 -6.48
CA THR B 919 -38.36 47.28 -5.69
C THR B 919 -38.06 45.98 -6.44
N PRO B 920 -36.78 45.70 -6.78
CA PRO B 920 -36.44 44.45 -7.45
C PRO B 920 -36.13 43.30 -6.49
N SER B 921 -37.01 43.09 -5.51
CA SER B 921 -36.83 42.00 -4.56
C SER B 921 -38.12 41.28 -4.20
N ALA B 922 -39.26 41.63 -4.83
CA ALA B 922 -40.51 40.94 -4.53
C ALA B 922 -40.56 39.54 -5.13
N LEU B 923 -39.76 39.28 -6.17
CA LEU B 923 -39.72 37.97 -6.80
C LEU B 923 -38.66 37.09 -6.12
N GLY B 924 -38.96 36.74 -4.87
CA GLY B 924 -38.05 35.89 -4.12
C GLY B 924 -38.01 34.47 -4.64
N LYS B 925 -39.18 33.83 -4.73
CA LYS B 925 -39.25 32.44 -5.16
C LYS B 925 -39.01 32.29 -6.66
N LEU B 926 -39.52 33.23 -7.46
CA LEU B 926 -39.36 33.17 -8.90
C LEU B 926 -37.91 33.28 -9.33
N GLN B 927 -37.15 34.19 -8.71
CA GLN B 927 -35.71 34.24 -8.96
C GLN B 927 -34.98 33.11 -8.24
N ASP B 928 -35.54 32.62 -7.13
CA ASP B 928 -34.86 31.61 -6.33
C ASP B 928 -34.81 30.26 -7.03
N VAL B 929 -35.89 29.89 -7.74
CA VAL B 929 -35.88 28.60 -8.43
C VAL B 929 -34.90 28.62 -9.61
N VAL B 930 -34.82 29.75 -10.32
CA VAL B 930 -33.85 29.89 -11.40
C VAL B 930 -32.42 29.91 -10.85
N ASN B 931 -32.22 30.55 -9.69
CA ASN B 931 -30.90 30.54 -9.06
C ASN B 931 -30.50 29.14 -8.64
N HIS B 932 -31.43 28.36 -8.09
CA HIS B 932 -31.15 26.98 -7.73
C HIS B 932 -30.82 26.13 -8.94
N ASN B 933 -31.57 26.30 -10.04
CA ASN B 933 -31.31 25.55 -11.26
C ASN B 933 -29.94 25.91 -11.85
N ALA B 934 -29.62 27.21 -11.87
CA ALA B 934 -28.32 27.66 -12.38
C ALA B 934 -27.18 27.17 -11.51
N GLN B 935 -27.37 27.17 -10.19
CA GLN B 935 -26.34 26.67 -9.27
C GLN B 935 -26.12 25.18 -9.45
N ALA B 936 -27.20 24.41 -9.62
CA ALA B 936 -27.06 22.98 -9.85
C ALA B 936 -26.36 22.69 -11.18
N LEU B 937 -26.73 23.42 -12.23
CA LEU B 937 -26.09 23.23 -13.53
C LEU B 937 -24.62 23.61 -13.49
N ASN B 938 -24.29 24.72 -12.80
CA ASN B 938 -22.90 25.16 -12.69
C ASN B 938 -22.08 24.16 -11.87
N THR B 939 -22.65 23.61 -10.81
CA THR B 939 -21.97 22.59 -10.04
C THR B 939 -21.74 21.32 -10.86
N LEU B 940 -22.73 20.93 -11.66
CA LEU B 940 -22.58 19.75 -12.51
C LEU B 940 -21.50 19.95 -13.56
N VAL B 941 -21.44 21.15 -14.16
CA VAL B 941 -20.40 21.42 -15.16
C VAL B 941 -19.02 21.51 -14.51
N LYS B 942 -18.93 22.17 -13.36
CA LYS B 942 -17.64 22.35 -12.70
C LYS B 942 -17.15 21.09 -12.01
N GLN B 943 -18.01 20.08 -11.82
CA GLN B 943 -17.56 18.82 -11.25
C GLN B 943 -16.63 18.08 -12.20
N LEU B 944 -16.74 18.33 -13.50
CA LEU B 944 -15.82 17.74 -14.47
C LEU B 944 -14.41 18.30 -14.36
N SER B 945 -14.27 19.51 -13.83
CA SER B 945 -12.93 20.07 -13.61
C SER B 945 -12.18 19.32 -12.51
N SER B 946 -12.90 18.80 -11.51
CA SER B 946 -12.28 17.99 -10.47
C SER B 946 -11.84 16.65 -11.04
N LYS B 947 -10.70 16.16 -10.53
CA LYS B 947 -10.11 14.94 -11.04
C LYS B 947 -10.58 13.68 -10.32
N PHE B 948 -11.10 13.82 -9.09
CA PHE B 948 -11.48 12.70 -8.22
C PHE B 948 -10.30 11.74 -8.01
N GLY B 949 -9.10 12.30 -7.86
CA GLY B 949 -7.91 11.51 -7.64
C GLY B 949 -7.24 10.98 -8.90
N ALA B 950 -7.68 11.40 -10.09
CA ALA B 950 -7.10 10.93 -11.33
C ALA B 950 -5.83 11.71 -11.65
N ILE B 951 -5.14 11.27 -12.71
CA ILE B 951 -3.95 11.99 -13.17
C ILE B 951 -4.34 13.32 -13.80
N SER B 952 -5.39 13.33 -14.61
CA SER B 952 -5.87 14.53 -15.26
C SER B 952 -7.40 14.47 -15.33
N SER B 953 -7.99 15.42 -16.06
CA SER B 953 -9.44 15.49 -16.20
C SER B 953 -9.92 15.30 -17.64
N VAL B 954 -9.09 15.59 -18.64
CA VAL B 954 -9.49 15.44 -20.03
C VAL B 954 -9.43 13.97 -20.39
N LEU B 955 -10.50 13.46 -21.01
CA LEU B 955 -10.55 12.05 -21.39
C LEU B 955 -9.56 11.74 -22.51
N ASN B 956 -9.38 12.67 -23.46
CA ASN B 956 -8.42 12.45 -24.53
C ASN B 956 -6.98 12.50 -24.02
N ASP B 957 -6.73 13.30 -22.98
CA ASP B 957 -5.41 13.31 -22.37
C ASP B 957 -5.12 12.00 -21.64
N ILE B 958 -6.15 11.42 -21.01
CA ILE B 958 -6.01 10.13 -20.35
C ILE B 958 -5.77 9.04 -21.38
N LEU B 959 -6.51 9.07 -22.49
CA LEU B 959 -6.41 8.01 -23.49
C LEU B 959 -5.07 8.05 -24.23
N SER B 960 -4.42 9.21 -24.29
CA SER B 960 -3.17 9.32 -25.03
C SER B 960 -1.96 9.03 -24.15
N ARG B 961 -1.93 9.58 -22.95
CA ARG B 961 -0.76 9.44 -22.08
C ARG B 961 -0.68 8.07 -21.42
N LEU B 962 -1.81 7.46 -21.11
CA LEU B 962 -1.87 6.34 -20.18
C LEU B 962 -2.10 5.02 -20.92
N ASP B 963 -1.44 3.97 -20.42
CA ASP B 963 -1.54 2.64 -21.01
C ASP B 963 -2.81 1.92 -20.56
N PRO B 964 -3.38 1.08 -21.43
CA PRO B 964 -4.58 0.30 -21.08
C PRO B 964 -4.39 -0.70 -19.93
N PRO B 965 -3.15 -1.10 -19.56
CA PRO B 965 -2.99 -1.82 -18.28
C PRO B 965 -3.55 -1.11 -17.06
N GLU B 966 -3.51 0.22 -16.98
CA GLU B 966 -4.05 0.93 -15.82
C GLU B 966 -5.19 1.88 -16.22
N ALA B 967 -5.38 2.12 -17.51
CA ALA B 967 -6.44 3.01 -17.97
C ALA B 967 -7.82 2.49 -17.62
N GLU B 968 -8.02 1.17 -17.55
CA GLU B 968 -9.34 0.65 -17.25
C GLU B 968 -9.75 0.98 -15.81
N VAL B 969 -8.82 0.90 -14.85
CA VAL B 969 -9.18 1.24 -13.48
C VAL B 969 -9.18 2.76 -13.29
N GLN B 970 -8.39 3.49 -14.09
CA GLN B 970 -8.46 4.96 -14.04
C GLN B 970 -9.82 5.46 -14.51
N ILE B 971 -10.30 4.94 -15.64
CA ILE B 971 -11.64 5.28 -16.12
C ILE B 971 -12.71 4.74 -15.18
N ASP B 972 -12.45 3.60 -14.51
CA ASP B 972 -13.39 3.10 -13.51
C ASP B 972 -13.56 4.08 -12.35
N ARG B 973 -12.45 4.62 -11.85
CA ARG B 973 -12.52 5.63 -10.80
C ARG B 973 -13.21 6.90 -11.28
N LEU B 974 -12.89 7.32 -12.52
CA LEU B 974 -13.50 8.54 -13.06
C LEU B 974 -15.01 8.40 -13.23
N ILE B 975 -15.46 7.26 -13.78
CA ILE B 975 -16.90 7.08 -13.96
C ILE B 975 -17.59 6.82 -12.63
N THR B 976 -16.88 6.28 -11.63
CA THR B 976 -17.46 6.16 -10.30
C THR B 976 -17.72 7.53 -9.70
N GLY B 977 -16.74 8.44 -9.80
CA GLY B 977 -16.94 9.80 -9.30
C GLY B 977 -18.02 10.55 -10.06
N ARG B 978 -18.04 10.42 -11.38
CA ARG B 978 -19.05 11.12 -12.18
C ARG B 978 -20.43 10.55 -11.96
N LEU B 979 -20.53 9.23 -11.75
CA LEU B 979 -21.83 8.62 -11.45
C LEU B 979 -22.33 9.02 -10.08
N GLN B 980 -21.43 9.14 -9.09
CA GLN B 980 -21.82 9.64 -7.78
C GLN B 980 -22.33 11.08 -7.87
N SER B 981 -21.63 11.92 -8.65
CA SER B 981 -22.08 13.30 -8.85
C SER B 981 -23.45 13.34 -9.54
N LEU B 982 -23.65 12.48 -10.54
CA LEU B 982 -24.93 12.44 -11.25
C LEU B 982 -26.06 11.96 -10.36
N GLN B 983 -25.79 10.97 -9.50
CA GLN B 983 -26.82 10.51 -8.56
C GLN B 983 -27.17 11.58 -7.54
N THR B 984 -26.18 12.31 -7.03
CA THR B 984 -26.47 13.42 -6.11
C THR B 984 -27.29 14.51 -6.81
N TYR B 985 -26.92 14.83 -8.05
CA TYR B 985 -27.66 15.83 -8.81
C TYR B 985 -29.10 15.40 -9.06
N VAL B 986 -29.31 14.14 -9.44
CA VAL B 986 -30.67 13.69 -9.75
C VAL B 986 -31.49 13.54 -8.47
N THR B 987 -30.85 13.24 -7.34
CA THR B 987 -31.58 13.19 -6.07
C THR B 987 -32.04 14.59 -5.65
N GLN B 988 -31.13 15.57 -5.75
CA GLN B 988 -31.50 16.95 -5.43
C GLN B 988 -32.57 17.48 -6.39
N GLN B 989 -32.46 17.13 -7.67
CA GLN B 989 -33.44 17.56 -8.65
C GLN B 989 -34.79 16.90 -8.40
N LEU B 990 -34.80 15.65 -7.95
CA LEU B 990 -36.07 14.97 -7.66
C LEU B 990 -36.73 15.56 -6.42
N ILE B 991 -35.93 15.92 -5.40
CA ILE B 991 -36.49 16.57 -4.22
C ILE B 991 -37.06 17.95 -4.58
N ARG B 992 -36.32 18.71 -5.40
CA ARG B 992 -36.80 20.01 -5.84
C ARG B 992 -38.04 19.89 -6.72
N ALA B 993 -38.11 18.82 -7.53
CA ALA B 993 -39.29 18.60 -8.36
C ALA B 993 -40.50 18.22 -7.51
N ALA B 994 -40.29 17.46 -6.43
CA ALA B 994 -41.38 17.15 -5.52
C ALA B 994 -41.89 18.40 -4.82
N GLU B 995 -40.97 19.28 -4.38
CA GLU B 995 -41.38 20.55 -3.76
C GLU B 995 -42.11 21.44 -4.76
N ILE B 996 -41.64 21.47 -6.01
CA ILE B 996 -42.29 22.26 -7.06
C ILE B 996 -43.66 21.68 -7.38
N ARG B 997 -43.80 20.35 -7.34
CA ARG B 997 -45.09 19.71 -7.54
C ARG B 997 -46.07 20.07 -6.44
N ALA B 998 -45.60 20.11 -5.18
CA ALA B 998 -46.46 20.52 -4.08
C ALA B 998 -46.89 21.97 -4.22
N SER B 999 -45.95 22.86 -4.60
CA SER B 999 -46.30 24.26 -4.79
C SER B 999 -47.26 24.43 -5.96
N ALA B 1000 -47.09 23.64 -7.02
CA ALA B 1000 -47.98 23.71 -8.17
C ALA B 1000 -49.37 23.17 -7.85
N ASN B 1001 -49.46 22.16 -7.00
CA ASN B 1001 -50.77 21.69 -6.54
C ASN B 1001 -51.46 22.74 -5.67
N LEU B 1002 -50.69 23.43 -4.82
CA LEU B 1002 -51.26 24.54 -4.05
C LEU B 1002 -51.74 25.67 -4.95
N ALA B 1003 -50.96 25.99 -5.99
CA ALA B 1003 -51.38 27.00 -6.95
C ALA B 1003 -52.59 26.56 -7.74
N ALA B 1004 -52.70 25.26 -8.04
CA ALA B 1004 -53.83 24.74 -8.79
C ALA B 1004 -55.11 24.80 -7.96
N THR B 1005 -55.04 24.44 -6.67
CA THR B 1005 -56.25 24.54 -5.85
C THR B 1005 -56.58 26.00 -5.53
N LYS B 1006 -55.57 26.88 -5.51
CA LYS B 1006 -55.83 28.31 -5.40
C LYS B 1006 -56.56 28.83 -6.64
N MET B 1007 -56.13 28.39 -7.82
CA MET B 1007 -56.85 28.66 -9.06
C MET B 1007 -58.27 28.15 -9.00
N SER B 1008 -58.46 26.96 -8.44
CA SER B 1008 -59.77 26.32 -8.39
C SER B 1008 -60.74 27.08 -7.49
N GLU B 1009 -60.31 27.45 -6.29
CA GLU B 1009 -61.24 27.97 -5.29
C GLU B 1009 -61.07 29.46 -4.98
N CYS B 1010 -60.28 30.20 -5.76
CA CYS B 1010 -60.23 31.64 -5.62
C CYS B 1010 -60.43 32.42 -6.91
N VAL B 1011 -60.15 31.84 -8.07
CA VAL B 1011 -60.33 32.52 -9.35
C VAL B 1011 -61.61 32.08 -10.05
N LEU B 1012 -61.88 30.78 -10.05
CA LEU B 1012 -63.10 30.27 -10.67
C LEU B 1012 -64.33 30.49 -9.80
N GLY B 1013 -64.17 30.99 -8.58
CA GLY B 1013 -65.29 31.33 -7.72
C GLY B 1013 -64.78 31.98 -6.46
N GLN B 1014 -65.71 32.66 -5.77
CA GLN B 1014 -65.37 33.34 -4.54
C GLN B 1014 -65.13 32.33 -3.41
N SER B 1015 -64.32 32.70 -2.45
CA SER B 1015 -63.98 31.72 -1.42
C SER B 1015 -64.29 32.10 -0.01
N LYS B 1016 -65.29 31.45 0.54
CA LYS B 1016 -65.59 31.70 1.91
C LYS B 1016 -64.33 31.41 2.67
N ARG B 1017 -63.52 30.53 2.15
CA ARG B 1017 -62.35 30.17 2.91
C ARG B 1017 -61.79 31.46 3.38
N VAL B 1018 -61.33 31.51 4.61
CA VAL B 1018 -60.89 32.79 5.15
C VAL B 1018 -59.39 32.92 5.32
N ASP B 1019 -58.84 33.98 4.76
CA ASP B 1019 -57.42 34.21 4.84
C ASP B 1019 -56.68 33.22 4.02
N PHE B 1020 -57.29 32.77 2.94
CA PHE B 1020 -56.59 31.84 2.05
C PHE B 1020 -56.18 32.54 0.78
N CYS B 1021 -56.91 33.56 0.35
CA CYS B 1021 -56.38 34.29 -0.79
C CYS B 1021 -56.40 35.76 -0.43
N GLY B 1022 -55.23 36.30 -0.09
CA GLY B 1022 -55.12 37.65 0.42
C GLY B 1022 -55.15 37.70 1.94
N LYS B 1023 -54.83 38.87 2.47
CA LYS B 1023 -54.75 39.08 3.91
C LYS B 1023 -56.08 39.60 4.44
N GLY B 1024 -57.10 38.76 4.31
CA GLY B 1024 -58.43 39.11 4.77
C GLY B 1024 -59.53 38.49 3.94
N TYR B 1025 -60.60 39.24 3.72
CA TYR B 1025 -61.72 38.74 2.93
C TYR B 1025 -61.35 38.65 1.45
N HIS B 1026 -62.04 37.77 0.75
CA HIS B 1026 -61.80 37.54 -0.68
C HIS B 1026 -62.93 38.18 -1.48
N LEU B 1027 -62.57 39.12 -2.36
CA LEU B 1027 -63.54 39.74 -3.25
C LEU B 1027 -63.25 39.40 -4.72
N MET B 1028 -62.05 39.72 -5.21
CA MET B 1028 -61.73 39.51 -6.61
C MET B 1028 -60.29 39.03 -6.70
N SER B 1029 -59.92 38.39 -7.81
CA SER B 1029 -58.59 37.79 -7.94
C SER B 1029 -58.17 37.83 -9.40
N PHE B 1030 -56.97 38.38 -9.66
CA PHE B 1030 -56.44 38.50 -11.02
C PHE B 1030 -55.13 37.73 -11.18
N PRO B 1031 -55.16 36.55 -11.80
CA PRO B 1031 -53.91 35.89 -12.15
C PRO B 1031 -53.31 36.47 -13.42
N GLN B 1032 -51.98 36.46 -13.47
CA GLN B 1032 -51.24 36.92 -14.64
C GLN B 1032 -50.11 35.94 -14.95
N SER B 1033 -49.75 35.87 -16.23
CA SER B 1033 -48.70 34.96 -16.66
C SER B 1033 -47.33 35.45 -16.21
N ALA B 1034 -46.52 34.52 -15.72
CA ALA B 1034 -45.17 34.80 -15.27
C ALA B 1034 -44.21 33.77 -15.83
N PRO B 1035 -42.95 34.15 -16.07
CA PRO B 1035 -41.96 33.18 -16.55
C PRO B 1035 -41.60 32.18 -15.46
N HIS B 1036 -41.84 30.89 -15.74
CA HIS B 1036 -41.58 29.78 -14.82
C HIS B 1036 -42.31 29.95 -13.49
N GLY B 1037 -43.55 30.42 -13.56
CA GLY B 1037 -44.32 30.63 -12.35
C GLY B 1037 -45.62 31.36 -12.66
N VAL B 1038 -46.22 31.91 -11.61
CA VAL B 1038 -47.47 32.64 -11.73
C VAL B 1038 -47.51 33.71 -10.63
N VAL B 1039 -48.19 34.82 -10.92
CA VAL B 1039 -48.34 35.92 -9.98
C VAL B 1039 -49.83 36.17 -9.78
N PHE B 1040 -50.21 36.46 -8.55
CA PHE B 1040 -51.61 36.60 -8.16
C PHE B 1040 -51.87 38.01 -7.66
N LEU B 1041 -52.94 38.64 -8.15
CA LEU B 1041 -53.36 39.97 -7.73
C LEU B 1041 -54.70 39.83 -7.02
N HIS B 1042 -54.66 39.70 -5.69
CA HIS B 1042 -55.85 39.49 -4.88
C HIS B 1042 -56.20 40.79 -4.17
N VAL B 1043 -57.44 41.23 -4.31
CA VAL B 1043 -57.90 42.39 -3.55
C VAL B 1043 -58.44 41.94 -2.19
N THR B 1044 -58.48 42.89 -1.25
CA THR B 1044 -58.80 42.57 0.14
C THR B 1044 -59.76 43.59 0.71
N TYR B 1045 -60.84 43.11 1.32
CA TYR B 1045 -61.78 43.98 2.02
C TYR B 1045 -61.24 44.25 3.42
N VAL B 1046 -60.90 45.51 3.71
CA VAL B 1046 -60.39 45.90 5.01
C VAL B 1046 -61.21 47.06 5.55
N PRO B 1047 -61.85 46.92 6.71
CA PRO B 1047 -62.57 48.04 7.31
C PRO B 1047 -61.66 48.97 8.09
N ALA B 1048 -62.15 50.19 8.29
CA ALA B 1048 -61.40 51.22 9.01
C ALA B 1048 -62.38 52.21 9.60
N GLN B 1049 -61.84 53.17 10.35
CA GLN B 1049 -62.60 54.26 10.99
C GLN B 1049 -63.70 53.70 11.89
N GLU B 1050 -63.27 52.90 12.87
CA GLU B 1050 -64.22 52.30 13.79
C GLU B 1050 -64.80 53.34 14.72
N LYS B 1051 -66.06 53.15 15.08
CA LYS B 1051 -66.72 54.02 16.04
C LYS B 1051 -67.30 53.15 17.15
N ASN B 1052 -67.11 53.61 18.36
CA ASN B 1052 -67.37 52.79 19.53
C ASN B 1052 -68.81 53.01 20.03
N PHE B 1053 -69.46 51.93 20.46
CA PHE B 1053 -70.91 51.94 20.65
C PHE B 1053 -71.27 51.02 21.81
N THR B 1054 -72.58 50.72 21.91
CA THR B 1054 -73.14 49.80 22.90
C THR B 1054 -74.11 48.85 22.22
N THR B 1055 -74.24 47.64 22.80
CA THR B 1055 -75.12 46.62 22.24
C THR B 1055 -75.91 45.95 23.37
N ALA B 1056 -76.75 44.98 22.99
CA ALA B 1056 -77.53 44.18 23.93
C ALA B 1056 -77.82 42.83 23.28
N PRO B 1057 -77.78 41.74 24.04
CA PRO B 1057 -78.12 40.43 23.45
C PRO B 1057 -79.55 40.34 22.96
N ALA B 1058 -80.50 41.02 23.62
CA ALA B 1058 -81.90 40.95 23.23
C ALA B 1058 -82.61 42.19 23.74
N ILE B 1059 -83.81 42.41 23.21
CA ILE B 1059 -84.67 43.50 23.64
C ILE B 1059 -86.04 42.91 23.99
N CYS B 1060 -86.70 43.53 24.96
CA CYS B 1060 -87.98 43.04 25.48
C CYS B 1060 -89.07 44.05 25.16
N HIS B 1061 -90.15 43.58 24.53
CA HIS B 1061 -91.30 44.40 24.20
C HIS B 1061 -92.56 43.70 24.65
N ASP B 1062 -93.39 44.42 25.42
CA ASP B 1062 -94.66 43.91 25.96
C ASP B 1062 -94.46 42.64 26.79
N GLY B 1063 -93.36 42.59 27.54
CA GLY B 1063 -93.09 41.47 28.43
C GLY B 1063 -92.50 40.25 27.77
N LYS B 1064 -92.24 40.27 26.46
CA LYS B 1064 -91.68 39.14 25.74
C LYS B 1064 -90.51 39.61 24.88
N ALA B 1065 -89.49 38.77 24.78
CA ALA B 1065 -88.21 39.16 24.22
C ALA B 1065 -88.24 39.15 22.69
N HIS B 1066 -87.23 39.78 22.11
CA HIS B 1066 -87.03 39.83 20.66
C HIS B 1066 -85.59 39.49 20.34
N PHE B 1067 -85.39 38.84 19.19
CA PHE B 1067 -84.06 38.53 18.70
C PHE B 1067 -83.93 38.98 17.25
N PRO B 1068 -82.79 39.54 16.86
CA PRO B 1068 -82.61 39.97 15.47
C PRO B 1068 -82.43 38.78 14.54
N ARG B 1069 -83.11 38.84 13.39
CA ARG B 1069 -83.04 37.73 12.43
C ARG B 1069 -81.70 37.70 11.72
N GLU B 1070 -81.21 38.85 11.27
CA GLU B 1070 -79.96 38.92 10.53
C GLU B 1070 -79.00 40.00 11.01
N GLY B 1071 -79.47 41.02 11.71
CA GLY B 1071 -78.63 42.10 12.19
C GLY B 1071 -78.21 41.93 13.63
N VAL B 1072 -77.78 43.05 14.22
CA VAL B 1072 -77.36 43.08 15.62
C VAL B 1072 -77.80 44.41 16.21
N PHE B 1073 -78.18 44.39 17.48
CA PHE B 1073 -78.62 45.60 18.16
C PHE B 1073 -77.45 46.53 18.41
N VAL B 1074 -77.66 47.82 18.17
CA VAL B 1074 -76.64 48.85 18.35
C VAL B 1074 -77.29 50.08 18.95
N SER B 1075 -76.54 50.78 19.80
CA SER B 1075 -77.02 51.99 20.44
C SER B 1075 -75.85 52.92 20.70
N ASN B 1076 -76.10 54.23 20.59
CA ASN B 1076 -75.10 55.24 20.91
C ASN B 1076 -75.39 55.99 22.19
N GLY B 1077 -76.50 55.68 22.86
CA GLY B 1077 -76.84 56.32 24.11
C GLY B 1077 -78.25 56.86 24.18
N THR B 1078 -78.88 57.05 23.03
CA THR B 1078 -80.22 57.62 22.95
C THR B 1078 -81.25 56.60 22.48
N HIS B 1079 -81.05 55.99 21.31
CA HIS B 1079 -81.99 55.05 20.74
C HIS B 1079 -81.28 53.77 20.36
N TRP B 1080 -82.05 52.75 19.99
CA TRP B 1080 -81.53 51.44 19.61
C TRP B 1080 -81.83 51.20 18.13
N PHE B 1081 -80.81 50.76 17.40
CA PHE B 1081 -80.92 50.51 15.97
C PHE B 1081 -80.40 49.12 15.66
N VAL B 1082 -80.55 48.71 14.40
CA VAL B 1082 -80.05 47.44 13.90
C VAL B 1082 -79.09 47.72 12.74
N THR B 1083 -77.97 47.02 12.73
CA THR B 1083 -76.93 47.21 11.73
C THR B 1083 -76.41 45.86 11.27
N GLN B 1084 -75.71 45.89 10.13
CA GLN B 1084 -75.07 44.68 9.61
C GLN B 1084 -73.82 44.36 10.42
N ARG B 1085 -73.30 43.15 10.21
CA ARG B 1085 -72.14 42.66 10.95
C ARG B 1085 -70.82 43.24 10.45
N ASN B 1086 -70.81 43.93 9.30
CA ASN B 1086 -69.57 44.48 8.77
C ASN B 1086 -69.73 45.89 8.23
N PHE B 1087 -70.89 46.53 8.43
CA PHE B 1087 -71.09 47.89 7.94
C PHE B 1087 -72.10 48.59 8.84
N TYR B 1088 -71.93 49.90 8.98
CA TYR B 1088 -72.80 50.71 9.83
C TYR B 1088 -73.94 51.27 8.98
N GLU B 1089 -75.16 50.84 9.28
CA GLU B 1089 -76.35 51.34 8.59
C GLU B 1089 -77.52 51.26 9.55
N PRO B 1090 -77.77 52.33 10.31
CA PRO B 1090 -78.86 52.29 11.30
C PRO B 1090 -80.23 52.27 10.64
N GLN B 1091 -81.16 51.58 11.30
CA GLN B 1091 -82.54 51.47 10.84
C GLN B 1091 -83.45 51.43 12.06
N ILE B 1092 -84.73 51.19 11.82
CA ILE B 1092 -85.72 51.10 12.89
C ILE B 1092 -85.97 49.63 13.19
N ILE B 1093 -86.35 49.34 14.44
CA ILE B 1093 -86.62 47.98 14.87
C ILE B 1093 -88.03 47.62 14.41
N THR B 1094 -88.14 46.65 13.51
CA THR B 1094 -89.40 46.22 12.95
C THR B 1094 -89.56 44.71 13.10
N THR B 1095 -90.73 44.20 12.78
CA THR B 1095 -90.99 42.78 12.96
C THR B 1095 -90.20 41.92 11.98
N ASP B 1096 -90.10 42.37 10.73
CA ASP B 1096 -89.42 41.57 9.71
C ASP B 1096 -87.96 41.29 10.06
N ASN B 1097 -87.27 42.26 10.63
CA ASN B 1097 -85.85 42.09 10.93
C ASN B 1097 -85.65 41.30 12.22
N THR B 1098 -86.74 40.97 12.90
CA THR B 1098 -86.63 40.23 14.16
C THR B 1098 -87.66 39.11 14.27
N PHE B 1099 -87.87 38.63 15.50
CA PHE B 1099 -88.84 37.56 15.74
C PHE B 1099 -88.97 37.37 17.25
N VAL B 1100 -89.63 36.29 17.66
CA VAL B 1100 -89.87 36.00 19.06
C VAL B 1100 -89.27 34.64 19.40
N SER B 1101 -88.66 34.56 20.59
CA SER B 1101 -88.07 33.31 21.06
C SER B 1101 -87.94 33.39 22.57
N GLY B 1102 -88.73 32.59 23.29
CA GLY B 1102 -88.65 32.54 24.73
C GLY B 1102 -89.31 33.72 25.41
N ASN B 1103 -89.19 33.73 26.73
CA ASN B 1103 -89.76 34.79 27.56
C ASN B 1103 -88.71 35.88 27.79
N CYS B 1104 -89.00 36.80 28.72
CA CYS B 1104 -88.18 37.99 28.89
C CYS B 1104 -87.03 37.78 29.88
N ASP B 1105 -87.34 37.33 31.10
CA ASP B 1105 -86.34 37.29 32.16
C ASP B 1105 -85.49 36.03 32.14
N VAL B 1106 -85.70 35.12 31.20
CA VAL B 1106 -84.85 33.93 31.13
C VAL B 1106 -83.45 34.29 30.61
N VAL B 1107 -83.34 35.34 29.80
CA VAL B 1107 -82.08 35.76 29.20
C VAL B 1107 -81.49 36.87 30.04
N ILE B 1108 -80.16 36.92 30.12
CA ILE B 1108 -79.46 37.93 30.89
C ILE B 1108 -79.03 39.07 29.98
N GLY B 1109 -78.81 40.24 30.56
CA GLY B 1109 -78.34 41.39 29.82
C GLY B 1109 -79.39 42.06 28.96
N ILE B 1110 -80.67 41.75 29.15
CA ILE B 1110 -81.73 42.30 28.33
C ILE B 1110 -82.24 43.61 28.94
N VAL B 1111 -82.55 44.57 28.08
CA VAL B 1111 -83.17 45.83 28.46
C VAL B 1111 -84.48 45.98 27.69
N ASN B 1112 -85.17 47.08 27.94
CA ASN B 1112 -86.51 47.31 27.40
C ASN B 1112 -86.53 48.56 26.54
N ASN B 1113 -87.15 48.46 25.36
CA ASN B 1113 -87.33 49.59 24.47
C ASN B 1113 -88.55 49.33 23.59
N THR B 1114 -89.14 50.41 23.08
CA THR B 1114 -90.31 50.29 22.23
C THR B 1114 -89.93 49.75 20.86
N VAL B 1115 -90.81 48.92 20.29
CA VAL B 1115 -90.61 48.33 18.98
C VAL B 1115 -91.72 48.82 18.06
N TYR B 1116 -91.35 49.43 16.95
CA TYR B 1116 -92.32 49.96 16.00
C TYR B 1116 -92.84 48.83 15.11
N ASP B 1117 -94.16 48.78 14.95
CA ASP B 1117 -94.81 47.77 14.12
C ASP B 1117 -95.35 48.44 12.86
N PRO B 1118 -94.89 48.05 11.67
CA PRO B 1118 -95.41 48.67 10.44
C PRO B 1118 -96.85 48.29 10.11
N LEU B 1119 -97.41 47.26 10.76
CA LEU B 1119 -98.78 46.88 10.47
C LEU B 1119 -99.78 47.85 11.11
N GLN B 1120 -99.39 48.53 12.19
CA GLN B 1120 -100.30 49.47 12.84
C GLN B 1120 -100.69 50.67 11.98
N PRO B 1121 -99.79 51.37 11.26
CA PRO B 1121 -100.28 52.40 10.33
C PRO B 1121 -101.05 51.84 9.15
N GLU B 1122 -100.88 50.56 8.81
CA GLU B 1122 -101.61 49.95 7.70
C GLU B 1122 -103.01 49.50 8.10
N LEU B 1123 -103.35 49.55 9.38
CA LEU B 1123 -104.70 49.17 9.81
C LEU B 1123 -105.74 50.17 9.34
N ASP B 1124 -105.40 51.46 9.34
CA ASP B 1124 -106.32 52.50 8.90
C ASP B 1124 -106.39 52.62 7.38
N SER B 1125 -105.50 51.97 6.65
CA SER B 1125 -105.51 52.04 5.19
C SER B 1125 -105.96 50.71 4.59
N SER C 11 -29.41 -14.13 -59.36
CA SER C 11 -28.67 -12.87 -59.36
C SER C 11 -28.69 -12.22 -57.98
N TYR C 12 -29.62 -11.28 -57.79
CA TYR C 12 -29.76 -10.57 -56.52
C TYR C 12 -31.21 -10.64 -56.07
N THR C 13 -31.43 -11.05 -54.82
CA THR C 13 -32.75 -11.13 -54.22
C THR C 13 -32.66 -10.64 -52.79
N ASN C 14 -33.64 -9.84 -52.37
CA ASN C 14 -33.66 -9.33 -51.00
C ASN C 14 -34.06 -10.42 -50.03
N SER C 15 -33.30 -10.55 -48.93
CA SER C 15 -33.59 -11.51 -47.89
C SER C 15 -34.46 -10.85 -46.83
N PHE C 16 -35.68 -11.35 -46.65
CA PHE C 16 -36.65 -10.68 -45.80
C PHE C 16 -36.46 -11.04 -44.32
N THR C 17 -36.59 -12.32 -43.98
CA THR C 17 -36.68 -12.71 -42.57
C THR C 17 -35.86 -13.95 -42.22
N ARG C 18 -34.83 -14.26 -42.99
CA ARG C 18 -34.04 -15.46 -42.74
C ARG C 18 -32.84 -15.16 -41.85
N GLY C 19 -32.31 -16.22 -41.23
CA GLY C 19 -31.08 -16.13 -40.47
C GLY C 19 -31.21 -15.67 -39.03
N VAL C 20 -31.99 -16.39 -38.23
CA VAL C 20 -32.10 -16.16 -36.80
C VAL C 20 -31.69 -17.44 -36.09
N TYR C 21 -30.71 -17.33 -35.19
CA TYR C 21 -30.20 -18.49 -34.46
C TYR C 21 -29.98 -18.12 -33.00
N TYR C 22 -29.78 -19.15 -32.18
CA TYR C 22 -29.65 -18.96 -30.75
C TYR C 22 -28.32 -18.29 -30.42
N PRO C 23 -28.31 -17.18 -29.67
CA PRO C 23 -27.05 -16.48 -29.38
C PRO C 23 -26.18 -17.19 -28.35
N ASP C 24 -26.73 -18.08 -27.54
CA ASP C 24 -25.96 -18.76 -26.51
C ASP C 24 -26.55 -20.16 -26.28
N LYS C 25 -26.12 -20.80 -25.20
CA LYS C 25 -26.58 -22.13 -24.82
C LYS C 25 -27.36 -22.07 -23.52
N VAL C 26 -28.15 -21.02 -23.35
CA VAL C 26 -28.91 -20.78 -22.12
C VAL C 26 -30.39 -20.83 -22.45
N PHE C 27 -31.12 -21.70 -21.75
CA PHE C 27 -32.56 -21.86 -21.97
C PHE C 27 -33.32 -20.84 -21.14
N ARG C 28 -34.15 -20.04 -21.81
CA ARG C 28 -34.95 -19.01 -21.16
C ARG C 28 -36.43 -19.31 -21.38
N SER C 29 -37.25 -18.98 -20.39
CA SER C 29 -38.67 -19.29 -20.39
C SER C 29 -39.47 -18.00 -20.53
N SER C 30 -39.71 -17.60 -21.78
CA SER C 30 -40.60 -16.48 -22.15
C SER C 30 -40.17 -15.17 -21.51
N VAL C 31 -38.96 -14.73 -21.87
CA VAL C 31 -38.42 -13.46 -21.43
C VAL C 31 -38.03 -12.63 -22.66
N LEU C 32 -37.56 -11.42 -22.40
CA LEU C 32 -37.10 -10.49 -23.44
C LEU C 32 -35.64 -10.18 -23.17
N HIS C 33 -34.75 -10.98 -23.76
CA HIS C 33 -33.31 -10.89 -23.52
C HIS C 33 -32.62 -10.26 -24.72
N SER C 34 -31.75 -9.30 -24.46
CA SER C 34 -30.97 -8.62 -25.50
C SER C 34 -29.53 -9.11 -25.44
N THR C 35 -29.01 -9.56 -26.58
CA THR C 35 -27.65 -10.09 -26.66
C THR C 35 -26.90 -9.44 -27.83
N GLN C 36 -25.60 -9.26 -27.64
CA GLN C 36 -24.72 -8.68 -28.64
C GLN C 36 -23.84 -9.78 -29.22
N ASP C 37 -24.06 -10.14 -30.48
CA ASP C 37 -23.36 -11.26 -31.09
C ASP C 37 -23.41 -11.10 -32.60
N LEU C 38 -22.57 -11.88 -33.29
CA LEU C 38 -22.57 -11.92 -34.75
C LEU C 38 -23.88 -12.49 -35.26
N PHE C 39 -24.47 -11.83 -36.26
CA PHE C 39 -25.81 -12.15 -36.72
C PHE C 39 -26.01 -11.68 -38.15
N LEU C 40 -27.09 -12.20 -38.77
CA LEU C 40 -27.47 -11.81 -40.12
C LEU C 40 -28.58 -10.76 -40.05
N PRO C 41 -28.40 -9.59 -40.65
CA PRO C 41 -29.45 -8.55 -40.60
C PRO C 41 -30.69 -8.91 -41.41
N PHE C 42 -31.82 -8.37 -40.97
CA PHE C 42 -33.05 -8.39 -41.74
C PHE C 42 -32.98 -7.36 -42.88
N PHE C 43 -33.73 -7.65 -43.96
CA PHE C 43 -33.89 -6.75 -45.11
C PHE C 43 -32.54 -6.38 -45.74
N SER C 44 -31.69 -7.38 -45.93
CA SER C 44 -30.34 -7.14 -46.44
C SER C 44 -30.07 -8.01 -47.66
N ASN C 45 -29.04 -7.62 -48.40
CA ASN C 45 -28.72 -8.27 -49.66
C ASN C 45 -28.13 -9.65 -49.43
N VAL C 46 -28.54 -10.61 -50.26
CA VAL C 46 -27.87 -11.90 -50.37
C VAL C 46 -27.66 -12.17 -51.85
N THR C 47 -26.65 -12.98 -52.15
CA THR C 47 -26.23 -13.25 -53.53
C THR C 47 -26.70 -14.63 -53.96
N TRP C 48 -27.37 -14.70 -55.11
CA TRP C 48 -27.82 -15.95 -55.70
C TRP C 48 -26.95 -16.22 -56.93
N PHE C 49 -25.82 -16.89 -56.71
CA PHE C 49 -24.90 -17.16 -57.80
C PHE C 49 -25.42 -18.27 -58.70
N HIS C 50 -24.97 -18.24 -59.96
CA HIS C 50 -25.36 -19.24 -60.96
C HIS C 50 -24.14 -19.74 -61.73
N ALA C 51 -22.98 -19.77 -61.08
CA ALA C 51 -21.77 -20.23 -61.74
C ALA C 51 -21.80 -21.75 -61.93
N ILE C 52 -21.26 -22.20 -63.06
CA ILE C 52 -21.23 -23.62 -63.37
C ILE C 52 -19.92 -23.95 -64.08
N PRO C 64 -16.92 -18.28 -58.81
CA PRO C 64 -15.48 -18.31 -58.50
C PRO C 64 -15.19 -18.17 -57.02
N VAL C 65 -14.13 -17.44 -56.67
CA VAL C 65 -13.73 -17.30 -55.29
C VAL C 65 -14.59 -16.23 -54.60
N LEU C 66 -14.87 -16.43 -53.32
CA LEU C 66 -15.69 -15.53 -52.53
C LEU C 66 -15.01 -15.21 -51.22
N PRO C 67 -15.06 -13.96 -50.77
CA PRO C 67 -14.38 -13.57 -49.54
C PRO C 67 -15.15 -13.98 -48.30
N PHE C 68 -14.40 -14.20 -47.22
CA PHE C 68 -14.95 -14.58 -45.91
C PHE C 68 -14.27 -13.69 -44.85
N ASN C 69 -15.01 -12.69 -44.36
CA ASN C 69 -14.43 -11.75 -43.40
C ASN C 69 -14.78 -12.10 -41.96
N ASP C 70 -16.06 -12.21 -41.64
CA ASP C 70 -16.49 -12.56 -40.28
C ASP C 70 -17.60 -13.59 -40.20
N GLY C 71 -18.32 -13.87 -41.29
CA GLY C 71 -19.39 -14.84 -41.24
C GLY C 71 -19.94 -15.09 -42.63
N VAL C 72 -20.59 -16.23 -42.78
CA VAL C 72 -21.19 -16.64 -44.05
C VAL C 72 -22.58 -17.21 -43.78
N TYR C 73 -23.51 -16.90 -44.67
CA TYR C 73 -24.86 -17.46 -44.65
C TYR C 73 -25.03 -18.35 -45.87
N PHE C 74 -25.40 -19.61 -45.64
CA PHE C 74 -25.51 -20.59 -46.71
C PHE C 74 -26.92 -21.17 -46.70
N ALA C 75 -27.63 -21.03 -47.81
CA ALA C 75 -28.97 -21.58 -47.98
C ALA C 75 -29.06 -22.27 -49.33
N SER C 76 -29.64 -23.47 -49.34
CA SER C 76 -29.76 -24.24 -50.57
C SER C 76 -31.00 -25.12 -50.48
N THR C 77 -31.47 -25.55 -51.65
CA THR C 77 -32.63 -26.43 -51.74
C THR C 77 -32.19 -27.89 -51.81
N ILE C 82 -28.06 -32.10 -52.36
CA ILE C 82 -27.29 -32.31 -53.57
C ILE C 82 -25.93 -31.64 -53.47
N ILE C 83 -25.94 -30.32 -53.29
CA ILE C 83 -24.70 -29.56 -53.16
C ILE C 83 -24.14 -29.76 -51.77
N ARG C 84 -22.88 -30.18 -51.69
CA ARG C 84 -22.24 -30.48 -50.42
C ARG C 84 -20.75 -30.23 -50.53
N GLY C 85 -20.11 -30.05 -49.36
CA GLY C 85 -18.68 -29.85 -49.30
C GLY C 85 -18.26 -28.39 -49.36
N TRP C 86 -17.37 -27.98 -48.45
CA TRP C 86 -16.84 -26.64 -48.42
C TRP C 86 -15.33 -26.69 -48.24
N ILE C 87 -14.63 -25.73 -48.83
CA ILE C 87 -13.19 -25.59 -48.69
C ILE C 87 -12.95 -24.35 -47.83
N PHE C 88 -12.52 -24.56 -46.59
CA PHE C 88 -12.23 -23.47 -45.66
C PHE C 88 -10.72 -23.32 -45.57
N GLY C 89 -10.15 -22.53 -46.47
CA GLY C 89 -8.72 -22.31 -46.50
C GLY C 89 -8.38 -20.84 -46.57
N THR C 90 -7.14 -20.53 -46.17
CA THR C 90 -6.70 -19.14 -46.15
C THR C 90 -6.24 -18.68 -47.53
N THR C 91 -5.22 -19.33 -48.08
CA THR C 91 -4.68 -18.99 -49.39
C THR C 91 -4.78 -20.13 -50.38
N LEU C 92 -5.56 -21.16 -50.09
CA LEU C 92 -5.83 -22.29 -50.98
C LEU C 92 -4.55 -23.03 -51.37
N ASP C 93 -3.78 -23.42 -50.36
CA ASP C 93 -2.52 -24.12 -50.59
C ASP C 93 -2.19 -24.97 -49.36
N SER C 94 -1.25 -25.89 -49.55
CA SER C 94 -0.81 -26.78 -48.48
C SER C 94 0.24 -26.15 -47.58
N LYS C 95 0.71 -24.94 -47.89
CA LYS C 95 1.71 -24.29 -47.05
C LYS C 95 1.14 -23.77 -45.74
N THR C 96 -0.18 -23.68 -45.63
CA THR C 96 -0.83 -23.22 -44.42
C THR C 96 -1.94 -24.21 -44.03
N GLN C 97 -2.32 -24.17 -42.76
CA GLN C 97 -3.34 -25.07 -42.25
C GLN C 97 -4.71 -24.68 -42.80
N SER C 98 -5.53 -25.69 -43.10
CA SER C 98 -6.86 -25.48 -43.65
C SER C 98 -7.77 -26.62 -43.22
N LEU C 99 -9.07 -26.34 -43.24
CA LEU C 99 -10.09 -27.30 -42.84
C LEU C 99 -10.81 -27.82 -44.07
N LEU C 100 -10.92 -29.14 -44.19
CA LEU C 100 -11.55 -29.79 -45.32
C LEU C 100 -12.79 -30.55 -44.84
N ILE C 101 -13.92 -30.29 -45.48
CA ILE C 101 -15.17 -30.98 -45.17
C ILE C 101 -15.62 -31.72 -46.41
N VAL C 102 -15.77 -33.04 -46.30
CA VAL C 102 -16.23 -33.89 -47.38
C VAL C 102 -17.50 -34.59 -46.93
N ASN C 103 -18.53 -34.56 -47.77
CA ASN C 103 -19.82 -35.15 -47.46
C ASN C 103 -20.16 -36.23 -48.48
N ASN C 104 -20.76 -37.32 -48.00
CA ASN C 104 -21.27 -38.35 -48.89
C ASN C 104 -22.51 -38.96 -48.25
N ALA C 105 -22.93 -40.13 -48.76
CA ALA C 105 -24.25 -40.65 -48.40
C ALA C 105 -24.29 -41.22 -46.99
N THR C 106 -23.22 -41.91 -46.57
CA THR C 106 -23.29 -42.65 -45.31
C THR C 106 -23.10 -41.75 -44.10
N ASN C 107 -22.01 -40.99 -44.06
CA ASN C 107 -21.68 -40.20 -42.87
C ASN C 107 -20.95 -38.93 -43.31
N VAL C 108 -20.31 -38.26 -42.35
CA VAL C 108 -19.58 -37.03 -42.61
C VAL C 108 -18.18 -37.18 -42.03
N VAL C 109 -17.24 -36.43 -42.62
CA VAL C 109 -15.87 -36.36 -42.11
C VAL C 109 -15.49 -34.90 -41.93
N ILE C 110 -14.82 -34.59 -40.82
CA ILE C 110 -14.34 -33.25 -40.50
C ILE C 110 -12.85 -33.41 -40.20
N LYS C 111 -12.01 -33.21 -41.21
CA LYS C 111 -10.58 -33.44 -41.10
C LYS C 111 -9.83 -32.13 -41.32
N VAL C 112 -8.93 -31.80 -40.40
CA VAL C 112 -8.06 -30.62 -40.52
C VAL C 112 -6.61 -31.08 -40.56
N CYS C 113 -5.87 -30.59 -41.55
CA CYS C 113 -4.46 -30.90 -41.78
C CYS C 113 -3.94 -29.94 -42.84
N GLU C 114 -2.70 -30.15 -43.28
CA GLU C 114 -2.18 -29.47 -44.45
C GLU C 114 -2.55 -30.26 -45.70
N PHE C 115 -3.16 -29.58 -46.66
CA PHE C 115 -3.68 -30.25 -47.85
C PHE C 115 -3.71 -29.29 -49.02
N GLN C 116 -3.08 -29.70 -50.12
CA GLN C 116 -3.15 -28.92 -51.35
C GLN C 116 -4.53 -29.02 -51.97
N PHE C 117 -4.97 -27.94 -52.59
CA PHE C 117 -6.29 -27.85 -53.20
C PHE C 117 -6.15 -27.65 -54.71
N CYS C 118 -7.28 -27.51 -55.39
CA CYS C 118 -7.32 -27.36 -56.83
C CYS C 118 -8.07 -26.09 -57.20
N ASN C 119 -7.74 -25.55 -58.38
CA ASN C 119 -8.39 -24.32 -58.84
C ASN C 119 -9.85 -24.56 -59.19
N ASP C 120 -10.17 -25.71 -59.76
CA ASP C 120 -11.54 -26.05 -60.16
C ASP C 120 -11.89 -27.43 -59.61
N PRO C 121 -12.25 -27.51 -58.33
CA PRO C 121 -12.66 -28.79 -57.74
C PRO C 121 -14.15 -29.05 -57.86
N PHE C 122 -14.48 -30.33 -57.98
CA PHE C 122 -15.88 -30.75 -58.10
C PHE C 122 -15.98 -32.20 -57.60
N LEU C 123 -17.13 -32.81 -57.83
CA LEU C 123 -17.39 -34.18 -57.42
C LEU C 123 -17.75 -35.02 -58.63
N ASP C 124 -17.46 -36.32 -58.54
CA ASP C 124 -17.75 -37.26 -59.62
C ASP C 124 -19.25 -37.53 -59.73
N GLU C 136 -18.52 -38.63 -54.17
CA GLU C 136 -17.72 -38.84 -55.37
C GLU C 136 -17.08 -40.22 -55.38
N SER C 137 -16.61 -40.64 -56.56
CA SER C 137 -15.97 -41.95 -56.67
C SER C 137 -14.55 -41.93 -56.11
N GLU C 138 -13.70 -41.06 -56.65
CA GLU C 138 -12.33 -40.92 -56.20
C GLU C 138 -12.09 -39.49 -55.71
N PHE C 139 -10.93 -39.29 -55.09
CA PHE C 139 -10.58 -37.97 -54.59
C PHE C 139 -10.28 -37.01 -55.73
N ARG C 140 -10.75 -35.77 -55.60
CA ARG C 140 -10.54 -34.76 -56.61
C ARG C 140 -10.13 -33.41 -56.05
N VAL C 141 -9.89 -33.32 -54.74
CA VAL C 141 -9.50 -32.07 -54.11
C VAL C 141 -8.03 -32.14 -53.71
N TYR C 142 -7.26 -32.94 -54.45
CA TYR C 142 -5.84 -33.12 -54.17
C TYR C 142 -5.04 -31.86 -54.49
N PHE C 150 -6.68 -34.57 -37.06
CA PHE C 150 -7.69 -35.53 -36.63
C PHE C 150 -8.93 -35.43 -37.52
N GLU C 151 -9.78 -36.45 -37.44
CA GLU C 151 -11.01 -36.48 -38.21
C GLU C 151 -12.19 -36.82 -37.29
N TYR C 152 -13.35 -36.26 -37.61
CA TYR C 152 -14.55 -36.41 -36.80
C TYR C 152 -15.70 -36.90 -37.67
N VAL C 153 -16.47 -37.85 -37.13
CA VAL C 153 -17.59 -38.44 -37.84
C VAL C 153 -18.85 -38.27 -36.99
N SER C 154 -19.97 -37.94 -37.65
CA SER C 154 -21.23 -37.69 -36.96
C SER C 154 -22.38 -37.96 -37.94
N GLN C 155 -23.56 -37.51 -37.57
CA GLN C 155 -24.74 -37.66 -38.42
C GLN C 155 -24.60 -36.80 -39.66
N PRO C 156 -25.07 -37.28 -40.82
CA PRO C 156 -25.07 -36.43 -42.02
C PRO C 156 -25.95 -35.20 -41.85
N PHE C 157 -25.51 -34.09 -42.45
CA PHE C 157 -26.22 -32.82 -42.30
C PHE C 157 -27.52 -32.82 -43.09
N LEU C 158 -27.52 -33.36 -44.29
CA LEU C 158 -28.70 -33.39 -45.13
C LEU C 158 -29.55 -34.62 -44.87
N LYS C 169 -38.11 -32.08 -51.98
CA LYS C 169 -36.97 -31.38 -51.40
C LYS C 169 -37.45 -30.36 -50.35
N ASN C 170 -36.49 -29.74 -49.68
CA ASN C 170 -36.79 -28.76 -48.63
C ASN C 170 -35.71 -27.70 -48.64
N LEU C 171 -35.67 -26.88 -47.59
CA LEU C 171 -34.70 -25.81 -47.45
C LEU C 171 -33.77 -26.10 -46.29
N ARG C 172 -32.46 -25.96 -46.52
CA ARG C 172 -31.45 -26.18 -45.50
C ARG C 172 -30.62 -24.92 -45.35
N GLU C 173 -30.44 -24.47 -44.12
CA GLU C 173 -29.71 -23.24 -43.81
C GLU C 173 -28.49 -23.56 -42.98
N PHE C 174 -27.32 -23.15 -43.46
CA PHE C 174 -26.05 -23.35 -42.76
C PHE C 174 -25.39 -22.01 -42.49
N VAL C 175 -24.85 -21.84 -41.28
CA VAL C 175 -24.13 -20.63 -40.92
C VAL C 175 -22.86 -21.04 -40.16
N PHE C 176 -21.77 -20.33 -40.44
CA PHE C 176 -20.48 -20.61 -39.82
C PHE C 176 -19.98 -19.37 -39.09
N LYS C 177 -19.62 -19.54 -37.83
CA LYS C 177 -19.07 -18.46 -37.01
C LYS C 177 -17.63 -18.80 -36.66
N ASN C 178 -16.72 -17.86 -36.90
CA ASN C 178 -15.29 -18.04 -36.68
C ASN C 178 -14.86 -17.06 -35.59
N ILE C 179 -14.90 -17.51 -34.34
CA ILE C 179 -14.42 -16.72 -33.21
C ILE C 179 -13.97 -17.68 -32.11
N ASP C 180 -12.98 -17.23 -31.33
CA ASP C 180 -12.42 -17.93 -30.17
C ASP C 180 -11.85 -19.31 -30.54
N GLY C 181 -11.49 -19.50 -31.82
CA GLY C 181 -10.97 -20.78 -32.24
C GLY C 181 -11.99 -21.91 -32.28
N TYR C 182 -13.27 -21.58 -32.38
CA TYR C 182 -14.34 -22.56 -32.37
C TYR C 182 -15.16 -22.46 -33.65
N PHE C 183 -15.49 -23.60 -34.24
CA PHE C 183 -16.38 -23.68 -35.38
C PHE C 183 -17.67 -24.38 -34.97
N LYS C 184 -18.80 -23.82 -35.39
CA LYS C 184 -20.11 -24.30 -34.99
C LYS C 184 -20.89 -24.79 -36.20
N ILE C 185 -21.75 -25.78 -35.96
CA ILE C 185 -22.59 -26.36 -37.00
C ILE C 185 -24.04 -26.07 -36.65
N TYR C 186 -24.76 -25.42 -37.57
CA TYR C 186 -26.16 -25.07 -37.38
C TYR C 186 -26.97 -25.64 -38.53
N SER C 187 -28.07 -26.33 -38.22
CA SER C 187 -28.90 -26.93 -39.25
C SER C 187 -30.32 -27.09 -38.73
N LYS C 188 -31.28 -26.95 -39.64
CA LYS C 188 -32.69 -27.18 -39.34
C LYS C 188 -33.42 -27.45 -40.65
N HIS C 189 -34.16 -28.54 -40.69
CA HIS C 189 -34.97 -28.89 -41.85
C HIS C 189 -36.33 -28.22 -41.74
N THR C 190 -36.71 -27.45 -42.76
CA THR C 190 -37.97 -26.74 -42.76
C THR C 190 -38.70 -26.97 -44.08
N PRO C 191 -40.04 -27.01 -44.04
CA PRO C 191 -40.79 -27.12 -45.29
C PRO C 191 -40.70 -25.85 -46.13
N ILE C 192 -40.87 -26.03 -47.43
CA ILE C 192 -40.82 -24.90 -48.37
C ILE C 192 -42.18 -24.20 -48.40
N ASP C 197 -38.16 -21.18 -53.57
CA ASP C 197 -38.08 -19.74 -53.29
C ASP C 197 -37.86 -19.49 -51.79
N LEU C 198 -37.46 -18.27 -51.46
CA LEU C 198 -37.22 -17.93 -50.07
C LEU C 198 -38.55 -17.82 -49.33
N PRO C 199 -38.68 -18.41 -48.14
CA PRO C 199 -39.95 -18.35 -47.42
C PRO C 199 -40.19 -16.98 -46.80
N GLN C 200 -41.46 -16.73 -46.46
CA GLN C 200 -41.87 -15.49 -45.84
C GLN C 200 -42.08 -15.60 -44.34
N GLY C 201 -42.30 -16.81 -43.82
CA GLY C 201 -42.52 -17.00 -42.41
C GLY C 201 -41.22 -17.02 -41.62
N PHE C 202 -41.37 -17.09 -40.29
CA PHE C 202 -40.23 -17.07 -39.39
C PHE C 202 -39.72 -18.48 -39.16
N SER C 203 -38.40 -18.60 -39.05
CA SER C 203 -37.75 -19.88 -38.79
C SER C 203 -36.54 -19.65 -37.90
N ALA C 204 -36.41 -20.49 -36.86
CA ALA C 204 -35.28 -20.40 -35.94
C ALA C 204 -34.15 -21.29 -36.45
N LEU C 205 -33.13 -21.48 -35.61
CA LEU C 205 -31.98 -22.30 -35.96
C LEU C 205 -31.29 -22.74 -34.68
N GLU C 206 -30.80 -23.98 -34.68
CA GLU C 206 -30.20 -24.57 -33.48
C GLU C 206 -28.80 -25.10 -33.79
N PRO C 207 -27.88 -25.00 -32.84
CA PRO C 207 -26.53 -25.54 -33.05
C PRO C 207 -26.50 -27.05 -32.93
N LEU C 208 -25.76 -27.70 -33.84
CA LEU C 208 -25.65 -29.15 -33.87
C LEU C 208 -24.31 -29.63 -33.28
N VAL C 209 -23.19 -29.20 -33.87
CA VAL C 209 -21.87 -29.70 -33.50
C VAL C 209 -20.94 -28.51 -33.29
N ASP C 210 -20.21 -28.51 -32.18
CA ASP C 210 -19.18 -27.53 -31.89
C ASP C 210 -17.83 -28.21 -31.84
N LEU C 211 -16.86 -27.70 -32.61
CA LEU C 211 -15.55 -28.30 -32.68
C LEU C 211 -14.46 -27.25 -32.50
N PRO C 212 -13.45 -27.54 -31.67
CA PRO C 212 -12.32 -26.60 -31.54
C PRO C 212 -11.19 -26.90 -32.52
N ILE C 213 -10.76 -25.88 -33.26
CA ILE C 213 -9.65 -26.02 -34.19
C ILE C 213 -8.54 -25.04 -33.82
N GLY C 214 -8.87 -23.74 -33.81
CA GLY C 214 -7.94 -22.71 -33.43
C GLY C 214 -7.34 -21.91 -34.57
N ILE C 215 -7.78 -22.14 -35.80
CA ILE C 215 -7.28 -21.40 -36.96
C ILE C 215 -8.40 -20.51 -37.51
N ASN C 216 -8.01 -19.56 -38.34
CA ASN C 216 -8.95 -18.63 -38.96
C ASN C 216 -9.00 -18.87 -40.46
N ILE C 217 -10.15 -18.52 -41.05
CA ILE C 217 -10.45 -18.77 -42.45
C ILE C 217 -10.59 -17.43 -43.17
N THR C 218 -9.93 -17.32 -44.33
CA THR C 218 -9.96 -16.11 -45.14
C THR C 218 -10.91 -16.24 -46.33
N ARG C 219 -10.87 -17.36 -47.03
CA ARG C 219 -11.68 -17.57 -48.23
C ARG C 219 -12.45 -18.88 -48.10
N PHE C 220 -13.57 -18.98 -48.81
CA PHE C 220 -14.40 -20.18 -48.77
C PHE C 220 -14.89 -20.49 -50.18
N GLN C 221 -15.24 -21.76 -50.39
CA GLN C 221 -15.65 -22.23 -51.70
C GLN C 221 -16.69 -23.34 -51.56
N THR C 222 -17.66 -23.35 -52.46
CA THR C 222 -18.60 -24.45 -52.57
C THR C 222 -18.11 -25.45 -53.62
N LEU C 223 -18.75 -26.62 -53.65
CA LEU C 223 -18.36 -27.69 -54.55
C LEU C 223 -19.49 -28.04 -55.49
N LEU C 224 -19.16 -28.16 -56.78
CA LEU C 224 -20.13 -28.62 -57.76
C LEU C 224 -20.42 -30.11 -57.56
N ALA C 225 -21.69 -30.49 -57.69
CA ALA C 225 -22.13 -31.85 -57.45
C ALA C 225 -22.63 -32.48 -58.75
N LEU C 226 -22.20 -33.71 -58.99
CA LEU C 226 -22.63 -34.48 -60.15
C LEU C 226 -23.22 -35.81 -59.70
N HIS C 227 -24.20 -36.30 -60.46
CA HIS C 227 -24.85 -37.55 -60.13
C HIS C 227 -24.89 -38.48 -61.34
N ALA C 244 -26.18 -27.57 -62.66
CA ALA C 244 -27.20 -26.89 -61.87
C ALA C 244 -26.64 -26.45 -60.52
N ALA C 245 -26.65 -25.14 -60.28
CA ALA C 245 -26.15 -24.57 -59.03
C ALA C 245 -27.25 -23.71 -58.41
N ALA C 246 -27.48 -23.91 -57.11
CA ALA C 246 -28.49 -23.16 -56.39
C ALA C 246 -28.03 -23.01 -54.94
N TYR C 247 -27.44 -21.86 -54.62
CA TYR C 247 -26.98 -21.59 -53.27
C TYR C 247 -26.98 -20.08 -53.03
N TYR C 248 -26.97 -19.71 -51.75
CA TYR C 248 -27.03 -18.32 -51.33
C TYR C 248 -25.84 -18.00 -50.44
N VAL C 249 -25.30 -16.79 -50.60
CA VAL C 249 -24.16 -16.32 -49.82
C VAL C 249 -24.53 -14.98 -49.21
N GLY C 250 -24.38 -14.87 -47.88
CA GLY C 250 -24.71 -13.66 -47.17
C GLY C 250 -23.53 -13.10 -46.38
N TYR C 251 -23.79 -12.01 -45.68
CA TYR C 251 -22.78 -11.32 -44.89
C TYR C 251 -23.30 -11.11 -43.46
N LEU C 252 -22.39 -11.15 -42.50
CA LEU C 252 -22.72 -11.00 -41.09
C LEU C 252 -21.89 -9.87 -40.48
N GLN C 253 -22.57 -9.00 -39.73
CA GLN C 253 -21.97 -7.87 -39.06
C GLN C 253 -22.48 -7.78 -37.62
N PRO C 254 -21.66 -7.32 -36.67
CA PRO C 254 -22.03 -7.41 -35.25
C PRO C 254 -22.95 -6.27 -34.81
N ARG C 255 -24.10 -6.63 -34.24
CA ARG C 255 -24.93 -5.69 -33.53
C ARG C 255 -25.64 -6.43 -32.40
N THR C 256 -26.64 -5.78 -31.82
CA THR C 256 -27.48 -6.36 -30.77
C THR C 256 -28.86 -6.66 -31.35
N PHE C 257 -29.43 -7.80 -30.96
CA PHE C 257 -30.83 -8.12 -31.24
C PHE C 257 -31.60 -8.26 -29.94
N LEU C 258 -32.93 -8.14 -30.06
CA LEU C 258 -33.87 -8.45 -28.99
C LEU C 258 -34.69 -9.66 -29.42
N LEU C 259 -34.80 -10.65 -28.55
CA LEU C 259 -35.53 -11.87 -28.87
C LEU C 259 -36.62 -12.12 -27.83
N LYS C 260 -37.75 -12.64 -28.29
CA LYS C 260 -38.87 -13.03 -27.44
C LYS C 260 -38.98 -14.55 -27.46
N TYR C 261 -38.97 -15.16 -26.28
CA TYR C 261 -38.97 -16.61 -26.15
C TYR C 261 -40.35 -17.14 -25.80
N ASN C 262 -40.49 -18.45 -25.85
CA ASN C 262 -41.74 -19.14 -25.55
C ASN C 262 -41.47 -20.23 -24.52
N GLU C 263 -42.56 -20.70 -23.90
CA GLU C 263 -42.45 -21.76 -22.90
C GLU C 263 -42.06 -23.10 -23.51
N ASN C 264 -42.31 -23.30 -24.80
CA ASN C 264 -41.92 -24.53 -25.48
C ASN C 264 -40.44 -24.57 -25.83
N GLY C 265 -39.75 -23.44 -25.76
CA GLY C 265 -38.33 -23.40 -26.04
C GLY C 265 -38.00 -22.76 -27.38
N THR C 266 -38.86 -22.95 -28.37
CA THR C 266 -38.63 -22.41 -29.70
C THR C 266 -38.95 -20.92 -29.76
N ILE C 267 -38.11 -20.17 -30.46
CA ILE C 267 -38.33 -18.74 -30.66
C ILE C 267 -39.39 -18.56 -31.74
N THR C 268 -40.38 -17.70 -31.48
CA THR C 268 -41.47 -17.47 -32.41
C THR C 268 -41.33 -16.18 -33.21
N ASP C 269 -40.61 -15.19 -32.70
CA ASP C 269 -40.39 -13.93 -33.41
C ASP C 269 -39.16 -13.24 -32.85
N ALA C 270 -38.64 -12.29 -33.62
CA ALA C 270 -37.46 -11.53 -33.23
C ALA C 270 -37.45 -10.19 -33.95
N VAL C 271 -36.66 -9.27 -33.42
CA VAL C 271 -36.51 -7.94 -34.03
C VAL C 271 -35.08 -7.46 -33.78
N ASP C 272 -34.60 -6.60 -34.67
CA ASP C 272 -33.24 -6.09 -34.59
C ASP C 272 -33.24 -4.78 -33.80
N CYS C 273 -32.11 -4.05 -33.85
CA CYS C 273 -31.96 -2.81 -33.12
C CYS C 273 -31.81 -1.58 -34.01
N ALA C 274 -31.11 -1.68 -35.16
CA ALA C 274 -30.88 -0.51 -36.01
C ALA C 274 -31.23 -0.85 -37.46
N LEU C 275 -32.52 -0.78 -37.79
CA LEU C 275 -33.04 -0.75 -39.16
C LEU C 275 -34.03 0.38 -39.39
N ASP C 276 -34.85 0.70 -38.39
CA ASP C 276 -35.88 1.72 -38.50
C ASP C 276 -36.01 2.41 -37.16
N PRO C 277 -36.58 3.62 -37.12
CA PRO C 277 -36.89 4.23 -35.82
C PRO C 277 -37.85 3.40 -34.96
N LEU C 278 -38.77 2.67 -35.58
CA LEU C 278 -39.62 1.75 -34.82
C LEU C 278 -38.81 0.59 -34.26
N SER C 279 -37.87 0.06 -35.05
CA SER C 279 -37.01 -1.02 -34.56
C SER C 279 -36.12 -0.55 -33.41
N GLU C 280 -35.58 0.66 -33.53
CA GLU C 280 -34.80 1.24 -32.43
C GLU C 280 -35.67 1.49 -31.20
N THR C 281 -36.92 1.90 -31.42
CA THR C 281 -37.85 2.11 -30.31
C THR C 281 -38.12 0.80 -29.57
N LYS C 282 -38.36 -0.28 -30.32
CA LYS C 282 -38.57 -1.58 -29.71
C LYS C 282 -37.31 -2.09 -29.02
N CYS C 283 -36.15 -1.78 -29.58
CA CYS C 283 -34.88 -2.23 -28.99
C CYS C 283 -34.60 -1.50 -27.68
N THR C 284 -34.91 -0.21 -27.60
CA THR C 284 -34.60 0.56 -26.40
C THR C 284 -35.68 0.47 -25.32
N LEU C 285 -36.94 0.24 -25.69
CA LEU C 285 -37.97 0.14 -24.66
C LEU C 285 -38.12 -1.25 -24.07
N LYS C 286 -37.33 -2.22 -24.55
CA LYS C 286 -37.37 -3.62 -24.08
C LYS C 286 -38.76 -4.23 -24.21
N SER C 287 -39.45 -3.90 -25.30
CA SER C 287 -40.79 -4.40 -25.53
C SER C 287 -41.06 -4.40 -27.03
N PHE C 288 -42.04 -5.20 -27.44
CA PHE C 288 -42.40 -5.30 -28.85
C PHE C 288 -43.48 -4.28 -29.22
N THR C 289 -44.63 -4.34 -28.54
CA THR C 289 -45.68 -3.36 -28.76
C THR C 289 -45.30 -2.04 -28.12
N VAL C 290 -45.44 -0.95 -28.87
CA VAL C 290 -45.07 0.38 -28.43
C VAL C 290 -46.32 1.25 -28.39
N GLU C 291 -46.60 1.83 -27.23
CA GLU C 291 -47.72 2.73 -27.09
C GLU C 291 -47.38 4.10 -27.67
N LYS C 292 -48.43 4.89 -27.91
CA LYS C 292 -48.24 6.22 -28.47
C LYS C 292 -47.68 7.18 -27.42
N GLY C 293 -46.64 7.91 -27.79
CA GLY C 293 -46.03 8.85 -26.88
C GLY C 293 -44.65 9.27 -27.36
N ILE C 294 -44.02 10.10 -26.56
CA ILE C 294 -42.68 10.60 -26.84
C ILE C 294 -41.66 9.74 -26.10
N TYR C 295 -40.61 9.35 -26.81
CA TYR C 295 -39.59 8.44 -26.26
C TYR C 295 -38.21 8.98 -26.62
N GLN C 296 -37.45 9.40 -25.61
CA GLN C 296 -36.05 9.78 -25.80
C GLN C 296 -35.19 8.55 -25.57
N THR C 297 -34.57 8.07 -26.64
CA THR C 297 -33.86 6.79 -26.61
C THR C 297 -32.35 6.95 -26.68
N SER C 298 -31.83 7.64 -27.69
CA SER C 298 -30.39 7.72 -27.90
C SER C 298 -30.05 9.09 -28.46
N ASN C 299 -28.82 9.24 -28.93
CA ASN C 299 -28.29 10.50 -29.41
C ASN C 299 -27.74 10.36 -30.83
N PHE C 300 -27.24 11.47 -31.35
CA PHE C 300 -26.76 11.55 -32.72
C PHE C 300 -25.61 12.54 -32.79
N ARG C 301 -24.49 12.11 -33.35
CA ARG C 301 -23.32 12.95 -33.52
C ARG C 301 -22.69 12.65 -34.88
N VAL C 302 -21.90 13.59 -35.38
CA VAL C 302 -21.24 13.46 -36.67
C VAL C 302 -19.83 12.94 -36.45
N GLN C 303 -19.49 11.84 -37.11
CA GLN C 303 -18.16 11.26 -36.99
C GLN C 303 -17.14 12.14 -37.72
N PRO C 304 -15.91 12.20 -37.21
CA PRO C 304 -14.87 12.96 -37.91
C PRO C 304 -14.50 12.33 -39.25
N THR C 305 -14.09 13.19 -40.19
CA THR C 305 -13.78 12.74 -41.54
C THR C 305 -12.30 12.43 -41.73
N GLU C 306 -11.42 13.18 -41.09
CA GLU C 306 -9.98 12.98 -41.24
C GLU C 306 -9.29 13.45 -39.96
N SER C 307 -7.96 13.50 -40.00
CA SER C 307 -7.16 13.94 -38.86
C SER C 307 -6.15 14.97 -39.33
N ILE C 308 -5.98 16.02 -38.52
CA ILE C 308 -5.03 17.09 -38.79
C ILE C 308 -4.17 17.33 -37.56
N VAL C 309 -2.87 17.51 -37.78
CA VAL C 309 -1.93 17.81 -36.70
C VAL C 309 -1.10 19.01 -37.11
N ARG C 310 -0.67 19.78 -36.10
CA ARG C 310 0.15 20.96 -36.34
C ARG C 310 1.13 21.11 -35.18
N PHE C 311 2.41 20.91 -35.47
CA PHE C 311 3.50 20.98 -34.51
C PHE C 311 4.47 22.09 -34.91
N PRO C 312 5.25 22.63 -33.95
CA PRO C 312 6.22 23.66 -34.31
C PRO C 312 7.30 23.14 -35.25
N ASN C 313 7.80 24.03 -36.10
CA ASN C 313 8.81 23.68 -37.09
C ASN C 313 10.23 23.79 -36.55
N ILE C 314 10.39 24.09 -35.26
CA ILE C 314 11.73 24.17 -34.67
C ILE C 314 12.30 22.76 -34.57
N THR C 315 13.45 22.55 -35.22
CA THR C 315 14.10 21.24 -35.32
C THR C 315 15.56 21.41 -34.93
N ASN C 316 15.88 21.17 -33.67
CA ASN C 316 17.23 21.39 -33.15
C ASN C 316 17.94 20.11 -32.73
N LEU C 317 17.27 18.95 -32.80
CA LEU C 317 17.89 17.63 -32.59
C LEU C 317 18.50 17.51 -31.19
N CYS C 318 17.59 17.44 -30.18
CA CYS C 318 17.84 17.37 -28.74
C CYS C 318 19.07 16.52 -28.39
N PRO C 319 20.05 17.09 -27.69
CA PRO C 319 21.29 16.34 -27.37
C PRO C 319 21.09 15.35 -26.22
N PHE C 320 20.31 14.30 -26.50
CA PHE C 320 20.10 13.25 -25.51
C PHE C 320 21.34 12.37 -25.36
N ASP C 321 22.16 12.27 -26.42
CA ASP C 321 23.36 11.44 -26.36
C ASP C 321 24.46 12.05 -25.50
N GLU C 322 24.36 13.34 -25.18
CA GLU C 322 25.34 13.97 -24.29
C GLU C 322 25.23 13.45 -22.86
N VAL C 323 24.05 13.02 -22.43
CA VAL C 323 23.88 12.42 -21.12
C VAL C 323 23.67 10.91 -21.20
N PHE C 324 23.13 10.39 -22.31
CA PHE C 324 22.99 8.95 -22.47
C PHE C 324 24.31 8.27 -22.76
N ASN C 325 25.22 8.95 -23.47
CA ASN C 325 26.49 8.38 -23.92
C ASN C 325 27.60 9.33 -23.46
N ALA C 326 28.10 9.10 -22.24
CA ALA C 326 29.15 9.94 -21.67
C ALA C 326 30.27 9.06 -21.15
N THR C 327 31.46 9.65 -21.03
CA THR C 327 32.62 8.91 -20.54
C THR C 327 32.47 8.54 -19.07
N ARG C 328 31.92 9.43 -18.26
CA ARG C 328 31.76 9.18 -16.83
C ARG C 328 30.40 9.70 -16.37
N PHE C 329 29.86 9.05 -15.34
CA PHE C 329 28.64 9.48 -14.68
C PHE C 329 28.94 9.86 -13.24
N ALA C 330 28.19 10.83 -12.73
CA ALA C 330 28.33 11.23 -11.33
C ALA C 330 27.74 10.17 -10.42
N SER C 331 28.20 10.17 -9.17
CA SER C 331 27.75 9.18 -8.19
C SER C 331 26.35 9.50 -7.71
N VAL C 332 25.76 8.55 -6.99
CA VAL C 332 24.38 8.70 -6.55
C VAL C 332 24.27 9.69 -5.39
N TYR C 333 25.34 9.88 -4.63
CA TYR C 333 25.30 10.83 -3.52
C TYR C 333 25.38 12.27 -4.01
N ALA C 334 25.99 12.51 -5.17
CA ALA C 334 26.09 13.83 -5.78
C ALA C 334 25.71 13.68 -7.25
N TRP C 335 24.43 13.83 -7.55
CA TRP C 335 23.90 13.62 -8.89
C TRP C 335 23.72 14.96 -9.60
N ASN C 336 24.06 14.99 -10.88
CA ASN C 336 23.93 16.18 -11.70
C ASN C 336 22.61 16.17 -12.47
N ARG C 337 22.20 17.34 -12.93
CA ARG C 337 20.95 17.52 -13.65
C ARG C 337 21.18 18.31 -14.92
N LYS C 338 20.60 17.83 -16.02
CA LYS C 338 20.66 18.52 -17.31
C LYS C 338 19.26 18.83 -17.78
N ARG C 339 19.05 20.03 -18.30
CA ARG C 339 17.75 20.49 -18.76
C ARG C 339 17.71 20.46 -20.28
N ILE C 340 16.67 19.81 -20.82
CA ILE C 340 16.48 19.70 -22.27
C ILE C 340 15.16 20.33 -22.64
N SER C 341 15.20 21.26 -23.59
CA SER C 341 14.01 21.95 -24.09
C SER C 341 14.34 22.58 -25.44
N ASN C 342 13.29 22.98 -26.16
CA ASN C 342 13.37 23.75 -27.41
C ASN C 342 14.15 23.01 -28.49
N CYS C 343 13.77 21.75 -28.72
CA CYS C 343 14.36 20.92 -29.77
C CYS C 343 13.35 19.82 -30.12
N VAL C 344 13.83 18.79 -30.81
CA VAL C 344 12.99 17.65 -31.20
C VAL C 344 13.61 16.38 -30.64
N ALA C 345 12.77 15.51 -30.07
CA ALA C 345 13.23 14.31 -29.38
C ALA C 345 12.86 13.07 -30.18
N ASP C 346 13.77 12.09 -30.19
CA ASP C 346 13.56 10.81 -30.85
C ASP C 346 13.85 9.70 -29.86
N TYR C 347 13.20 8.55 -30.07
CA TYR C 347 13.35 7.40 -29.18
C TYR C 347 13.81 6.12 -29.86
N SER C 348 13.73 6.02 -31.20
CA SER C 348 14.17 4.82 -31.89
C SER C 348 15.69 4.71 -31.99
N VAL C 349 16.41 5.83 -31.82
CA VAL C 349 17.86 5.81 -31.91
C VAL C 349 18.51 5.34 -30.61
N LEU C 350 17.74 5.28 -29.52
CA LEU C 350 18.30 4.94 -28.20
C LEU C 350 18.60 3.45 -28.06
N TYR C 351 18.20 2.61 -29.01
CA TYR C 351 18.43 1.17 -28.91
C TYR C 351 19.80 0.75 -29.42
N ASN C 352 20.62 1.69 -29.90
CA ASN C 352 21.88 1.32 -30.54
C ASN C 352 22.92 0.88 -29.52
N PHE C 353 23.02 1.56 -28.37
CA PHE C 353 24.08 1.28 -27.42
C PHE C 353 23.88 -0.07 -26.74
N ALA C 354 22.68 -0.32 -26.21
CA ALA C 354 22.40 -1.54 -25.46
C ALA C 354 20.90 -1.72 -25.37
N PRO C 355 20.40 -2.95 -25.41
CA PRO C 355 18.98 -3.18 -25.14
C PRO C 355 18.62 -2.87 -23.70
N PHE C 356 17.39 -2.40 -23.50
CA PHE C 356 16.94 -2.00 -22.18
C PHE C 356 16.62 -3.23 -21.33
N PHE C 357 16.90 -3.11 -20.03
CA PHE C 357 16.76 -4.23 -19.10
C PHE C 357 15.44 -4.18 -18.32
N ALA C 358 15.19 -3.07 -17.62
CA ALA C 358 14.01 -2.99 -16.77
C ALA C 358 12.75 -2.69 -17.58
N PHE C 359 12.72 -1.52 -18.22
CA PHE C 359 11.70 -1.02 -19.15
C PHE C 359 10.35 -0.74 -18.47
N LYS C 360 10.19 -1.05 -17.19
CA LYS C 360 8.94 -0.80 -16.50
C LYS C 360 8.81 0.68 -16.18
N CYS C 361 7.71 1.29 -16.62
CA CYS C 361 7.48 2.72 -16.45
C CYS C 361 6.17 2.95 -15.70
N TYR C 362 6.18 3.89 -14.78
CA TYR C 362 5.01 4.25 -13.99
C TYR C 362 4.39 5.53 -14.53
N GLY C 363 3.05 5.56 -14.54
CA GLY C 363 2.34 6.74 -14.98
C GLY C 363 2.14 6.81 -16.49
N VAL C 364 2.95 7.64 -17.15
CA VAL C 364 2.82 7.82 -18.60
C VAL C 364 3.28 6.55 -19.32
N SER C 365 2.57 6.21 -20.40
CA SER C 365 2.88 5.00 -21.14
C SER C 365 4.10 5.23 -22.04
N PRO C 366 5.15 4.41 -21.94
CA PRO C 366 6.30 4.56 -22.84
C PRO C 366 6.05 4.05 -24.25
N THR C 367 4.95 3.32 -24.48
CA THR C 367 4.68 2.80 -25.82
C THR C 367 4.29 3.91 -26.78
N LYS C 368 3.46 4.85 -26.34
CA LYS C 368 3.02 5.97 -27.16
C LYS C 368 3.69 7.24 -26.64
N LEU C 369 4.66 7.74 -27.40
CA LEU C 369 5.38 8.97 -27.02
C LEU C 369 5.53 9.96 -28.16
N ASN C 370 5.26 9.57 -29.41
CA ASN C 370 5.43 10.49 -30.53
C ASN C 370 4.31 11.52 -30.58
N ASP C 371 3.13 11.19 -30.08
CA ASP C 371 1.99 12.10 -30.10
C ASP C 371 1.89 12.96 -28.86
N LEU C 372 2.84 12.87 -27.94
CA LEU C 372 2.82 13.63 -26.70
C LEU C 372 3.70 14.87 -26.81
N CYS C 373 3.26 15.94 -26.18
CA CYS C 373 3.99 17.22 -26.19
C CYS C 373 4.23 17.68 -24.76
N PHE C 374 5.41 18.24 -24.54
CA PHE C 374 5.94 18.51 -23.21
C PHE C 374 7.14 19.45 -23.36
N THR C 375 7.73 19.84 -22.22
CA THR C 375 8.83 20.79 -22.24
C THR C 375 9.64 20.69 -20.96
N ASN C 376 10.91 21.11 -21.05
CA ASN C 376 11.82 21.30 -19.92
C ASN C 376 12.01 20.03 -19.11
N VAL C 377 12.59 19.02 -19.75
CA VAL C 377 12.79 17.74 -19.09
C VAL C 377 14.15 17.71 -18.41
N TYR C 378 14.23 16.91 -17.34
CA TYR C 378 15.42 16.77 -16.52
C TYR C 378 16.06 15.41 -16.78
N ALA C 379 17.38 15.40 -16.86
CA ALA C 379 18.14 14.18 -17.10
C ALA C 379 19.24 14.05 -16.06
N ASP C 380 19.29 12.91 -15.40
CA ASP C 380 20.31 12.56 -14.43
C ASP C 380 21.00 11.28 -14.87
N SER C 381 21.96 10.82 -14.07
CA SER C 381 22.68 9.58 -14.39
C SER C 381 23.32 9.06 -13.12
N PHE C 382 22.98 7.83 -12.73
CA PHE C 382 23.64 7.20 -11.59
C PHE C 382 23.68 5.70 -11.81
N VAL C 383 23.97 4.94 -10.75
CA VAL C 383 24.21 3.51 -10.86
C VAL C 383 23.35 2.76 -9.85
N ILE C 384 22.96 1.54 -10.21
CA ILE C 384 22.29 0.59 -9.34
C ILE C 384 23.15 -0.67 -9.32
N ARG C 385 23.49 -1.14 -8.11
CA ARG C 385 24.42 -2.27 -8.00
C ARG C 385 23.79 -3.60 -8.39
N GLY C 386 22.47 -3.66 -8.56
CA GLY C 386 21.86 -4.85 -9.11
C GLY C 386 20.67 -5.41 -8.35
N ASN C 387 20.71 -5.38 -7.03
CA ASN C 387 19.64 -5.94 -6.21
C ASN C 387 18.67 -4.87 -5.68
N GLU C 388 18.76 -3.64 -6.17
CA GLU C 388 17.85 -2.58 -5.78
C GLU C 388 17.29 -1.86 -7.02
N VAL C 389 17.08 -2.62 -8.09
CA VAL C 389 16.45 -2.07 -9.29
C VAL C 389 15.01 -1.69 -9.01
N SER C 390 14.29 -2.52 -8.24
CA SER C 390 12.92 -2.20 -7.84
C SER C 390 12.86 -1.11 -6.78
N GLN C 391 14.00 -0.76 -6.16
CA GLN C 391 14.01 0.30 -5.16
C GLN C 391 13.86 1.69 -5.77
N ILE C 392 14.04 1.82 -7.07
CA ILE C 392 13.83 3.10 -7.75
C ILE C 392 12.35 3.16 -8.11
N ALA C 393 11.55 3.55 -7.12
CA ALA C 393 10.09 3.61 -7.20
C ALA C 393 9.59 4.45 -6.02
N PRO C 394 8.46 5.13 -6.15
CA PRO C 394 7.92 5.87 -5.00
C PRO C 394 7.47 4.95 -3.88
N GLY C 395 7.67 5.40 -2.64
CA GLY C 395 7.23 4.66 -1.48
C GLY C 395 8.18 3.60 -0.98
N GLN C 396 9.32 3.40 -1.64
CA GLN C 396 10.28 2.39 -1.22
C GLN C 396 11.22 2.93 -0.15
N THR C 397 11.89 2.02 0.55
CA THR C 397 12.82 2.38 1.60
C THR C 397 14.17 1.71 1.39
N GLY C 398 15.08 1.88 2.34
CA GLY C 398 16.40 1.32 2.26
C GLY C 398 17.48 2.40 2.16
N ASN C 399 18.61 2.02 1.56
CA ASN C 399 19.69 2.97 1.35
C ASN C 399 19.43 3.92 0.19
N ILE C 400 18.39 3.69 -0.60
CA ILE C 400 17.88 4.67 -1.55
C ILE C 400 16.53 5.15 -1.04
N ALA C 401 16.20 6.42 -1.37
CA ALA C 401 15.00 7.16 -1.00
C ALA C 401 14.89 7.42 0.49
N ASP C 402 15.92 7.10 1.27
CA ASP C 402 16.00 7.49 2.67
C ASP C 402 17.38 8.08 2.94
N TYR C 403 18.37 7.69 2.12
CA TYR C 403 19.72 8.19 2.23
C TYR C 403 20.31 8.61 0.89
N ASN C 404 19.52 8.60 -0.18
CA ASN C 404 20.02 8.86 -1.53
C ASN C 404 18.91 9.53 -2.32
N TYR C 405 19.03 9.50 -3.65
CA TYR C 405 18.05 10.13 -4.54
C TYR C 405 16.67 9.50 -4.35
N LYS C 406 15.66 10.36 -4.23
CA LYS C 406 14.30 9.93 -3.93
C LYS C 406 13.34 10.50 -4.97
N LEU C 407 12.41 9.65 -5.43
CA LEU C 407 11.38 10.05 -6.38
C LEU C 407 10.13 10.52 -5.65
N PRO C 408 9.39 11.47 -6.21
CA PRO C 408 8.15 11.94 -5.56
C PRO C 408 7.01 10.95 -5.77
N ASP C 409 5.83 11.34 -5.28
CA ASP C 409 4.65 10.49 -5.42
C ASP C 409 4.22 10.38 -6.88
N ASP C 410 4.30 11.48 -7.63
CA ASP C 410 3.98 11.50 -9.06
C ASP C 410 5.19 12.02 -9.81
N PHE C 411 6.07 11.11 -10.21
CA PHE C 411 7.31 11.49 -10.89
C PHE C 411 7.07 11.94 -12.33
N THR C 412 5.93 11.57 -12.92
CA THR C 412 5.54 11.89 -14.29
C THR C 412 6.64 11.47 -15.28
N GLY C 413 7.07 10.23 -15.14
CA GLY C 413 8.14 9.69 -15.96
C GLY C 413 8.61 8.37 -15.38
N CYS C 414 9.81 7.96 -15.81
CA CYS C 414 10.38 6.70 -15.36
C CYS C 414 11.88 6.71 -15.57
N VAL C 415 12.52 5.62 -15.15
CA VAL C 415 13.96 5.44 -15.25
C VAL C 415 14.26 4.31 -16.22
N ILE C 416 15.40 4.43 -16.89
CA ILE C 416 15.89 3.44 -17.83
C ILE C 416 17.27 3.00 -17.38
N ALA C 417 17.43 1.69 -17.12
CA ALA C 417 18.68 1.13 -16.64
C ALA C 417 19.19 0.09 -17.63
N TRP C 418 20.49 0.10 -17.88
CA TRP C 418 21.12 -0.86 -18.77
C TRP C 418 22.35 -1.46 -18.11
N ASN C 419 22.64 -2.70 -18.48
CA ASN C 419 23.77 -3.43 -17.92
C ASN C 419 25.08 -2.88 -18.47
N SER C 420 26.10 -2.82 -17.61
CA SER C 420 27.43 -2.37 -18.00
C SER C 420 28.45 -3.16 -17.19
N ASN C 421 28.94 -4.25 -17.77
CA ASN C 421 29.93 -5.10 -17.12
C ASN C 421 31.29 -5.10 -17.79
N LYS C 422 31.41 -4.48 -18.97
CA LYS C 422 32.69 -4.41 -19.68
C LYS C 422 33.08 -2.98 -20.02
N LEU C 423 32.41 -1.98 -19.44
CA LEU C 423 32.71 -0.58 -19.68
C LEU C 423 33.25 0.13 -18.45
N ASP C 424 32.55 0.05 -17.32
CA ASP C 424 32.98 0.68 -16.08
C ASP C 424 33.32 -0.33 -15.00
N SER C 425 33.23 -1.62 -15.29
CA SER C 425 33.56 -2.68 -14.34
C SER C 425 34.99 -3.12 -14.60
N LYS C 426 35.82 -3.08 -13.56
CA LYS C 426 37.24 -3.39 -13.68
C LYS C 426 37.62 -4.44 -12.66
N VAL C 427 38.48 -5.37 -13.09
CA VAL C 427 38.98 -6.41 -12.20
C VAL C 427 39.86 -5.82 -11.11
N GLY C 428 40.75 -4.89 -11.48
CA GLY C 428 41.66 -4.27 -10.54
C GLY C 428 40.98 -3.40 -9.51
N GLY C 429 39.92 -2.69 -9.90
CA GLY C 429 39.19 -1.87 -8.94
C GLY C 429 38.64 -0.58 -9.50
N ASN C 430 37.40 -0.27 -9.16
CA ASN C 430 36.78 1.01 -9.47
C ASN C 430 36.11 1.57 -8.22
N TYR C 431 36.29 2.87 -7.98
CA TYR C 431 35.75 3.51 -6.79
C TYR C 431 35.13 4.87 -7.12
N ASN C 432 34.70 5.06 -8.37
CA ASN C 432 34.04 6.30 -8.76
C ASN C 432 32.68 6.44 -8.09
N TYR C 433 31.94 5.35 -8.00
CA TYR C 433 30.55 5.38 -7.54
C TYR C 433 30.49 5.07 -6.06
N ARG C 434 30.01 6.03 -5.28
CA ARG C 434 29.85 5.89 -3.83
C ARG C 434 28.41 6.21 -3.45
N TYR C 435 28.02 5.75 -2.27
CA TYR C 435 26.65 5.94 -1.79
C TYR C 435 26.68 6.41 -0.35
N ARG C 436 25.62 7.11 0.04
CA ARG C 436 25.42 7.56 1.42
C ARG C 436 24.57 6.54 2.16
N LEU C 437 25.02 6.14 3.34
CA LEU C 437 24.34 5.13 4.14
C LEU C 437 23.71 5.68 5.41
N PHE C 438 24.31 6.69 6.03
CA PHE C 438 23.82 7.27 7.28
C PHE C 438 23.44 8.72 7.04
N ARG C 439 22.26 9.10 7.53
CA ARG C 439 21.78 10.47 7.47
C ARG C 439 21.20 10.85 8.82
N LYS C 440 21.38 12.13 9.21
CA LYS C 440 20.93 12.59 10.52
C LYS C 440 19.41 12.67 10.58
N SER C 441 18.78 13.26 9.57
CA SER C 441 17.34 13.48 9.57
C SER C 441 16.73 12.84 8.32
N ASN C 442 15.43 13.09 8.13
CA ASN C 442 14.73 12.57 6.97
C ASN C 442 15.16 13.29 5.71
N LEU C 443 14.91 12.65 4.57
CA LEU C 443 15.35 13.16 3.27
C LEU C 443 14.13 13.54 2.45
N LYS C 444 14.07 14.80 2.02
CA LYS C 444 12.99 15.32 1.21
C LYS C 444 13.18 14.94 -0.25
N PRO C 445 12.09 14.78 -1.01
CA PRO C 445 12.23 14.49 -2.43
C PRO C 445 12.80 15.67 -3.21
N PHE C 446 13.56 15.34 -4.26
CA PHE C 446 14.13 16.31 -5.21
C PHE C 446 15.04 17.33 -4.52
N GLU C 447 16.04 16.83 -3.79
CA GLU C 447 17.06 17.68 -3.19
C GLU C 447 18.43 17.09 -3.44
N ARG C 448 19.45 17.95 -3.38
CA ARG C 448 20.83 17.56 -3.55
C ARG C 448 21.60 17.88 -2.28
N ASP C 449 22.30 16.88 -1.74
CA ASP C 449 23.06 17.02 -0.52
C ASP C 449 24.52 16.65 -0.78
N ILE C 450 25.43 17.54 -0.38
CA ILE C 450 26.87 17.29 -0.45
C ILE C 450 27.39 17.43 0.97
N SER C 451 27.67 16.30 1.62
CA SER C 451 28.08 16.27 3.01
C SER C 451 29.52 15.77 3.11
N THR C 452 30.38 16.55 3.76
CA THR C 452 31.75 16.15 4.02
C THR C 452 32.07 15.97 5.50
N GLU C 453 31.24 16.49 6.40
CA GLU C 453 31.47 16.37 7.83
C GLU C 453 31.08 14.96 8.30
N ILE C 454 31.45 14.67 9.54
CA ILE C 454 31.21 13.35 10.14
C ILE C 454 29.85 13.37 10.82
N TYR C 455 28.98 12.43 10.41
CA TYR C 455 27.69 12.27 11.07
C TYR C 455 27.89 11.59 12.41
N GLN C 456 27.23 12.10 13.45
CA GLN C 456 27.37 11.58 14.80
C GLN C 456 26.26 10.58 15.10
N ALA C 457 26.64 9.45 15.72
CA ALA C 457 25.71 8.38 16.03
C ALA C 457 25.73 8.01 17.51
N GLY C 458 26.13 8.94 18.37
CA GLY C 458 26.17 8.69 19.81
C GLY C 458 25.82 9.94 20.58
N ASN C 459 26.60 10.22 21.63
CA ASN C 459 26.38 11.40 22.45
C ASN C 459 27.51 12.43 22.35
N LYS C 460 28.75 11.97 22.12
CA LYS C 460 29.85 12.90 21.97
C LYS C 460 29.76 13.61 20.62
N PRO C 461 30.14 14.90 20.54
CA PRO C 461 30.07 15.62 19.27
C PRO C 461 31.14 15.15 18.27
N CYS C 462 30.71 14.49 17.20
CA CYS C 462 31.62 14.01 16.17
C CYS C 462 31.76 15.03 15.05
N ASN C 463 32.23 16.22 15.42
CA ASN C 463 32.40 17.28 14.43
C ASN C 463 33.58 17.00 13.51
N GLY C 464 34.68 16.46 14.05
CA GLY C 464 35.84 16.14 13.25
C GLY C 464 36.53 14.86 13.65
N VAL C 465 35.97 14.15 14.63
CA VAL C 465 36.54 12.92 15.15
C VAL C 465 35.59 11.77 14.82
N ALA C 466 36.14 10.69 14.27
CA ALA C 466 35.35 9.52 13.91
C ALA C 466 36.16 8.27 14.21
N GLY C 467 35.45 7.16 14.40
CA GLY C 467 36.10 5.88 14.62
C GLY C 467 35.62 5.13 15.85
N VAL C 468 35.32 5.87 16.92
CA VAL C 468 34.90 5.23 18.16
C VAL C 468 33.39 4.99 18.19
N ASN C 469 32.58 5.96 17.75
CA ASN C 469 31.13 5.77 17.69
C ASN C 469 30.50 6.39 16.46
N CYS C 470 31.28 6.97 15.55
CA CYS C 470 30.76 7.65 14.38
C CYS C 470 31.51 7.19 13.14
N TYR C 471 30.79 7.14 12.01
CA TYR C 471 31.34 6.65 10.75
C TYR C 471 31.26 7.73 9.69
N PHE C 472 32.07 7.55 8.65
CA PHE C 472 31.98 8.41 7.47
C PHE C 472 30.72 8.06 6.69
N PRO C 473 29.88 9.04 6.33
CA PRO C 473 28.60 8.71 5.68
C PRO C 473 28.74 8.21 4.25
N LEU C 474 29.89 8.39 3.61
CA LEU C 474 30.08 8.00 2.22
C LEU C 474 30.86 6.70 2.17
N GLN C 475 30.30 5.69 1.48
CA GLN C 475 30.95 4.39 1.32
C GLN C 475 30.90 4.02 -0.15
N SER C 476 32.05 3.60 -0.69
CA SER C 476 32.13 3.28 -2.11
C SER C 476 31.49 1.93 -2.42
N TYR C 477 31.04 1.79 -3.65
CA TYR C 477 30.42 0.56 -4.11
C TYR C 477 31.47 -0.51 -4.39
N GLY C 478 31.11 -1.76 -4.08
CA GLY C 478 31.95 -2.90 -4.43
C GLY C 478 31.54 -3.53 -5.74
N PHE C 479 32.25 -3.22 -6.81
CA PHE C 479 31.91 -3.67 -8.16
C PHE C 479 33.01 -4.61 -8.66
N ARG C 480 32.80 -5.91 -8.51
CA ARG C 480 33.75 -6.91 -8.98
C ARG C 480 33.18 -7.64 -10.18
N PRO C 481 33.95 -7.81 -11.25
CA PRO C 481 33.46 -8.60 -12.40
C PRO C 481 33.28 -10.07 -12.09
N THR C 482 33.92 -10.59 -11.04
CA THR C 482 33.77 -11.99 -10.65
C THR C 482 32.54 -12.24 -9.78
N TYR C 483 31.78 -11.20 -9.45
CA TYR C 483 30.57 -11.35 -8.65
C TYR C 483 29.44 -11.93 -9.50
N GLY C 484 28.27 -12.04 -8.87
CA GLY C 484 27.09 -12.57 -9.54
C GLY C 484 26.42 -11.53 -10.42
N VAL C 485 25.27 -11.93 -10.96
CA VAL C 485 24.50 -11.03 -11.83
C VAL C 485 23.92 -9.88 -11.02
N GLY C 486 23.49 -10.16 -9.78
CA GLY C 486 22.91 -9.16 -8.92
C GLY C 486 23.88 -8.18 -8.30
N HIS C 487 25.17 -8.29 -8.59
CA HIS C 487 26.21 -7.39 -8.09
C HIS C 487 27.01 -6.80 -9.25
N GLN C 488 26.29 -6.36 -10.29
CA GLN C 488 26.91 -5.74 -11.45
C GLN C 488 26.48 -4.27 -11.56
N PRO C 489 27.39 -3.39 -11.99
CA PRO C 489 27.03 -1.96 -12.08
C PRO C 489 26.08 -1.67 -13.24
N TYR C 490 24.83 -1.36 -12.92
CA TYR C 490 23.83 -0.97 -13.92
C TYR C 490 23.79 0.55 -14.01
N ARG C 491 23.86 1.06 -15.23
CA ARG C 491 23.87 2.50 -15.47
C ARG C 491 22.44 2.94 -15.77
N VAL C 492 21.93 3.90 -14.99
CA VAL C 492 20.52 4.25 -15.02
C VAL C 492 20.38 5.76 -15.23
N VAL C 493 19.40 6.13 -16.06
CA VAL C 493 19.06 7.50 -16.42
C VAL C 493 17.60 7.73 -16.03
N VAL C 494 17.25 8.97 -15.71
CA VAL C 494 15.89 9.33 -15.39
C VAL C 494 15.28 10.06 -16.58
N LEU C 495 13.95 10.11 -16.62
CA LEU C 495 13.24 10.87 -17.65
C LEU C 495 11.88 11.23 -17.09
N SER C 496 11.68 12.51 -16.77
CA SER C 496 10.43 12.99 -16.19
C SER C 496 9.86 14.09 -17.07
N PHE C 497 8.59 13.94 -17.42
CA PHE C 497 7.86 14.95 -18.18
C PHE C 497 7.03 15.81 -17.24
N GLU C 498 6.30 16.75 -17.81
CA GLU C 498 5.41 17.62 -17.02
C GLU C 498 4.30 18.13 -17.91
N LEU C 499 3.16 18.44 -17.28
CA LEU C 499 2.00 19.02 -17.96
C LEU C 499 1.81 20.42 -17.38
N LEU C 500 2.49 21.39 -17.97
CA LEU C 500 2.47 22.76 -17.50
C LEU C 500 1.59 23.62 -18.41
N HIS C 501 1.13 24.74 -17.85
CA HIS C 501 0.33 25.69 -18.62
C HIS C 501 1.15 26.40 -19.69
N ALA C 502 2.48 26.41 -19.57
CA ALA C 502 3.33 26.95 -20.61
C ALA C 502 3.26 26.09 -21.86
N PRO C 503 3.41 26.68 -23.04
CA PRO C 503 3.38 25.88 -24.28
C PRO C 503 4.57 24.93 -24.36
N ALA C 504 4.33 23.79 -25.00
CA ALA C 504 5.36 22.77 -25.16
C ALA C 504 6.40 23.20 -26.17
N THR C 505 7.67 22.88 -25.88
CA THR C 505 8.77 23.22 -26.77
C THR C 505 9.38 22.02 -27.48
N VAL C 506 9.19 20.81 -26.98
CA VAL C 506 9.71 19.60 -27.58
C VAL C 506 8.57 18.60 -27.77
N CYS C 507 8.47 18.02 -28.96
CA CYS C 507 7.44 17.04 -29.26
C CYS C 507 8.08 15.93 -30.09
N GLY C 508 7.25 15.02 -30.60
CA GLY C 508 7.73 13.94 -31.41
C GLY C 508 8.07 14.40 -32.81
N PRO C 509 8.76 13.52 -33.55
CA PRO C 509 9.15 13.85 -34.94
C PRO C 509 8.03 13.58 -35.94
N LYS C 510 6.95 14.33 -35.81
CA LYS C 510 5.79 14.18 -36.70
C LYS C 510 5.75 15.32 -37.69
N LYS C 511 4.96 15.13 -38.75
CA LYS C 511 4.81 16.13 -39.81
C LYS C 511 3.70 17.10 -39.44
N SER C 512 3.31 17.94 -40.40
CA SER C 512 2.27 18.93 -40.20
C SER C 512 1.26 18.85 -41.33
N THR C 513 0.01 19.21 -41.02
CA THR C 513 -1.09 19.15 -41.96
C THR C 513 -1.85 20.48 -41.92
N ASN C 514 -2.26 20.96 -43.09
CA ASN C 514 -2.99 22.22 -43.18
C ASN C 514 -4.37 22.10 -42.54
N LEU C 515 -4.87 23.25 -42.07
CA LEU C 515 -6.13 23.28 -41.34
C LEU C 515 -7.31 23.05 -42.27
N VAL C 516 -8.34 22.38 -41.75
CA VAL C 516 -9.57 22.13 -42.48
C VAL C 516 -10.71 22.83 -41.73
N LYS C 517 -11.50 23.61 -42.45
CA LYS C 517 -12.57 24.41 -41.86
C LYS C 517 -13.93 23.79 -42.12
N ASN C 518 -14.89 24.18 -41.28
CA ASN C 518 -16.31 23.79 -41.39
C ASN C 518 -16.49 22.27 -41.32
N LYS C 519 -15.68 21.60 -40.52
CA LYS C 519 -15.79 20.16 -40.34
C LYS C 519 -15.22 19.80 -38.97
N CYS C 520 -15.99 19.03 -38.19
CA CYS C 520 -15.55 18.62 -36.86
C CYS C 520 -14.62 17.42 -36.99
N VAL C 521 -13.32 17.63 -36.72
CA VAL C 521 -12.30 16.59 -36.77
C VAL C 521 -11.43 16.72 -35.54
N ASN C 522 -10.73 15.65 -35.21
CA ASN C 522 -9.78 15.67 -34.11
C ASN C 522 -8.49 16.40 -34.50
N PHE C 523 -7.86 17.02 -33.50
CA PHE C 523 -6.62 17.76 -33.72
C PHE C 523 -5.69 17.56 -32.53
N ASN C 524 -4.40 17.75 -32.79
CA ASN C 524 -3.35 17.64 -31.77
C ASN C 524 -2.55 18.93 -31.80
N PHE C 525 -2.94 19.88 -30.96
CA PHE C 525 -2.33 21.21 -30.92
C PHE C 525 -1.49 21.32 -29.64
N ASN C 526 -0.20 20.99 -29.77
CA ASN C 526 0.78 21.05 -28.68
C ASN C 526 0.35 20.21 -27.48
N GLY C 527 -0.07 18.98 -27.75
CA GLY C 527 -0.50 18.05 -26.72
C GLY C 527 -1.94 18.15 -26.31
N LEU C 528 -2.69 19.12 -26.85
CA LEU C 528 -4.11 19.26 -26.55
C LEU C 528 -4.89 18.53 -27.64
N THR C 529 -5.61 17.48 -27.24
CA THR C 529 -6.37 16.65 -28.16
C THR C 529 -7.85 16.93 -27.98
N GLY C 530 -8.52 17.33 -29.06
CA GLY C 530 -9.94 17.60 -29.01
C GLY C 530 -10.54 17.51 -30.40
N THR C 531 -11.85 17.30 -30.42
CA THR C 531 -12.61 17.16 -31.67
C THR C 531 -13.64 18.27 -31.75
N GLY C 532 -13.66 18.99 -32.86
CA GLY C 532 -14.61 20.06 -33.05
C GLY C 532 -14.29 20.85 -34.29
N VAL C 533 -15.17 21.82 -34.57
CA VAL C 533 -15.03 22.70 -35.73
C VAL C 533 -14.16 23.88 -35.34
N LEU C 534 -13.08 24.08 -36.08
CA LEU C 534 -12.18 25.21 -35.86
C LEU C 534 -12.42 26.25 -36.95
N THR C 535 -12.56 27.51 -36.54
CA THR C 535 -12.86 28.60 -37.46
C THR C 535 -12.08 29.83 -37.05
N GLU C 536 -12.24 30.91 -37.82
CA GLU C 536 -11.58 32.16 -37.51
C GLU C 536 -12.24 32.85 -36.32
N SER C 537 -11.47 33.67 -35.62
CA SER C 537 -11.93 34.39 -34.44
C SER C 537 -11.98 35.88 -34.72
N ASN C 538 -12.51 36.62 -33.75
CA ASN C 538 -12.62 38.07 -33.84
C ASN C 538 -12.03 38.83 -32.67
N LYS C 539 -11.80 38.18 -31.53
CA LYS C 539 -11.24 38.85 -30.37
C LYS C 539 -9.74 39.07 -30.55
N LYS C 540 -9.19 39.98 -29.74
CA LYS C 540 -7.76 40.28 -29.74
C LYS C 540 -7.14 39.73 -28.47
N PHE C 541 -6.11 38.89 -28.65
CA PHE C 541 -5.45 38.23 -27.53
C PHE C 541 -4.25 39.07 -27.06
N LEU C 542 -3.44 38.48 -26.18
CA LEU C 542 -2.23 39.08 -25.66
C LEU C 542 -1.04 38.19 -26.02
N PRO C 543 0.18 38.77 -26.22
CA PRO C 543 1.34 37.99 -26.69
C PRO C 543 2.05 37.18 -25.61
N PHE C 544 1.27 36.54 -24.74
CA PHE C 544 1.81 35.53 -23.84
C PHE C 544 0.87 34.34 -23.66
N GLN C 545 -0.24 34.28 -24.38
CA GLN C 545 -1.23 33.22 -24.24
C GLN C 545 -1.28 32.37 -25.51
N GLN C 546 -1.49 31.07 -25.33
CA GLN C 546 -1.61 30.14 -26.44
C GLN C 546 -3.02 29.58 -26.59
N PHE C 547 -3.61 29.07 -25.51
CA PHE C 547 -4.96 28.55 -25.53
C PHE C 547 -5.74 29.10 -24.35
N GLY C 548 -7.04 29.30 -24.57
CA GLY C 548 -7.92 29.84 -23.56
C GLY C 548 -8.95 28.83 -23.07
N ARG C 549 -9.81 29.31 -22.17
CA ARG C 549 -10.87 28.49 -21.60
C ARG C 549 -12.12 29.35 -21.44
N ASP C 550 -13.11 28.81 -20.76
CA ASP C 550 -14.40 29.49 -20.57
C ASP C 550 -14.88 29.19 -19.15
N ILE C 551 -16.15 29.47 -18.91
CA ILE C 551 -16.76 29.13 -17.61
C ILE C 551 -16.80 27.63 -17.40
N ALA C 552 -16.99 26.86 -18.47
CA ALA C 552 -17.05 25.41 -18.39
C ALA C 552 -15.68 24.76 -18.33
N ASP C 553 -14.60 25.55 -18.33
CA ASP C 553 -13.21 25.07 -18.30
C ASP C 553 -12.92 24.13 -19.47
N THR C 554 -13.44 24.47 -20.64
CA THR C 554 -13.24 23.70 -21.86
C THR C 554 -12.48 24.56 -22.88
N THR C 555 -11.72 23.88 -23.73
CA THR C 555 -10.94 24.58 -24.74
C THR C 555 -11.85 25.16 -25.83
N ASP C 556 -11.70 26.45 -26.08
CA ASP C 556 -12.48 27.14 -27.10
C ASP C 556 -11.67 28.03 -28.03
N ALA C 557 -10.42 28.34 -27.70
CA ALA C 557 -9.56 29.15 -28.54
C ALA C 557 -8.15 28.59 -28.49
N VAL C 558 -7.48 28.55 -29.65
CA VAL C 558 -6.14 28.01 -29.75
C VAL C 558 -5.30 28.95 -30.62
N ARG C 559 -3.99 28.88 -30.44
CA ARG C 559 -3.02 29.55 -31.31
C ARG C 559 -2.08 28.48 -31.84
N ASP C 560 -2.26 28.10 -33.11
CA ASP C 560 -1.45 27.04 -33.68
C ASP C 560 -0.01 27.50 -33.88
N PRO C 561 0.97 26.62 -33.67
CA PRO C 561 2.38 27.04 -33.80
C PRO C 561 2.87 27.12 -35.24
N GLN C 562 2.19 26.48 -36.20
CA GLN C 562 2.66 26.52 -37.57
C GLN C 562 2.46 27.90 -38.19
N THR C 563 1.31 28.52 -37.96
CA THR C 563 1.03 29.88 -38.41
C THR C 563 0.57 30.70 -37.22
N LEU C 564 1.17 31.87 -37.03
CA LEU C 564 0.88 32.70 -35.86
C LEU C 564 -0.47 33.39 -36.01
N GLU C 565 -1.56 32.62 -35.89
CA GLU C 565 -2.91 33.14 -35.93
C GLU C 565 -3.76 32.37 -34.93
N ILE C 566 -4.87 32.98 -34.53
CA ILE C 566 -5.74 32.40 -33.52
C ILE C 566 -6.95 31.77 -34.20
N LEU C 567 -7.50 30.73 -33.55
CA LEU C 567 -8.66 30.02 -34.05
C LEU C 567 -9.62 29.76 -32.89
N ASP C 568 -10.90 29.67 -33.22
CA ASP C 568 -11.95 29.38 -32.26
C ASP C 568 -12.49 27.98 -32.49
N ILE C 569 -12.69 27.24 -31.40
CA ILE C 569 -13.12 25.84 -31.43
C ILE C 569 -14.54 25.76 -30.92
N THR C 570 -15.43 25.15 -31.70
CA THR C 570 -16.80 24.88 -31.30
C THR C 570 -17.04 23.38 -31.30
N PRO C 571 -17.87 22.87 -30.39
CA PRO C 571 -18.20 21.44 -30.41
C PRO C 571 -19.01 21.07 -31.65
N CYS C 572 -18.86 19.82 -32.06
CA CYS C 572 -19.55 19.33 -33.25
C CYS C 572 -21.05 19.21 -32.98
N SER C 573 -21.81 19.08 -34.06
CA SER C 573 -23.27 19.09 -33.99
C SER C 573 -23.77 17.81 -33.35
N PHE C 574 -24.12 17.89 -32.07
CA PHE C 574 -24.69 16.79 -31.31
C PHE C 574 -26.16 17.03 -31.08
N GLY C 575 -26.89 15.94 -30.82
CA GLY C 575 -28.29 16.08 -30.49
C GLY C 575 -28.86 14.78 -29.96
N GLY C 576 -30.14 14.84 -29.59
CA GLY C 576 -30.86 13.67 -29.08
C GLY C 576 -31.94 13.26 -30.07
N VAL C 577 -32.03 11.96 -30.31
CA VAL C 577 -32.99 11.42 -31.27
C VAL C 577 -34.24 10.99 -30.51
N SER C 578 -35.39 11.16 -31.16
CA SER C 578 -36.66 10.78 -30.57
C SER C 578 -37.61 10.36 -31.69
N VAL C 579 -38.62 9.60 -31.31
CA VAL C 579 -39.52 8.95 -32.27
C VAL C 579 -40.94 9.46 -32.03
N ILE C 580 -41.64 9.75 -33.12
CA ILE C 580 -43.04 10.14 -33.10
C ILE C 580 -43.81 9.08 -33.88
N THR C 581 -44.70 8.36 -33.20
CA THR C 581 -45.42 7.27 -33.82
C THR C 581 -46.69 7.00 -33.03
N PRO C 582 -47.74 6.48 -33.67
CA PRO C 582 -48.88 5.95 -32.92
C PRO C 582 -48.61 4.54 -32.43
N GLY C 583 -49.62 3.91 -31.84
CA GLY C 583 -49.46 2.54 -31.37
C GLY C 583 -49.22 1.57 -32.51
N THR C 584 -48.50 0.48 -32.19
CA THR C 584 -48.07 -0.48 -33.20
C THR C 584 -49.22 -1.32 -33.75
N ASN C 585 -50.39 -1.30 -33.11
CA ASN C 585 -51.54 -2.05 -33.61
C ASN C 585 -52.27 -1.32 -34.73
N THR C 586 -51.91 -0.08 -35.02
CA THR C 586 -52.54 0.70 -36.08
C THR C 586 -51.72 0.70 -37.36
N SER C 587 -50.47 1.15 -37.28
CA SER C 587 -49.59 1.24 -38.44
C SER C 587 -48.15 1.21 -37.95
N ASN C 588 -47.22 1.28 -38.91
CA ASN C 588 -45.79 1.27 -38.61
C ASN C 588 -45.08 2.54 -39.08
N GLN C 589 -45.82 3.59 -39.39
CA GLN C 589 -45.22 4.84 -39.82
C GLN C 589 -44.61 5.57 -38.63
N VAL C 590 -43.38 6.05 -38.79
CA VAL C 590 -42.64 6.71 -37.73
C VAL C 590 -42.07 8.02 -38.26
N ALA C 591 -41.75 8.93 -37.33
CA ALA C 591 -41.09 10.18 -37.65
C ALA C 591 -39.90 10.38 -36.71
N VAL C 592 -38.77 10.76 -37.27
CA VAL C 592 -37.56 11.00 -36.50
C VAL C 592 -37.50 12.47 -36.13
N LEU C 593 -37.03 12.75 -34.90
CA LEU C 593 -36.94 14.12 -34.42
C LEU C 593 -35.61 14.31 -33.71
N TYR C 594 -34.93 15.41 -34.00
CA TYR C 594 -33.69 15.80 -33.35
C TYR C 594 -33.96 16.96 -32.41
N GLN C 595 -33.49 16.84 -31.18
CA GLN C 595 -33.78 17.81 -30.13
C GLN C 595 -32.72 18.93 -30.16
N GLY C 596 -33.16 20.14 -30.46
CA GLY C 596 -32.29 21.30 -30.44
C GLY C 596 -31.18 21.29 -31.46
N VAL C 597 -31.44 20.77 -32.66
CA VAL C 597 -30.43 20.67 -33.71
C VAL C 597 -30.92 21.44 -34.93
N ASN C 598 -30.11 22.38 -35.39
CA ASN C 598 -30.36 23.05 -36.67
C ASN C 598 -29.98 22.08 -37.78
N CYS C 599 -31.00 21.46 -38.40
CA CYS C 599 -30.78 20.38 -39.36
C CYS C 599 -30.61 20.88 -40.79
N THR C 600 -30.14 22.12 -40.97
CA THR C 600 -29.74 22.58 -42.30
C THR C 600 -28.54 21.80 -42.82
N GLU C 601 -27.65 21.40 -41.93
CA GLU C 601 -26.53 20.52 -42.26
C GLU C 601 -26.80 19.12 -41.72
N VAL C 602 -26.47 18.11 -42.52
CA VAL C 602 -26.70 16.73 -42.14
C VAL C 602 -25.64 15.83 -42.79
N ASN C 623 -42.05 16.08 -44.74
CA ASN C 623 -40.76 16.43 -45.32
C ASN C 623 -39.85 17.07 -44.26
N VAL C 624 -39.77 18.40 -44.28
CA VAL C 624 -38.95 19.15 -43.35
C VAL C 624 -39.77 20.29 -42.76
N PHE C 625 -39.69 20.47 -41.45
CA PHE C 625 -40.41 21.54 -40.77
C PHE C 625 -39.63 21.90 -39.52
N GLN C 626 -38.95 23.05 -39.53
CA GLN C 626 -38.09 23.45 -38.44
C GLN C 626 -38.89 24.23 -37.40
N THR C 627 -38.85 23.78 -36.15
CA THR C 627 -39.51 24.44 -35.03
C THR C 627 -38.45 24.94 -34.05
N ARG C 628 -38.92 25.48 -32.92
CA ARG C 628 -38.00 25.95 -31.90
C ARG C 628 -37.35 24.79 -31.15
N ALA C 629 -38.01 23.63 -31.11
CA ALA C 629 -37.48 22.44 -30.44
C ALA C 629 -36.89 21.45 -31.42
N GLY C 630 -36.26 21.94 -32.49
CA GLY C 630 -35.71 21.08 -33.53
C GLY C 630 -36.64 21.00 -34.73
N CYS C 631 -36.24 20.16 -35.67
CA CYS C 631 -36.99 19.97 -36.90
C CYS C 631 -37.53 18.56 -36.99
N LEU C 632 -38.72 18.44 -37.60
CA LEU C 632 -39.41 17.17 -37.73
C LEU C 632 -39.26 16.65 -39.16
N ILE C 633 -38.86 15.39 -39.28
CA ILE C 633 -38.66 14.74 -40.57
C ILE C 633 -39.65 13.59 -40.69
N GLY C 634 -40.47 13.61 -41.72
CA GLY C 634 -41.46 12.58 -41.94
C GLY C 634 -42.87 13.03 -41.59
N ALA C 635 -43.15 14.32 -41.75
CA ALA C 635 -44.46 14.85 -41.44
C ALA C 635 -44.74 16.05 -42.34
N GLU C 636 -46.02 16.39 -42.47
CA GLU C 636 -46.47 17.51 -43.29
C GLU C 636 -47.19 18.52 -42.41
N TYR C 637 -46.91 19.80 -42.62
CA TYR C 637 -47.50 20.86 -41.82
C TYR C 637 -48.94 21.08 -42.27
N VAL C 638 -49.86 21.12 -41.30
CA VAL C 638 -51.29 21.32 -41.57
C VAL C 638 -51.74 22.53 -40.77
N ASN C 639 -52.41 23.47 -41.45
CA ASN C 639 -52.82 24.73 -40.85
C ASN C 639 -54.18 24.64 -40.15
N ASN C 640 -54.60 23.44 -39.76
CA ASN C 640 -55.85 23.27 -39.03
C ASN C 640 -55.56 23.35 -37.53
N SER C 641 -56.56 23.05 -36.71
CA SER C 641 -56.42 23.12 -35.26
C SER C 641 -57.25 22.02 -34.62
N TYR C 642 -56.59 21.08 -33.97
CA TYR C 642 -57.25 20.01 -33.22
C TYR C 642 -56.57 19.85 -31.87
N GLU C 643 -57.31 19.29 -30.92
CA GLU C 643 -56.76 18.96 -29.61
C GLU C 643 -55.86 17.74 -29.75
N CYS C 644 -54.55 17.96 -29.67
CA CYS C 644 -53.59 16.88 -29.90
C CYS C 644 -53.54 15.93 -28.72
N ASP C 645 -53.01 14.74 -28.99
CA ASP C 645 -52.87 13.68 -27.99
C ASP C 645 -51.42 13.40 -27.61
N ILE C 646 -50.51 13.43 -28.57
CA ILE C 646 -49.08 13.22 -28.34
C ILE C 646 -48.39 14.58 -28.36
N PRO C 647 -47.62 14.93 -27.34
CA PRO C 647 -46.90 16.21 -27.36
C PRO C 647 -45.60 16.12 -28.12
N ILE C 648 -45.21 17.26 -28.72
CA ILE C 648 -43.95 17.38 -29.45
C ILE C 648 -43.01 18.36 -28.76
N GLY C 649 -43.47 19.61 -28.57
CA GLY C 649 -42.67 20.63 -27.94
C GLY C 649 -42.87 21.96 -28.63
N ALA C 650 -42.86 23.04 -27.84
CA ALA C 650 -42.99 24.43 -28.30
C ALA C 650 -44.28 24.65 -29.09
N GLY C 651 -45.38 24.06 -28.61
CA GLY C 651 -46.68 24.27 -29.21
C GLY C 651 -46.97 23.44 -30.44
N ILE C 652 -46.10 22.51 -30.79
CA ILE C 652 -46.30 21.64 -31.95
C ILE C 652 -46.96 20.35 -31.48
N CYS C 653 -47.87 19.83 -32.31
CA CYS C 653 -48.55 18.57 -32.02
C CYS C 653 -48.58 17.71 -33.28
N ALA C 654 -48.77 16.41 -33.06
CA ALA C 654 -48.86 15.43 -34.13
C ALA C 654 -50.10 14.58 -33.93
N SER C 655 -50.56 13.97 -35.01
CA SER C 655 -51.75 13.12 -34.97
C SER C 655 -51.65 12.11 -36.11
N TYR C 656 -52.65 11.23 -36.19
CA TYR C 656 -52.71 10.22 -37.24
C TYR C 656 -54.12 10.23 -37.83
N GLN C 657 -54.24 10.76 -39.05
CA GLN C 657 -55.53 10.84 -39.72
C GLN C 657 -55.60 9.86 -40.89
N SER C 669 -50.76 8.68 -42.87
CA SER C 669 -49.64 9.60 -42.74
C SER C 669 -49.72 10.37 -41.43
N ILE C 670 -48.56 10.76 -40.90
CA ILE C 670 -48.47 11.52 -39.66
C ILE C 670 -48.32 12.99 -40.02
N ILE C 671 -49.20 13.83 -39.49
CA ILE C 671 -49.19 15.25 -39.77
C ILE C 671 -48.64 15.99 -38.55
N ALA C 672 -48.29 17.26 -38.75
CA ALA C 672 -47.79 18.12 -37.69
C ALA C 672 -48.55 19.43 -37.74
N TYR C 673 -48.99 19.91 -36.57
CA TYR C 673 -49.78 21.12 -36.51
C TYR C 673 -49.58 21.81 -35.17
N THR C 674 -49.89 23.11 -35.15
CA THR C 674 -49.77 23.90 -33.93
C THR C 674 -50.85 23.48 -32.94
N MET C 675 -50.49 23.47 -31.64
CA MET C 675 -51.42 23.11 -30.58
C MET C 675 -52.60 24.08 -30.54
N SER C 676 -53.80 23.54 -30.47
CA SER C 676 -55.00 24.34 -30.32
C SER C 676 -55.37 24.48 -28.84
N LEU C 677 -56.32 25.35 -28.56
CA LEU C 677 -56.78 25.60 -27.20
C LEU C 677 -58.25 25.27 -27.03
N GLY C 678 -58.76 24.33 -27.85
CA GLY C 678 -60.16 23.99 -27.81
C GLY C 678 -61.00 24.90 -28.68
N ALA C 679 -62.32 24.72 -28.56
CA ALA C 679 -63.26 25.53 -29.32
C ALA C 679 -63.30 26.95 -28.78
N GLU C 680 -63.25 27.92 -29.69
CA GLU C 680 -63.30 29.33 -29.32
C GLU C 680 -64.73 29.83 -29.42
N ASN C 681 -65.26 30.33 -28.31
CA ASN C 681 -66.63 30.83 -28.26
C ASN C 681 -66.65 32.11 -27.45
N SER C 682 -66.90 33.23 -28.11
CA SER C 682 -66.98 34.51 -27.42
C SER C 682 -68.36 34.69 -26.81
N VAL C 683 -68.46 35.67 -25.91
CA VAL C 683 -69.72 35.97 -25.22
C VAL C 683 -69.97 37.47 -25.31
N ALA C 684 -71.25 37.83 -25.40
CA ALA C 684 -71.63 39.23 -25.52
C ALA C 684 -71.72 39.89 -24.16
N TYR C 685 -71.53 41.21 -24.14
CA TYR C 685 -71.61 41.99 -22.92
C TYR C 685 -72.17 43.37 -23.26
N SER C 686 -73.09 43.85 -22.43
CA SER C 686 -73.73 45.14 -22.62
C SER C 686 -73.97 45.77 -21.26
N ASN C 687 -74.68 46.91 -21.26
CA ASN C 687 -74.99 47.59 -20.00
C ASN C 687 -75.99 46.79 -19.16
N ASN C 688 -77.00 46.20 -19.81
CA ASN C 688 -78.03 45.43 -19.11
C ASN C 688 -78.36 44.16 -19.90
N SER C 689 -77.63 43.09 -19.61
CA SER C 689 -77.86 41.80 -20.25
C SER C 689 -77.52 40.70 -19.25
N ILE C 690 -78.45 39.77 -19.06
CA ILE C 690 -78.29 38.68 -18.09
C ILE C 690 -78.80 37.40 -18.72
N ALA C 691 -78.14 36.28 -18.39
CA ALA C 691 -78.54 34.96 -18.85
C ALA C 691 -78.92 34.12 -17.64
N ILE C 692 -80.14 33.60 -17.63
CA ILE C 692 -80.66 32.78 -16.55
C ILE C 692 -81.03 31.41 -17.12
N PRO C 693 -80.41 30.33 -16.66
CA PRO C 693 -80.77 29.01 -17.17
C PRO C 693 -82.15 28.56 -16.70
N THR C 694 -82.76 27.71 -17.51
CA THR C 694 -84.09 27.17 -17.21
C THR C 694 -84.10 25.67 -16.97
N ASN C 695 -83.18 24.92 -17.59
CA ASN C 695 -83.11 23.47 -17.46
C ASN C 695 -81.72 23.07 -17.00
N PHE C 696 -81.66 22.02 -16.17
CA PHE C 696 -80.41 21.53 -15.62
C PHE C 696 -80.30 20.03 -15.86
N THR C 697 -79.06 19.56 -15.96
CA THR C 697 -78.78 18.15 -16.15
C THR C 697 -77.82 17.68 -15.06
N ILE C 698 -77.84 16.36 -14.81
CA ILE C 698 -77.01 15.75 -13.78
C ILE C 698 -76.05 14.79 -14.47
N SER C 699 -74.75 15.01 -14.25
CA SER C 699 -73.70 14.17 -14.82
C SER C 699 -72.74 13.74 -13.72
N VAL C 700 -72.08 12.61 -13.95
CA VAL C 700 -71.16 12.03 -12.97
C VAL C 700 -69.82 11.78 -13.66
N THR C 701 -68.74 12.06 -12.94
CA THR C 701 -67.37 11.90 -13.43
C THR C 701 -66.59 11.00 -12.48
N THR C 702 -65.32 10.77 -12.81
CA THR C 702 -64.42 9.94 -12.03
C THR C 702 -63.17 10.71 -11.67
N GLU C 703 -62.72 10.57 -10.43
CA GLU C 703 -61.46 11.12 -9.96
C GLU C 703 -60.74 10.06 -9.13
N ILE C 704 -59.62 9.56 -9.65
CA ILE C 704 -58.91 8.43 -9.06
C ILE C 704 -57.62 8.94 -8.45
N LEU C 705 -57.41 8.65 -7.17
CA LEU C 705 -56.20 9.03 -6.46
C LEU C 705 -55.57 7.81 -5.81
N PRO C 706 -54.25 7.64 -5.90
CA PRO C 706 -53.61 6.49 -5.25
C PRO C 706 -53.62 6.63 -3.73
N VAL C 707 -53.59 5.48 -3.06
CA VAL C 707 -53.67 5.44 -1.61
C VAL C 707 -52.44 4.75 -1.03
N SER C 708 -52.21 3.49 -1.45
CA SER C 708 -51.14 2.69 -0.87
C SER C 708 -50.47 1.84 -1.95
N MET C 709 -49.15 1.72 -1.85
CA MET C 709 -48.38 0.85 -2.73
C MET C 709 -48.21 -0.52 -2.07
N THR C 710 -47.35 -1.36 -2.65
CA THR C 710 -47.04 -2.66 -2.09
C THR C 710 -45.88 -2.55 -1.12
N LYS C 711 -46.05 -3.11 0.08
CA LYS C 711 -45.01 -3.04 1.09
C LYS C 711 -43.84 -3.96 0.74
N THR C 712 -42.62 -3.49 1.03
CA THR C 712 -41.40 -4.22 0.75
C THR C 712 -40.57 -4.34 2.02
N SER C 713 -39.88 -5.47 2.16
CA SER C 713 -39.00 -5.72 3.29
C SER C 713 -37.67 -6.27 2.78
N VAL C 714 -36.57 -5.60 3.14
CA VAL C 714 -35.24 -5.97 2.68
C VAL C 714 -34.31 -6.06 3.88
N ASP C 715 -33.62 -7.19 4.01
CA ASP C 715 -32.50 -7.33 4.93
C ASP C 715 -31.21 -7.32 4.12
N CYS C 716 -30.15 -6.77 4.72
CA CYS C 716 -28.92 -6.51 3.97
C CYS C 716 -28.15 -7.79 3.66
N THR C 717 -28.01 -8.68 4.65
CA THR C 717 -27.05 -9.78 4.54
C THR C 717 -27.49 -10.81 3.50
N MET C 718 -28.76 -11.24 3.56
CA MET C 718 -29.26 -12.21 2.60
C MET C 718 -29.32 -11.63 1.19
N TYR C 719 -29.55 -10.31 1.09
CA TYR C 719 -29.54 -9.65 -0.20
C TYR C 719 -28.14 -9.62 -0.81
N ILE C 720 -27.12 -9.29 -0.01
CA ILE C 720 -25.79 -9.18 -0.57
C ILE C 720 -25.16 -10.54 -0.85
N CYS C 721 -25.45 -11.56 -0.03
CA CYS C 721 -24.88 -12.88 -0.28
C CYS C 721 -25.74 -13.94 0.38
N GLY C 722 -25.53 -15.19 -0.05
CA GLY C 722 -26.28 -16.30 0.50
C GLY C 722 -25.48 -17.21 1.40
N ASP C 723 -25.68 -17.08 2.72
CA ASP C 723 -25.14 -17.99 3.75
C ASP C 723 -23.62 -18.05 3.70
N SER C 724 -22.98 -16.90 3.96
CA SER C 724 -21.53 -16.80 4.00
C SER C 724 -21.11 -16.12 5.28
N THR C 725 -20.14 -16.72 5.99
CA THR C 725 -19.59 -16.10 7.19
C THR C 725 -18.69 -14.93 6.88
N GLU C 726 -18.14 -14.87 5.65
CA GLU C 726 -17.35 -13.72 5.23
C GLU C 726 -18.19 -12.45 5.20
N CYS C 727 -19.43 -12.56 4.74
CA CYS C 727 -20.36 -11.44 4.82
C CYS C 727 -20.65 -11.05 6.26
N SER C 728 -20.72 -12.04 7.16
CA SER C 728 -20.97 -11.76 8.57
C SER C 728 -19.81 -11.00 9.21
N ASN C 729 -18.58 -11.35 8.86
CA ASN C 729 -17.42 -10.69 9.46
C ASN C 729 -16.94 -9.47 8.67
N LEU C 730 -17.51 -9.20 7.50
CA LEU C 730 -17.14 -8.03 6.72
C LEU C 730 -18.20 -6.94 6.70
N LEU C 731 -19.48 -7.30 6.78
CA LEU C 731 -20.55 -6.30 6.71
C LEU C 731 -20.59 -5.42 7.95
N LEU C 732 -20.23 -5.97 9.11
CA LEU C 732 -20.21 -5.18 10.34
C LEU C 732 -19.09 -4.15 10.37
N GLN C 733 -18.10 -4.28 9.47
CA GLN C 733 -17.06 -3.27 9.38
C GLN C 733 -17.55 -1.96 8.75
N TYR C 734 -18.70 -2.00 8.08
CA TYR C 734 -19.31 -0.81 7.49
C TYR C 734 -20.25 -0.11 8.46
N GLY C 735 -20.36 -0.59 9.70
CA GLY C 735 -21.29 -0.02 10.65
C GLY C 735 -22.71 -0.51 10.44
N SER C 736 -23.63 0.20 11.07
CA SER C 736 -25.06 -0.11 10.98
C SER C 736 -25.72 0.63 9.82
N PHE C 737 -25.14 0.51 8.63
CA PHE C 737 -25.71 1.17 7.45
C PHE C 737 -27.00 0.48 7.01
N CYS C 738 -26.99 -0.85 6.96
CA CYS C 738 -28.17 -1.59 6.53
C CYS C 738 -29.24 -1.68 7.61
N THR C 739 -28.87 -1.48 8.87
CA THR C 739 -29.86 -1.39 9.93
C THR C 739 -30.74 -0.16 9.77
N GLN C 740 -30.14 0.96 9.32
CA GLN C 740 -30.90 2.16 9.04
C GLN C 740 -31.90 1.94 7.92
N LEU C 741 -31.51 1.21 6.88
CA LEU C 741 -32.43 0.92 5.78
C LEU C 741 -33.58 0.04 6.23
N LYS C 742 -33.30 -0.97 7.06
CA LYS C 742 -34.36 -1.83 7.60
C LYS C 742 -35.31 -1.03 8.48
N ARG C 743 -34.77 -0.14 9.30
CA ARG C 743 -35.60 0.74 10.12
C ARG C 743 -36.47 1.65 9.25
N ALA C 744 -35.90 2.17 8.17
CA ALA C 744 -36.65 3.05 7.27
C ALA C 744 -37.79 2.30 6.58
N LEU C 745 -37.52 1.08 6.10
CA LEU C 745 -38.59 0.30 5.46
C LEU C 745 -39.66 -0.12 6.44
N THR C 746 -39.29 -0.47 7.68
CA THR C 746 -40.31 -0.80 8.68
C THR C 746 -41.14 0.43 9.04
N GLY C 747 -40.51 1.60 9.13
CA GLY C 747 -41.27 2.82 9.38
C GLY C 747 -42.19 3.18 8.24
N ILE C 748 -41.74 2.96 7.00
CA ILE C 748 -42.60 3.20 5.83
C ILE C 748 -43.78 2.25 5.82
N ALA C 749 -43.56 0.98 6.17
CA ALA C 749 -44.66 0.03 6.25
C ALA C 749 -45.65 0.40 7.34
N VAL C 750 -45.14 0.84 8.50
CA VAL C 750 -46.01 1.21 9.63
C VAL C 750 -46.84 2.44 9.26
N GLU C 751 -46.20 3.45 8.67
CA GLU C 751 -46.94 4.66 8.30
C GLU C 751 -47.89 4.41 7.13
N GLN C 752 -47.57 3.45 6.25
CA GLN C 752 -48.49 3.09 5.19
C GLN C 752 -49.72 2.39 5.73
N ASP C 753 -49.53 1.50 6.71
CA ASP C 753 -50.68 0.86 7.37
C ASP C 753 -51.52 1.89 8.11
N LYS C 754 -50.88 2.84 8.79
CA LYS C 754 -51.61 3.89 9.48
C LYS C 754 -52.39 4.78 8.52
N ASN C 755 -51.77 5.10 7.36
CA ASN C 755 -52.43 5.91 6.35
C ASN C 755 -53.62 5.17 5.74
N THR C 756 -53.46 3.86 5.51
CA THR C 756 -54.56 3.06 4.98
C THR C 756 -55.71 2.96 5.99
N GLN C 757 -55.37 2.88 7.27
CA GLN C 757 -56.41 2.92 8.31
C GLN C 757 -57.10 4.28 8.35
N GLU C 758 -56.34 5.36 8.20
CA GLU C 758 -56.88 6.71 8.36
C GLU C 758 -57.73 7.14 7.16
N VAL C 759 -57.39 6.69 5.95
CA VAL C 759 -58.09 7.19 4.76
C VAL C 759 -59.52 6.67 4.70
N PHE C 760 -59.78 5.46 5.21
CA PHE C 760 -61.09 4.82 5.09
C PHE C 760 -61.86 4.81 6.39
N ALA C 761 -61.25 4.35 7.49
CA ALA C 761 -61.94 4.24 8.77
C ALA C 761 -62.07 5.62 9.40
N GLN C 762 -63.13 6.33 9.03
CA GLN C 762 -63.43 7.65 9.59
C GLN C 762 -64.74 7.67 10.36
N VAL C 763 -65.33 6.50 10.64
CA VAL C 763 -66.57 6.41 11.38
C VAL C 763 -66.39 5.46 12.56
N LYS C 764 -67.21 5.66 13.58
CA LYS C 764 -67.12 4.87 14.80
C LYS C 764 -68.01 3.63 14.80
N GLN C 765 -68.84 3.45 13.78
CA GLN C 765 -69.77 2.33 13.72
C GLN C 765 -69.92 1.87 12.28
N ILE C 766 -70.37 0.62 12.13
CA ILE C 766 -70.61 0.01 10.82
C ILE C 766 -72.11 0.00 10.59
N TYR C 767 -72.54 0.56 9.45
CA TYR C 767 -73.95 0.70 9.13
C TYR C 767 -74.32 -0.29 8.03
N LYS C 768 -75.37 -1.06 8.27
CA LYS C 768 -75.87 -2.01 7.29
C LYS C 768 -77.01 -1.38 6.49
N THR C 769 -77.14 -1.81 5.23
CA THR C 769 -78.18 -1.28 4.36
C THR C 769 -79.56 -1.74 4.83
N PRO C 770 -80.58 -0.90 4.67
CA PRO C 770 -81.94 -1.33 4.98
C PRO C 770 -82.42 -2.36 3.98
N PRO C 771 -83.32 -3.25 4.38
CA PRO C 771 -83.82 -4.29 3.47
C PRO C 771 -84.83 -3.82 2.44
N ILE C 772 -85.14 -2.52 2.39
CA ILE C 772 -86.07 -1.96 1.42
C ILE C 772 -85.29 -1.03 0.50
N LYS C 773 -85.38 -1.29 -0.81
CA LYS C 773 -84.61 -0.56 -1.80
C LYS C 773 -85.33 0.69 -2.32
N TYR C 774 -86.50 1.00 -1.78
CA TYR C 774 -87.22 2.20 -2.21
C TYR C 774 -86.55 3.44 -1.64
N PHE C 775 -86.12 4.33 -2.52
CA PHE C 775 -85.41 5.55 -2.14
C PHE C 775 -86.08 6.76 -2.76
N GLY C 776 -87.41 6.81 -2.71
CA GLY C 776 -88.16 7.90 -3.32
C GLY C 776 -88.06 7.96 -4.83
N GLY C 777 -88.14 6.80 -5.49
CA GLY C 777 -88.05 6.74 -6.94
C GLY C 777 -86.64 6.67 -7.49
N PHE C 778 -85.62 6.65 -6.63
CA PHE C 778 -84.23 6.60 -7.07
C PHE C 778 -83.76 5.15 -7.07
N ASN C 779 -83.18 4.73 -8.19
CA ASN C 779 -82.71 3.35 -8.36
C ASN C 779 -81.19 3.31 -8.17
N PHE C 780 -80.75 2.70 -7.07
CA PHE C 780 -79.33 2.50 -6.77
C PHE C 780 -79.12 0.99 -6.70
N SER C 781 -78.85 0.37 -7.86
CA SER C 781 -78.72 -1.08 -7.96
C SER C 781 -77.29 -1.55 -8.06
N GLN C 782 -76.48 -0.94 -8.92
CA GLN C 782 -75.10 -1.35 -9.12
C GLN C 782 -74.13 -0.66 -8.18
N ILE C 783 -74.62 0.17 -7.26
CA ILE C 783 -73.79 0.85 -6.27
C ILE C 783 -73.71 0.05 -4.98
N LEU C 784 -74.86 -0.34 -4.45
CA LEU C 784 -74.90 -1.13 -3.22
C LEU C 784 -74.39 -2.54 -3.49
N PRO C 785 -73.59 -3.11 -2.58
CA PRO C 785 -73.10 -4.48 -2.77
C PRO C 785 -74.25 -5.49 -2.77
N ASP C 786 -74.09 -6.52 -3.61
CA ASP C 786 -75.02 -7.60 -3.87
C ASP C 786 -74.57 -8.86 -3.16
N PRO C 787 -75.41 -9.46 -2.32
CA PRO C 787 -75.04 -10.71 -1.64
C PRO C 787 -75.01 -11.94 -2.54
N SER C 788 -75.15 -11.79 -3.86
CA SER C 788 -74.99 -12.90 -4.80
C SER C 788 -73.53 -13.10 -5.21
N LYS C 789 -72.59 -12.47 -4.50
CA LYS C 789 -71.17 -12.60 -4.76
C LYS C 789 -70.49 -12.98 -3.45
N PRO C 790 -69.60 -13.98 -3.46
CA PRO C 790 -68.91 -14.37 -2.21
C PRO C 790 -68.04 -13.27 -1.63
N SER C 791 -67.47 -12.39 -2.47
CA SER C 791 -66.63 -11.32 -1.97
C SER C 791 -67.42 -10.09 -1.53
N LYS C 792 -68.73 -10.07 -1.76
CA LYS C 792 -69.63 -8.99 -1.37
C LYS C 792 -69.19 -7.64 -1.96
N ARG C 793 -69.21 -7.58 -3.29
CA ARG C 793 -68.81 -6.39 -4.02
C ARG C 793 -69.91 -5.97 -4.99
N SER C 794 -70.01 -4.66 -5.21
CA SER C 794 -70.86 -4.15 -6.27
C SER C 794 -70.24 -4.47 -7.63
N PRO C 795 -71.07 -4.57 -8.69
CA PRO C 795 -70.51 -4.86 -10.02
C PRO C 795 -69.56 -3.80 -10.56
N ILE C 796 -69.67 -2.55 -10.11
CA ILE C 796 -68.80 -1.49 -10.63
C ILE C 796 -67.35 -1.72 -10.20
N GLU C 797 -67.12 -2.02 -8.92
CA GLU C 797 -65.76 -2.34 -8.49
C GLU C 797 -65.33 -3.73 -8.94
N ASP C 798 -66.28 -4.61 -9.23
CA ASP C 798 -65.92 -5.89 -9.85
C ASP C 798 -65.32 -5.66 -11.23
N LEU C 799 -65.96 -4.79 -12.03
CA LEU C 799 -65.41 -4.45 -13.34
C LEU C 799 -64.10 -3.66 -13.21
N LEU C 800 -63.98 -2.81 -12.18
CA LEU C 800 -62.73 -2.10 -11.96
C LEU C 800 -61.60 -3.05 -11.60
N PHE C 801 -61.87 -4.07 -10.78
CA PHE C 801 -60.85 -5.04 -10.41
C PHE C 801 -60.52 -5.96 -11.58
N ASN C 802 -61.50 -6.27 -12.43
CA ASN C 802 -61.20 -7.05 -13.63
C ASN C 802 -60.38 -6.25 -14.64
N LYS C 803 -60.61 -4.93 -14.72
CA LYS C 803 -59.85 -4.11 -15.65
C LYS C 803 -58.42 -3.89 -15.16
N VAL C 804 -58.25 -3.62 -13.88
CA VAL C 804 -56.93 -3.34 -13.31
C VAL C 804 -56.19 -4.65 -13.09
N THR C 805 -55.00 -4.76 -13.67
CA THR C 805 -54.19 -5.97 -13.54
C THR C 805 -53.60 -6.07 -12.14
N ASN C 834 -33.57 -14.58 -5.66
CA ASN C 834 -34.69 -13.94 -4.98
C ASN C 834 -34.31 -13.53 -3.56
N GLY C 835 -34.50 -12.26 -3.24
CA GLY C 835 -34.17 -11.74 -1.93
C GLY C 835 -35.16 -10.73 -1.41
N LEU C 836 -36.37 -10.74 -1.97
CA LEU C 836 -37.41 -9.78 -1.63
C LEU C 836 -38.56 -10.48 -0.91
N THR C 837 -39.28 -9.70 -0.11
CA THR C 837 -40.44 -10.17 0.61
C THR C 837 -41.61 -9.24 0.33
N VAL C 838 -42.77 -9.82 0.00
CA VAL C 838 -43.96 -9.05 -0.33
C VAL C 838 -44.88 -9.11 0.89
N LEU C 839 -44.88 -8.04 1.67
CA LEU C 839 -45.73 -7.97 2.86
C LEU C 839 -47.18 -7.69 2.45
N PRO C 840 -48.13 -8.51 2.89
CA PRO C 840 -49.54 -8.21 2.61
C PRO C 840 -50.00 -6.99 3.37
N PRO C 841 -51.01 -6.28 2.88
CA PRO C 841 -51.51 -5.10 3.60
C PRO C 841 -52.19 -5.50 4.90
N LEU C 842 -52.21 -4.55 5.84
CA LEU C 842 -52.85 -4.77 7.13
C LEU C 842 -54.36 -4.97 6.98
N LEU C 843 -55.00 -4.17 6.15
CA LEU C 843 -56.42 -4.29 5.88
C LEU C 843 -56.63 -4.96 4.53
N THR C 844 -57.29 -6.11 4.54
CA THR C 844 -57.50 -6.85 3.30
C THR C 844 -58.63 -6.20 2.48
N ASP C 845 -58.82 -6.72 1.28
CA ASP C 845 -59.82 -6.16 0.37
C ASP C 845 -61.24 -6.37 0.87
N GLU C 846 -61.48 -7.43 1.64
CA GLU C 846 -62.79 -7.64 2.24
C GLU C 846 -63.14 -6.55 3.24
N MET C 847 -62.17 -6.16 4.07
CA MET C 847 -62.40 -5.08 5.03
C MET C 847 -62.56 -3.74 4.33
N ILE C 848 -61.86 -3.52 3.23
CA ILE C 848 -62.03 -2.29 2.44
C ILE C 848 -63.42 -2.25 1.83
N ALA C 849 -63.90 -3.38 1.31
CA ALA C 849 -65.25 -3.44 0.77
C ALA C 849 -66.29 -3.22 1.86
N GLN C 850 -66.06 -3.77 3.05
CA GLN C 850 -66.96 -3.52 4.18
C GLN C 850 -66.96 -2.06 4.59
N TYR C 851 -65.79 -1.42 4.58
CA TYR C 851 -65.68 0.01 4.87
C TYR C 851 -66.48 0.83 3.87
N THR C 852 -66.34 0.52 2.58
CA THR C 852 -67.05 1.28 1.55
C THR C 852 -68.55 1.04 1.63
N SER C 853 -68.97 -0.19 1.90
CA SER C 853 -70.40 -0.49 2.05
C SER C 853 -71.00 0.22 3.26
N ALA C 854 -70.27 0.22 4.38
CA ALA C 854 -70.76 0.91 5.57
C ALA C 854 -70.82 2.42 5.37
N LEU C 855 -69.83 2.99 4.68
CA LEU C 855 -69.85 4.43 4.41
C LEU C 855 -70.97 4.79 3.45
N LEU C 856 -71.21 3.95 2.44
CA LEU C 856 -72.32 4.20 1.51
C LEU C 856 -73.67 4.11 2.22
N ALA C 857 -73.81 3.12 3.12
CA ALA C 857 -75.04 3.02 3.91
C ALA C 857 -75.21 4.24 4.82
N GLY C 858 -74.14 4.69 5.46
CA GLY C 858 -74.22 5.85 6.33
C GLY C 858 -74.55 7.13 5.59
N THR C 859 -74.06 7.26 4.35
CA THR C 859 -74.39 8.46 3.58
C THR C 859 -75.69 8.32 2.82
N ILE C 860 -76.29 7.14 2.75
CA ILE C 860 -77.57 7.00 2.05
C ILE C 860 -78.75 6.99 3.02
N THR C 861 -78.57 6.58 4.28
CA THR C 861 -79.71 6.50 5.19
C THR C 861 -79.62 7.46 6.37
N SER C 862 -78.46 8.08 6.60
CA SER C 862 -78.31 9.00 7.73
C SER C 862 -78.06 10.44 7.28
N GLY C 863 -78.29 10.75 6.01
CA GLY C 863 -78.11 12.10 5.52
C GLY C 863 -76.64 12.51 5.45
N TRP C 864 -76.44 13.82 5.43
CA TRP C 864 -75.10 14.40 5.39
C TRP C 864 -74.56 14.76 6.76
N THR C 865 -75.33 14.51 7.83
CA THR C 865 -74.90 14.82 9.20
C THR C 865 -74.93 13.52 10.00
N PHE C 866 -73.85 12.75 9.93
CA PHE C 866 -73.71 11.56 10.76
C PHE C 866 -72.31 11.38 11.34
N GLY C 867 -71.30 12.11 10.86
CA GLY C 867 -69.95 11.96 11.37
C GLY C 867 -69.64 12.77 12.60
N ALA C 868 -70.55 13.65 13.03
CA ALA C 868 -70.32 14.48 14.21
C ALA C 868 -70.59 13.75 15.52
N GLY C 869 -71.16 12.54 15.47
CA GLY C 869 -71.46 11.80 16.67
C GLY C 869 -72.39 10.62 16.39
N PRO C 870 -73.45 10.50 17.19
CA PRO C 870 -74.44 9.45 16.93
C PRO C 870 -75.20 9.68 15.64
N ALA C 871 -75.63 8.59 15.02
CA ALA C 871 -76.25 8.64 13.71
C ALA C 871 -77.69 9.13 13.80
N LEU C 872 -78.18 9.62 12.66
CA LEU C 872 -79.56 10.06 12.51
C LEU C 872 -80.18 9.33 11.33
N GLN C 873 -81.37 9.75 10.89
CA GLN C 873 -81.91 9.27 9.63
C GLN C 873 -82.75 10.37 8.99
N ILE C 874 -82.52 10.60 7.70
CA ILE C 874 -83.22 11.60 6.91
C ILE C 874 -83.60 10.92 5.58
N PRO C 875 -84.82 11.08 5.09
CA PRO C 875 -85.17 10.51 3.78
C PRO C 875 -84.38 11.16 2.65
N PHE C 876 -84.20 10.39 1.58
CA PHE C 876 -83.35 10.81 0.46
C PHE C 876 -83.84 12.08 -0.26
N PRO C 877 -85.12 12.26 -0.60
CA PRO C 877 -85.53 13.57 -1.17
C PRO C 877 -85.31 14.74 -0.23
N MET C 878 -85.47 14.54 1.09
CA MET C 878 -85.28 15.65 2.02
C MET C 878 -83.81 16.04 2.13
N GLN C 879 -82.90 15.07 2.12
CA GLN C 879 -81.49 15.42 2.16
C GLN C 879 -81.02 16.01 0.83
N MET C 880 -81.62 15.57 -0.29
CA MET C 880 -81.34 16.24 -1.57
C MET C 880 -81.84 17.68 -1.57
N ALA C 881 -83.01 17.91 -0.97
CA ALA C 881 -83.52 19.28 -0.84
C ALA C 881 -82.63 20.11 0.08
N TYR C 882 -82.08 19.50 1.14
CA TYR C 882 -81.13 20.20 1.99
C TYR C 882 -79.87 20.58 1.22
N ARG C 883 -79.37 19.67 0.38
CA ARG C 883 -78.19 19.97 -0.43
C ARG C 883 -78.47 21.05 -1.46
N PHE C 884 -79.67 21.03 -2.07
CA PHE C 884 -80.05 22.07 -3.01
C PHE C 884 -80.22 23.42 -2.33
N ASN C 885 -80.70 23.43 -1.07
CA ASN C 885 -80.76 24.66 -0.31
C ASN C 885 -79.34 25.16 0.00
N GLY C 886 -78.44 24.25 0.35
CA GLY C 886 -77.08 24.62 0.68
C GLY C 886 -76.24 25.08 -0.49
N ILE C 887 -76.57 24.65 -1.71
CA ILE C 887 -75.79 25.09 -2.86
C ILE C 887 -76.23 26.48 -3.33
N GLY C 888 -77.47 26.88 -3.04
CA GLY C 888 -77.89 28.24 -3.32
C GLY C 888 -79.08 28.40 -4.24
N VAL C 889 -79.93 27.37 -4.33
CA VAL C 889 -81.14 27.42 -5.14
C VAL C 889 -82.31 26.93 -4.30
N THR C 890 -83.51 27.25 -4.78
CA THR C 890 -84.73 26.81 -4.11
C THR C 890 -84.93 25.31 -4.30
N GLN C 891 -85.52 24.68 -3.28
CA GLN C 891 -85.69 23.23 -3.28
C GLN C 891 -86.88 22.76 -4.10
N ASN C 892 -87.79 23.67 -4.47
CA ASN C 892 -89.03 23.28 -5.15
C ASN C 892 -88.76 22.66 -6.52
N VAL C 893 -87.69 23.09 -7.18
CA VAL C 893 -87.33 22.53 -8.48
C VAL C 893 -86.90 21.07 -8.37
N LEU C 894 -86.53 20.62 -7.17
CA LEU C 894 -86.32 19.19 -6.96
C LEU C 894 -87.63 18.43 -7.04
N TYR C 895 -88.71 18.98 -6.48
CA TYR C 895 -89.99 18.27 -6.44
C TYR C 895 -90.72 18.31 -7.77
N GLU C 896 -90.49 19.34 -8.59
CA GLU C 896 -91.19 19.44 -9.87
C GLU C 896 -90.66 18.47 -10.91
N ASN C 897 -89.41 18.03 -10.78
CA ASN C 897 -88.78 17.10 -11.71
C ASN C 897 -88.06 15.99 -10.96
N GLN C 898 -88.74 15.41 -9.97
CA GLN C 898 -88.13 14.35 -9.17
C GLN C 898 -87.89 13.09 -9.99
N LYS C 899 -88.89 12.67 -10.76
CA LYS C 899 -88.75 11.50 -11.61
C LYS C 899 -87.74 11.76 -12.73
N LEU C 900 -87.72 12.98 -13.27
CA LEU C 900 -86.73 13.33 -14.28
C LEU C 900 -85.31 13.31 -13.71
N ILE C 901 -85.14 13.80 -12.48
CA ILE C 901 -83.84 13.78 -11.82
C ILE C 901 -83.39 12.34 -11.57
N ALA C 902 -84.32 11.48 -11.12
CA ALA C 902 -83.99 10.08 -10.88
C ALA C 902 -83.61 9.36 -12.18
N ASN C 903 -84.36 9.63 -13.26
CA ASN C 903 -84.04 9.01 -14.54
C ASN C 903 -82.70 9.49 -15.09
N GLN C 904 -82.41 10.79 -14.95
CA GLN C 904 -81.11 11.31 -15.37
C GLN C 904 -79.98 10.72 -14.55
N PHE C 905 -80.20 10.54 -13.24
CA PHE C 905 -79.18 9.93 -12.39
C PHE C 905 -78.93 8.48 -12.79
N ASN C 906 -79.99 7.72 -13.08
CA ASN C 906 -79.84 6.33 -13.51
C ASN C 906 -79.13 6.26 -14.86
N SER C 907 -79.47 7.17 -15.78
CA SER C 907 -78.81 7.19 -17.08
C SER C 907 -77.33 7.55 -16.95
N ALA C 908 -77.00 8.50 -16.06
CA ALA C 908 -75.61 8.87 -15.84
C ALA C 908 -74.82 7.73 -15.21
N ILE C 909 -75.44 7.01 -14.26
CA ILE C 909 -74.78 5.88 -13.63
C ILE C 909 -74.52 4.77 -14.65
N GLY C 910 -75.52 4.47 -15.51
CA GLY C 910 -75.31 3.47 -16.54
C GLY C 910 -74.27 3.89 -17.56
N LYS C 911 -74.25 5.17 -17.93
CA LYS C 911 -73.26 5.68 -18.88
C LYS C 911 -71.85 5.61 -18.31
N ILE C 912 -71.67 5.97 -17.04
CA ILE C 912 -70.34 5.91 -16.45
C ILE C 912 -69.92 4.46 -16.20
N GLN C 913 -70.88 3.56 -15.96
CA GLN C 913 -70.55 2.15 -15.85
C GLN C 913 -70.07 1.60 -17.19
N ASP C 914 -70.76 1.96 -18.29
CA ASP C 914 -70.32 1.55 -19.61
C ASP C 914 -68.97 2.16 -19.98
N SER C 915 -68.73 3.42 -19.58
CA SER C 915 -67.45 4.06 -19.86
C SER C 915 -66.31 3.40 -19.09
N LEU C 916 -66.56 3.03 -17.83
CA LEU C 916 -65.53 2.34 -17.05
C LEU C 916 -65.29 0.93 -17.57
N SER C 917 -66.33 0.24 -18.04
CA SER C 917 -66.17 -1.10 -18.58
C SER C 917 -65.56 -1.10 -19.99
N SER C 918 -65.65 0.02 -20.71
CA SER C 918 -65.17 0.09 -22.08
C SER C 918 -63.80 0.75 -22.19
N THR C 919 -63.68 1.98 -21.69
CA THR C 919 -62.43 2.73 -21.83
C THR C 919 -61.39 2.20 -20.87
N PRO C 920 -60.21 1.77 -21.34
CA PRO C 920 -59.17 1.27 -20.44
C PRO C 920 -58.17 2.33 -19.97
N SER C 921 -58.26 3.56 -20.45
CA SER C 921 -57.31 4.61 -20.11
C SER C 921 -57.80 5.51 -18.98
N ALA C 922 -58.98 5.24 -18.43
CA ALA C 922 -59.52 6.07 -17.35
C ALA C 922 -58.95 5.71 -15.99
N LEU C 923 -58.26 4.58 -15.86
CA LEU C 923 -57.68 4.11 -14.61
C LEU C 923 -56.16 4.05 -14.70
N GLY C 924 -55.57 5.10 -15.29
CA GLY C 924 -54.15 5.09 -15.57
C GLY C 924 -53.25 5.32 -14.37
N LYS C 925 -53.75 5.97 -13.32
CA LYS C 925 -52.88 6.33 -12.20
C LYS C 925 -52.50 5.11 -11.37
N LEU C 926 -53.47 4.25 -11.05
CA LEU C 926 -53.18 3.06 -10.27
C LEU C 926 -52.30 2.08 -11.05
N GLN C 927 -52.60 1.90 -12.35
CA GLN C 927 -51.76 1.05 -13.19
C GLN C 927 -50.36 1.63 -13.31
N ASP C 928 -50.25 2.95 -13.41
CA ASP C 928 -48.93 3.59 -13.50
C ASP C 928 -48.11 3.39 -12.23
N VAL C 929 -48.73 3.55 -11.06
CA VAL C 929 -47.95 3.43 -9.82
C VAL C 929 -47.59 1.97 -9.55
N VAL C 930 -48.49 1.03 -9.87
CA VAL C 930 -48.17 -0.39 -9.72
C VAL C 930 -47.07 -0.80 -10.70
N ASN C 931 -47.14 -0.30 -11.94
CA ASN C 931 -46.08 -0.59 -12.91
C ASN C 931 -44.76 0.06 -12.52
N HIS C 932 -44.80 1.23 -11.88
CA HIS C 932 -43.57 1.87 -11.40
C HIS C 932 -42.92 1.04 -10.30
N ASN C 933 -43.73 0.56 -9.34
CA ASN C 933 -43.19 -0.28 -8.26
C ASN C 933 -42.65 -1.61 -8.81
N ALA C 934 -43.39 -2.23 -9.73
CA ALA C 934 -42.94 -3.48 -10.33
C ALA C 934 -41.69 -3.30 -11.17
N GLN C 935 -41.58 -2.17 -11.88
CA GLN C 935 -40.40 -1.90 -12.68
C GLN C 935 -39.19 -1.62 -11.80
N ALA C 936 -39.39 -0.93 -10.67
CA ALA C 936 -38.31 -0.73 -9.72
C ALA C 936 -37.83 -2.06 -9.15
N LEU C 937 -38.76 -2.94 -8.77
CA LEU C 937 -38.38 -4.25 -8.26
C LEU C 937 -37.68 -5.09 -9.31
N ASN C 938 -38.17 -5.06 -10.56
CA ASN C 938 -37.56 -5.85 -11.63
C ASN C 938 -36.17 -5.33 -11.99
N THR C 939 -35.99 -4.00 -12.00
CA THR C 939 -34.67 -3.44 -12.26
C THR C 939 -33.69 -3.76 -11.14
N LEU C 940 -34.17 -3.76 -9.88
CA LEU C 940 -33.32 -4.21 -8.78
C LEU C 940 -32.93 -5.68 -8.93
N VAL C 941 -33.88 -6.52 -9.32
CA VAL C 941 -33.62 -7.95 -9.48
C VAL C 941 -32.60 -8.19 -10.60
N LYS C 942 -32.78 -7.51 -11.73
CA LYS C 942 -31.85 -7.68 -12.85
C LYS C 942 -30.50 -7.03 -12.57
N GLN C 943 -30.47 -5.98 -11.74
CA GLN C 943 -29.25 -5.27 -11.41
C GLN C 943 -28.43 -5.99 -10.35
N LEU C 944 -29.07 -6.83 -9.54
CA LEU C 944 -28.35 -7.59 -8.52
C LEU C 944 -27.39 -8.60 -9.14
N SER C 945 -27.78 -9.23 -10.25
CA SER C 945 -27.03 -10.34 -10.83
C SER C 945 -25.95 -9.89 -11.81
N SER C 946 -25.44 -8.67 -11.67
CA SER C 946 -24.37 -8.17 -12.52
C SER C 946 -23.01 -8.39 -11.85
N LYS C 947 -21.97 -8.40 -12.69
CA LYS C 947 -20.63 -8.72 -12.20
C LYS C 947 -20.01 -7.57 -11.42
N PHE C 948 -20.33 -6.32 -11.78
CA PHE C 948 -19.77 -5.10 -11.19
C PHE C 948 -18.25 -5.06 -11.28
N GLY C 949 -17.69 -5.61 -12.36
CA GLY C 949 -16.25 -5.60 -12.56
C GLY C 949 -15.50 -6.64 -11.77
N ALA C 950 -16.18 -7.50 -11.03
CA ALA C 950 -15.53 -8.52 -10.24
C ALA C 950 -15.14 -9.72 -11.11
N ILE C 951 -14.43 -10.67 -10.49
CA ILE C 951 -13.99 -11.86 -11.20
C ILE C 951 -15.18 -12.75 -11.54
N SER C 952 -16.08 -12.96 -10.58
CA SER C 952 -17.21 -13.86 -10.74
C SER C 952 -18.50 -13.15 -10.35
N SER C 953 -19.60 -13.58 -10.97
CA SER C 953 -20.93 -13.04 -10.68
C SER C 953 -21.69 -13.86 -9.66
N VAL C 954 -21.52 -15.18 -9.67
CA VAL C 954 -22.20 -16.04 -8.70
C VAL C 954 -21.53 -15.87 -7.34
N LEU C 955 -22.34 -15.81 -6.28
CA LEU C 955 -21.81 -15.49 -4.95
C LEU C 955 -20.94 -16.61 -4.39
N ASN C 956 -21.38 -17.87 -4.54
CA ASN C 956 -20.65 -18.99 -3.98
C ASN C 956 -19.61 -19.57 -4.94
N ASP C 957 -19.57 -19.10 -6.19
CA ASP C 957 -18.53 -19.54 -7.11
C ASP C 957 -17.18 -18.95 -6.71
N ILE C 958 -17.15 -17.66 -6.38
CA ILE C 958 -15.91 -17.02 -5.97
C ILE C 958 -15.50 -17.45 -4.56
N LEU C 959 -16.43 -18.01 -3.78
CA LEU C 959 -16.09 -18.51 -2.46
C LEU C 959 -15.32 -19.82 -2.52
N SER C 960 -15.37 -20.54 -3.64
CA SER C 960 -14.64 -21.78 -3.81
C SER C 960 -13.56 -21.72 -4.88
N ARG C 961 -13.59 -20.73 -5.76
CA ARG C 961 -12.57 -20.59 -6.80
C ARG C 961 -11.41 -19.70 -6.36
N LEU C 962 -11.71 -18.62 -5.63
CA LEU C 962 -10.68 -17.69 -5.17
C LEU C 962 -10.21 -18.09 -3.77
N ASP C 963 -8.99 -17.68 -3.44
CA ASP C 963 -8.44 -17.93 -2.12
C ASP C 963 -9.20 -17.12 -1.07
N PRO C 964 -9.55 -17.73 0.06
CA PRO C 964 -10.23 -16.99 1.15
C PRO C 964 -9.42 -15.83 1.70
N PRO C 965 -8.06 -15.89 1.79
CA PRO C 965 -7.35 -14.62 2.06
C PRO C 965 -7.38 -13.64 0.90
N GLU C 966 -7.50 -14.11 -0.34
CA GLU C 966 -7.51 -13.22 -1.50
C GLU C 966 -8.91 -12.76 -1.86
N ALA C 967 -9.95 -13.23 -1.16
CA ALA C 967 -11.33 -12.86 -1.45
C ALA C 967 -11.82 -11.71 -0.58
N GLU C 968 -10.93 -10.79 -0.20
CA GLU C 968 -11.31 -9.64 0.62
C GLU C 968 -11.43 -8.35 -0.19
N VAL C 969 -11.35 -8.43 -1.52
CA VAL C 969 -11.38 -7.27 -2.40
C VAL C 969 -12.57 -7.31 -3.34
N GLN C 970 -12.74 -8.43 -4.05
CA GLN C 970 -13.81 -8.54 -5.05
C GLN C 970 -15.19 -8.52 -4.40
N ILE C 971 -15.39 -9.34 -3.36
CA ILE C 971 -16.67 -9.34 -2.69
C ILE C 971 -16.89 -8.04 -1.90
N ASP C 972 -15.81 -7.38 -1.47
CA ASP C 972 -15.95 -6.09 -0.80
C ASP C 972 -16.45 -5.02 -1.77
N ARG C 973 -15.88 -4.99 -2.97
CA ARG C 973 -16.38 -4.06 -4.00
C ARG C 973 -17.80 -4.41 -4.41
N LEU C 974 -18.13 -5.72 -4.47
CA LEU C 974 -19.46 -6.15 -4.83
C LEU C 974 -20.50 -5.70 -3.79
N ILE C 975 -20.18 -5.86 -2.51
CA ILE C 975 -21.15 -5.46 -1.49
C ILE C 975 -21.19 -3.94 -1.34
N THR C 976 -20.11 -3.25 -1.66
CA THR C 976 -20.14 -1.78 -1.68
C THR C 976 -21.06 -1.27 -2.79
N GLY C 977 -20.95 -1.85 -3.99
CA GLY C 977 -21.84 -1.47 -5.07
C GLY C 977 -23.28 -1.88 -4.82
N ARG C 978 -23.49 -3.03 -4.18
CA ARG C 978 -24.84 -3.45 -3.84
C ARG C 978 -25.44 -2.57 -2.74
N LEU C 979 -24.61 -2.09 -1.80
CA LEU C 979 -25.09 -1.12 -0.82
C LEU C 979 -25.45 0.20 -1.48
N GLN C 980 -24.68 0.62 -2.49
CA GLN C 980 -25.02 1.81 -3.25
C GLN C 980 -26.35 1.64 -3.98
N SER C 981 -26.56 0.48 -4.62
CA SER C 981 -27.81 0.22 -5.32
C SER C 981 -29.00 0.16 -4.35
N LEU C 982 -28.80 -0.48 -3.20
CA LEU C 982 -29.86 -0.54 -2.19
C LEU C 982 -30.16 0.84 -1.63
N GLN C 983 -29.12 1.67 -1.46
CA GLN C 983 -29.32 3.02 -0.97
C GLN C 983 -30.12 3.87 -1.95
N THR C 984 -29.79 3.80 -3.24
CA THR C 984 -30.53 4.61 -4.21
C THR C 984 -31.95 4.06 -4.41
N TYR C 985 -32.14 2.75 -4.25
CA TYR C 985 -33.48 2.19 -4.26
C TYR C 985 -34.29 2.66 -3.06
N VAL C 986 -33.65 2.74 -1.89
CA VAL C 986 -34.32 3.22 -0.69
C VAL C 986 -34.70 4.69 -0.84
N THR C 987 -33.82 5.51 -1.42
CA THR C 987 -34.15 6.92 -1.64
C THR C 987 -35.29 7.07 -2.64
N GLN C 988 -35.27 6.29 -3.72
CA GLN C 988 -36.36 6.35 -4.69
C GLN C 988 -37.69 5.90 -4.07
N GLN C 989 -37.66 4.84 -3.27
CA GLN C 989 -38.86 4.37 -2.59
C GLN C 989 -39.37 5.40 -1.57
N LEU C 990 -38.45 6.08 -0.88
CA LEU C 990 -38.85 7.09 0.09
C LEU C 990 -39.49 8.30 -0.60
N ILE C 991 -38.93 8.72 -1.74
CA ILE C 991 -39.52 9.84 -2.47
C ILE C 991 -40.88 9.46 -3.05
N ARG C 992 -41.01 8.23 -3.58
CA ARG C 992 -42.29 7.75 -4.08
C ARG C 992 -43.31 7.63 -2.93
N ALA C 993 -42.86 7.19 -1.76
CA ALA C 993 -43.73 7.09 -0.60
C ALA C 993 -44.18 8.46 -0.12
N ALA C 994 -43.30 9.46 -0.19
CA ALA C 994 -43.70 10.82 0.15
C ALA C 994 -44.74 11.37 -0.83
N GLU C 995 -44.55 11.09 -2.12
CA GLU C 995 -45.54 11.51 -3.12
C GLU C 995 -46.88 10.82 -2.91
N ILE C 996 -46.85 9.51 -2.63
CA ILE C 996 -48.08 8.76 -2.35
C ILE C 996 -48.73 9.24 -1.05
N ARG C 997 -47.93 9.62 -0.05
CA ARG C 997 -48.47 10.17 1.18
C ARG C 997 -49.15 11.51 0.95
N ALA C 998 -48.56 12.37 0.10
CA ALA C 998 -49.20 13.64 -0.24
C ALA C 998 -50.50 13.41 -1.01
N SER C 999 -50.49 12.46 -1.95
CA SER C 999 -51.71 12.15 -2.71
C SER C 999 -52.79 11.57 -1.81
N ALA C 1000 -52.40 10.74 -0.84
CA ALA C 1000 -53.37 10.17 0.09
C ALA C 1000 -53.88 11.19 1.10
N ASN C 1001 -53.05 12.17 1.48
CA ASN C 1001 -53.54 13.28 2.29
C ASN C 1001 -54.56 14.12 1.52
N LEU C 1002 -54.31 14.34 0.23
CA LEU C 1002 -55.29 15.01 -0.61
C LEU C 1002 -56.58 14.20 -0.72
N ALA C 1003 -56.45 12.87 -0.86
CA ALA C 1003 -57.63 12.01 -0.91
C ALA C 1003 -58.39 12.01 0.41
N ALA C 1004 -57.68 12.08 1.54
CA ALA C 1004 -58.33 12.16 2.83
C ALA C 1004 -59.04 13.50 3.02
N THR C 1005 -58.45 14.57 2.48
CA THR C 1005 -59.14 15.87 2.46
C THR C 1005 -60.41 15.80 1.63
N LYS C 1006 -60.36 15.13 0.48
CA LYS C 1006 -61.55 14.92 -0.33
C LYS C 1006 -62.59 14.08 0.42
N MET C 1007 -62.13 13.06 1.15
CA MET C 1007 -63.03 12.24 1.95
C MET C 1007 -63.72 13.05 3.04
N SER C 1008 -62.97 13.91 3.73
CA SER C 1008 -63.53 14.71 4.81
C SER C 1008 -64.39 15.85 4.30
N GLU C 1009 -64.17 16.33 3.08
CA GLU C 1009 -64.87 17.50 2.57
C GLU C 1009 -66.09 17.18 1.72
N CYS C 1010 -66.03 16.16 0.86
CA CYS C 1010 -67.07 15.93 -0.12
C CYS C 1010 -68.00 14.76 0.20
N VAL C 1011 -67.57 13.82 1.03
CA VAL C 1011 -68.40 12.69 1.43
C VAL C 1011 -69.09 12.97 2.78
N LEU C 1012 -68.32 13.39 3.77
CA LEU C 1012 -68.89 13.82 5.05
C LEU C 1012 -69.36 15.27 4.92
N GLY C 1013 -70.56 15.42 4.38
CA GLY C 1013 -71.16 16.73 4.16
C GLY C 1013 -71.00 17.20 2.74
N GLN C 1014 -71.53 18.38 2.48
CA GLN C 1014 -71.52 19.00 1.16
C GLN C 1014 -70.56 20.19 1.15
N SER C 1015 -69.69 20.23 0.16
CA SER C 1015 -68.73 21.31 0.00
C SER C 1015 -69.35 22.49 -0.72
N LYS C 1016 -68.88 23.69 -0.40
CA LYS C 1016 -69.38 24.91 -1.02
C LYS C 1016 -68.38 25.57 -1.96
N ARG C 1017 -67.08 25.29 -1.81
CA ARG C 1017 -66.09 25.83 -2.74
C ARG C 1017 -66.18 25.12 -4.09
N VAL C 1018 -65.94 25.86 -5.15
CA VAL C 1018 -66.17 25.38 -6.51
C VAL C 1018 -64.92 24.71 -7.05
N ASP C 1019 -65.14 23.77 -7.98
CA ASP C 1019 -64.10 23.01 -8.68
C ASP C 1019 -63.19 22.29 -7.68
N PHE C 1020 -63.82 21.47 -6.86
CA PHE C 1020 -63.14 20.59 -5.92
C PHE C 1020 -63.62 19.14 -6.06
N CYS C 1021 -64.90 18.94 -6.35
CA CYS C 1021 -65.46 17.61 -6.59
C CYS C 1021 -66.42 17.70 -7.76
N GLY C 1022 -65.96 17.25 -8.93
CA GLY C 1022 -66.76 17.36 -10.14
C GLY C 1022 -66.59 18.70 -10.83
N LYS C 1023 -67.11 18.76 -12.06
CA LYS C 1023 -67.03 19.98 -12.88
C LYS C 1023 -68.34 20.73 -12.71
N GLY C 1024 -68.37 21.67 -11.77
CA GLY C 1024 -69.52 22.50 -11.51
C GLY C 1024 -69.87 22.48 -10.04
N TYR C 1025 -71.11 22.86 -9.75
CA TYR C 1025 -71.59 22.86 -8.38
C TYR C 1025 -71.78 21.43 -7.89
N HIS C 1026 -71.21 21.12 -6.73
CA HIS C 1026 -71.16 19.75 -6.22
C HIS C 1026 -72.31 19.53 -5.24
N LEU C 1027 -73.04 18.43 -5.44
CA LEU C 1027 -74.12 18.05 -4.54
C LEU C 1027 -73.65 17.05 -3.49
N MET C 1028 -73.22 15.87 -3.92
CA MET C 1028 -72.71 14.82 -3.03
C MET C 1028 -71.95 13.82 -3.89
N SER C 1029 -71.16 12.97 -3.22
CA SER C 1029 -70.26 12.07 -3.91
C SER C 1029 -70.43 10.64 -3.38
N PHE C 1030 -70.03 9.68 -4.22
CA PHE C 1030 -70.15 8.26 -3.90
C PHE C 1030 -68.77 7.68 -3.59
N PRO C 1031 -68.51 7.22 -2.36
CA PRO C 1031 -67.25 6.54 -2.09
C PRO C 1031 -67.30 5.07 -2.45
N GLN C 1032 -66.26 4.61 -3.15
CA GLN C 1032 -66.20 3.24 -3.63
C GLN C 1032 -64.79 2.68 -3.46
N SER C 1033 -64.69 1.36 -3.47
CA SER C 1033 -63.41 0.68 -3.29
C SER C 1033 -62.69 0.53 -4.61
N ALA C 1034 -61.36 0.68 -4.56
CA ALA C 1034 -60.50 0.50 -5.72
C ALA C 1034 -59.25 -0.27 -5.29
N PRO C 1035 -58.67 -1.07 -6.17
CA PRO C 1035 -57.42 -1.78 -5.84
C PRO C 1035 -56.25 -0.82 -5.77
N HIS C 1036 -55.60 -0.77 -4.60
CA HIS C 1036 -54.44 0.10 -4.33
C HIS C 1036 -54.76 1.57 -4.59
N GLY C 1037 -55.96 1.99 -4.19
CA GLY C 1037 -56.37 3.36 -4.40
C GLY C 1037 -57.84 3.53 -4.07
N VAL C 1038 -58.38 4.66 -4.49
CA VAL C 1038 -59.79 4.98 -4.30
C VAL C 1038 -60.35 5.55 -5.60
N VAL C 1039 -61.62 5.25 -5.87
CA VAL C 1039 -62.31 5.73 -7.05
C VAL C 1039 -63.52 6.54 -6.60
N PHE C 1040 -63.77 7.66 -7.29
CA PHE C 1040 -64.78 8.62 -6.88
C PHE C 1040 -65.84 8.76 -7.97
N LEU C 1041 -67.08 9.01 -7.53
CA LEU C 1041 -68.20 9.30 -8.42
C LEU C 1041 -68.77 10.65 -7.98
N HIS C 1042 -68.32 11.71 -8.65
CA HIS C 1042 -68.69 13.08 -8.29
C HIS C 1042 -69.92 13.51 -9.07
N VAL C 1043 -70.99 13.87 -8.36
CA VAL C 1043 -72.23 14.31 -8.96
C VAL C 1043 -72.22 15.84 -8.97
N THR C 1044 -72.39 16.43 -10.14
CA THR C 1044 -72.29 17.86 -10.33
C THR C 1044 -73.64 18.44 -10.78
N TYR C 1045 -73.65 19.74 -11.03
CA TYR C 1045 -74.83 20.48 -11.44
C TYR C 1045 -74.47 21.34 -12.64
N VAL C 1046 -74.91 20.93 -13.83
CA VAL C 1046 -74.57 21.59 -15.07
C VAL C 1046 -75.83 22.31 -15.59
N PRO C 1047 -75.88 23.64 -15.55
CA PRO C 1047 -77.01 24.36 -16.13
C PRO C 1047 -76.98 24.32 -17.65
N ALA C 1048 -78.14 24.60 -18.25
CA ALA C 1048 -78.29 24.57 -19.70
C ALA C 1048 -79.43 25.50 -20.12
N GLN C 1049 -79.65 25.55 -21.44
CA GLN C 1049 -80.71 26.33 -22.09
C GLN C 1049 -80.59 27.82 -21.74
N GLU C 1050 -79.49 28.41 -22.22
CA GLU C 1050 -79.23 29.82 -21.99
C GLU C 1050 -80.21 30.69 -22.76
N LYS C 1051 -80.67 31.75 -22.11
CA LYS C 1051 -81.62 32.69 -22.71
C LYS C 1051 -81.24 34.11 -22.32
N ASN C 1052 -81.25 35.02 -23.29
CA ASN C 1052 -80.93 36.41 -23.03
C ASN C 1052 -82.07 37.11 -22.30
N PHE C 1053 -81.71 37.96 -21.34
CA PHE C 1053 -82.70 38.68 -20.55
C PHE C 1053 -82.12 40.02 -20.14
N THR C 1054 -83.01 40.94 -19.76
CA THR C 1054 -82.62 42.28 -19.34
C THR C 1054 -82.62 42.38 -17.82
N THR C 1055 -81.60 43.03 -17.28
CA THR C 1055 -81.43 43.18 -15.84
C THR C 1055 -81.43 44.66 -15.47
N ALA C 1056 -81.58 44.93 -14.18
CA ALA C 1056 -81.57 46.28 -13.64
C ALA C 1056 -80.86 46.27 -12.30
N PRO C 1057 -80.21 47.38 -11.93
CA PRO C 1057 -79.57 47.41 -10.60
C PRO C 1057 -80.57 47.43 -9.46
N ALA C 1058 -81.67 48.16 -9.61
CA ALA C 1058 -82.70 48.24 -8.58
C ALA C 1058 -84.00 48.68 -9.26
N ILE C 1059 -85.04 48.83 -8.46
CA ILE C 1059 -86.32 49.36 -8.91
C ILE C 1059 -86.78 50.41 -7.92
N CYS C 1060 -87.43 51.46 -8.41
CA CYS C 1060 -87.87 52.57 -7.59
C CYS C 1060 -89.40 52.67 -7.65
N HIS C 1061 -90.02 52.69 -6.47
CA HIS C 1061 -91.46 52.84 -6.35
C HIS C 1061 -91.76 53.94 -5.34
N ASP C 1062 -92.56 54.93 -5.75
CA ASP C 1062 -92.97 56.08 -4.94
C ASP C 1062 -91.76 56.86 -4.41
N GLY C 1063 -90.71 56.97 -5.23
CA GLY C 1063 -89.52 57.71 -4.85
C GLY C 1063 -88.56 56.95 -3.97
N LYS C 1064 -88.82 55.69 -3.65
CA LYS C 1064 -87.96 54.88 -2.81
C LYS C 1064 -87.44 53.70 -3.60
N ALA C 1065 -86.13 53.47 -3.52
CA ALA C 1065 -85.50 52.36 -4.25
C ALA C 1065 -85.73 51.05 -3.53
N HIS C 1066 -86.04 50.00 -4.30
CA HIS C 1066 -86.25 48.67 -3.77
C HIS C 1066 -85.17 47.73 -4.31
N PHE C 1067 -84.52 46.99 -3.42
CA PHE C 1067 -83.47 46.06 -3.79
C PHE C 1067 -83.95 44.62 -3.61
N PRO C 1068 -83.47 43.68 -4.43
CA PRO C 1068 -83.87 42.27 -4.26
C PRO C 1068 -83.35 41.70 -2.96
N ARG C 1069 -84.16 40.82 -2.37
CA ARG C 1069 -83.80 40.22 -1.09
C ARG C 1069 -82.63 39.25 -1.23
N GLU C 1070 -82.72 38.33 -2.19
CA GLU C 1070 -81.66 37.35 -2.41
C GLU C 1070 -81.29 37.13 -3.86
N GLY C 1071 -82.08 37.60 -4.83
CA GLY C 1071 -81.82 37.33 -6.22
C GLY C 1071 -81.57 38.57 -7.05
N VAL C 1072 -82.21 38.64 -8.22
CA VAL C 1072 -82.00 39.74 -9.16
C VAL C 1072 -83.26 39.89 -10.00
N PHE C 1073 -83.48 41.09 -10.52
CA PHE C 1073 -84.63 41.36 -11.37
C PHE C 1073 -84.40 40.83 -12.77
N VAL C 1074 -85.43 40.21 -13.35
CA VAL C 1074 -85.37 39.64 -14.68
C VAL C 1074 -86.63 40.05 -15.43
N SER C 1075 -86.49 40.32 -16.73
CA SER C 1075 -87.62 40.73 -17.55
C SER C 1075 -87.41 40.30 -18.99
N ASN C 1076 -88.50 39.92 -19.65
CA ASN C 1076 -88.50 39.61 -21.07
C ASN C 1076 -88.91 40.81 -21.93
N GLY C 1077 -90.05 41.43 -21.61
CA GLY C 1077 -90.51 42.62 -22.29
C GLY C 1077 -90.68 43.79 -21.35
N THR C 1078 -91.93 44.21 -21.15
CA THR C 1078 -92.25 45.32 -20.25
C THR C 1078 -92.80 44.84 -18.91
N HIS C 1079 -92.46 43.62 -18.50
CA HIS C 1079 -92.92 43.05 -17.24
C HIS C 1079 -91.71 42.56 -16.46
N TRP C 1080 -91.47 43.14 -15.28
CA TRP C 1080 -90.32 42.80 -14.47
C TRP C 1080 -90.69 41.72 -13.45
N PHE C 1081 -89.77 40.78 -13.24
CA PHE C 1081 -89.98 39.69 -12.29
C PHE C 1081 -88.69 39.45 -11.51
N VAL C 1082 -88.84 38.84 -10.34
CA VAL C 1082 -87.71 38.46 -9.52
C VAL C 1082 -87.46 36.98 -9.70
N THR C 1083 -86.25 36.55 -9.35
CA THR C 1083 -85.84 35.16 -9.52
C THR C 1083 -84.76 34.84 -8.50
N GLN C 1084 -84.45 33.55 -8.38
CA GLN C 1084 -83.41 33.07 -7.49
C GLN C 1084 -82.05 33.16 -8.19
N ARG C 1085 -81.04 32.50 -7.61
CA ARG C 1085 -79.66 32.71 -8.02
C ARG C 1085 -79.38 32.15 -9.41
N ASN C 1086 -79.54 30.84 -9.58
CA ASN C 1086 -79.14 30.17 -10.82
C ASN C 1086 -80.29 29.36 -11.40
N PHE C 1087 -81.50 29.89 -11.34
CA PHE C 1087 -82.66 29.23 -11.94
C PHE C 1087 -83.72 30.29 -12.24
N TYR C 1088 -84.54 30.01 -13.24
CA TYR C 1088 -85.57 30.93 -13.70
C TYR C 1088 -86.89 30.51 -13.08
N GLU C 1089 -87.40 31.31 -12.16
CA GLU C 1089 -88.74 31.14 -11.59
C GLU C 1089 -89.33 32.53 -11.38
N PRO C 1090 -90.14 33.00 -12.33
CA PRO C 1090 -90.68 34.37 -12.22
C PRO C 1090 -91.71 34.48 -11.10
N GLN C 1091 -91.61 35.58 -10.35
CA GLN C 1091 -92.52 35.85 -9.23
C GLN C 1091 -92.95 37.31 -9.29
N ILE C 1092 -94.10 37.58 -8.68
CA ILE C 1092 -94.63 38.94 -8.61
C ILE C 1092 -93.80 39.74 -7.62
N ILE C 1093 -93.36 40.92 -8.03
CA ILE C 1093 -92.55 41.80 -7.18
C ILE C 1093 -93.43 42.32 -6.05
N THR C 1094 -93.17 41.87 -4.83
CA THR C 1094 -93.93 42.26 -3.65
C THR C 1094 -93.03 43.04 -2.69
N THR C 1095 -93.59 43.37 -1.52
CA THR C 1095 -92.88 44.14 -0.51
C THR C 1095 -92.10 43.25 0.45
N ASP C 1096 -92.60 42.05 0.75
CA ASP C 1096 -91.94 41.17 1.71
C ASP C 1096 -90.60 40.64 1.23
N ASN C 1097 -90.39 40.56 -0.09
CA ASN C 1097 -89.14 40.08 -0.66
C ASN C 1097 -88.24 41.20 -1.13
N THR C 1098 -88.31 42.37 -0.48
CA THR C 1098 -87.47 43.50 -0.82
C THR C 1098 -87.31 44.39 0.41
N PHE C 1099 -86.31 45.26 0.37
CA PHE C 1099 -86.06 46.21 1.45
C PHE C 1099 -85.80 47.58 0.85
N VAL C 1100 -86.07 48.62 1.63
CA VAL C 1100 -85.95 50.00 1.20
C VAL C 1100 -84.78 50.63 1.91
N SER C 1101 -83.83 51.18 1.14
CA SER C 1101 -82.67 51.88 1.69
C SER C 1101 -82.40 53.09 0.83
N GLY C 1102 -82.57 54.28 1.41
CA GLY C 1102 -82.36 55.51 0.66
C GLY C 1102 -83.47 55.75 -0.35
N ASN C 1103 -83.12 56.48 -1.41
CA ASN C 1103 -84.04 56.81 -2.49
C ASN C 1103 -83.45 56.36 -3.81
N CYS C 1104 -84.25 56.50 -4.87
CA CYS C 1104 -83.84 56.11 -6.23
C CYS C 1104 -83.20 57.29 -6.97
N ASP C 1105 -82.18 57.89 -6.36
CA ASP C 1105 -81.48 59.02 -6.95
C ASP C 1105 -79.97 58.90 -6.91
N VAL C 1106 -79.43 57.83 -6.30
CA VAL C 1106 -77.99 57.64 -6.23
C VAL C 1106 -77.50 56.54 -7.17
N VAL C 1107 -78.36 55.60 -7.56
CA VAL C 1107 -77.98 54.51 -8.45
C VAL C 1107 -77.98 55.01 -9.89
N ILE C 1108 -77.41 54.23 -10.80
CA ILE C 1108 -77.29 54.58 -12.20
C ILE C 1108 -78.04 53.57 -13.05
N GLY C 1109 -78.81 54.07 -14.01
CA GLY C 1109 -79.57 53.23 -14.91
C GLY C 1109 -80.70 52.45 -14.27
N ILE C 1110 -81.49 53.10 -13.43
CA ILE C 1110 -82.64 52.47 -12.80
C ILE C 1110 -83.83 52.57 -13.75
N VAL C 1111 -84.77 51.63 -13.62
CA VAL C 1111 -85.98 51.63 -14.41
C VAL C 1111 -87.18 51.89 -13.50
N ASN C 1112 -88.35 52.07 -14.10
CA ASN C 1112 -89.57 52.38 -13.38
C ASN C 1112 -90.57 51.24 -13.54
N ASN C 1113 -91.07 50.73 -12.42
CA ASN C 1113 -92.15 49.76 -12.42
C ASN C 1113 -92.82 49.79 -11.05
N THR C 1114 -94.09 49.37 -11.02
CA THR C 1114 -94.84 49.36 -9.78
C THR C 1114 -94.56 48.08 -8.99
N VAL C 1115 -94.75 48.17 -7.68
CA VAL C 1115 -94.55 47.05 -6.77
C VAL C 1115 -95.87 46.76 -6.07
N TYR C 1116 -96.39 45.55 -6.18
CA TYR C 1116 -97.63 45.21 -5.52
C TYR C 1116 -97.42 45.20 -4.02
N ASP C 1117 -98.51 45.38 -3.28
CA ASP C 1117 -98.40 45.36 -1.84
C ASP C 1117 -99.27 44.27 -1.29
N PRO C 1118 -98.66 43.37 -0.52
CA PRO C 1118 -99.42 42.28 0.07
C PRO C 1118 -100.54 42.75 0.97
N LEU C 1119 -101.61 41.98 1.09
CA LEU C 1119 -102.72 42.29 2.00
C LEU C 1119 -103.34 43.67 1.86
N GLN C 1120 -102.65 44.59 1.21
CA GLN C 1120 -103.17 45.95 1.11
C GLN C 1120 -104.64 45.99 0.67
N PRO C 1121 -105.11 45.22 -0.32
CA PRO C 1121 -106.55 45.13 -0.52
C PRO C 1121 -107.26 44.08 0.32
N GLU C 1122 -106.56 43.43 1.25
CA GLU C 1122 -107.17 42.44 2.12
C GLU C 1122 -107.50 42.98 3.50
N LEU C 1123 -106.90 44.10 3.91
CA LEU C 1123 -107.15 44.72 5.20
C LEU C 1123 -108.19 45.83 5.13
N ASP C 1124 -108.81 46.05 3.97
CA ASP C 1124 -109.80 47.11 3.83
C ASP C 1124 -111.11 46.78 4.54
N SER C 1125 -111.37 45.51 4.82
CA SER C 1125 -112.60 45.11 5.50
C SER C 1125 -112.53 45.45 6.99
N PRO D 2 25.67 -25.25 -52.54
CA PRO D 2 26.94 -25.63 -53.17
C PRO D 2 28.13 -24.87 -52.59
N VAL D 3 29.31 -25.06 -53.18
CA VAL D 3 30.50 -24.36 -52.72
C VAL D 3 30.44 -22.89 -53.12
N LEU D 4 31.05 -22.04 -52.31
CA LEU D 4 31.05 -20.60 -52.58
C LEU D 4 32.19 -20.23 -53.52
N THR D 5 31.96 -19.18 -54.31
CA THR D 5 32.97 -18.68 -55.25
C THR D 5 34.01 -17.90 -54.47
N GLN D 6 35.22 -18.44 -54.39
CA GLN D 6 36.32 -17.80 -53.67
C GLN D 6 37.57 -17.83 -54.53
N PRO D 7 38.30 -16.71 -54.61
CA PRO D 7 39.53 -16.69 -55.41
C PRO D 7 40.63 -17.50 -54.75
N PRO D 8 41.15 -18.53 -55.42
CA PRO D 8 42.20 -19.35 -54.81
C PRO D 8 43.60 -18.78 -54.94
N SER D 9 43.85 -17.94 -55.94
CA SER D 9 45.19 -17.39 -56.19
C SER D 9 45.24 -15.97 -55.65
N ALA D 10 45.55 -15.83 -54.38
CA ALA D 10 45.71 -14.54 -53.73
C ALA D 10 47.01 -14.53 -52.94
N SER D 11 47.85 -13.53 -53.20
CA SER D 11 49.14 -13.42 -52.53
C SER D 11 49.59 -11.97 -52.59
N GLY D 12 50.74 -11.69 -51.99
CA GLY D 12 51.29 -10.36 -51.98
C GLY D 12 52.56 -10.26 -51.15
N PRO D 13 53.37 -9.22 -51.40
CA PRO D 13 54.57 -9.03 -50.61
C PRO D 13 54.23 -8.58 -49.21
N PRO D 14 55.10 -8.83 -48.23
CA PRO D 14 54.85 -8.33 -46.88
C PRO D 14 54.96 -6.81 -46.81
N GLY D 15 54.24 -6.23 -45.85
CA GLY D 15 54.20 -4.80 -45.66
C GLY D 15 52.94 -4.12 -46.17
N GLN D 16 52.14 -4.81 -46.98
CA GLN D 16 50.89 -4.28 -47.51
C GLN D 16 49.75 -5.23 -47.14
N SER D 17 48.54 -4.86 -47.56
CA SER D 17 47.33 -5.59 -47.18
C SER D 17 46.83 -6.42 -48.35
N VAL D 18 46.53 -7.69 -48.08
CA VAL D 18 45.96 -8.60 -49.06
C VAL D 18 44.52 -8.89 -48.66
N SER D 19 43.60 -8.71 -49.60
CA SER D 19 42.17 -8.88 -49.34
C SER D 19 41.67 -10.12 -50.04
N ILE D 20 40.97 -10.97 -49.30
CA ILE D 20 40.35 -12.19 -49.82
C ILE D 20 38.85 -12.07 -49.56
N SER D 21 38.06 -12.14 -50.62
CA SER D 21 36.61 -11.99 -50.54
C SER D 21 35.92 -13.35 -50.58
N CYS D 22 34.70 -13.38 -50.07
CA CYS D 22 33.89 -14.59 -50.04
C CYS D 22 32.51 -14.24 -50.59
N SER D 23 32.20 -14.71 -51.79
CA SER D 23 30.92 -14.45 -52.42
C SER D 23 29.89 -15.52 -52.03
N GLY D 24 28.67 -15.07 -51.79
CA GLY D 24 27.61 -16.00 -51.40
C GLY D 24 26.25 -15.40 -51.68
N SER D 25 25.22 -16.19 -51.39
CA SER D 25 23.85 -15.77 -51.62
C SER D 25 23.36 -14.88 -50.48
N ARG D 26 22.14 -14.37 -50.64
CA ARG D 26 21.54 -13.52 -49.61
C ARG D 26 21.24 -14.32 -48.35
N SER D 27 20.77 -15.57 -48.49
CA SER D 27 20.50 -16.41 -47.34
C SER D 27 21.78 -16.88 -46.65
N ASN D 28 22.90 -16.90 -47.37
CA ASN D 28 24.17 -17.33 -46.79
C ASN D 28 24.92 -16.19 -46.11
N ILE D 29 24.96 -15.01 -46.73
CA ILE D 29 25.66 -13.85 -46.20
C ILE D 29 24.67 -12.71 -46.04
N GLY D 30 24.60 -12.15 -44.83
CA GLY D 30 23.67 -11.08 -44.53
C GLY D 30 22.59 -11.50 -43.57
N THR D 31 22.05 -12.70 -43.77
CA THR D 31 21.09 -13.29 -42.85
C THR D 31 21.72 -14.37 -41.97
N ASN D 32 23.01 -14.65 -42.15
CA ASN D 32 23.72 -15.64 -41.35
C ASN D 32 25.08 -15.08 -40.98
N PHE D 33 25.64 -15.61 -39.90
CA PHE D 33 26.96 -15.21 -39.42
C PHE D 33 28.02 -16.07 -40.09
N VAL D 34 28.94 -15.43 -40.81
CA VAL D 34 29.99 -16.13 -41.53
C VAL D 34 31.21 -16.27 -40.63
N TYR D 35 32.00 -17.31 -40.87
CA TYR D 35 33.17 -17.61 -40.07
C TYR D 35 34.37 -17.82 -40.99
N TRP D 36 35.56 -17.63 -40.43
CA TRP D 36 36.81 -17.77 -41.15
C TRP D 36 37.69 -18.78 -40.45
N TYR D 37 38.22 -19.76 -41.20
CA TYR D 37 39.04 -20.82 -40.63
C TYR D 37 40.24 -21.06 -41.54
N GLN D 38 41.29 -21.62 -40.93
CA GLN D 38 42.47 -22.07 -41.66
C GLN D 38 42.85 -23.46 -41.17
N GLN D 39 43.54 -24.21 -42.04
CA GLN D 39 43.95 -25.55 -41.71
C GLN D 39 45.31 -25.84 -42.34
N LEU D 40 46.06 -26.74 -41.71
CA LEU D 40 47.36 -27.20 -42.16
C LEU D 40 47.26 -28.60 -42.74
N PRO D 41 48.13 -28.96 -43.69
CA PRO D 41 48.13 -30.33 -44.22
C PRO D 41 48.58 -31.32 -43.15
N GLY D 42 47.72 -32.31 -42.87
CA GLY D 42 48.00 -33.27 -41.83
C GLY D 42 47.70 -32.82 -40.43
N ALA D 43 47.06 -31.66 -40.26
CA ALA D 43 46.74 -31.13 -38.95
C ALA D 43 45.30 -30.64 -38.92
N ALA D 44 44.74 -30.59 -37.72
CA ALA D 44 43.36 -30.16 -37.55
C ALA D 44 43.24 -28.66 -37.79
N PRO D 45 42.10 -28.21 -38.33
CA PRO D 45 41.89 -26.77 -38.51
C PRO D 45 41.77 -26.04 -37.18
N LYS D 46 42.13 -24.76 -37.20
CA LYS D 46 42.09 -23.91 -36.03
C LYS D 46 41.17 -22.71 -36.28
N LEU D 47 40.60 -22.19 -35.19
CA LEU D 47 39.67 -21.07 -35.27
C LEU D 47 40.42 -19.75 -35.19
N LEU D 48 40.11 -18.85 -36.11
CA LEU D 48 40.71 -17.51 -36.13
C LEU D 48 39.68 -16.42 -35.90
N ILE D 49 38.61 -16.40 -36.69
CA ILE D 49 37.56 -15.38 -36.56
C ILE D 49 36.23 -16.09 -36.41
N TYR D 50 35.50 -15.78 -35.34
CA TYR D 50 34.15 -16.29 -35.12
C TYR D 50 33.21 -15.11 -34.87
N LYS D 51 32.02 -15.19 -35.48
CA LYS D 51 30.92 -14.23 -35.36
C LYS D 51 31.26 -12.86 -35.97
N ASN D 52 32.47 -12.71 -36.52
CA ASN D 52 32.97 -11.49 -37.17
C ASN D 52 33.01 -10.29 -36.23
N ASP D 53 33.02 -10.52 -34.93
CA ASP D 53 33.09 -9.44 -33.94
C ASP D 53 34.18 -9.67 -32.90
N GLN D 54 34.42 -10.92 -32.50
CA GLN D 54 35.35 -11.23 -31.43
C GLN D 54 36.45 -12.16 -31.93
N ARG D 55 37.60 -12.09 -31.27
CA ARG D 55 38.75 -12.92 -31.59
C ARG D 55 39.17 -13.70 -30.35
N PRO D 56 39.44 -15.00 -30.48
CA PRO D 56 39.81 -15.81 -29.32
C PRO D 56 41.26 -15.57 -28.91
N SER D 57 41.63 -16.17 -27.79
CA SER D 57 42.99 -16.05 -27.28
C SER D 57 43.96 -16.86 -28.14
N GLY D 58 45.16 -16.32 -28.33
CA GLY D 58 46.16 -16.94 -29.17
C GLY D 58 46.09 -16.58 -30.63
N VAL D 59 45.04 -15.89 -31.06
CA VAL D 59 44.88 -15.44 -32.44
C VAL D 59 45.50 -14.04 -32.57
N PRO D 60 46.40 -13.82 -33.51
CA PRO D 60 46.96 -12.47 -33.69
C PRO D 60 45.90 -11.48 -34.14
N GLU D 61 46.09 -10.22 -33.74
CA GLU D 61 45.11 -9.17 -33.99
C GLU D 61 45.13 -8.65 -35.42
N ARG D 62 46.11 -9.05 -36.22
CA ARG D 62 46.14 -8.62 -37.62
C ARG D 62 45.04 -9.26 -38.46
N PHE D 63 44.50 -10.39 -38.02
CA PHE D 63 43.38 -11.01 -38.71
C PHE D 63 42.12 -10.16 -38.55
N PHE D 64 41.36 -10.03 -39.63
CA PHE D 64 40.14 -9.23 -39.60
C PHE D 64 39.14 -9.81 -40.58
N GLY D 65 37.94 -10.12 -40.09
CA GLY D 65 36.85 -10.57 -40.93
C GLY D 65 35.56 -9.85 -40.58
N SER D 66 34.99 -9.13 -41.54
CA SER D 66 33.80 -8.34 -41.32
C SER D 66 32.81 -8.53 -42.46
N LYS D 67 31.53 -8.31 -42.16
CA LYS D 67 30.46 -8.40 -43.14
C LYS D 67 29.83 -7.02 -43.33
N SER D 68 29.57 -6.67 -44.60
CA SER D 68 28.96 -5.38 -44.92
C SER D 68 27.85 -5.47 -45.95
N GLY D 69 27.72 -6.58 -46.67
CA GLY D 69 26.70 -6.72 -47.70
C GLY D 69 26.42 -8.17 -47.98
N THR D 70 26.25 -8.50 -49.26
CA THR D 70 25.95 -9.87 -49.68
C THR D 70 27.21 -10.72 -49.85
N SER D 71 28.40 -10.14 -49.67
CA SER D 71 29.65 -10.88 -49.82
C SER D 71 30.62 -10.42 -48.74
N ALA D 72 31.04 -11.36 -47.90
CA ALA D 72 32.01 -11.06 -46.85
C ALA D 72 33.42 -11.05 -47.43
N SER D 73 34.36 -10.52 -46.63
CA SER D 73 35.75 -10.42 -47.06
C SER D 73 36.65 -10.51 -45.85
N LEU D 74 37.91 -10.88 -46.10
CA LEU D 74 38.93 -11.00 -45.08
C LEU D 74 40.17 -10.20 -45.51
N ALA D 75 40.75 -9.47 -44.56
CA ALA D 75 41.92 -8.66 -44.81
C ALA D 75 43.02 -9.03 -43.83
N ILE D 76 44.26 -9.14 -44.33
CA ILE D 76 45.42 -9.45 -43.52
C ILE D 76 46.50 -8.41 -43.77
N SER D 77 47.24 -8.06 -42.73
CA SER D 77 48.36 -7.13 -42.81
C SER D 77 49.62 -7.85 -42.38
N GLY D 78 50.59 -7.96 -43.28
CA GLY D 78 51.83 -8.64 -42.98
C GLY D 78 51.75 -10.14 -43.18
N LEU D 79 52.70 -10.70 -43.93
CA LEU D 79 52.73 -12.13 -44.24
C LEU D 79 54.10 -12.66 -43.81
N ARG D 80 54.19 -13.18 -42.58
CA ARG D 80 55.44 -13.67 -42.04
C ARG D 80 55.42 -15.18 -41.81
N SER D 81 54.49 -15.68 -40.99
CA SER D 81 54.45 -17.11 -40.69
C SER D 81 53.05 -17.71 -40.70
N GLU D 82 51.98 -16.95 -40.51
CA GLU D 82 50.64 -17.50 -40.38
C GLU D 82 49.84 -17.43 -41.67
N ASP D 83 50.32 -16.73 -42.69
CA ASP D 83 49.59 -16.55 -43.94
C ASP D 83 50.23 -17.31 -45.10
N GLU D 84 51.02 -18.35 -44.80
CA GLU D 84 51.66 -19.17 -45.82
C GLU D 84 50.90 -20.46 -46.09
N VAL D 85 49.69 -20.60 -45.54
CA VAL D 85 48.91 -21.82 -45.66
C VAL D 85 47.50 -21.41 -46.11
N ASP D 86 46.80 -22.36 -46.72
CA ASP D 86 45.49 -22.09 -47.31
C ASP D 86 44.45 -21.82 -46.22
N TYR D 87 43.45 -21.01 -46.57
CA TYR D 87 42.37 -20.61 -45.68
C TYR D 87 41.05 -21.20 -46.17
N TYR D 88 39.98 -20.89 -45.44
CA TYR D 88 38.64 -21.35 -45.79
C TYR D 88 37.62 -20.32 -45.35
N CYS D 89 36.43 -20.39 -45.94
CA CYS D 89 35.32 -19.49 -45.66
C CYS D 89 34.14 -20.32 -45.18
N ALA D 90 33.85 -20.24 -43.89
CA ALA D 90 32.78 -21.02 -43.28
C ALA D 90 31.51 -20.19 -43.16
N ALA D 91 30.40 -20.75 -43.61
CA ALA D 91 29.11 -20.06 -43.56
C ALA D 91 28.00 -21.10 -43.53
N TRP D 92 26.80 -20.64 -43.17
CA TRP D 92 25.63 -21.50 -43.09
C TRP D 92 24.50 -20.90 -43.93
N ASP D 93 23.72 -21.77 -44.57
CA ASP D 93 22.60 -21.34 -45.41
C ASP D 93 21.56 -22.45 -45.43
N ASP D 94 20.56 -22.30 -46.29
CA ASP D 94 19.50 -23.30 -46.45
C ASP D 94 19.52 -23.97 -47.81
N SER D 95 20.62 -23.82 -48.56
CA SER D 95 20.71 -24.46 -49.87
C SER D 95 20.91 -25.96 -49.78
N LEU D 96 21.45 -26.45 -48.66
CA LEU D 96 21.64 -27.88 -48.47
C LEU D 96 21.23 -28.32 -47.07
N SER D 97 20.51 -27.47 -46.32
CA SER D 97 20.17 -27.69 -44.91
C SER D 97 21.43 -27.93 -44.07
N GLY D 98 22.45 -27.12 -44.30
CA GLY D 98 23.70 -27.28 -43.57
C GLY D 98 24.67 -26.18 -43.93
N HIS D 99 25.91 -26.37 -43.49
CA HIS D 99 26.96 -25.37 -43.67
C HIS D 99 27.61 -25.52 -45.04
N VAL D 100 28.38 -24.49 -45.42
CA VAL D 100 29.14 -24.48 -46.66
C VAL D 100 30.60 -24.14 -46.32
N PHE D 101 31.49 -24.50 -47.25
CA PHE D 101 32.91 -24.24 -47.10
C PHE D 101 33.46 -23.73 -48.42
N GLY D 102 34.57 -22.99 -48.32
CA GLY D 102 35.22 -22.45 -49.50
C GLY D 102 36.02 -23.49 -50.25
N ALA D 103 36.58 -23.05 -51.38
CA ALA D 103 37.39 -23.91 -52.23
C ALA D 103 38.87 -23.85 -51.90
N GLY D 104 39.27 -23.08 -50.88
CA GLY D 104 40.66 -22.98 -50.51
C GLY D 104 41.37 -21.84 -51.21
N THR D 105 41.95 -20.93 -50.43
CA THR D 105 42.68 -19.77 -50.96
C THR D 105 44.16 -20.02 -50.72
N LYS D 106 44.87 -20.42 -51.77
CA LYS D 106 46.30 -20.72 -51.67
C LYS D 106 47.08 -19.41 -51.59
N VAL D 107 47.63 -19.11 -50.41
CA VAL D 107 48.40 -17.89 -50.17
C VAL D 107 49.83 -18.29 -49.84
N THR D 108 50.78 -17.74 -50.60
CA THR D 108 52.20 -18.00 -50.41
C THR D 108 52.87 -16.77 -49.81
N VAL D 109 54.20 -16.86 -49.69
CA VAL D 109 55.01 -15.77 -49.16
C VAL D 109 55.93 -15.25 -50.26
N LEU D 110 56.00 -13.93 -50.37
CA LEU D 110 56.83 -13.29 -51.39
C LEU D 110 58.01 -12.57 -50.76
N GLY D 118 60.53 -14.79 -59.20
CA GLY D 118 60.73 -15.39 -57.90
C GLY D 118 62.02 -16.17 -57.79
N GLN D 119 61.90 -17.50 -57.77
CA GLN D 119 63.07 -18.35 -57.69
C GLN D 119 63.85 -18.31 -59.02
N PRO D 120 65.18 -18.42 -58.96
CA PRO D 120 65.97 -18.47 -60.21
C PRO D 120 65.66 -19.72 -61.01
N LYS D 121 65.72 -19.58 -62.33
CA LYS D 121 65.45 -20.69 -63.23
C LYS D 121 66.61 -21.66 -63.26
N ALA D 122 66.30 -22.92 -63.56
CA ALA D 122 67.29 -23.98 -63.64
C ALA D 122 67.12 -24.75 -64.95
N ALA D 123 68.24 -25.06 -65.59
CA ALA D 123 68.20 -25.81 -66.84
C ALA D 123 67.83 -27.26 -66.56
N PRO D 124 66.85 -27.82 -67.27
CA PRO D 124 66.47 -29.22 -67.02
C PRO D 124 67.56 -30.19 -67.46
N SER D 125 67.63 -31.31 -66.75
CA SER D 125 68.60 -32.37 -67.01
C SER D 125 67.83 -33.66 -67.25
N VAL D 126 67.65 -34.03 -68.51
CA VAL D 126 66.92 -35.23 -68.87
C VAL D 126 67.77 -36.47 -68.58
N THR D 127 67.16 -37.48 -67.96
CA THR D 127 67.83 -38.73 -67.62
C THR D 127 66.98 -39.89 -68.14
N LEU D 128 67.51 -40.62 -69.11
CA LEU D 128 66.86 -41.81 -69.65
C LEU D 128 67.68 -43.04 -69.29
N PHE D 129 67.02 -44.02 -68.67
CA PHE D 129 67.69 -45.22 -68.18
C PHE D 129 67.15 -46.45 -68.90
N PRO D 130 67.98 -47.20 -69.63
CA PRO D 130 67.49 -48.44 -70.24
C PRO D 130 67.26 -49.50 -69.17
N PRO D 131 66.35 -50.44 -69.42
CA PRO D 131 66.11 -51.52 -68.45
C PRO D 131 67.29 -52.49 -68.39
N SER D 132 67.41 -53.15 -67.23
CA SER D 132 68.49 -54.08 -67.00
C SER D 132 68.24 -55.40 -67.71
N SER D 133 69.21 -56.32 -67.58
CA SER D 133 69.14 -57.62 -68.24
C SER D 133 68.16 -58.57 -67.58
N GLU D 134 67.71 -58.29 -66.35
CA GLU D 134 66.75 -59.16 -65.68
C GLU D 134 65.38 -59.09 -66.35
N GLU D 135 65.00 -57.93 -66.88
CA GLU D 135 63.74 -57.82 -67.59
C GLU D 135 63.81 -58.46 -68.97
N LEU D 136 65.01 -58.56 -69.55
CA LEU D 136 65.15 -59.17 -70.88
C LEU D 136 64.85 -60.66 -70.85
N GLN D 137 65.33 -61.37 -69.82
CA GLN D 137 65.05 -62.79 -69.70
C GLN D 137 63.63 -63.07 -69.20
N ALA D 138 62.97 -62.07 -68.62
CA ALA D 138 61.60 -62.21 -68.14
C ALA D 138 60.58 -61.74 -69.17
N ASN D 139 61.02 -61.36 -70.37
CA ASN D 139 60.18 -60.89 -71.47
C ASN D 139 59.34 -59.67 -71.06
N LYS D 140 60.04 -58.62 -70.65
CA LYS D 140 59.40 -57.37 -70.26
C LYS D 140 60.38 -56.22 -70.49
N ALA D 141 59.82 -55.00 -70.57
CA ALA D 141 60.63 -53.81 -70.76
C ALA D 141 59.89 -52.63 -70.14
N THR D 142 60.36 -52.17 -68.98
CA THR D 142 59.77 -51.03 -68.29
C THR D 142 60.63 -49.80 -68.62
N LEU D 143 60.19 -49.02 -69.61
CA LEU D 143 60.91 -47.83 -70.00
C LEU D 143 60.73 -46.74 -68.95
N VAL D 144 61.84 -46.12 -68.54
CA VAL D 144 61.85 -45.12 -67.49
C VAL D 144 62.66 -43.92 -67.97
N CYS D 145 62.17 -42.72 -67.65
CA CYS D 145 62.82 -41.48 -68.07
C CYS D 145 62.39 -40.37 -67.14
N LEU D 146 63.36 -39.69 -66.51
CA LEU D 146 63.08 -38.64 -65.54
C LEU D 146 63.71 -37.32 -65.98
N ILE D 147 63.01 -36.23 -65.70
CA ILE D 147 63.51 -34.88 -65.94
C ILE D 147 63.37 -34.11 -64.63
N SER D 148 64.48 -33.57 -64.12
CA SER D 148 64.49 -32.90 -62.84
C SER D 148 65.27 -31.60 -62.94
N ASP D 149 65.23 -30.82 -61.85
CA ASP D 149 65.95 -29.57 -61.68
C ASP D 149 65.57 -28.55 -62.76
N PHE D 150 64.29 -28.16 -62.74
CA PHE D 150 63.78 -27.17 -63.68
C PHE D 150 62.59 -26.45 -63.05
N TYR D 151 62.45 -25.16 -63.38
CA TYR D 151 61.42 -24.30 -62.82
C TYR D 151 61.18 -23.13 -63.77
N PRO D 152 59.91 -22.79 -64.09
CA PRO D 152 58.67 -23.42 -63.64
C PRO D 152 58.35 -24.71 -64.39
N GLY D 153 57.42 -25.49 -63.85
CA GLY D 153 57.11 -26.78 -64.44
C GLY D 153 55.98 -26.76 -65.45
N ALA D 154 56.32 -26.67 -66.73
CA ALA D 154 55.36 -26.82 -67.82
C ALA D 154 56.12 -27.39 -69.01
N VAL D 155 56.11 -28.72 -69.12
CA VAL D 155 56.84 -29.43 -70.15
C VAL D 155 55.97 -30.55 -70.70
N THR D 156 56.36 -31.06 -71.87
CA THR D 156 55.73 -32.21 -72.49
C THR D 156 56.78 -33.26 -72.78
N VAL D 157 56.34 -34.52 -72.87
CA VAL D 157 57.22 -35.66 -73.09
C VAL D 157 57.04 -36.15 -74.53
N ALA D 158 58.16 -36.46 -75.18
CA ALA D 158 58.17 -36.96 -76.55
C ALA D 158 58.86 -38.32 -76.55
N TRP D 159 58.08 -39.38 -76.76
CA TRP D 159 58.62 -40.74 -76.81
C TRP D 159 59.10 -41.04 -78.23
N LYS D 160 60.24 -40.46 -78.56
CA LYS D 160 60.82 -40.57 -79.90
C LYS D 160 62.03 -41.49 -79.86
N ALA D 161 62.04 -42.48 -80.74
CA ALA D 161 63.17 -43.39 -80.91
C ALA D 161 63.91 -43.14 -82.22
N ASP D 162 63.80 -41.93 -82.77
CA ASP D 162 64.41 -41.47 -84.02
C ASP D 162 63.90 -42.21 -85.25
N SER D 163 62.90 -43.07 -85.11
CA SER D 163 62.28 -43.74 -86.25
C SER D 163 60.78 -43.45 -86.34
N SER D 164 60.05 -43.61 -85.24
CA SER D 164 58.62 -43.36 -85.19
C SER D 164 58.18 -43.16 -83.74
N PRO D 165 57.40 -42.12 -83.46
CA PRO D 165 56.96 -41.90 -82.07
C PRO D 165 55.74 -42.75 -81.72
N VAL D 166 55.79 -43.34 -80.53
CA VAL D 166 54.70 -44.16 -80.01
C VAL D 166 54.32 -43.62 -78.64
N LYS D 167 53.06 -43.25 -78.47
CA LYS D 167 52.55 -42.68 -77.22
C LYS D 167 51.47 -43.57 -76.62
N ALA D 168 51.69 -44.89 -76.65
CA ALA D 168 50.76 -45.86 -76.10
C ALA D 168 51.24 -46.24 -74.71
N GLY D 169 50.45 -45.88 -73.69
CA GLY D 169 50.80 -46.20 -72.32
C GLY D 169 51.66 -45.14 -71.66
N VAL D 170 51.22 -43.89 -71.74
CA VAL D 170 51.96 -42.76 -71.16
C VAL D 170 51.49 -42.55 -69.72
N GLU D 171 52.44 -42.27 -68.83
CA GLU D 171 52.17 -42.02 -67.41
C GLU D 171 52.94 -40.78 -67.00
N THR D 172 52.30 -39.62 -67.13
CA THR D 172 52.91 -38.34 -66.78
C THR D 172 52.02 -37.63 -65.77
N THR D 173 52.62 -37.15 -64.69
CA THR D 173 51.91 -36.45 -63.63
C THR D 173 52.27 -34.97 -63.63
N THR D 174 51.51 -34.19 -62.87
CA THR D 174 51.78 -32.76 -62.75
C THR D 174 53.05 -32.53 -61.95
N PRO D 175 53.81 -31.48 -62.26
CA PRO D 175 54.99 -31.15 -61.47
C PRO D 175 54.62 -30.70 -60.07
N SER D 176 55.50 -30.98 -59.11
CA SER D 176 55.27 -30.65 -57.72
C SER D 176 56.59 -30.30 -57.06
N LYS D 177 56.49 -29.66 -55.89
CA LYS D 177 57.68 -29.29 -55.14
C LYS D 177 58.37 -30.52 -54.58
N GLN D 178 59.70 -30.52 -54.65
CA GLN D 178 60.53 -31.64 -54.22
C GLN D 178 61.35 -31.24 -52.99
N SER D 179 62.24 -32.14 -52.57
CA SER D 179 63.04 -31.91 -51.38
C SER D 179 64.12 -30.84 -51.60
N ASN D 180 64.51 -30.60 -52.85
CA ASN D 180 65.52 -29.60 -53.17
C ASN D 180 64.92 -28.24 -53.52
N ASN D 181 63.67 -28.00 -53.10
CA ASN D 181 62.94 -26.74 -53.35
C ASN D 181 62.84 -26.42 -54.84
N LYS D 182 62.62 -27.46 -55.64
CA LYS D 182 62.49 -27.32 -57.08
C LYS D 182 61.39 -28.24 -57.58
N TYR D 183 61.20 -28.27 -58.90
CA TYR D 183 60.19 -29.10 -59.54
C TYR D 183 60.87 -30.17 -60.38
N ALA D 184 60.30 -31.36 -60.38
CA ALA D 184 60.85 -32.50 -61.11
C ALA D 184 59.70 -33.30 -61.72
N ALA D 185 59.66 -33.37 -63.05
CA ALA D 185 58.64 -34.12 -63.74
C ALA D 185 59.01 -35.60 -63.84
N SER D 186 58.01 -36.42 -64.16
CA SER D 186 58.21 -37.85 -64.32
C SER D 186 57.42 -38.34 -65.53
N SER D 187 57.91 -39.40 -66.15
CA SER D 187 57.28 -39.95 -67.35
C SER D 187 57.67 -41.42 -67.47
N TYR D 188 56.67 -42.30 -67.42
CA TYR D 188 56.90 -43.74 -67.51
C TYR D 188 56.16 -44.30 -68.72
N LEU D 189 56.61 -45.46 -69.17
CA LEU D 189 55.98 -46.15 -70.29
C LEU D 189 56.28 -47.64 -70.18
N SER D 190 55.31 -48.46 -70.60
CA SER D 190 55.47 -49.92 -70.63
C SER D 190 55.35 -50.38 -72.07
N LEU D 191 56.28 -51.24 -72.49
CA LEU D 191 56.32 -51.70 -73.87
C LEU D 191 56.92 -53.10 -73.91
N THR D 192 56.60 -53.83 -74.96
CA THR D 192 57.19 -55.15 -75.17
C THR D 192 58.68 -55.03 -75.44
N PRO D 193 59.49 -56.00 -74.97
CA PRO D 193 60.95 -55.90 -75.19
C PRO D 193 61.36 -56.02 -76.66
N GLU D 194 60.53 -56.63 -77.51
CA GLU D 194 60.87 -56.76 -78.92
C GLU D 194 60.91 -55.41 -79.63
N GLN D 195 59.88 -54.58 -79.41
CA GLN D 195 59.87 -53.25 -80.01
C GLN D 195 60.88 -52.33 -79.36
N TRP D 196 61.20 -52.56 -78.08
CA TRP D 196 62.24 -51.77 -77.42
C TRP D 196 63.62 -52.08 -77.98
N LYS D 197 63.90 -53.36 -78.22
CA LYS D 197 65.20 -53.76 -78.76
C LYS D 197 65.28 -53.61 -80.28
N SER D 198 64.15 -53.41 -80.97
CA SER D 198 64.19 -53.18 -82.41
C SER D 198 64.78 -51.82 -82.75
N HIS D 199 64.52 -50.81 -81.93
CA HIS D 199 65.07 -49.48 -82.19
C HIS D 199 66.56 -49.45 -81.89
N ARG D 200 67.31 -48.70 -82.71
CA ARG D 200 68.75 -48.59 -82.52
C ARG D 200 69.11 -47.71 -81.34
N SER D 201 68.30 -46.71 -81.03
CA SER D 201 68.57 -45.80 -79.92
C SER D 201 67.26 -45.21 -79.42
N TYR D 202 67.30 -44.66 -78.22
CA TYR D 202 66.14 -44.05 -77.59
C TYR D 202 66.56 -42.75 -76.92
N SER D 203 65.61 -41.82 -76.82
CA SER D 203 65.87 -40.54 -76.17
C SER D 203 64.55 -39.92 -75.74
N CYS D 204 64.64 -38.95 -74.84
CA CYS D 204 63.50 -38.16 -74.39
C CYS D 204 63.73 -36.71 -74.79
N GLN D 205 62.74 -36.10 -75.42
CA GLN D 205 62.83 -34.73 -75.92
C GLN D 205 61.97 -33.83 -75.05
N VAL D 206 62.62 -32.99 -74.24
CA VAL D 206 61.95 -32.00 -73.41
C VAL D 206 62.63 -30.66 -73.64
N THR D 207 61.89 -29.58 -73.41
CA THR D 207 62.43 -28.24 -73.58
C THR D 207 61.87 -27.30 -72.52
N HIS D 208 62.71 -26.43 -72.00
CA HIS D 208 62.30 -25.35 -71.10
C HIS D 208 62.08 -24.06 -71.88
N GLU D 209 61.31 -24.14 -72.97
CA GLU D 209 60.87 -23.06 -73.85
C GLU D 209 62.00 -22.37 -74.61
N GLY D 210 63.26 -22.74 -74.39
CA GLY D 210 64.35 -22.09 -75.11
C GLY D 210 65.50 -22.99 -75.50
N SER D 211 65.42 -24.28 -75.16
CA SER D 211 66.52 -25.20 -75.43
C SER D 211 65.98 -26.63 -75.41
N THR D 212 66.20 -27.35 -76.50
CA THR D 212 65.79 -28.76 -76.61
C THR D 212 67.06 -29.60 -76.67
N VAL D 213 67.36 -30.30 -75.58
CA VAL D 213 68.57 -31.13 -75.49
C VAL D 213 68.20 -32.58 -75.76
N GLU D 214 69.10 -33.30 -76.42
CA GLU D 214 68.91 -34.70 -76.75
C GLU D 214 70.10 -35.51 -76.27
N LYS D 215 69.83 -36.67 -75.67
CA LYS D 215 70.86 -37.56 -75.16
C LYS D 215 70.91 -38.81 -76.02
N THR D 216 72.12 -39.22 -76.41
CA THR D 216 72.33 -40.40 -77.24
C THR D 216 72.85 -41.52 -76.36
N VAL D 217 71.98 -42.45 -75.99
CA VAL D 217 72.32 -43.60 -75.16
C VAL D 217 72.05 -44.87 -75.97
N ALA D 218 73.07 -45.69 -76.14
CA ALA D 218 72.94 -46.92 -76.91
C ALA D 218 72.44 -48.04 -76.02
N PRO D 219 71.29 -48.66 -76.32
CA PRO D 219 70.82 -49.80 -75.50
C PRO D 219 71.70 -51.03 -75.60
N THR D 220 72.52 -51.16 -76.64
CA THR D 220 73.41 -52.29 -76.81
C THR D 220 74.73 -52.14 -76.07
N GLU D 221 74.97 -50.97 -75.47
CA GLU D 221 76.19 -50.63 -74.72
C GLU D 221 77.46 -50.81 -75.56
N VAL E 2 39.58 -33.53 -25.13
CA VAL E 2 40.61 -33.04 -26.03
C VAL E 2 40.25 -33.35 -27.49
N GLN E 3 41.27 -33.58 -28.32
CA GLN E 3 41.05 -33.80 -29.75
C GLN E 3 40.38 -35.14 -30.00
N LEU E 4 39.64 -35.20 -31.10
CA LEU E 4 38.93 -36.41 -31.50
C LEU E 4 39.78 -37.24 -32.47
N VAL E 5 39.38 -38.51 -32.62
CA VAL E 5 40.10 -39.46 -33.47
C VAL E 5 39.11 -40.13 -34.41
N GLN E 6 39.65 -40.70 -35.49
CA GLN E 6 38.86 -41.44 -36.46
C GLN E 6 39.70 -42.59 -37.00
N SER E 7 39.11 -43.78 -37.06
CA SER E 7 39.82 -44.97 -37.51
C SER E 7 39.54 -45.16 -39.00
N GLY E 8 40.44 -44.63 -39.83
CA GLY E 8 40.31 -44.73 -41.27
C GLY E 8 40.84 -46.05 -41.80
N ALA E 9 40.86 -46.14 -43.13
CA ALA E 9 41.30 -47.33 -43.84
C ALA E 9 42.29 -46.93 -44.94
N GLU E 10 42.83 -47.94 -45.61
CA GLU E 10 43.77 -47.74 -46.70
C GLU E 10 43.02 -47.69 -48.03
N VAL E 11 43.76 -47.77 -49.14
CA VAL E 11 43.16 -47.77 -50.47
C VAL E 11 42.39 -49.07 -50.68
N LYS E 12 41.16 -48.95 -51.15
CA LYS E 12 40.26 -50.09 -51.30
C LYS E 12 39.61 -50.07 -52.67
N LYS E 13 39.14 -51.25 -53.10
CA LYS E 13 38.48 -51.43 -54.38
C LYS E 13 37.09 -50.78 -54.38
N PRO E 14 36.63 -50.28 -55.53
CA PRO E 14 35.34 -49.60 -55.58
C PRO E 14 34.17 -50.57 -55.37
N GLY E 15 33.05 -49.99 -54.94
CA GLY E 15 31.85 -50.77 -54.68
C GLY E 15 31.94 -51.69 -53.48
N ALA E 16 32.53 -51.23 -52.38
CA ALA E 16 32.65 -52.00 -51.17
C ALA E 16 32.14 -51.18 -49.99
N SER E 17 32.16 -51.77 -48.80
CA SER E 17 31.70 -51.12 -47.59
C SER E 17 32.88 -50.97 -46.62
N VAL E 18 33.04 -49.76 -46.08
CA VAL E 18 34.09 -49.47 -45.12
C VAL E 18 33.45 -48.83 -43.88
N LYS E 19 33.88 -49.27 -42.71
CA LYS E 19 33.34 -48.79 -41.45
C LYS E 19 34.43 -48.11 -40.65
N VAL E 20 34.15 -46.90 -40.17
CA VAL E 20 35.08 -46.16 -39.33
C VAL E 20 34.48 -46.04 -37.93
N SER E 21 35.31 -45.58 -36.99
CA SER E 21 34.89 -45.44 -35.60
C SER E 21 35.45 -44.13 -35.05
N CYS E 22 34.56 -43.27 -34.55
CA CYS E 22 34.96 -42.05 -33.88
C CYS E 22 34.79 -42.24 -32.37
N LYS E 23 35.89 -42.17 -31.64
CA LYS E 23 35.90 -42.42 -30.21
C LYS E 23 36.24 -41.13 -29.47
N ALA E 24 35.42 -40.78 -28.49
CA ALA E 24 35.68 -39.62 -27.66
C ALA E 24 36.78 -39.93 -26.64
N SER E 25 37.34 -38.87 -26.08
CA SER E 25 38.46 -39.02 -25.13
C SER E 25 38.33 -37.95 -24.05
N GLY E 26 38.29 -38.37 -22.80
CA GLY E 26 38.28 -37.46 -21.67
C GLY E 26 36.90 -37.04 -21.20
N TYR E 27 36.23 -36.21 -21.99
CA TYR E 27 34.93 -35.67 -21.61
C TYR E 27 33.82 -36.70 -21.85
N ILE E 28 32.78 -36.63 -21.02
CA ILE E 28 31.66 -37.56 -21.12
C ILE E 28 30.87 -37.25 -22.39
N PHE E 29 30.85 -38.20 -23.32
CA PHE E 29 30.34 -37.96 -24.67
C PHE E 29 28.80 -37.97 -24.70
N SER E 30 28.22 -36.96 -24.07
CA SER E 30 26.77 -36.83 -24.03
C SER E 30 26.25 -35.40 -24.20
N ASP E 31 27.12 -34.40 -24.34
CA ASP E 31 26.68 -33.02 -24.34
C ASP E 31 27.14 -32.20 -25.55
N TYR E 32 28.02 -32.74 -26.38
CA TYR E 32 28.53 -32.03 -27.54
C TYR E 32 27.91 -32.58 -28.82
N ASN E 33 27.36 -31.68 -29.64
CA ASN E 33 26.87 -32.04 -30.95
C ASN E 33 28.06 -32.27 -31.88
N ILE E 34 28.05 -33.39 -32.60
CA ILE E 34 29.16 -33.76 -33.47
C ILE E 34 28.71 -33.65 -34.92
N HIS E 35 29.68 -33.40 -35.80
CA HIS E 35 29.43 -33.26 -37.23
C HIS E 35 30.45 -34.10 -37.99
N TRP E 36 30.29 -34.14 -39.31
CA TRP E 36 31.24 -34.81 -40.18
C TRP E 36 31.50 -33.93 -41.39
N VAL E 37 32.66 -34.11 -42.00
CA VAL E 37 33.07 -33.29 -43.14
C VAL E 37 34.06 -34.09 -43.96
N ARG E 38 34.08 -33.81 -45.27
CA ARG E 38 35.03 -34.43 -46.18
C ARG E 38 35.65 -33.36 -47.06
N GLN E 39 36.94 -33.49 -47.32
CA GLN E 39 37.70 -32.53 -48.12
C GLN E 39 38.39 -33.27 -49.25
N ALA E 40 37.92 -33.04 -50.48
CA ALA E 40 38.50 -33.69 -51.64
C ALA E 40 39.91 -33.15 -51.89
N PRO E 41 40.81 -33.99 -52.42
CA PRO E 41 42.16 -33.53 -52.76
C PRO E 41 42.11 -32.49 -53.88
N GLY E 42 42.61 -31.30 -53.59
CA GLY E 42 42.53 -30.18 -54.51
C GLY E 42 41.27 -29.36 -54.40
N GLN E 43 40.32 -29.77 -53.57
CA GLN E 43 39.06 -29.06 -53.37
C GLN E 43 38.90 -28.72 -51.89
N GLY E 44 37.73 -28.18 -51.54
CA GLY E 44 37.46 -27.74 -50.19
C GLY E 44 36.66 -28.76 -49.37
N LEU E 45 36.33 -28.35 -48.15
CA LEU E 45 35.53 -29.16 -47.25
C LEU E 45 34.08 -29.22 -47.72
N GLU E 46 33.38 -30.28 -47.33
CA GLU E 46 32.02 -30.50 -47.82
C GLU E 46 31.21 -31.10 -46.67
N TRP E 47 30.09 -30.45 -46.33
CA TRP E 47 29.31 -30.79 -45.15
C TRP E 47 28.47 -32.05 -45.36
N MET E 48 28.34 -32.88 -44.32
CA MET E 48 27.52 -34.07 -44.44
C MET E 48 26.30 -34.03 -43.53
N GLY E 49 26.49 -33.84 -42.23
CA GLY E 49 25.35 -33.88 -41.32
C GLY E 49 25.78 -33.81 -39.87
N TRP E 50 24.77 -33.76 -39.00
CA TRP E 50 24.97 -33.67 -37.56
C TRP E 50 24.10 -34.71 -36.85
N ILE E 51 24.65 -35.31 -35.80
CA ILE E 51 23.93 -36.26 -34.96
C ILE E 51 24.26 -35.98 -33.50
N SER E 52 23.37 -36.41 -32.61
CA SER E 52 23.54 -36.24 -31.18
C SER E 52 23.54 -37.61 -30.51
N PRO E 53 24.58 -37.96 -29.75
CA PRO E 53 24.65 -39.31 -29.17
C PRO E 53 23.91 -39.47 -27.85
N ASP E 54 22.70 -38.90 -27.77
CA ASP E 54 21.80 -39.19 -26.66
C ASP E 54 20.34 -39.34 -27.08
N SER E 55 19.98 -38.94 -28.30
CA SER E 55 18.62 -39.06 -28.80
C SER E 55 18.67 -39.54 -30.24
N ASP E 56 17.50 -39.90 -30.77
CA ASP E 56 17.40 -40.44 -32.12
C ASP E 56 17.05 -39.34 -33.13
N ASP E 57 18.01 -38.43 -33.32
CA ASP E 57 17.89 -37.37 -34.31
C ASP E 57 18.93 -37.58 -35.40
N THR E 58 18.46 -37.63 -36.66
CA THR E 58 19.32 -37.91 -37.79
C THR E 58 19.01 -36.93 -38.91
N ASN E 59 20.05 -36.35 -39.50
CA ASN E 59 19.90 -35.42 -40.61
C ASN E 59 21.07 -35.60 -41.57
N TYR E 60 20.83 -35.25 -42.84
CA TYR E 60 21.83 -35.33 -43.89
C TYR E 60 21.76 -34.08 -44.76
N ALA E 61 22.74 -33.95 -45.64
CA ALA E 61 22.72 -32.89 -46.63
C ALA E 61 21.80 -33.27 -47.79
N GLN E 62 21.67 -32.35 -48.76
CA GLN E 62 20.81 -32.55 -49.91
C GLN E 62 21.53 -33.24 -51.07
N SER E 63 22.62 -33.95 -50.80
CA SER E 63 23.34 -34.69 -51.83
C SER E 63 23.67 -36.12 -51.42
N PHE E 64 23.63 -36.46 -50.15
CA PHE E 64 23.97 -37.81 -49.68
C PHE E 64 22.94 -38.27 -48.64
N GLN E 65 21.65 -38.15 -48.98
CA GLN E 65 20.59 -38.56 -48.06
C GLN E 65 20.61 -40.07 -47.85
N GLY E 66 20.63 -40.84 -48.92
CA GLY E 66 20.64 -42.29 -48.85
C GLY E 66 21.98 -42.94 -49.03
N ARG E 67 23.03 -42.16 -49.30
CA ARG E 67 24.35 -42.73 -49.54
C ARG E 67 25.02 -43.18 -48.24
N VAL E 68 24.79 -42.45 -47.15
CA VAL E 68 25.49 -42.70 -45.89
C VAL E 68 24.46 -43.02 -44.80
N THR E 69 24.94 -43.73 -43.77
CA THR E 69 24.12 -44.09 -42.63
C THR E 69 25.02 -44.27 -41.42
N MET E 70 24.74 -43.55 -40.35
CA MET E 70 25.56 -43.59 -39.14
C MET E 70 24.83 -44.30 -38.01
N THR E 71 25.61 -44.83 -37.07
CA THR E 71 25.10 -45.50 -35.89
C THR E 71 25.64 -44.81 -34.65
N ARG E 72 24.81 -44.77 -33.60
CA ARG E 72 25.20 -44.16 -32.33
C ARG E 72 25.08 -45.18 -31.20
N ASP E 73 26.08 -45.14 -30.31
CA ASP E 73 26.14 -46.02 -29.14
C ASP E 73 26.54 -45.16 -27.94
N THR E 74 25.56 -44.83 -27.10
CA THR E 74 25.85 -43.99 -25.93
C THR E 74 26.58 -44.76 -24.85
N SER E 75 26.16 -46.00 -24.58
CA SER E 75 26.79 -46.80 -23.53
C SER E 75 28.19 -47.25 -23.92
N ILE E 76 28.37 -47.64 -25.19
CA ILE E 76 29.69 -48.02 -25.68
C ILE E 76 30.58 -46.78 -25.82
N THR E 77 29.97 -45.61 -25.99
CA THR E 77 30.61 -44.29 -26.01
C THR E 77 31.59 -44.20 -27.19
N THR E 78 31.03 -44.37 -28.39
CA THR E 78 31.71 -44.13 -29.65
C THR E 78 30.64 -44.02 -30.74
N VAL E 79 31.05 -43.50 -31.90
CA VAL E 79 30.14 -43.29 -33.02
C VAL E 79 30.77 -43.89 -34.27
N TYR E 80 30.02 -44.75 -34.96
CA TYR E 80 30.42 -45.30 -36.24
C TYR E 80 29.59 -44.69 -37.37
N MET E 81 30.20 -44.65 -38.56
CA MET E 81 29.49 -44.34 -39.78
C MET E 81 30.11 -45.15 -40.90
N GLU E 82 29.31 -45.49 -41.91
CA GLU E 82 29.74 -46.38 -42.97
C GLU E 82 29.58 -45.71 -44.33
N LEU E 83 30.49 -46.06 -45.24
CA LEU E 83 30.44 -45.62 -46.63
C LEU E 83 30.17 -46.84 -47.50
N SER E 84 29.11 -46.78 -48.31
CA SER E 84 28.69 -47.89 -49.14
C SER E 84 28.75 -47.48 -50.61
N SER E 85 29.26 -48.39 -51.45
CA SER E 85 29.38 -48.21 -52.90
C SER E 85 30.19 -46.96 -53.24
N LEU E 86 31.47 -47.00 -52.86
CA LEU E 86 32.34 -45.84 -53.02
C LEU E 86 32.67 -45.62 -54.49
N ARG E 87 32.53 -44.37 -54.93
CA ARG E 87 32.92 -43.97 -56.28
C ARG E 87 34.37 -43.49 -56.26
N SER E 88 34.81 -42.88 -57.36
CA SER E 88 36.18 -42.37 -57.46
C SER E 88 36.32 -40.92 -57.04
N ASP E 89 35.20 -40.19 -56.91
CA ASP E 89 35.25 -38.77 -56.56
C ASP E 89 34.76 -38.46 -55.16
N ASP E 90 33.90 -39.31 -54.58
CA ASP E 90 33.38 -39.04 -53.24
C ASP E 90 34.39 -39.35 -52.15
N THR E 91 35.46 -40.08 -52.46
CA THR E 91 36.47 -40.40 -51.46
C THR E 91 37.29 -39.16 -51.11
N ALA E 92 37.47 -38.93 -49.81
CA ALA E 92 38.12 -37.74 -49.32
C ALA E 92 38.63 -38.02 -47.91
N VAL E 93 39.36 -37.05 -47.35
CA VAL E 93 39.79 -37.13 -45.97
C VAL E 93 38.62 -36.79 -45.06
N TYR E 94 38.44 -37.58 -44.01
CA TYR E 94 37.29 -37.45 -43.11
C TYR E 94 37.76 -37.00 -41.74
N PHE E 95 37.14 -35.93 -41.23
CA PHE E 95 37.42 -35.39 -39.91
C PHE E 95 36.16 -35.50 -39.07
N CYS E 96 36.30 -36.01 -37.84
CA CYS E 96 35.18 -36.13 -36.90
C CYS E 96 34.96 -34.75 -36.27
N ALA E 97 34.14 -33.94 -36.93
CA ALA E 97 33.89 -32.58 -36.47
C ALA E 97 33.01 -32.57 -35.23
N ARG E 98 33.13 -31.49 -34.46
CA ARG E 98 32.38 -31.36 -33.21
C ARG E 98 32.23 -29.88 -32.88
N SER E 99 31.01 -29.48 -32.52
CA SER E 99 30.69 -28.10 -32.17
C SER E 99 30.27 -28.03 -30.71
N VAL E 100 30.57 -26.90 -30.07
CA VAL E 100 30.22 -26.73 -28.66
C VAL E 100 28.73 -26.51 -28.51
N GLY E 101 28.22 -26.82 -27.32
CA GLY E 101 26.81 -26.69 -27.03
C GLY E 101 26.02 -27.89 -27.52
N TYR E 102 24.72 -27.88 -27.22
CA TYR E 102 23.82 -28.93 -27.64
C TYR E 102 22.51 -28.32 -28.10
N CYS E 103 22.11 -28.65 -29.33
CA CYS E 103 20.81 -28.29 -29.87
C CYS E 103 20.52 -29.19 -31.06
N SER E 104 19.24 -29.31 -31.40
CA SER E 104 18.81 -30.18 -32.50
C SER E 104 17.77 -29.47 -33.36
N LEU E 105 18.00 -28.20 -33.67
CA LEU E 105 17.10 -27.41 -34.49
C LEU E 105 17.85 -26.81 -35.67
N ASN E 106 17.12 -26.57 -36.76
CA ASN E 106 17.74 -26.03 -37.97
C ASN E 106 18.13 -24.57 -37.77
N SER E 107 17.30 -23.79 -37.06
CA SER E 107 17.60 -22.38 -36.83
C SER E 107 18.71 -22.18 -35.80
N CYS E 108 19.09 -23.21 -35.07
CA CYS E 108 20.17 -23.10 -34.09
C CYS E 108 21.54 -22.99 -34.74
N GLN E 109 21.68 -23.46 -35.98
CA GLN E 109 22.97 -23.51 -36.66
C GLN E 109 23.54 -22.14 -37.01
N ARG E 110 22.75 -21.07 -36.86
CA ARG E 110 23.27 -19.72 -37.06
C ARG E 110 24.38 -19.40 -36.05
N TRP E 111 24.19 -19.80 -34.79
CA TRP E 111 25.16 -19.55 -33.74
C TRP E 111 26.00 -20.77 -33.41
N MET E 112 25.95 -21.81 -34.24
CA MET E 112 26.74 -23.02 -34.05
C MET E 112 27.91 -23.01 -35.03
N TRP E 113 29.13 -23.10 -34.50
CA TRP E 113 30.33 -23.13 -35.31
C TRP E 113 31.27 -24.20 -34.78
N PHE E 114 32.19 -24.64 -35.64
CA PHE E 114 33.20 -25.61 -35.24
C PHE E 114 34.26 -24.93 -34.38
N ASP E 115 33.99 -24.83 -33.07
CA ASP E 115 34.92 -24.17 -32.17
C ASP E 115 36.25 -24.91 -32.07
N THR E 116 36.19 -26.24 -31.97
CA THR E 116 37.38 -27.08 -31.92
C THR E 116 37.27 -28.18 -32.98
N TRP E 117 38.42 -28.65 -33.42
CA TRP E 117 38.51 -29.64 -34.49
C TRP E 117 39.26 -30.87 -34.00
N GLY E 118 38.83 -32.04 -34.47
CA GLY E 118 39.47 -33.30 -34.13
C GLY E 118 40.13 -33.92 -35.34
N GLN E 119 41.24 -34.61 -35.09
CA GLN E 119 41.97 -35.24 -36.19
C GLN E 119 41.23 -36.46 -36.71
N GLY E 120 41.49 -36.79 -37.97
CA GLY E 120 40.85 -37.93 -38.61
C GLY E 120 41.80 -38.75 -39.45
N ALA E 121 41.34 -39.21 -40.60
CA ALA E 121 42.16 -40.01 -41.50
C ALA E 121 41.69 -39.80 -42.93
N LEU E 122 42.53 -40.16 -43.90
CA LEU E 122 42.14 -40.05 -45.31
C LEU E 122 42.17 -41.41 -45.99
N VAL E 123 41.22 -42.27 -45.70
CA VAL E 123 41.14 -43.55 -46.40
C VAL E 123 40.79 -43.26 -47.85
N THR E 124 41.12 -44.15 -48.77
CA THR E 124 40.89 -43.87 -50.19
C THR E 124 40.39 -45.08 -50.97
N VAL E 125 40.17 -44.92 -52.27
CA VAL E 125 39.64 -46.01 -53.09
C VAL E 125 40.42 -46.20 -54.39
N SER E 126 40.68 -47.44 -54.78
CA SER E 126 41.35 -47.72 -56.05
C SER E 126 41.14 -49.17 -56.43
N SER E 127 41.11 -49.47 -57.72
CA SER E 127 40.86 -50.83 -58.16
C SER E 127 42.14 -51.60 -58.49
N ALA E 128 42.61 -52.40 -57.54
CA ALA E 128 43.80 -53.22 -57.78
C ALA E 128 43.96 -54.27 -56.69
N SER E 129 44.80 -55.27 -56.94
CA SER E 129 44.98 -56.36 -55.98
C SER E 129 46.19 -56.16 -55.08
N THR E 130 46.10 -56.64 -53.85
CA THR E 130 47.24 -56.54 -52.94
C THR E 130 48.30 -57.55 -53.31
N LYS E 131 49.55 -57.13 -53.39
CA LYS E 131 50.62 -58.02 -53.80
C LYS E 131 51.95 -57.28 -53.67
N GLY E 132 53.03 -58.05 -53.59
CA GLY E 132 54.36 -57.50 -53.48
C GLY E 132 54.82 -56.85 -54.77
N PRO E 133 55.64 -55.81 -54.66
CA PRO E 133 56.13 -55.13 -55.86
C PRO E 133 57.15 -55.99 -56.61
N SER E 134 57.23 -55.76 -57.92
CA SER E 134 58.19 -56.44 -58.79
C SER E 134 59.37 -55.50 -58.98
N VAL E 135 60.49 -55.82 -58.32
CA VAL E 135 61.69 -54.98 -58.34
C VAL E 135 62.64 -55.49 -59.42
N PHE E 136 63.31 -54.57 -60.09
CA PHE E 136 64.27 -54.88 -61.13
C PHE E 136 65.43 -53.90 -61.05
N PRO E 137 66.64 -54.31 -61.44
CA PRO E 137 67.76 -53.38 -61.46
C PRO E 137 67.62 -52.36 -62.59
N LEU E 138 68.45 -51.32 -62.52
CA LEU E 138 68.44 -50.26 -63.50
C LEU E 138 69.86 -49.88 -63.87
N ALA E 139 70.08 -49.55 -65.14
CA ALA E 139 71.37 -49.17 -65.67
C ALA E 139 71.50 -47.66 -65.76
N PRO E 140 72.67 -47.10 -65.49
CA PRO E 140 72.84 -45.64 -65.59
C PRO E 140 72.86 -45.17 -67.04
N SER E 141 72.55 -43.89 -67.20
CA SER E 141 72.52 -43.27 -68.52
C SER E 141 73.93 -43.08 -69.08
N THR E 149 79.09 -37.45 -62.74
CA THR E 149 78.15 -37.94 -61.73
C THR E 149 77.21 -38.98 -62.34
N ALA E 150 77.46 -40.25 -62.02
CA ALA E 150 76.62 -41.33 -62.52
C ALA E 150 75.28 -41.35 -61.79
N ALA E 151 74.19 -41.45 -62.56
CA ALA E 151 72.85 -41.46 -62.01
C ALA E 151 72.21 -42.82 -62.26
N LEU E 152 71.86 -43.52 -61.18
CA LEU E 152 71.19 -44.80 -61.27
C LEU E 152 69.95 -44.77 -60.38
N GLY E 153 68.96 -45.60 -60.72
CA GLY E 153 67.70 -45.59 -60.02
C GLY E 153 67.31 -46.98 -59.55
N CYS E 154 66.21 -47.03 -58.79
CA CYS E 154 65.62 -48.26 -58.29
C CYS E 154 64.22 -48.39 -58.87
N LEU E 155 63.92 -49.55 -59.42
CA LEU E 155 62.65 -49.77 -60.12
C LEU E 155 61.69 -50.57 -59.26
N VAL E 156 60.50 -50.03 -59.06
CA VAL E 156 59.38 -50.74 -58.45
C VAL E 156 58.19 -50.65 -59.41
N LYS E 157 57.51 -51.78 -59.61
CA LYS E 157 56.42 -51.85 -60.57
C LYS E 157 55.28 -52.70 -60.01
N ASP E 158 54.06 -52.23 -60.22
CA ASP E 158 52.81 -52.96 -59.92
C ASP E 158 52.72 -53.31 -58.43
N TYR E 159 52.68 -52.27 -57.59
CA TYR E 159 52.50 -52.42 -56.17
C TYR E 159 51.17 -51.81 -55.75
N PHE E 160 50.49 -52.45 -54.80
CA PHE E 160 49.21 -51.98 -54.32
C PHE E 160 49.05 -52.40 -52.87
N PRO E 161 48.60 -51.50 -51.98
CA PRO E 161 48.28 -50.10 -52.23
C PRO E 161 49.50 -49.18 -52.18
N GLU E 162 49.25 -47.88 -52.01
CA GLU E 162 50.26 -46.84 -51.98
C GLU E 162 50.36 -46.23 -50.58
N PRO E 163 51.55 -45.73 -50.17
CA PRO E 163 52.83 -45.76 -50.87
C PRO E 163 53.76 -46.88 -50.39
N VAL E 164 55.00 -46.87 -50.87
CA VAL E 164 56.02 -47.82 -50.45
C VAL E 164 57.27 -47.03 -50.06
N THR E 165 58.12 -47.67 -49.26
CA THR E 165 59.35 -47.07 -48.78
C THR E 165 60.53 -47.67 -49.53
N VAL E 166 61.34 -46.81 -50.14
CA VAL E 166 62.53 -47.22 -50.86
C VAL E 166 63.74 -46.51 -50.26
N SER E 167 64.87 -47.22 -50.21
CA SER E 167 66.08 -46.66 -49.63
C SER E 167 67.29 -47.35 -50.27
N TRP E 168 68.43 -46.70 -50.16
CA TRP E 168 69.70 -47.21 -50.68
C TRP E 168 70.63 -47.48 -49.50
N ASN E 169 71.20 -48.69 -49.48
CA ASN E 169 72.08 -49.17 -48.40
C ASN E 169 71.41 -49.06 -47.03
N SER E 170 70.14 -49.47 -46.97
CA SER E 170 69.32 -49.44 -45.75
C SER E 170 69.21 -48.04 -45.17
N GLY E 171 69.14 -47.03 -46.04
CA GLY E 171 68.99 -45.66 -45.61
C GLY E 171 70.26 -44.98 -45.14
N ALA E 172 71.41 -45.64 -45.24
CA ALA E 172 72.67 -45.08 -44.81
C ALA E 172 73.36 -44.26 -45.88
N LEU E 173 72.79 -44.18 -47.09
CA LEU E 173 73.36 -43.42 -48.19
C LEU E 173 72.66 -42.08 -48.30
N THR E 174 73.45 -41.00 -48.39
CA THR E 174 72.93 -39.66 -48.55
C THR E 174 73.35 -39.03 -49.87
N SER E 175 73.67 -39.86 -50.87
CA SER E 175 74.17 -39.37 -52.16
C SER E 175 72.98 -39.06 -53.08
N GLY E 176 72.33 -37.94 -52.79
CA GLY E 176 71.25 -37.42 -53.62
C GLY E 176 70.02 -38.30 -53.68
N VAL E 177 69.55 -38.78 -52.53
CA VAL E 177 68.37 -39.63 -52.48
C VAL E 177 67.14 -38.75 -52.76
N HIS E 178 66.55 -38.91 -53.94
CA HIS E 178 65.42 -38.11 -54.38
C HIS E 178 64.20 -39.01 -54.56
N THR E 179 63.07 -38.61 -53.99
CA THR E 179 61.82 -39.35 -54.09
C THR E 179 60.88 -38.56 -54.99
N PHE E 180 60.62 -39.08 -56.19
CA PHE E 180 59.73 -38.43 -57.13
C PHE E 180 58.27 -38.64 -56.73
N PRO E 181 57.37 -37.72 -57.10
CA PRO E 181 55.96 -37.89 -56.77
C PRO E 181 55.34 -39.07 -57.52
N ALA E 182 54.32 -39.67 -56.88
CA ALA E 182 53.68 -40.85 -57.41
C ALA E 182 52.83 -40.51 -58.64
N VAL E 183 52.73 -41.49 -59.55
CA VAL E 183 51.93 -41.35 -60.76
C VAL E 183 50.82 -42.39 -60.76
N LEU E 184 49.97 -42.35 -61.78
CA LEU E 184 48.88 -43.31 -61.94
C LEU E 184 49.05 -44.04 -63.26
N GLN E 185 49.03 -45.36 -63.21
CA GLN E 185 49.17 -46.19 -64.41
C GLN E 185 47.80 -46.48 -65.02
N SER E 186 47.83 -46.87 -66.29
CA SER E 186 46.60 -47.19 -67.02
C SER E 186 46.08 -48.59 -66.72
N SER E 187 46.85 -49.42 -66.01
CA SER E 187 46.46 -50.78 -65.67
C SER E 187 45.88 -50.89 -64.27
N GLY E 188 45.64 -49.77 -63.60
CA GLY E 188 45.12 -49.79 -62.25
C GLY E 188 46.16 -49.99 -61.17
N LEU E 189 47.44 -49.90 -61.49
CA LEU E 189 48.53 -50.09 -60.55
C LEU E 189 49.31 -48.79 -60.42
N TYR E 190 50.44 -48.86 -59.70
CA TYR E 190 51.29 -47.70 -59.48
C TYR E 190 52.74 -48.09 -59.71
N SER E 191 53.56 -47.11 -60.09
CA SER E 191 54.97 -47.33 -60.33
C SER E 191 55.76 -46.10 -59.94
N LEU E 192 57.01 -46.30 -59.53
CA LEU E 192 57.89 -45.22 -59.13
C LEU E 192 59.32 -45.60 -59.44
N SER E 193 60.19 -44.60 -59.46
CA SER E 193 61.61 -44.80 -59.73
C SER E 193 62.38 -43.68 -59.05
N SER E 194 63.11 -44.01 -57.99
CA SER E 194 63.90 -43.03 -57.23
C SER E 194 65.34 -43.08 -57.72
N VAL E 195 65.84 -41.94 -58.19
CA VAL E 195 67.17 -41.84 -58.79
C VAL E 195 68.10 -41.14 -57.80
N VAL E 196 69.29 -41.71 -57.61
CA VAL E 196 70.30 -41.13 -56.75
C VAL E 196 71.47 -40.66 -57.60
N THR E 197 72.21 -39.69 -57.08
CA THR E 197 73.36 -39.11 -57.77
C THR E 197 74.63 -39.50 -57.02
N VAL E 198 75.51 -40.25 -57.69
CA VAL E 198 76.75 -40.72 -57.09
C VAL E 198 77.89 -40.42 -58.06
N PRO E 199 79.08 -40.09 -57.56
CA PRO E 199 80.25 -40.00 -58.46
C PRO E 199 80.57 -41.33 -59.10
N SER E 200 81.07 -41.27 -60.33
CA SER E 200 81.37 -42.49 -61.09
C SER E 200 82.61 -43.21 -60.58
N SER E 201 83.45 -42.54 -59.79
CA SER E 201 84.64 -43.20 -59.24
C SER E 201 84.27 -44.24 -58.20
N SER E 202 83.23 -43.98 -57.40
CA SER E 202 82.80 -44.91 -56.37
C SER E 202 81.92 -46.02 -56.91
N LEU E 203 81.49 -45.94 -58.17
CA LEU E 203 80.64 -46.99 -58.74
C LEU E 203 81.43 -48.26 -59.00
N GLY E 204 82.68 -48.13 -59.44
CA GLY E 204 83.52 -49.29 -59.73
C GLY E 204 84.17 -49.92 -58.53
N THR E 205 84.13 -49.27 -57.37
CA THR E 205 84.73 -49.79 -56.15
C THR E 205 83.71 -50.49 -55.25
N GLN E 206 82.63 -49.81 -54.90
CA GLN E 206 81.59 -50.35 -54.04
C GLN E 206 80.26 -50.30 -54.77
N THR E 207 79.54 -51.42 -54.78
CA THR E 207 78.24 -51.52 -55.44
C THR E 207 77.14 -51.38 -54.39
N TYR E 208 76.25 -50.42 -54.59
CA TYR E 208 75.17 -50.17 -53.65
C TYR E 208 74.02 -51.16 -53.87
N ILE E 209 73.13 -51.21 -52.88
CA ILE E 209 71.95 -52.07 -52.93
C ILE E 209 70.72 -51.23 -52.62
N CYS E 210 69.57 -51.67 -53.13
CA CYS E 210 68.31 -50.98 -52.95
C CYS E 210 67.41 -51.79 -52.03
N ASN E 211 66.88 -51.14 -51.00
CA ASN E 211 65.97 -51.77 -50.05
C ASN E 211 64.56 -51.23 -50.26
N VAL E 212 63.60 -52.14 -50.37
CA VAL E 212 62.20 -51.79 -50.58
C VAL E 212 61.37 -52.43 -49.48
N ASN E 213 60.39 -51.69 -48.97
CA ASN E 213 59.51 -52.15 -47.91
C ASN E 213 58.06 -52.04 -48.35
N HIS E 214 57.27 -53.07 -48.04
CA HIS E 214 55.85 -53.12 -48.36
C HIS E 214 55.11 -53.54 -47.09
N LYS E 215 54.43 -52.58 -46.45
CA LYS E 215 53.74 -52.87 -45.20
C LYS E 215 52.59 -53.88 -45.27
N PRO E 216 51.68 -53.89 -46.27
CA PRO E 216 50.53 -54.80 -46.14
C PRO E 216 50.84 -56.26 -46.42
N SER E 217 51.88 -56.55 -47.20
CA SER E 217 52.21 -57.92 -47.55
C SER E 217 53.51 -58.41 -46.92
N ASN E 218 54.26 -57.54 -46.26
CA ASN E 218 55.52 -57.87 -45.57
C ASN E 218 56.54 -58.51 -46.52
N THR E 219 56.70 -57.90 -47.68
CA THR E 219 57.64 -58.37 -48.71
C THR E 219 58.80 -57.39 -48.77
N LYS E 220 59.81 -57.63 -47.93
CA LYS E 220 61.03 -56.83 -47.91
C LYS E 220 62.17 -57.68 -48.45
N VAL E 221 62.53 -57.45 -49.71
CA VAL E 221 63.56 -58.22 -50.40
C VAL E 221 64.67 -57.26 -50.82
N ASP E 222 65.91 -57.70 -50.69
CA ASP E 222 67.08 -56.91 -51.05
C ASP E 222 67.62 -57.40 -52.39
N LYS E 223 67.89 -56.47 -53.30
CA LYS E 223 68.38 -56.78 -54.63
C LYS E 223 69.68 -56.02 -54.88
N LYS E 224 70.41 -56.48 -55.90
CA LYS E 224 71.66 -55.86 -56.32
C LYS E 224 71.43 -55.13 -57.63
N VAL E 225 71.81 -53.85 -57.68
CA VAL E 225 71.67 -53.02 -58.87
C VAL E 225 73.03 -52.90 -59.55
N GLU E 226 73.04 -53.08 -60.87
CA GLU E 226 74.27 -53.07 -61.64
C GLU E 226 73.92 -52.61 -63.06
N PRO E 227 74.89 -52.03 -63.78
CA PRO E 227 74.66 -51.71 -65.19
C PRO E 227 74.51 -52.97 -66.03
N LYS E 228 73.85 -52.81 -67.18
CA LYS E 228 73.59 -53.92 -68.07
C LYS E 228 74.89 -54.45 -68.68
N SER E 229 74.99 -55.77 -68.78
CA SER E 229 76.18 -56.41 -69.34
C SER E 229 75.83 -57.77 -69.94
N PRO F 2 43.23 -41.48 45.26
CA PRO F 2 44.46 -42.27 45.17
C PRO F 2 45.66 -41.57 45.81
N VAL F 3 46.77 -42.29 45.92
CA VAL F 3 47.99 -41.75 46.51
C VAL F 3 49.17 -42.15 45.63
N LEU F 4 50.12 -41.23 45.46
CA LEU F 4 51.30 -41.51 44.65
C LEU F 4 52.23 -42.47 45.39
N THR F 5 53.00 -43.24 44.62
CA THR F 5 53.92 -44.23 45.17
C THR F 5 55.32 -43.66 45.19
N GLN F 6 55.92 -43.62 46.38
CA GLN F 6 57.27 -43.10 46.55
C GLN F 6 57.93 -43.86 47.69
N PRO F 7 59.10 -44.47 47.46
CA PRO F 7 59.82 -45.12 48.55
C PRO F 7 60.33 -44.10 49.55
N PRO F 8 60.48 -44.49 50.83
CA PRO F 8 61.01 -43.54 51.81
C PRO F 8 62.46 -43.16 51.57
N SER F 9 63.24 -44.00 50.90
CA SER F 9 64.62 -43.71 50.56
C SER F 9 64.82 -43.87 49.06
N ALA F 10 65.42 -42.88 48.43
CA ALA F 10 65.68 -42.92 47.00
C ALA F 10 66.88 -43.82 46.72
N SER F 11 66.74 -44.73 45.77
CA SER F 11 67.80 -45.66 45.39
C SER F 11 68.62 -45.01 44.28
N GLY F 12 69.68 -44.31 44.68
CA GLY F 12 70.55 -43.65 43.72
C GLY F 12 72.02 -43.91 44.03
N PRO F 13 72.72 -44.56 43.10
CA PRO F 13 74.14 -44.82 43.29
C PRO F 13 74.98 -43.61 42.90
N PRO F 14 76.06 -43.35 43.62
CA PRO F 14 76.91 -42.19 43.29
C PRO F 14 77.79 -42.48 42.08
N GLY F 15 78.11 -41.41 41.36
CA GLY F 15 78.99 -41.49 40.21
C GLY F 15 78.33 -41.89 38.92
N GLN F 16 77.04 -42.16 38.91
CA GLN F 16 76.35 -42.55 37.69
C GLN F 16 74.89 -42.10 37.78
N SER F 17 74.25 -42.00 36.61
CA SER F 17 72.89 -41.52 36.53
C SER F 17 71.90 -42.59 37.00
N VAL F 18 70.74 -42.13 37.45
CA VAL F 18 69.68 -43.01 37.94
C VAL F 18 68.36 -42.30 37.72
N SER F 19 67.30 -43.08 37.52
CA SER F 19 65.96 -42.55 37.28
C SER F 19 65.02 -43.01 38.38
N ILE F 20 64.16 -42.09 38.82
CA ILE F 20 63.17 -42.37 39.86
C ILE F 20 61.79 -42.10 39.28
N SER F 21 60.87 -43.04 39.52
CA SER F 21 59.51 -42.97 38.96
C SER F 21 58.50 -42.77 40.08
N CYS F 22 57.54 -41.89 39.82
CA CYS F 22 56.43 -41.62 40.75
C CYS F 22 55.14 -41.89 40.00
N SER F 23 54.52 -43.04 40.27
CA SER F 23 53.34 -43.47 39.55
C SER F 23 52.07 -42.95 40.22
N GLY F 24 50.95 -43.09 39.51
CA GLY F 24 49.66 -42.65 39.99
C GLY F 24 48.54 -43.46 39.39
N SER F 25 47.47 -42.79 38.99
CA SER F 25 46.31 -43.41 38.39
C SER F 25 46.06 -42.83 36.99
N ARG F 26 45.02 -43.33 36.34
CA ARG F 26 44.66 -42.84 35.01
C ARG F 26 44.14 -41.40 35.07
N SER F 27 43.36 -41.07 36.08
CA SER F 27 42.80 -39.74 36.24
C SER F 27 43.71 -38.80 37.02
N ASN F 28 44.89 -39.27 37.42
CA ASN F 28 45.82 -38.46 38.21
C ASN F 28 47.04 -38.03 37.42
N ILE F 29 47.74 -38.97 36.78
CA ILE F 29 48.92 -38.68 35.98
C ILE F 29 48.63 -39.08 34.54
N GLY F 30 48.87 -38.16 33.61
CA GLY F 30 48.56 -38.37 32.21
C GLY F 30 47.57 -37.34 31.71
N THR F 31 46.55 -37.05 32.52
CA THR F 31 45.65 -35.94 32.24
C THR F 31 46.11 -34.64 32.89
N ASN F 32 47.17 -34.67 33.68
CA ASN F 32 47.68 -33.50 34.35
C ASN F 32 49.20 -33.59 34.41
N PHE F 33 49.84 -32.43 34.54
CA PHE F 33 51.29 -32.38 34.58
C PHE F 33 51.80 -32.78 35.96
N VAL F 34 53.07 -33.19 36.00
CA VAL F 34 53.71 -33.67 37.22
C VAL F 34 54.76 -32.65 37.64
N TYR F 35 54.74 -32.28 38.91
CA TYR F 35 55.65 -31.28 39.47
C TYR F 35 56.74 -31.97 40.29
N TRP F 36 57.99 -31.61 40.03
CA TRP F 36 59.12 -32.14 40.77
C TRP F 36 59.72 -31.06 41.66
N TYR F 37 60.05 -31.43 42.89
CA TYR F 37 60.51 -30.49 43.90
C TYR F 37 61.81 -30.97 44.52
N GLN F 38 62.60 -30.03 45.04
CA GLN F 38 63.77 -30.33 45.84
C GLN F 38 63.64 -29.64 47.19
N GLN F 39 64.18 -30.27 48.23
CA GLN F 39 64.04 -29.78 49.59
C GLN F 39 65.40 -29.66 50.25
N LEU F 40 65.69 -28.50 50.82
CA LEU F 40 66.86 -28.37 51.67
C LEU F 40 66.60 -29.11 52.99
N PRO F 41 67.62 -29.74 53.57
CA PRO F 41 67.41 -30.46 54.84
C PRO F 41 67.01 -29.52 55.98
N GLY F 42 65.81 -29.73 56.50
CA GLY F 42 65.28 -28.91 57.56
C GLY F 42 64.99 -27.47 57.18
N ALA F 43 64.39 -27.26 56.00
CA ALA F 43 64.06 -25.92 55.54
C ALA F 43 62.87 -25.99 54.60
N ALA F 44 62.60 -24.90 53.90
CA ALA F 44 61.46 -24.82 53.01
C ALA F 44 61.71 -25.60 51.72
N PRO F 45 60.66 -26.12 51.10
CA PRO F 45 60.83 -26.79 49.80
C PRO F 45 61.11 -25.79 48.68
N LYS F 46 61.38 -26.33 47.50
CA LYS F 46 61.65 -25.52 46.33
C LYS F 46 61.31 -26.34 45.09
N LEU F 47 60.80 -25.67 44.05
CA LEU F 47 60.42 -26.35 42.82
C LEU F 47 61.64 -26.51 41.92
N LEU F 48 61.75 -27.68 41.29
CA LEU F 48 62.86 -27.98 40.39
C LEU F 48 62.45 -27.82 38.92
N ILE F 49 61.41 -28.53 38.49
CA ILE F 49 60.91 -28.46 37.12
C ILE F 49 59.38 -28.59 37.17
N TYR F 50 58.71 -27.82 36.31
CA TYR F 50 57.26 -27.81 36.26
C TYR F 50 56.79 -27.99 34.82
N LYS F 51 55.62 -28.63 34.67
CA LYS F 51 54.91 -28.92 33.43
C LYS F 51 55.63 -29.91 32.53
N ASN F 52 56.81 -30.41 32.91
CA ASN F 52 57.56 -31.48 32.25
C ASN F 52 57.99 -31.15 30.83
N ASP F 53 57.99 -29.87 30.43
CA ASP F 53 58.52 -29.52 29.12
C ASP F 53 59.32 -28.22 29.13
N GLN F 54 59.49 -27.58 30.28
CA GLN F 54 60.38 -26.43 30.40
C GLN F 54 60.87 -26.34 31.84
N ARG F 55 61.98 -25.61 32.02
CA ARG F 55 62.59 -25.47 33.33
C ARG F 55 62.63 -23.99 33.74
N PRO F 56 62.40 -23.70 35.03
CA PRO F 56 62.47 -22.30 35.48
C PRO F 56 63.90 -21.86 35.79
N SER F 57 64.04 -20.64 36.28
CA SER F 57 65.35 -20.11 36.66
C SER F 57 65.66 -20.43 38.11
N GLY F 58 66.96 -20.39 38.43
CA GLY F 58 67.43 -20.67 39.78
C GLY F 58 67.70 -22.13 40.08
N VAL F 59 67.41 -23.03 39.13
CA VAL F 59 67.66 -24.45 39.32
C VAL F 59 68.78 -24.88 38.39
N PRO F 60 69.57 -25.88 38.73
CA PRO F 60 70.60 -26.36 37.80
C PRO F 60 70.00 -27.05 36.60
N GLU F 61 70.72 -26.95 35.47
CA GLU F 61 70.28 -27.58 34.22
C GLU F 61 70.91 -28.97 34.08
N ARG F 62 70.61 -29.83 35.06
CA ARG F 62 71.18 -31.16 35.11
C ARG F 62 70.09 -32.22 35.22
N PHE F 63 68.98 -31.88 35.88
CA PHE F 63 67.89 -32.81 36.09
C PHE F 63 66.93 -32.76 34.92
N PHE F 64 66.55 -33.94 34.42
CA PHE F 64 65.63 -34.06 33.29
C PHE F 64 64.27 -34.51 33.83
N GLY F 65 63.28 -33.62 33.73
CA GLY F 65 61.95 -33.93 34.21
C GLY F 65 60.94 -34.12 33.10
N SER F 66 60.48 -35.36 32.90
CA SER F 66 59.49 -35.65 31.87
C SER F 66 58.67 -36.86 32.31
N LYS F 67 57.49 -37.00 31.70
CA LYS F 67 56.59 -38.09 32.01
C LYS F 67 56.38 -38.97 30.78
N SER F 68 56.14 -40.25 31.02
CA SER F 68 55.88 -41.20 29.95
C SER F 68 54.87 -42.22 30.45
N GLY F 69 53.68 -42.23 29.85
CA GLY F 69 52.63 -43.13 30.28
C GLY F 69 51.91 -42.65 31.52
N THR F 70 51.65 -43.55 32.45
CA THR F 70 50.94 -43.23 33.68
C THR F 70 51.88 -42.82 34.82
N SER F 71 53.19 -42.76 34.57
CA SER F 71 54.16 -42.39 35.58
C SER F 71 55.15 -41.40 35.00
N ALA F 72 55.74 -40.59 35.89
CA ALA F 72 56.74 -39.61 35.51
C ALA F 72 58.10 -40.05 36.04
N SER F 73 59.10 -40.03 35.17
CA SER F 73 60.45 -40.46 35.51
C SER F 73 61.37 -39.25 35.54
N LEU F 74 62.00 -39.02 36.68
CA LEU F 74 62.95 -37.93 36.85
C LEU F 74 64.36 -38.48 36.78
N ALA F 75 65.16 -37.95 35.86
CA ALA F 75 66.52 -38.45 35.63
C ALA F 75 67.48 -37.70 36.55
N ILE F 76 68.08 -38.44 37.49
CA ILE F 76 69.08 -37.86 38.39
C ILE F 76 70.43 -38.06 37.70
N SER F 77 70.77 -37.10 36.83
CA SER F 77 72.00 -37.16 36.05
C SER F 77 73.17 -36.79 36.96
N GLY F 78 73.68 -37.77 37.67
CA GLY F 78 74.78 -37.55 38.58
C GLY F 78 74.32 -37.22 39.98
N LEU F 79 75.13 -37.62 40.95
CA LEU F 79 74.84 -37.39 42.36
C LEU F 79 76.00 -36.67 43.02
N ARG F 80 75.67 -35.70 43.88
CA ARG F 80 76.66 -34.93 44.62
C ARG F 80 76.55 -35.29 46.10
N SER F 81 77.68 -35.63 46.72
CA SER F 81 77.68 -36.03 48.12
C SER F 81 77.38 -34.86 49.04
N GLU F 82 77.86 -33.66 48.70
CA GLU F 82 77.65 -32.48 49.53
C GLU F 82 76.36 -31.74 49.20
N ASP F 83 75.61 -32.20 48.19
CA ASP F 83 74.35 -31.58 47.78
C ASP F 83 73.29 -32.68 47.73
N GLU F 84 72.64 -32.94 48.86
CA GLU F 84 71.60 -33.95 48.96
C GLU F 84 70.27 -33.26 49.25
N VAL F 85 69.29 -33.47 48.37
CA VAL F 85 67.98 -32.85 48.50
C VAL F 85 66.89 -33.92 48.41
N ASP F 86 65.80 -33.71 49.14
CA ASP F 86 64.66 -34.60 49.10
C ASP F 86 63.80 -34.30 47.88
N TYR F 87 63.34 -35.35 47.20
CA TYR F 87 62.51 -35.20 46.01
C TYR F 87 61.05 -35.49 46.35
N TYR F 88 60.16 -34.59 45.91
CA TYR F 88 58.72 -34.76 46.04
C TYR F 88 58.09 -34.67 44.66
N CYS F 89 57.15 -35.58 44.39
CA CYS F 89 56.38 -35.55 43.15
C CYS F 89 54.98 -35.06 43.45
N ALA F 90 54.50 -34.11 42.64
CA ALA F 90 53.20 -33.49 42.85
C ALA F 90 52.42 -33.49 41.55
N ALA F 91 51.11 -33.71 41.66
CA ALA F 91 50.23 -33.76 40.50
C ALA F 91 48.83 -33.34 40.94
N TRP F 92 47.94 -33.23 39.95
CA TRP F 92 46.56 -32.83 40.18
C TRP F 92 45.61 -33.86 39.60
N ASP F 93 44.42 -33.97 40.19
CA ASP F 93 43.41 -34.89 39.70
C ASP F 93 42.02 -34.32 39.95
N ASP F 94 41.05 -34.81 39.19
CA ASP F 94 39.66 -34.38 39.34
C ASP F 94 38.83 -35.34 40.18
N SER F 95 39.32 -36.56 40.41
CA SER F 95 38.59 -37.51 41.25
C SER F 95 38.59 -37.09 42.71
N LEU F 96 39.75 -36.64 43.21
CA LEU F 96 39.85 -36.17 44.59
C LEU F 96 39.56 -34.68 44.74
N SER F 97 39.39 -33.96 43.63
CA SER F 97 39.14 -32.51 43.62
C SER F 97 40.21 -31.75 44.38
N GLY F 98 41.46 -32.15 44.20
CA GLY F 98 42.56 -31.53 44.90
C GLY F 98 43.88 -31.83 44.23
N HIS F 99 44.96 -31.48 44.93
CA HIS F 99 46.32 -31.63 44.41
C HIS F 99 47.05 -32.68 45.23
N VAL F 100 47.59 -33.69 44.56
CA VAL F 100 48.15 -34.86 45.22
C VAL F 100 49.65 -34.69 45.38
N PHE F 101 50.22 -35.40 46.36
CA PHE F 101 51.65 -35.33 46.65
C PHE F 101 52.18 -36.73 46.88
N GLY F 102 53.49 -36.89 46.69
CA GLY F 102 54.14 -38.16 46.94
C GLY F 102 54.57 -38.32 48.39
N ALA F 103 55.13 -39.49 48.69
CA ALA F 103 55.57 -39.78 50.05
C ALA F 103 56.87 -39.06 50.37
N GLY F 104 57.81 -39.02 49.43
CA GLY F 104 59.09 -38.39 49.65
C GLY F 104 60.26 -39.36 49.56
N THR F 105 61.12 -39.17 48.56
CA THR F 105 62.27 -40.04 48.32
C THR F 105 63.53 -39.30 48.74
N LYS F 106 64.00 -39.56 49.96
CA LYS F 106 65.24 -38.99 50.44
C LYS F 106 66.42 -39.75 49.82
N VAL F 107 67.34 -39.02 49.22
CA VAL F 107 68.45 -39.63 48.49
C VAL F 107 69.60 -39.93 49.44
N THR F 108 70.14 -41.15 49.35
CA THR F 108 71.31 -41.57 50.09
C THR F 108 72.26 -42.28 49.13
N VAL F 109 73.55 -41.98 49.24
CA VAL F 109 74.55 -42.60 48.38
C VAL F 109 74.77 -44.04 48.83
N LEU F 110 75.24 -44.86 47.90
CA LEU F 110 75.49 -46.28 48.18
C LEU F 110 76.93 -46.48 48.68
N GLY F 118 80.90 -46.27 51.27
CA GLY F 118 80.32 -47.21 52.22
C GLY F 118 81.25 -47.52 53.39
N GLN F 119 80.90 -46.99 54.55
CA GLN F 119 81.71 -47.23 55.74
C GLN F 119 81.50 -48.67 56.23
N PRO F 120 82.55 -49.34 56.70
CA PRO F 120 82.42 -50.71 57.19
C PRO F 120 81.86 -50.73 58.62
N LYS F 121 81.75 -51.94 59.15
CA LYS F 121 81.26 -52.11 60.51
C LYS F 121 82.28 -51.64 61.53
N ALA F 122 81.77 -51.16 62.66
CA ALA F 122 82.62 -50.66 63.75
C ALA F 122 82.14 -51.24 65.06
N ALA F 123 83.06 -51.35 66.02
CA ALA F 123 82.73 -51.91 67.33
C ALA F 123 81.98 -50.88 68.16
N PRO F 124 80.76 -51.17 68.61
CA PRO F 124 80.03 -50.19 69.41
C PRO F 124 80.59 -50.10 70.82
N SER F 125 80.35 -48.93 71.43
CA SER F 125 80.73 -48.67 72.82
C SER F 125 79.45 -48.59 73.65
N VAL F 126 79.22 -49.60 74.48
CA VAL F 126 78.00 -49.70 75.27
C VAL F 126 78.33 -49.45 76.74
N THR F 127 77.37 -48.89 77.46
CA THR F 127 77.53 -48.58 78.88
C THR F 127 76.15 -48.54 79.52
N LEU F 128 76.14 -48.66 80.84
CA LEU F 128 74.91 -48.60 81.63
C LEU F 128 75.06 -47.53 82.70
N PHE F 129 74.03 -46.68 82.84
CA PHE F 129 74.06 -45.59 83.81
C PHE F 129 73.01 -45.83 84.88
N PRO F 130 73.39 -46.29 86.07
CA PRO F 130 72.42 -46.47 87.15
C PRO F 130 71.96 -45.13 87.70
N PRO F 131 70.77 -45.08 88.32
CA PRO F 131 70.33 -43.83 88.95
C PRO F 131 71.16 -43.51 90.19
N SER F 132 71.16 -42.23 90.54
CA SER F 132 71.93 -41.76 91.68
C SER F 132 71.28 -42.18 92.99
N SER F 133 72.07 -42.08 94.07
CA SER F 133 71.54 -42.36 95.40
C SER F 133 70.54 -41.30 95.85
N GLU F 134 70.67 -40.07 95.32
CA GLU F 134 69.70 -39.01 95.64
C GLU F 134 68.38 -39.20 94.89
N GLU F 135 68.35 -40.07 93.88
CA GLU F 135 67.15 -40.22 93.07
C GLU F 135 66.08 -41.03 93.80
N LEU F 136 66.49 -42.02 94.60
CA LEU F 136 65.53 -42.95 95.18
C LEU F 136 64.82 -42.40 96.42
N GLN F 137 65.24 -41.26 96.94
CA GLN F 137 64.46 -40.60 98.00
C GLN F 137 63.19 -39.96 97.47
N ALA F 138 63.09 -39.74 96.16
CA ALA F 138 61.91 -39.15 95.54
C ALA F 138 60.92 -40.19 95.05
N ASN F 139 61.09 -41.47 95.44
CA ASN F 139 60.24 -42.58 95.05
C ASN F 139 60.19 -42.73 93.52
N LYS F 140 61.34 -42.57 92.88
CA LYS F 140 61.43 -42.69 91.43
C LYS F 140 62.81 -43.24 91.07
N ALA F 141 62.88 -43.85 89.88
CA ALA F 141 64.12 -44.40 89.36
C ALA F 141 64.03 -44.48 87.85
N THR F 142 65.18 -44.34 87.19
CA THR F 142 65.26 -44.45 85.75
C THR F 142 66.52 -45.22 85.37
N LEU F 143 66.49 -45.83 84.19
CA LEU F 143 67.61 -46.60 83.68
C LEU F 143 67.75 -46.37 82.18
N VAL F 144 68.98 -46.18 81.72
CA VAL F 144 69.27 -45.91 80.32
C VAL F 144 70.47 -46.74 79.90
N CYS F 145 70.39 -47.33 78.72
CA CYS F 145 71.50 -48.04 78.10
C CYS F 145 71.91 -47.27 76.85
N LEU F 146 73.18 -46.88 76.78
CA LEU F 146 73.68 -46.00 75.73
C LEU F 146 74.66 -46.75 74.84
N ILE F 147 74.56 -46.50 73.54
CA ILE F 147 75.48 -47.06 72.55
C ILE F 147 76.07 -45.90 71.75
N SER F 148 77.35 -46.03 71.40
CA SER F 148 78.05 -44.97 70.68
C SER F 148 79.22 -45.58 69.91
N ASP F 149 79.80 -44.76 69.04
CA ASP F 149 80.94 -45.13 68.19
C ASP F 149 80.64 -46.35 67.33
N PHE F 150 79.44 -46.40 66.76
CA PHE F 150 79.01 -47.51 65.94
C PHE F 150 78.49 -47.01 64.60
N TYR F 151 78.66 -47.83 63.57
CA TYR F 151 78.19 -47.52 62.22
C TYR F 151 77.96 -48.84 61.50
N PRO F 152 76.85 -48.98 60.75
CA PRO F 152 75.76 -48.01 60.55
C PRO F 152 74.78 -47.96 61.72
N GLY F 153 73.85 -47.00 61.66
CA GLY F 153 72.88 -46.81 62.72
C GLY F 153 71.71 -47.77 62.62
N ALA F 154 70.60 -47.37 63.24
CA ALA F 154 69.37 -48.17 63.34
C ALA F 154 69.65 -49.53 63.97
N VAL F 155 70.44 -49.55 65.02
CA VAL F 155 70.82 -50.79 65.72
C VAL F 155 69.85 -50.98 66.88
N THR F 156 69.17 -52.13 66.91
CA THR F 156 68.20 -52.40 67.94
C THR F 156 68.88 -52.75 69.26
N VAL F 157 68.16 -52.53 70.36
CA VAL F 157 68.64 -52.83 71.70
C VAL F 157 67.58 -53.63 72.44
N ALA F 158 68.01 -54.31 73.51
CA ALA F 158 67.11 -55.11 74.32
C ALA F 158 67.37 -54.83 75.79
N TRP F 159 66.33 -55.00 76.59
CA TRP F 159 66.40 -54.79 78.04
C TRP F 159 66.14 -56.10 78.75
N LYS F 160 66.94 -56.38 79.78
CA LYS F 160 66.82 -57.62 80.53
C LYS F 160 67.37 -57.42 81.93
N ALA F 161 67.01 -58.34 82.83
CA ALA F 161 67.51 -58.36 84.19
C ALA F 161 68.47 -59.52 84.42
N ASP F 162 69.20 -59.91 83.38
CA ASP F 162 70.22 -60.97 83.31
C ASP F 162 69.66 -62.37 83.48
N SER F 163 68.36 -62.53 83.74
CA SER F 163 67.74 -63.85 83.80
C SER F 163 66.38 -63.92 83.13
N SER F 164 65.82 -62.80 82.67
CA SER F 164 64.51 -62.76 82.06
C SER F 164 64.36 -61.46 81.28
N PRO F 165 63.73 -61.48 80.10
CA PRO F 165 63.50 -60.23 79.35
C PRO F 165 62.25 -59.49 79.80
N VAL F 166 62.37 -58.82 80.95
CA VAL F 166 61.25 -58.07 81.52
C VAL F 166 61.07 -56.78 80.72
N LYS F 167 59.84 -56.54 80.28
CA LYS F 167 59.52 -55.37 79.45
C LYS F 167 58.65 -54.41 80.26
N ALA F 168 59.13 -53.17 80.40
CA ALA F 168 58.38 -52.09 81.02
C ALA F 168 58.36 -50.87 80.11
N GLY F 169 58.34 -51.10 78.80
CA GLY F 169 58.47 -50.03 77.82
C GLY F 169 59.86 -50.02 77.23
N VAL F 170 60.02 -50.60 76.04
CA VAL F 170 61.31 -50.75 75.39
C VAL F 170 61.21 -50.21 73.97
N GLU F 171 62.09 -49.28 73.63
CA GLU F 171 62.13 -48.72 72.28
C GLU F 171 63.58 -48.40 71.92
N THR F 172 63.83 -48.30 70.62
CA THR F 172 65.16 -47.99 70.10
C THR F 172 65.15 -46.57 69.56
N THR F 173 65.93 -45.69 70.19
CA THR F 173 66.01 -44.31 69.75
C THR F 173 66.82 -44.19 68.47
N THR F 174 66.49 -43.17 67.68
CA THR F 174 67.22 -42.93 66.44
C THR F 174 68.63 -42.44 66.75
N PRO F 175 69.63 -42.83 65.96
CA PRO F 175 71.00 -42.36 66.20
C PRO F 175 71.14 -40.87 65.92
N SER F 176 72.07 -40.24 66.64
CA SER F 176 72.33 -38.81 66.50
C SER F 176 73.63 -38.61 65.73
N LYS F 177 73.56 -37.79 64.68
CA LYS F 177 74.74 -37.51 63.87
C LYS F 177 75.71 -36.60 64.62
N GLN F 178 76.99 -36.95 64.57
CA GLN F 178 78.04 -36.19 65.22
C GLN F 178 79.01 -35.63 64.19
N SER F 179 79.83 -34.67 64.62
CA SER F 179 80.80 -34.05 63.74
C SER F 179 82.01 -34.93 63.45
N ASN F 180 82.17 -36.04 64.18
CA ASN F 180 83.28 -36.96 63.99
C ASN F 180 82.89 -38.19 63.19
N ASN F 181 81.83 -38.08 62.37
CA ASN F 181 81.33 -39.16 61.50
C ASN F 181 80.99 -40.41 62.30
N LYS F 182 80.36 -40.22 63.46
CA LYS F 182 79.96 -41.32 64.32
C LYS F 182 78.51 -41.13 64.77
N TYR F 183 77.86 -42.23 65.10
CA TYR F 183 76.47 -42.23 65.53
C TYR F 183 76.38 -42.71 66.98
N ALA F 184 75.39 -42.18 67.69
CA ALA F 184 75.15 -42.56 69.08
C ALA F 184 73.65 -42.62 69.34
N ALA F 185 73.23 -43.65 70.06
CA ALA F 185 71.81 -43.86 70.38
C ALA F 185 71.69 -44.28 71.84
N SER F 186 70.46 -44.27 72.33
CA SER F 186 70.16 -44.62 73.71
C SER F 186 68.86 -45.40 73.76
N SER F 187 68.36 -45.65 74.96
CA SER F 187 67.11 -46.36 75.16
C SER F 187 66.49 -45.90 76.47
N TYR F 188 65.20 -45.59 76.45
CA TYR F 188 64.50 -45.05 77.61
C TYR F 188 63.74 -46.16 78.32
N LEU F 189 63.88 -46.22 79.64
CA LEU F 189 63.20 -47.22 80.45
C LEU F 189 62.99 -46.66 81.85
N SER F 190 61.75 -46.73 82.33
CA SER F 190 61.38 -46.25 83.66
C SER F 190 61.00 -47.43 84.54
N LEU F 191 61.62 -47.53 85.71
CA LEU F 191 61.38 -48.63 86.63
C LEU F 191 61.12 -48.08 88.03
N THR F 192 60.20 -48.71 88.74
CA THR F 192 59.95 -48.37 90.13
C THR F 192 61.14 -48.79 91.00
N PRO F 193 61.40 -48.07 92.09
CA PRO F 193 62.51 -48.47 92.98
C PRO F 193 62.33 -49.83 93.63
N GLU F 194 61.10 -50.34 93.76
CA GLU F 194 60.90 -51.69 94.26
C GLU F 194 61.45 -52.73 93.30
N GLN F 195 61.22 -52.55 92.00
CA GLN F 195 61.77 -53.48 91.01
C GLN F 195 63.27 -53.25 90.83
N TRP F 196 63.71 -52.00 90.89
CA TRP F 196 65.14 -51.69 90.70
C TRP F 196 65.99 -52.28 91.82
N LYS F 197 65.50 -52.22 93.06
CA LYS F 197 66.23 -52.81 94.18
C LYS F 197 66.01 -54.31 94.31
N SER F 198 65.06 -54.88 93.56
CA SER F 198 64.84 -56.33 93.61
C SER F 198 65.98 -57.09 92.94
N HIS F 199 66.47 -56.58 91.81
CA HIS F 199 67.55 -57.20 91.07
C HIS F 199 68.80 -56.35 91.20
N ARG F 200 69.91 -56.98 91.58
CA ARG F 200 71.19 -56.30 91.77
C ARG F 200 72.16 -56.56 90.64
N SER F 201 71.66 -56.95 89.46
CA SER F 201 72.51 -57.20 88.30
C SER F 201 71.71 -56.85 87.05
N TYR F 202 71.94 -55.66 86.51
CA TYR F 202 71.23 -55.18 85.34
C TYR F 202 72.18 -55.06 84.16
N SER F 203 71.70 -55.43 82.97
CA SER F 203 72.49 -55.35 81.76
C SER F 203 71.55 -55.17 80.57
N CYS F 204 72.11 -54.65 79.48
CA CYS F 204 71.36 -54.46 78.24
C CYS F 204 72.07 -55.21 77.11
N GLN F 205 71.30 -55.92 76.29
CA GLN F 205 71.83 -56.68 75.18
C GLN F 205 71.60 -55.93 73.89
N VAL F 206 72.68 -55.71 73.14
CA VAL F 206 72.63 -54.97 71.87
C VAL F 206 73.02 -55.93 70.76
N THR F 207 72.16 -56.05 69.75
CA THR F 207 72.40 -56.91 68.60
C THR F 207 72.89 -56.04 67.45
N HIS F 208 74.14 -56.23 67.05
CA HIS F 208 74.77 -55.44 66.00
C HIS F 208 74.66 -56.08 64.63
N GLU F 209 73.61 -56.89 64.40
CA GLU F 209 73.37 -57.61 63.15
C GLU F 209 74.57 -58.49 62.77
N GLY F 210 75.09 -59.21 63.75
CA GLY F 210 76.26 -60.05 63.54
C GLY F 210 77.19 -60.05 64.73
N SER F 211 76.95 -59.15 65.67
CA SER F 211 77.75 -59.06 66.89
C SER F 211 76.84 -58.78 68.07
N THR F 212 77.26 -59.22 69.25
CA THR F 212 76.51 -59.03 70.48
C THR F 212 77.47 -58.62 71.58
N VAL F 213 77.20 -57.47 72.20
CA VAL F 213 78.03 -56.95 73.28
C VAL F 213 77.15 -56.69 74.49
N GLU F 214 77.69 -57.00 75.67
CA GLU F 214 76.99 -56.81 76.93
C GLU F 214 77.79 -55.87 77.83
N LYS F 215 77.14 -55.42 78.91
CA LYS F 215 77.78 -54.50 79.85
C LYS F 215 77.12 -54.68 81.20
N THR F 216 77.88 -55.14 82.18
CA THR F 216 77.39 -55.31 83.55
C THR F 216 77.96 -54.21 84.43
N VAL F 217 77.09 -53.56 85.19
CA VAL F 217 77.46 -52.48 86.10
C VAL F 217 76.83 -52.75 87.45
N ALA F 218 77.64 -52.74 88.50
CA ALA F 218 77.12 -52.93 89.85
C ALA F 218 76.28 -51.73 90.27
N PRO F 219 75.04 -51.95 90.72
CA PRO F 219 74.20 -50.80 91.15
C PRO F 219 74.77 -50.05 92.35
N THR F 220 75.47 -50.75 93.25
CA THR F 220 76.07 -50.07 94.39
C THR F 220 77.28 -49.24 93.98
N GLU F 221 77.94 -49.60 92.88
CA GLU F 221 79.09 -48.86 92.40
C GLU F 221 78.67 -47.60 91.66
N PRO G 2 51.18 19.20 7.70
CA PRO G 2 52.56 18.88 7.32
C PRO G 2 52.87 17.40 7.46
N VAL G 3 54.13 17.07 7.78
CA VAL G 3 54.52 15.67 7.93
C VAL G 3 53.99 15.12 9.25
N LEU G 4 53.79 13.81 9.30
CA LEU G 4 53.30 13.17 10.50
C LEU G 4 54.40 13.11 11.56
N THR G 5 53.98 13.07 12.83
CA THR G 5 54.90 13.05 13.95
C THR G 5 55.15 11.61 14.37
N GLN G 6 56.43 11.22 14.36
CA GLN G 6 56.84 9.87 14.75
C GLN G 6 58.07 9.96 15.64
N PRO G 7 58.25 9.00 16.55
CA PRO G 7 59.48 8.95 17.32
C PRO G 7 60.66 8.63 16.43
N PRO G 8 61.86 9.13 16.74
CA PRO G 8 63.03 8.86 15.90
C PRO G 8 63.49 7.42 15.95
N SER G 9 63.53 6.83 17.15
CA SER G 9 63.96 5.44 17.31
C SER G 9 63.24 4.86 18.53
N ALA G 10 62.17 4.12 18.26
CA ALA G 10 61.41 3.44 19.31
C ALA G 10 61.87 1.99 19.38
N SER G 11 63.05 1.80 19.96
CA SER G 11 63.64 0.47 20.07
C SER G 11 63.00 -0.30 21.23
N GLY G 12 63.35 -1.58 21.33
CA GLY G 12 62.83 -2.43 22.38
C GLY G 12 63.58 -3.74 22.48
N PRO G 13 63.85 -4.19 23.70
CA PRO G 13 64.52 -5.48 23.87
C PRO G 13 63.61 -6.63 23.47
N PRO G 14 64.18 -7.73 23.01
CA PRO G 14 63.35 -8.89 22.65
C PRO G 14 62.79 -9.60 23.87
N GLY G 15 61.75 -10.39 23.64
CA GLY G 15 61.07 -11.10 24.70
C GLY G 15 59.81 -10.45 25.20
N GLN G 16 59.51 -9.22 24.80
CA GLN G 16 58.28 -8.54 25.17
C GLN G 16 57.79 -7.76 23.96
N SER G 17 56.80 -6.90 24.17
CA SER G 17 56.14 -6.18 23.09
C SER G 17 56.64 -4.74 23.01
N VAL G 18 56.74 -4.23 21.78
CA VAL G 18 57.14 -2.86 21.50
C VAL G 18 55.97 -2.17 20.80
N SER G 19 55.59 -1.00 21.30
CA SER G 19 54.47 -0.24 20.77
C SER G 19 54.98 1.03 20.10
N ILE G 20 54.42 1.34 18.92
CA ILE G 20 54.79 2.51 18.15
C ILE G 20 53.53 3.29 17.83
N SER G 21 53.60 4.61 17.97
CA SER G 21 52.45 5.48 17.78
C SER G 21 52.57 6.26 16.47
N CYS G 22 51.42 6.55 15.87
CA CYS G 22 51.32 7.33 14.63
C CYS G 22 50.33 8.46 14.87
N SER G 23 50.83 9.59 15.36
CA SER G 23 50.01 10.74 15.69
C SER G 23 50.20 11.82 14.62
N GLY G 24 49.09 12.35 14.12
CA GLY G 24 49.14 13.39 13.10
C GLY G 24 48.42 14.66 13.53
N SER G 25 47.40 15.05 12.76
CA SER G 25 46.64 16.25 13.06
C SER G 25 45.16 15.95 13.16
N ARG G 26 44.33 17.00 13.23
CA ARG G 26 42.88 16.80 13.33
C ARG G 26 42.30 16.22 12.04
N SER G 27 42.68 16.79 10.90
CA SER G 27 42.19 16.32 9.61
C SER G 27 43.03 15.19 9.01
N ASN G 28 44.20 14.92 9.58
CA ASN G 28 45.06 13.87 9.04
C ASN G 28 44.57 12.49 9.46
N ILE G 29 44.53 12.23 10.77
CA ILE G 29 44.06 10.97 11.32
C ILE G 29 42.88 11.26 12.24
N GLY G 30 41.76 10.58 12.01
CA GLY G 30 40.56 10.81 12.78
C GLY G 30 39.30 10.79 11.94
N THR G 31 39.43 11.20 10.68
CA THR G 31 38.32 11.12 9.73
C THR G 31 38.61 10.22 8.54
N ASN G 32 39.88 9.93 8.24
CA ASN G 32 40.27 9.01 7.20
C ASN G 32 40.97 7.81 7.80
N PHE G 33 40.86 6.67 7.12
CA PHE G 33 41.54 5.46 7.57
C PHE G 33 43.05 5.59 7.40
N VAL G 34 43.79 5.19 8.42
CA VAL G 34 45.24 5.32 8.44
C VAL G 34 45.84 3.98 8.02
N TYR G 35 47.04 4.03 7.46
CA TYR G 35 47.69 2.86 6.90
C TYR G 35 49.05 2.63 7.56
N TRP G 36 49.54 1.40 7.46
CA TRP G 36 50.85 1.01 7.95
C TRP G 36 51.58 0.27 6.84
N TYR G 37 52.84 0.67 6.60
CA TYR G 37 53.65 0.10 5.53
C TYR G 37 54.91 -0.55 6.09
N GLN G 38 55.44 -1.52 5.34
CA GLN G 38 56.66 -2.23 5.71
C GLN G 38 57.73 -2.03 4.64
N GLN G 39 58.94 -1.68 5.06
CA GLN G 39 60.06 -1.50 4.14
C GLN G 39 61.27 -2.28 4.66
N LEU G 40 61.91 -3.03 3.77
CA LEU G 40 63.18 -3.64 4.08
C LEU G 40 64.30 -2.59 3.99
N PRO G 41 65.39 -2.77 4.73
CA PRO G 41 66.50 -1.80 4.65
C PRO G 41 67.14 -1.81 3.26
N GLY G 42 67.09 -0.65 2.61
CA GLY G 42 67.60 -0.53 1.25
C GLY G 42 66.82 -1.31 0.21
N ALA G 43 65.50 -1.31 0.30
CA ALA G 43 64.67 -2.04 -0.65
C ALA G 43 63.32 -1.33 -0.77
N ALA G 44 62.47 -1.84 -1.66
CA ALA G 44 61.16 -1.26 -1.93
C ALA G 44 60.21 -1.53 -0.77
N PRO G 45 59.33 -0.58 -0.44
CA PRO G 45 58.38 -0.81 0.66
C PRO G 45 57.22 -1.70 0.25
N LYS G 46 56.38 -2.01 1.23
CA LYS G 46 55.20 -2.84 1.02
C LYS G 46 54.16 -2.52 2.09
N LEU G 47 52.91 -2.90 1.82
CA LEU G 47 51.81 -2.69 2.75
C LEU G 47 51.94 -3.61 3.96
N LEU G 48 51.54 -3.11 5.13
CA LEU G 48 51.70 -3.88 6.36
C LEU G 48 50.36 -4.14 7.03
N ILE G 49 49.54 -3.10 7.26
CA ILE G 49 48.11 -3.25 7.53
C ILE G 49 47.37 -2.30 6.60
N TYR G 50 46.30 -2.77 5.97
CA TYR G 50 45.33 -1.91 5.31
C TYR G 50 44.00 -1.97 6.05
N LYS G 51 43.39 -0.79 6.24
CA LYS G 51 42.08 -0.59 6.86
C LYS G 51 42.04 -1.00 8.34
N ASN G 52 43.21 -1.08 9.00
CA ASN G 52 43.36 -1.19 10.46
C ASN G 52 42.71 -2.41 11.10
N ASP G 53 42.25 -3.38 10.30
CA ASP G 53 41.62 -4.56 10.88
C ASP G 53 42.05 -5.90 10.28
N GLN G 54 42.56 -5.94 9.04
CA GLN G 54 42.93 -7.20 8.41
C GLN G 54 44.24 -7.04 7.66
N ARG G 55 44.80 -8.18 7.26
CA ARG G 55 46.14 -8.29 6.69
C ARG G 55 46.11 -9.14 5.42
N PRO G 56 47.06 -8.93 4.51
CA PRO G 56 47.10 -9.76 3.30
C PRO G 56 47.65 -11.15 3.60
N SER G 57 47.62 -11.99 2.57
CA SER G 57 48.15 -13.34 2.68
C SER G 57 49.68 -13.30 2.76
N GLY G 58 50.24 -14.20 3.57
CA GLY G 58 51.66 -14.23 3.83
C GLY G 58 52.11 -13.38 4.99
N VAL G 59 51.23 -12.55 5.54
CA VAL G 59 51.54 -11.73 6.71
C VAL G 59 51.16 -12.52 7.95
N PRO G 60 52.06 -12.64 8.95
CA PRO G 60 51.72 -13.41 10.15
C PRO G 60 50.59 -12.78 10.95
N GLU G 61 49.81 -13.64 11.61
CA GLU G 61 48.65 -13.23 12.38
C GLU G 61 49.01 -12.44 13.63
N ARG G 62 50.26 -12.56 14.10
CA ARG G 62 50.68 -11.92 15.35
C ARG G 62 50.65 -10.39 15.25
N PHE G 63 50.87 -9.86 14.05
CA PHE G 63 50.94 -8.41 13.86
C PHE G 63 49.54 -7.82 13.95
N PHE G 64 49.41 -6.67 14.63
CA PHE G 64 48.10 -6.09 14.84
C PHE G 64 48.20 -4.57 14.95
N GLY G 65 47.19 -3.88 14.41
CA GLY G 65 47.12 -2.44 14.51
C GLY G 65 45.74 -1.99 14.97
N SER G 66 45.69 -0.73 15.44
CA SER G 66 44.46 -0.18 15.98
C SER G 66 44.49 1.35 15.87
N LYS G 67 43.32 1.95 16.06
CA LYS G 67 43.17 3.40 16.02
C LYS G 67 42.34 3.86 17.21
N SER G 68 42.53 5.12 17.60
CA SER G 68 41.84 5.68 18.76
C SER G 68 40.99 6.89 18.45
N GLY G 69 41.33 7.68 17.43
CA GLY G 69 40.58 8.88 17.10
C GLY G 69 41.47 10.06 16.77
N THR G 70 42.69 10.05 17.32
CA THR G 70 43.68 11.06 17.01
C THR G 70 45.06 10.49 16.73
N SER G 71 45.29 9.21 17.00
CA SER G 71 46.57 8.58 16.75
C SER G 71 46.35 7.10 16.48
N ALA G 72 47.35 6.47 15.85
CA ALA G 72 47.31 5.06 15.51
C ALA G 72 48.34 4.29 16.33
N SER G 73 48.00 3.05 16.67
CA SER G 73 48.86 2.20 17.47
C SER G 73 49.10 0.89 16.74
N LEU G 74 50.36 0.49 16.64
CA LEU G 74 50.76 -0.79 16.06
C LEU G 74 51.47 -1.61 17.13
N ALA G 75 50.98 -2.83 17.34
CA ALA G 75 51.49 -3.69 18.41
C ALA G 75 52.17 -4.90 17.81
N ILE G 76 53.44 -5.11 18.19
CA ILE G 76 54.22 -6.26 17.78
C ILE G 76 54.86 -6.86 19.04
N SER G 77 55.15 -8.16 18.97
CA SER G 77 55.74 -8.86 20.10
C SER G 77 56.80 -9.84 19.60
N GLY G 78 58.01 -9.72 20.15
CA GLY G 78 59.09 -10.60 19.75
C GLY G 78 59.95 -10.04 18.64
N LEU G 79 61.26 -9.98 18.86
CA LEU G 79 62.20 -9.42 17.91
C LEU G 79 63.25 -10.48 17.56
N ARG G 80 63.61 -10.53 16.28
CA ARG G 80 64.59 -11.48 15.78
C ARG G 80 65.57 -10.73 14.88
N SER G 81 66.39 -11.48 14.14
CA SER G 81 67.37 -10.91 13.23
C SER G 81 66.74 -10.22 12.03
N GLU G 82 65.47 -10.44 11.75
CA GLU G 82 64.75 -9.79 10.66
C GLU G 82 63.82 -8.68 11.15
N ASP G 83 63.82 -8.39 12.44
CA ASP G 83 62.89 -7.44 13.03
C ASP G 83 63.48 -6.05 13.22
N GLU G 84 64.66 -5.79 12.65
CA GLU G 84 65.25 -4.46 12.67
C GLU G 84 64.84 -3.63 11.46
N VAL G 85 63.82 -4.07 10.72
CA VAL G 85 63.38 -3.33 9.54
C VAL G 85 62.63 -2.07 9.95
N ASP G 86 62.48 -1.16 8.99
CA ASP G 86 61.82 0.11 9.23
C ASP G 86 60.31 -0.03 9.11
N TYR G 87 59.60 0.80 9.88
CA TYR G 87 58.14 0.81 9.91
C TYR G 87 57.65 2.22 9.62
N TYR G 88 56.85 2.38 8.58
CA TYR G 88 56.28 3.67 8.21
C TYR G 88 54.76 3.64 8.34
N CYS G 89 54.20 4.81 8.60
CA CYS G 89 52.76 5.00 8.75
C CYS G 89 52.31 6.09 7.78
N ALA G 90 51.27 5.79 7.00
CA ALA G 90 50.80 6.68 5.96
C ALA G 90 49.33 7.04 6.21
N ALA G 91 48.97 8.27 5.85
CA ALA G 91 47.60 8.75 6.00
C ALA G 91 47.30 9.74 4.87
N TRP G 92 46.05 10.21 4.84
CA TRP G 92 45.62 11.15 3.81
C TRP G 92 44.63 12.12 4.45
N ASP G 93 44.52 13.31 3.87
CA ASP G 93 43.67 14.37 4.39
C ASP G 93 43.03 15.16 3.27
N ASP G 94 41.99 15.91 3.62
CA ASP G 94 41.29 16.77 2.68
C ASP G 94 41.88 18.16 2.57
N SER G 95 42.63 18.61 3.59
CA SER G 95 43.17 19.97 3.57
C SER G 95 44.30 20.09 2.56
N LEU G 96 45.22 19.12 2.53
CA LEU G 96 46.35 19.16 1.62
C LEU G 96 46.11 18.40 0.34
N SER G 97 45.14 17.46 0.33
CA SER G 97 44.80 16.63 -0.82
C SER G 97 46.02 15.85 -1.35
N GLY G 98 46.84 15.35 -0.43
CA GLY G 98 48.02 14.61 -0.80
C GLY G 98 48.40 13.63 0.27
N HIS G 99 49.03 12.53 -0.14
CA HIS G 99 49.42 11.49 0.80
C HIS G 99 50.61 11.94 1.63
N VAL G 100 50.51 11.75 2.94
CA VAL G 100 51.56 12.12 3.89
C VAL G 100 52.03 10.85 4.58
N PHE G 101 53.32 10.58 4.50
CA PHE G 101 53.91 9.38 5.07
C PHE G 101 54.42 9.68 6.48
N GLY G 102 55.14 8.73 7.08
CA GLY G 102 55.69 8.91 8.41
C GLY G 102 57.00 9.66 8.40
N ALA G 103 57.61 9.73 9.58
CA ALA G 103 58.89 10.41 9.76
C ALA G 103 60.09 9.47 9.81
N GLY G 104 59.89 8.20 10.14
CA GLY G 104 60.98 7.25 10.20
C GLY G 104 61.28 6.77 11.61
N THR G 105 61.01 5.50 11.88
CA THR G 105 61.26 4.89 13.18
C THR G 105 62.06 3.62 12.99
N LYS G 106 63.16 3.49 13.73
CA LYS G 106 64.03 2.33 13.69
C LYS G 106 63.98 1.61 15.03
N VAL G 107 63.73 0.31 15.00
CA VAL G 107 63.67 -0.53 16.20
C VAL G 107 64.85 -1.51 16.16
N THR G 108 65.52 -1.67 17.30
CA THR G 108 66.67 -2.56 17.41
C THR G 108 66.54 -3.39 18.68
N VAL G 109 67.19 -4.56 18.66
CA VAL G 109 67.17 -5.44 19.82
C VAL G 109 68.20 -4.95 20.84
N LEU G 110 68.05 -5.45 22.07
CA LEU G 110 68.96 -5.10 23.15
C LEU G 110 69.70 -6.34 23.65
N GLY G 118 75.12 -4.61 17.95
CA GLY G 118 75.64 -3.72 18.97
C GLY G 118 76.90 -4.22 19.64
N GLN G 119 78.05 -3.70 19.19
CA GLN G 119 79.34 -4.11 19.73
C GLN G 119 79.83 -3.09 20.76
N PRO G 120 80.58 -3.53 21.78
CA PRO G 120 81.11 -2.57 22.76
C PRO G 120 82.28 -1.76 22.23
N LYS G 121 82.87 -0.94 23.09
CA LYS G 121 83.99 -0.10 22.69
C LYS G 121 85.23 -0.94 22.42
N ALA G 122 86.11 -0.40 21.56
CA ALA G 122 87.34 -1.09 21.18
C ALA G 122 88.38 -0.02 20.83
N ALA G 123 89.49 -0.47 20.24
CA ALA G 123 90.58 0.41 19.87
C ALA G 123 90.74 0.41 18.35
N PRO G 124 90.71 1.56 17.69
CA PRO G 124 90.88 1.60 16.24
C PRO G 124 92.33 1.31 15.84
N SER G 125 92.48 0.81 14.61
CA SER G 125 93.78 0.48 14.04
C SER G 125 94.06 1.47 12.91
N VAL G 126 94.80 2.54 13.23
CA VAL G 126 95.10 3.58 12.25
C VAL G 126 96.17 3.06 11.29
N THR G 127 95.95 3.27 10.00
CA THR G 127 96.86 2.84 8.95
C THR G 127 97.29 4.08 8.18
N LEU G 128 98.37 4.72 8.64
CA LEU G 128 98.93 5.88 7.96
C LEU G 128 99.77 5.42 6.78
N PHE G 129 99.34 5.75 5.57
CA PHE G 129 100.00 5.30 4.36
C PHE G 129 100.63 6.49 3.65
N PRO G 130 101.96 6.52 3.47
CA PRO G 130 102.59 7.62 2.75
C PRO G 130 102.30 7.54 1.26
N PRO G 131 102.41 8.65 0.53
CA PRO G 131 102.26 8.60 -0.92
C PRO G 131 103.41 7.82 -1.57
N SER G 132 103.09 7.19 -2.70
CA SER G 132 104.07 6.37 -3.41
C SER G 132 105.09 7.25 -4.13
N SER G 133 106.16 6.61 -4.58
CA SER G 133 107.21 7.31 -5.31
C SER G 133 106.72 7.77 -6.68
N GLU G 134 105.72 7.09 -7.25
CA GLU G 134 105.12 7.55 -8.49
C GLU G 134 104.38 8.87 -8.29
N GLU G 135 103.70 9.02 -7.14
CA GLU G 135 102.99 10.27 -6.86
C GLU G 135 103.96 11.43 -6.63
N LEU G 136 105.08 11.17 -5.96
CA LEU G 136 106.08 12.21 -5.73
C LEU G 136 106.78 12.64 -7.01
N GLN G 137 106.76 11.81 -8.05
CA GLN G 137 107.33 12.17 -9.35
C GLN G 137 106.36 12.89 -10.25
N ALA G 138 105.13 13.13 -9.78
CA ALA G 138 104.10 13.82 -10.57
C ALA G 138 103.74 15.17 -9.96
N ASN G 139 104.69 15.76 -9.21
CA ASN G 139 104.55 17.08 -8.59
C ASN G 139 103.34 17.15 -7.66
N LYS G 140 103.16 16.10 -6.86
CA LYS G 140 102.06 16.06 -5.89
C LYS G 140 102.45 15.15 -4.74
N ALA G 141 101.70 15.26 -3.65
CA ALA G 141 101.93 14.43 -2.47
C ALA G 141 100.60 14.27 -1.74
N THR G 142 99.96 13.13 -1.93
CA THR G 142 98.66 12.84 -1.32
C THR G 142 98.90 12.27 0.07
N LEU G 143 98.71 13.11 1.09
CA LEU G 143 98.89 12.69 2.48
C LEU G 143 97.59 12.08 2.98
N VAL G 144 97.57 10.76 3.11
CA VAL G 144 96.37 10.04 3.51
C VAL G 144 96.66 9.22 4.75
N CYS G 145 95.60 8.93 5.51
CA CYS G 145 95.66 8.00 6.64
C CYS G 145 94.26 7.46 6.87
N LEU G 146 94.19 6.17 7.20
CA LEU G 146 92.91 5.48 7.29
C LEU G 146 92.82 4.70 8.59
N ILE G 147 91.59 4.43 9.01
CA ILE G 147 91.31 3.67 10.22
C ILE G 147 90.34 2.54 9.86
N SER G 148 90.41 1.45 10.64
CA SER G 148 89.54 0.31 10.42
C SER G 148 89.38 -0.46 11.72
N ASP G 149 88.34 -1.29 11.75
CA ASP G 149 88.04 -2.23 12.85
C ASP G 149 87.86 -1.50 14.18
N PHE G 150 86.84 -0.65 14.23
CA PHE G 150 86.45 0.03 15.46
C PHE G 150 84.94 0.16 15.51
N TYR G 151 84.42 0.22 16.74
CA TYR G 151 82.97 0.28 16.97
C TYR G 151 82.70 0.85 18.36
N PRO G 152 81.81 1.84 18.49
CA PRO G 152 81.07 2.50 17.41
C PRO G 152 81.84 3.65 16.79
N GLY G 153 81.14 4.55 16.09
CA GLY G 153 81.79 5.68 15.45
C GLY G 153 81.91 6.87 16.37
N ALA G 154 83.07 7.04 16.99
CA ALA G 154 83.33 8.17 17.86
C ALA G 154 84.73 8.73 17.68
N VAL G 155 85.36 8.46 16.53
CA VAL G 155 86.74 8.90 16.28
C VAL G 155 86.72 10.36 15.87
N THR G 156 87.46 11.19 16.61
CA THR G 156 87.62 12.61 16.29
C THR G 156 89.00 12.77 15.66
N VAL G 157 89.04 12.81 14.33
CA VAL G 157 90.31 12.92 13.62
C VAL G 157 90.86 14.34 13.77
N ALA G 158 92.19 14.43 13.84
CA ALA G 158 92.86 15.72 13.92
C ALA G 158 94.21 15.61 13.25
N TRP G 159 94.84 16.75 12.99
CA TRP G 159 96.18 16.80 12.43
C TRP G 159 97.16 17.41 13.42
N LYS G 160 98.31 16.77 13.58
CA LYS G 160 99.44 17.31 14.33
C LYS G 160 100.69 17.03 13.53
N ALA G 161 101.10 18.01 12.71
CA ALA G 161 102.26 17.89 11.85
C ALA G 161 103.55 18.33 12.54
N ASP G 162 103.51 18.51 13.86
CA ASP G 162 104.61 18.85 14.77
C ASP G 162 105.15 20.26 14.57
N SER G 163 104.65 21.01 13.59
CA SER G 163 105.07 22.40 13.44
C SER G 163 103.89 23.38 13.42
N SER G 164 102.82 23.05 12.69
CA SER G 164 101.65 23.92 12.59
C SER G 164 100.45 23.14 12.07
N PRO G 165 99.32 23.14 12.78
CA PRO G 165 98.10 22.52 12.26
C PRO G 165 97.38 23.47 11.30
N VAL G 166 97.38 23.13 10.01
CA VAL G 166 96.76 23.93 8.98
C VAL G 166 95.88 23.01 8.13
N LYS G 167 94.67 23.46 7.83
CA LYS G 167 93.72 22.70 7.02
C LYS G 167 93.30 23.55 5.82
N ALA G 168 93.27 22.91 4.64
CA ALA G 168 92.88 23.62 3.42
C ALA G 168 92.35 22.57 2.43
N GLY G 169 91.05 22.61 2.18
CA GLY G 169 90.44 21.70 1.21
C GLY G 169 90.46 20.24 1.58
N VAL G 170 90.15 19.90 2.83
CA VAL G 170 90.24 18.53 3.30
C VAL G 170 89.16 17.67 2.64
N GLU G 171 89.35 16.35 2.73
CA GLU G 171 88.36 15.38 2.28
C GLU G 171 88.15 14.39 3.41
N THR G 172 87.26 14.74 4.34
CA THR G 172 87.00 13.94 5.52
C THR G 172 85.61 13.35 5.43
N THR G 173 85.49 12.05 5.70
CA THR G 173 84.21 11.36 5.60
C THR G 173 83.87 10.67 6.91
N THR G 174 82.58 10.39 7.08
CA THR G 174 82.10 9.71 8.28
C THR G 174 82.43 8.22 8.18
N PRO G 175 82.58 7.54 9.33
CA PRO G 175 82.79 6.08 9.30
C PRO G 175 81.53 5.37 8.82
N SER G 176 81.64 4.72 7.66
CA SER G 176 80.54 3.99 7.07
C SER G 176 80.51 2.57 7.62
N LYS G 177 79.66 1.72 7.03
CA LYS G 177 79.48 0.35 7.49
C LYS G 177 80.19 -0.61 6.54
N GLN G 178 81.00 -1.51 7.11
CA GLN G 178 81.70 -2.50 6.32
C GLN G 178 80.87 -3.78 6.22
N SER G 179 81.46 -4.85 5.70
CA SER G 179 80.77 -6.12 5.55
C SER G 179 80.92 -7.03 6.76
N ASN G 180 81.72 -6.63 7.75
CA ASN G 180 81.92 -7.42 8.96
C ASN G 180 81.48 -6.67 10.21
N ASN G 181 80.48 -5.80 10.05
CA ASN G 181 79.92 -4.97 11.13
C ASN G 181 81.00 -4.11 11.80
N LYS G 182 81.89 -3.55 10.99
CA LYS G 182 82.94 -2.65 11.45
C LYS G 182 82.83 -1.32 10.72
N TYR G 183 83.52 -0.32 11.27
CA TYR G 183 83.51 1.03 10.73
C TYR G 183 84.88 1.40 10.17
N ALA G 184 84.88 2.34 9.23
CA ALA G 184 86.11 2.82 8.62
C ALA G 184 85.86 4.21 8.04
N ALA G 185 86.75 5.14 8.35
CA ALA G 185 86.65 6.53 7.91
C ALA G 185 87.85 6.88 7.05
N SER G 186 87.83 8.09 6.49
CA SER G 186 88.90 8.56 5.61
C SER G 186 89.09 10.06 5.80
N SER G 187 90.35 10.49 5.71
CA SER G 187 90.72 11.91 5.80
C SER G 187 91.87 12.14 4.82
N TYR G 188 91.54 12.63 3.63
CA TYR G 188 92.49 12.74 2.53
C TYR G 188 92.77 14.21 2.21
N LEU G 189 93.90 14.43 1.54
CA LEU G 189 94.26 15.75 1.01
C LEU G 189 95.28 15.57 -0.11
N SER G 190 95.04 16.25 -1.23
CA SER G 190 96.01 16.28 -2.33
C SER G 190 96.94 17.48 -2.15
N LEU G 191 97.81 17.36 -1.16
CA LEU G 191 98.70 18.44 -0.77
C LEU G 191 99.81 18.63 -1.79
N THR G 192 100.35 19.85 -1.82
CA THR G 192 101.50 20.16 -2.65
C THR G 192 102.73 19.40 -2.14
N PRO G 193 103.62 18.97 -3.04
CA PRO G 193 104.81 18.21 -2.60
C PRO G 193 105.76 19.00 -1.72
N GLU G 194 105.89 20.32 -1.95
CA GLU G 194 106.81 21.11 -1.15
C GLU G 194 106.32 21.28 0.28
N GLN G 195 105.00 21.27 0.50
CA GLN G 195 104.48 21.33 1.85
C GLN G 195 104.75 20.04 2.61
N TRP G 196 104.66 18.89 1.93
CA TRP G 196 104.94 17.61 2.57
C TRP G 196 106.44 17.45 2.83
N LYS G 197 107.28 17.90 1.91
CA LYS G 197 108.71 17.91 2.15
C LYS G 197 109.13 18.93 3.22
N SER G 198 108.32 19.97 3.44
CA SER G 198 108.62 20.93 4.48
C SER G 198 108.37 20.37 5.88
N HIS G 199 107.56 19.33 6.01
CA HIS G 199 107.28 18.70 7.29
C HIS G 199 108.14 17.45 7.43
N ARG G 200 108.91 17.37 8.53
CA ARG G 200 109.78 16.25 8.76
C ARG G 200 109.08 15.08 9.45
N SER G 201 107.83 15.25 9.86
CA SER G 201 107.08 14.18 10.50
C SER G 201 105.60 14.35 10.17
N TYR G 202 104.87 13.24 10.26
CA TYR G 202 103.44 13.23 9.99
C TYR G 202 102.78 12.11 10.75
N SER G 203 101.74 12.45 11.52
CA SER G 203 100.97 11.45 12.26
C SER G 203 99.60 12.04 12.53
N CYS G 204 98.57 11.52 11.85
CA CYS G 204 97.22 12.00 12.08
C CYS G 204 96.70 11.49 13.42
N GLN G 205 96.15 12.40 14.22
CA GLN G 205 95.70 12.07 15.57
C GLN G 205 94.33 11.40 15.48
N VAL G 206 94.26 10.15 15.92
CA VAL G 206 93.03 9.37 15.96
C VAL G 206 92.79 8.97 17.41
N THR G 207 91.64 9.36 17.95
CA THR G 207 91.32 9.12 19.36
C THR G 207 89.91 8.54 19.46
N HIS G 208 89.77 7.45 20.20
CA HIS G 208 88.46 6.84 20.46
C HIS G 208 88.42 6.45 21.94
N GLU G 209 87.53 7.11 22.70
CA GLU G 209 87.20 6.88 24.10
C GLU G 209 88.31 7.32 25.05
N GLY G 210 89.49 7.70 24.53
CA GLY G 210 90.60 8.10 25.38
C GLY G 210 91.85 7.28 25.12
N SER G 211 91.66 6.00 24.80
CA SER G 211 92.78 5.10 24.47
C SER G 211 93.11 5.29 23.00
N THR G 212 93.83 6.37 22.72
CA THR G 212 94.18 6.71 21.34
C THR G 212 95.25 5.78 20.79
N VAL G 213 95.21 5.56 19.48
CA VAL G 213 96.20 4.77 18.78
C VAL G 213 96.79 5.65 17.69
N GLU G 214 98.12 5.80 17.69
CA GLU G 214 98.81 6.68 16.77
C GLU G 214 99.89 5.92 16.03
N LYS G 215 100.03 6.21 14.73
CA LYS G 215 101.08 5.65 13.89
C LYS G 215 101.77 6.78 13.15
N THR G 216 103.10 6.72 13.08
CA THR G 216 103.90 7.72 12.41
C THR G 216 104.71 7.08 11.29
N VAL G 217 104.90 7.83 10.21
CA VAL G 217 105.66 7.39 9.04
C VAL G 217 106.63 8.49 8.66
N ALA G 218 107.92 8.15 8.62
CA ALA G 218 108.94 9.11 8.22
C ALA G 218 108.84 9.39 6.72
N PRO G 219 109.30 10.57 6.28
CA PRO G 219 109.37 10.82 4.83
C PRO G 219 110.26 9.84 4.08
N THR G 220 111.32 9.36 4.69
CA THR G 220 112.13 8.29 4.14
C THR G 220 111.71 6.91 4.64
N GLU G 221 110.71 6.86 5.52
CA GLU G 221 110.17 5.64 6.13
C GLU G 221 111.24 4.79 6.82
N VAL H 2 58.01 -13.32 47.63
CA VAL H 2 59.46 -13.23 47.77
C VAL H 2 59.92 -13.99 49.01
N GLN H 3 59.35 -13.64 50.16
CA GLN H 3 59.69 -14.27 51.43
C GLN H 3 58.41 -14.76 52.10
N LEU H 4 58.51 -15.90 52.78
CA LEU H 4 57.38 -16.44 53.52
C LEU H 4 57.79 -16.95 54.90
N VAL H 5 58.88 -16.42 55.46
CA VAL H 5 59.38 -16.88 56.76
C VAL H 5 58.50 -16.30 57.86
N GLN H 6 57.96 -17.18 58.70
CA GLN H 6 57.10 -16.79 59.81
C GLN H 6 57.71 -17.27 61.13
N SER H 7 57.25 -16.65 62.21
CA SER H 7 57.73 -17.02 63.54
C SER H 7 57.15 -18.36 63.96
N GLY H 8 57.77 -18.97 64.97
CA GLY H 8 57.31 -20.24 65.48
C GLY H 8 56.01 -20.13 66.25
N ALA H 9 55.33 -21.26 66.37
CA ALA H 9 54.04 -21.34 67.06
C ALA H 9 54.24 -21.86 68.46
N GLU H 10 53.58 -21.22 69.42
CA GLU H 10 53.67 -21.65 70.82
C GLU H 10 52.94 -22.97 71.02
N VAL H 11 53.39 -23.72 72.03
CA VAL H 11 52.81 -25.03 72.31
C VAL H 11 51.42 -24.86 72.93
N LYS H 12 50.54 -25.82 72.65
CA LYS H 12 49.19 -25.77 73.18
C LYS H 12 48.78 -27.17 73.65
N LYS H 13 47.89 -27.20 74.63
CA LYS H 13 47.35 -28.45 75.14
C LYS H 13 46.42 -29.07 74.10
N PRO H 14 46.22 -30.39 74.14
CA PRO H 14 45.23 -31.03 73.26
C PRO H 14 43.83 -30.56 73.59
N GLY H 15 43.16 -29.98 72.59
CA GLY H 15 41.87 -29.36 72.79
C GLY H 15 41.98 -27.88 73.07
N ALA H 16 42.71 -27.16 72.20
CA ALA H 16 42.93 -25.73 72.37
C ALA H 16 43.00 -25.10 70.99
N SER H 17 43.49 -23.85 70.94
CA SER H 17 43.55 -23.07 69.71
C SER H 17 44.99 -22.69 69.41
N VAL H 18 45.39 -22.87 68.15
CA VAL H 18 46.73 -22.51 67.68
C VAL H 18 46.57 -21.50 66.55
N LYS H 19 47.22 -20.34 66.69
CA LYS H 19 47.13 -19.27 65.71
C LYS H 19 48.54 -18.86 65.30
N VAL H 20 48.78 -18.83 63.99
CA VAL H 20 50.07 -18.40 63.44
C VAL H 20 49.78 -17.54 62.21
N SER H 21 50.72 -16.66 61.88
CA SER H 21 50.57 -15.70 60.79
C SER H 21 51.78 -15.76 59.87
N CYS H 22 51.52 -15.88 58.57
CA CYS H 22 52.57 -15.83 57.55
C CYS H 22 52.62 -14.41 56.99
N LYS H 23 53.66 -13.66 57.35
CA LYS H 23 53.79 -12.28 56.91
C LYS H 23 54.24 -12.23 55.45
N ALA H 24 53.57 -11.39 54.66
CA ALA H 24 53.91 -11.17 53.26
C ALA H 24 54.50 -9.77 53.12
N SER H 25 55.80 -9.69 52.87
CA SER H 25 56.49 -8.42 52.75
C SER H 25 57.48 -8.50 51.60
N GLY H 26 57.90 -7.33 51.11
CA GLY H 26 58.80 -7.23 49.99
C GLY H 26 58.12 -7.23 48.63
N TYR H 27 56.81 -7.42 48.58
CA TYR H 27 56.05 -7.40 47.34
C TYR H 27 54.62 -7.03 47.65
N ILE H 28 53.92 -6.52 46.64
CA ILE H 28 52.52 -6.16 46.80
C ILE H 28 51.67 -7.42 46.86
N PHE H 29 50.69 -7.43 47.76
CA PHE H 29 49.83 -8.60 47.97
C PHE H 29 48.39 -8.20 47.68
N SER H 30 48.02 -8.21 46.40
CA SER H 30 46.63 -8.09 46.00
C SER H 30 46.27 -9.01 44.84
N ASP H 31 47.23 -9.77 44.32
CA ASP H 31 46.99 -10.63 43.15
C ASP H 31 47.50 -12.05 43.32
N TYR H 32 48.42 -12.32 44.24
CA TYR H 32 49.06 -13.63 44.33
C TYR H 32 48.17 -14.60 45.10
N ASN H 33 48.16 -15.86 44.66
CA ASN H 33 47.38 -16.90 45.32
C ASN H 33 48.20 -17.51 46.46
N ILE H 34 47.74 -17.33 47.69
CA ILE H 34 48.41 -17.84 48.88
C ILE H 34 47.73 -19.14 49.31
N HIS H 35 48.53 -20.09 49.80
CA HIS H 35 48.02 -21.41 50.17
C HIS H 35 48.67 -21.86 51.47
N TRP H 36 48.06 -22.86 52.10
CA TRP H 36 48.55 -23.42 53.35
C TRP H 36 48.53 -24.94 53.26
N VAL H 37 49.60 -25.57 53.75
CA VAL H 37 49.76 -27.02 53.68
C VAL H 37 50.31 -27.51 55.01
N ARG H 38 50.02 -28.77 55.34
CA ARG H 38 50.51 -29.41 56.54
C ARG H 38 51.46 -30.56 56.17
N GLN H 39 52.35 -30.89 57.09
CA GLN H 39 53.34 -31.94 56.86
C GLN H 39 53.56 -32.71 58.17
N ALA H 40 53.00 -33.91 58.25
CA ALA H 40 53.28 -34.77 59.38
C ALA H 40 54.70 -35.33 59.28
N PRO H 41 55.39 -35.50 60.42
CA PRO H 41 56.75 -36.04 60.39
C PRO H 41 56.79 -37.52 60.01
N GLY H 42 57.32 -37.83 58.83
CA GLY H 42 57.45 -39.20 58.36
C GLY H 42 56.66 -39.51 57.11
N GLN H 43 55.84 -38.60 56.60
CA GLN H 43 55.08 -38.83 55.38
C GLN H 43 55.12 -37.57 54.53
N GLY H 44 54.31 -37.55 53.48
CA GLY H 44 54.32 -36.46 52.52
C GLY H 44 53.53 -35.23 52.94
N LEU H 45 52.83 -34.63 51.99
CA LEU H 45 52.09 -33.40 52.18
C LEU H 45 50.59 -33.68 52.24
N GLU H 46 49.84 -32.67 52.67
CA GLU H 46 48.37 -32.74 52.70
C GLU H 46 47.84 -31.32 52.62
N TRP H 47 47.20 -31.00 51.49
CA TRP H 47 46.81 -29.64 51.14
C TRP H 47 45.30 -29.50 51.10
N MET H 48 44.81 -28.35 51.55
CA MET H 48 43.38 -28.05 51.46
C MET H 48 43.19 -26.57 51.14
N GLY H 49 42.21 -26.29 50.27
CA GLY H 49 41.74 -24.94 50.02
C GLY H 49 42.67 -24.00 49.26
N TRP H 50 42.08 -23.03 48.57
CA TRP H 50 42.82 -21.93 47.98
C TRP H 50 42.23 -20.62 48.48
N ILE H 51 43.10 -19.65 48.74
CA ILE H 51 42.72 -18.39 49.37
C ILE H 51 42.78 -17.30 48.31
N SER H 52 41.63 -16.78 47.93
CA SER H 52 41.56 -15.69 46.96
C SER H 52 41.65 -14.35 47.69
N PRO H 53 42.62 -13.49 47.37
CA PRO H 53 42.74 -12.22 48.08
C PRO H 53 41.72 -11.17 47.71
N ASP H 54 40.96 -11.36 46.63
CA ASP H 54 40.02 -10.36 46.13
C ASP H 54 38.57 -10.79 46.28
N SER H 55 38.20 -11.95 45.73
CA SER H 55 36.82 -12.39 45.71
C SER H 55 36.58 -13.47 46.75
N ASP H 56 35.31 -13.80 46.96
CA ASP H 56 34.90 -14.83 47.92
C ASP H 56 34.85 -16.17 47.19
N ASP H 57 36.00 -16.82 47.11
CA ASP H 57 36.12 -18.11 46.44
C ASP H 57 36.79 -19.16 47.30
N THR H 58 36.97 -18.91 48.59
CA THR H 58 37.62 -19.86 49.48
C THR H 58 36.71 -21.06 49.76
N ASN H 59 37.31 -22.24 49.74
CA ASN H 59 36.60 -23.48 50.01
C ASN H 59 37.57 -24.43 50.71
N TYR H 60 37.17 -25.69 50.84
CA TYR H 60 37.98 -26.69 51.51
C TYR H 60 38.09 -27.93 50.64
N ALA H 61 38.96 -28.86 51.06
CA ALA H 61 39.08 -30.14 50.41
C ALA H 61 37.93 -31.06 50.84
N GLN H 62 37.76 -32.16 50.10
CA GLN H 62 36.69 -33.10 50.37
C GLN H 62 36.93 -33.96 51.62
N SER H 63 38.19 -34.12 52.03
CA SER H 63 38.49 -35.02 53.15
C SER H 63 38.25 -34.33 54.50
N PHE H 64 39.00 -33.26 54.76
CA PHE H 64 38.93 -32.54 56.03
C PHE H 64 38.38 -31.15 55.79
N GLN H 65 37.27 -30.83 56.44
CA GLN H 65 36.57 -29.57 56.19
C GLN H 65 36.49 -28.68 57.43
N GLY H 66 35.99 -29.17 58.55
CA GLY H 66 35.58 -28.32 59.65
C GLY H 66 36.57 -28.11 60.79
N ARG H 67 37.86 -28.36 60.58
CA ARG H 67 38.81 -28.21 61.67
C ARG H 67 39.62 -26.93 61.61
N VAL H 68 39.63 -26.21 60.49
CA VAL H 68 40.35 -24.94 60.39
C VAL H 68 39.43 -23.88 59.78
N THR H 69 39.73 -22.62 60.09
CA THR H 69 38.98 -21.48 59.58
C THR H 69 39.96 -20.42 59.08
N MET H 70 39.47 -19.49 58.27
CA MET H 70 40.27 -18.44 57.68
C MET H 70 39.81 -17.07 58.13
N THR H 71 40.74 -16.12 58.13
CA THR H 71 40.45 -14.72 58.40
C THR H 71 41.07 -13.87 57.30
N ARG H 72 40.27 -13.02 56.68
CA ARG H 72 40.73 -12.21 55.55
C ARG H 72 41.45 -10.96 56.03
N ASP H 73 42.28 -10.41 55.14
CA ASP H 73 43.00 -9.17 55.39
C ASP H 73 43.43 -8.58 54.05
N THR H 74 43.07 -7.32 53.81
CA THR H 74 43.39 -6.65 52.56
C THR H 74 44.29 -5.43 52.76
N SER H 75 43.94 -4.54 53.69
CA SER H 75 44.72 -3.33 53.92
C SER H 75 46.04 -3.62 54.63
N ILE H 76 46.13 -4.72 55.37
CA ILE H 76 47.34 -5.09 56.08
C ILE H 76 48.15 -6.13 55.32
N THR H 77 47.52 -6.92 54.44
CA THR H 77 48.13 -8.01 53.68
C THR H 77 48.81 -9.02 54.60
N THR H 78 47.99 -9.57 55.50
CA THR H 78 48.43 -10.65 56.39
C THR H 78 47.46 -11.82 56.28
N VAL H 79 47.77 -12.92 56.97
CA VAL H 79 46.88 -14.08 56.98
C VAL H 79 46.89 -14.67 58.38
N TYR H 80 45.71 -15.11 58.84
CA TYR H 80 45.52 -15.60 60.20
C TYR H 80 45.02 -17.04 60.15
N MET H 81 45.64 -17.90 60.95
CA MET H 81 45.23 -19.29 61.10
C MET H 81 44.46 -19.49 62.41
N GLU H 82 43.62 -20.52 62.42
CA GLU H 82 42.85 -20.89 63.61
C GLU H 82 42.58 -22.38 63.54
N LEU H 83 43.11 -23.13 64.50
CA LEU H 83 42.99 -24.59 64.54
C LEU H 83 42.27 -25.01 65.80
N SER H 84 41.34 -25.96 65.65
CA SER H 84 40.54 -26.46 66.76
C SER H 84 40.66 -27.98 66.82
N SER H 85 40.27 -28.53 67.98
CA SER H 85 40.25 -29.97 68.27
C SER H 85 41.63 -30.59 68.10
N LEU H 86 42.57 -30.13 68.93
CA LEU H 86 43.92 -30.66 68.91
C LEU H 86 43.96 -32.05 69.52
N ARG H 87 44.80 -32.91 68.95
CA ARG H 87 44.98 -34.27 69.46
C ARG H 87 46.39 -34.72 69.10
N SER H 88 46.66 -36.02 69.34
CA SER H 88 47.99 -36.55 69.04
C SER H 88 48.21 -36.77 67.55
N ASP H 89 47.14 -36.84 66.76
CA ASP H 89 47.25 -37.05 65.32
C ASP H 89 47.41 -35.75 64.55
N ASP H 90 47.31 -34.60 65.21
CA ASP H 90 47.45 -33.31 64.56
C ASP H 90 48.85 -32.71 64.71
N THR H 91 49.80 -33.49 65.22
CA THR H 91 51.17 -33.00 65.37
C THR H 91 51.86 -32.91 64.02
N ALA H 92 51.81 -31.73 63.41
CA ALA H 92 52.40 -31.52 62.10
C ALA H 92 52.86 -30.07 61.99
N VAL H 93 53.78 -29.84 61.05
CA VAL H 93 54.35 -28.51 60.81
C VAL H 93 53.66 -27.90 59.60
N TYR H 94 53.32 -26.61 59.70
CA TYR H 94 52.59 -25.90 58.65
C TYR H 94 53.52 -24.97 57.90
N PHE H 95 53.53 -25.08 56.58
CA PHE H 95 54.21 -24.14 55.70
C PHE H 95 53.19 -23.32 54.93
N CYS H 96 53.35 -22.00 54.94
CA CYS H 96 52.60 -21.13 54.05
C CYS H 96 53.29 -21.11 52.69
N ALA H 97 52.50 -21.29 51.63
CA ALA H 97 53.03 -21.46 50.28
C ALA H 97 52.45 -20.41 49.36
N ARG H 98 53.31 -19.75 48.60
CA ARG H 98 52.91 -18.76 47.61
C ARG H 98 52.94 -19.40 46.23
N SER H 99 51.90 -19.16 45.44
CA SER H 99 51.81 -19.69 44.09
C SER H 99 51.51 -18.57 43.11
N VAL H 100 52.09 -18.67 41.91
CA VAL H 100 51.87 -17.67 40.89
C VAL H 100 50.48 -17.85 40.28
N GLY H 101 49.99 -16.79 39.65
CA GLY H 101 48.71 -16.83 38.99
C GLY H 101 47.54 -16.68 39.95
N TYR H 102 46.35 -16.84 39.39
CA TYR H 102 45.10 -16.74 40.15
C TYR H 102 44.09 -17.70 39.53
N CYS H 103 43.49 -18.55 40.36
CA CYS H 103 42.54 -19.54 39.87
C CYS H 103 41.38 -19.65 40.84
N SER H 104 40.17 -19.62 40.30
CA SER H 104 38.95 -19.72 41.10
C SER H 104 38.12 -20.95 40.76
N LEU H 105 37.81 -21.16 39.49
CA LEU H 105 37.00 -22.30 39.09
C LEU H 105 37.83 -23.58 39.09
N ASN H 106 37.15 -24.71 38.94
CA ASN H 106 37.81 -26.01 38.96
C ASN H 106 38.21 -26.46 37.55
N SER H 107 38.91 -25.57 36.84
CA SER H 107 39.43 -25.90 35.51
C SER H 107 40.82 -25.35 35.25
N CYS H 108 41.43 -24.64 36.20
CA CYS H 108 42.71 -23.96 35.98
C CYS H 108 43.75 -24.26 37.04
N GLN H 109 43.61 -25.37 37.77
CA GLN H 109 44.59 -25.74 38.78
C GLN H 109 45.86 -26.34 38.20
N ARG H 110 45.83 -26.80 36.94
CA ARG H 110 47.04 -27.28 36.29
C ARG H 110 47.99 -26.14 35.96
N TRP H 111 47.47 -24.93 35.77
CA TRP H 111 48.22 -23.83 35.21
C TRP H 111 48.89 -22.95 36.26
N MET H 112 48.97 -23.42 37.51
CA MET H 112 49.66 -22.69 38.56
C MET H 112 50.62 -23.63 39.28
N TRP H 113 51.73 -23.07 39.76
CA TRP H 113 52.74 -23.82 40.49
C TRP H 113 53.24 -22.99 41.66
N PHE H 114 53.55 -23.68 42.76
CA PHE H 114 54.03 -23.03 43.98
C PHE H 114 55.49 -22.69 43.79
N ASP H 115 55.76 -21.46 43.37
CA ASP H 115 57.13 -21.04 43.07
C ASP H 115 57.95 -20.77 44.32
N THR H 116 57.33 -20.27 45.39
CA THR H 116 58.04 -19.83 46.58
C THR H 116 57.52 -20.55 47.81
N TRP H 117 58.44 -21.05 48.63
CA TRP H 117 58.13 -21.66 49.91
C TRP H 117 59.02 -21.03 50.97
N GLY H 118 58.47 -20.83 52.17
CA GLY H 118 59.19 -20.21 53.26
C GLY H 118 59.18 -21.06 54.52
N GLN H 119 59.88 -20.55 55.53
CA GLN H 119 59.96 -21.24 56.82
C GLN H 119 58.65 -21.07 57.58
N GLY H 120 58.10 -22.18 58.04
CA GLY H 120 56.85 -22.20 58.76
C GLY H 120 57.04 -22.26 60.26
N ALA H 121 56.02 -22.78 60.95
CA ALA H 121 56.02 -22.91 62.40
C ALA H 121 55.76 -24.36 62.79
N LEU H 122 56.58 -24.89 63.68
CA LEU H 122 56.46 -26.28 64.12
C LEU H 122 55.40 -26.36 65.21
N VAL H 123 54.19 -26.69 64.77
CA VAL H 123 53.06 -26.76 65.71
C VAL H 123 53.04 -28.07 66.45
N THR H 124 52.98 -27.97 67.78
CA THR H 124 52.93 -29.17 68.60
C THR H 124 51.77 -29.08 69.57
N VAL H 125 51.17 -30.22 69.88
CA VAL H 125 50.08 -30.25 70.84
C VAL H 125 50.40 -31.32 71.87
N SER H 126 51.31 -30.98 72.77
CA SER H 126 51.88 -31.95 73.70
C SER H 126 50.95 -32.20 74.89
N SER H 127 51.08 -33.35 75.52
CA SER H 127 50.17 -33.69 76.61
C SER H 127 50.55 -32.99 77.91
N ALA H 128 50.73 -31.67 77.85
CA ALA H 128 51.02 -30.92 79.07
C ALA H 128 50.84 -29.42 78.90
N SER H 129 50.70 -28.72 80.01
CA SER H 129 50.62 -27.27 79.93
C SER H 129 52.04 -26.77 79.93
N THR H 130 52.61 -26.58 81.11
CA THR H 130 54.01 -26.18 81.20
C THR H 130 54.55 -26.64 82.54
N LYS H 131 55.60 -27.47 82.52
CA LYS H 131 56.22 -27.98 83.72
C LYS H 131 57.73 -27.80 83.65
N GLY H 132 58.33 -27.51 84.80
CA GLY H 132 59.76 -27.33 84.89
C GLY H 132 60.48 -28.58 85.36
N PRO H 133 61.79 -28.63 85.16
CA PRO H 133 62.55 -29.80 85.61
C PRO H 133 62.69 -29.85 87.13
N SER H 134 62.49 -31.04 87.68
CA SER H 134 62.65 -31.28 89.11
C SER H 134 63.32 -32.63 89.38
N VAL H 135 64.21 -33.05 88.49
CA VAL H 135 64.77 -34.39 88.49
C VAL H 135 66.20 -34.34 89.03
N PHE H 136 66.51 -35.25 89.95
CA PHE H 136 67.86 -35.39 90.45
C PHE H 136 68.78 -35.91 89.34
N PRO H 137 70.06 -35.53 89.35
CA PRO H 137 70.96 -35.94 88.26
C PRO H 137 71.25 -37.44 88.28
N LEU H 138 71.64 -37.94 87.12
CA LEU H 138 71.85 -39.37 86.91
C LEU H 138 73.30 -39.73 87.17
N ALA H 139 73.51 -40.84 87.89
CA ALA H 139 74.85 -41.27 88.23
C ALA H 139 75.56 -41.85 87.00
N PRO H 140 76.89 -41.69 86.92
CA PRO H 140 77.64 -42.31 85.82
C PRO H 140 77.77 -43.83 85.98
N SER H 141 78.49 -44.46 85.06
CA SER H 141 78.71 -45.89 85.11
C SER H 141 79.68 -46.27 86.23
N THR H 149 88.56 -45.51 79.41
CA THR H 149 87.69 -44.35 79.26
C THR H 149 86.29 -44.65 79.76
N ALA H 150 85.51 -43.59 80.01
CA ALA H 150 84.15 -43.72 80.49
C ALA H 150 83.35 -42.52 80.01
N ALA H 151 82.14 -42.37 80.55
CA ALA H 151 81.28 -41.26 80.18
C ALA H 151 80.41 -40.90 81.38
N LEU H 152 79.87 -39.68 81.35
CA LEU H 152 79.01 -39.20 82.42
C LEU H 152 77.98 -38.25 81.82
N GLY H 153 76.89 -38.07 82.55
CA GLY H 153 75.83 -37.18 82.12
C GLY H 153 74.68 -37.22 83.09
N CYS H 154 73.78 -36.25 82.93
CA CYS H 154 72.58 -36.13 83.76
C CYS H 154 71.34 -36.28 82.88
N LEU H 155 70.41 -37.13 83.29
CA LEU H 155 69.17 -37.37 82.58
C LEU H 155 68.07 -36.52 83.20
N VAL H 156 67.34 -35.79 82.36
CA VAL H 156 66.29 -34.89 82.80
C VAL H 156 64.97 -35.31 82.15
N LYS H 157 63.90 -35.27 82.94
CA LYS H 157 62.56 -35.56 82.44
C LYS H 157 61.59 -34.58 83.11
N ASP H 158 60.30 -34.80 82.89
CA ASP H 158 59.21 -34.00 83.48
C ASP H 158 59.33 -32.53 83.10
N TYR H 159 59.78 -32.26 81.88
CA TYR H 159 59.89 -30.90 81.36
C TYR H 159 59.16 -30.83 80.02
N PHE H 160 58.53 -29.69 79.77
CA PHE H 160 57.69 -29.55 78.59
C PHE H 160 57.59 -28.05 78.27
N PRO H 161 57.78 -27.66 77.00
CA PRO H 161 58.18 -28.52 75.89
C PRO H 161 59.69 -28.51 75.63
N GLU H 162 60.11 -29.27 74.61
CA GLU H 162 61.45 -29.17 74.06
C GLU H 162 61.56 -27.89 73.21
N PRO H 163 62.79 -27.41 72.95
CA PRO H 163 64.15 -27.79 73.34
C PRO H 163 64.60 -27.27 74.71
N VAL H 164 65.68 -27.85 75.22
CA VAL H 164 66.37 -27.35 76.41
C VAL H 164 67.86 -27.30 76.10
N THR H 165 68.57 -26.44 76.81
CA THR H 165 70.00 -26.26 76.64
C THR H 165 70.74 -26.73 77.88
N VAL H 166 71.73 -27.60 77.68
CA VAL H 166 72.51 -28.19 78.77
C VAL H 166 73.95 -27.73 78.61
N SER H 167 74.51 -27.14 79.67
CA SER H 167 75.89 -26.69 79.68
C SER H 167 76.60 -27.24 80.91
N TRP H 168 77.88 -27.54 80.76
CA TRP H 168 78.69 -28.12 81.81
C TRP H 168 79.71 -27.10 82.30
N ASN H 169 79.80 -26.94 83.62
CA ASN H 169 80.76 -26.06 84.30
C ASN H 169 80.64 -24.61 83.83
N SER H 170 79.39 -24.18 83.59
CA SER H 170 79.05 -22.81 83.18
C SER H 170 79.78 -22.39 81.91
N GLY H 171 79.67 -23.22 80.87
CA GLY H 171 80.26 -22.92 79.60
C GLY H 171 81.73 -23.28 79.46
N ALA H 172 82.33 -23.92 80.47
CA ALA H 172 83.73 -24.31 80.40
C ALA H 172 83.93 -25.63 79.66
N LEU H 173 82.87 -26.31 79.28
CA LEU H 173 82.94 -27.58 78.56
C LEU H 173 81.98 -27.50 77.38
N THR H 174 82.51 -27.18 76.19
CA THR H 174 81.72 -27.05 74.97
C THR H 174 82.30 -27.93 73.87
N SER H 175 82.64 -29.17 74.22
CA SER H 175 83.21 -30.11 73.27
C SER H 175 82.81 -31.52 73.67
N GLY H 176 82.40 -32.32 72.68
CA GLY H 176 82.02 -33.69 72.90
C GLY H 176 80.60 -33.91 73.36
N VAL H 177 79.82 -32.86 73.55
CA VAL H 177 78.44 -32.97 73.99
C VAL H 177 77.53 -33.00 72.78
N HIS H 178 76.39 -33.68 72.92
CA HIS H 178 75.40 -33.78 71.85
C HIS H 178 74.03 -33.98 72.46
N THR H 179 73.01 -33.66 71.68
CA THR H 179 71.61 -33.80 72.09
C THR H 179 71.01 -35.00 71.38
N PHE H 180 70.75 -36.07 72.13
CA PHE H 180 70.17 -37.26 71.54
C PHE H 180 68.69 -37.01 71.21
N PRO H 181 68.19 -37.60 70.13
CA PRO H 181 66.77 -37.40 69.78
C PRO H 181 65.83 -38.05 70.78
N ALA H 182 64.65 -37.46 70.91
CA ALA H 182 63.62 -37.97 71.81
C ALA H 182 62.27 -37.92 71.10
N VAL H 183 61.35 -38.78 71.55
CA VAL H 183 60.03 -38.88 70.95
C VAL H 183 58.99 -38.64 72.04
N LEU H 184 57.76 -38.35 71.59
CA LEU H 184 56.66 -38.11 72.52
C LEU H 184 56.18 -39.43 73.12
N GLN H 185 56.03 -39.45 74.44
CA GLN H 185 55.58 -40.63 75.16
C GLN H 185 54.09 -40.49 75.48
N SER H 186 53.57 -41.47 76.24
CA SER H 186 52.16 -41.42 76.63
C SER H 186 51.90 -40.29 77.64
N SER H 187 52.83 -40.08 78.57
CA SER H 187 52.70 -39.03 79.56
C SER H 187 53.37 -37.73 79.14
N GLY H 188 53.93 -37.67 77.94
CA GLY H 188 54.59 -36.47 77.49
C GLY H 188 55.92 -36.17 78.15
N LEU H 189 56.57 -37.18 78.71
CA LEU H 189 57.84 -37.00 79.41
C LEU H 189 58.98 -37.07 78.41
N TYR H 190 59.54 -35.92 78.06
CA TYR H 190 60.69 -35.88 77.17
C TYR H 190 61.97 -36.18 77.94
N SER H 191 63.02 -36.55 77.19
CA SER H 191 64.30 -36.90 77.81
C SER H 191 65.40 -36.66 76.78
N LEU H 192 66.16 -35.58 76.98
CA LEU H 192 67.34 -35.29 76.19
C LEU H 192 68.58 -35.65 77.02
N SER H 193 69.40 -36.56 76.48
CA SER H 193 70.57 -37.06 77.19
C SER H 193 71.83 -36.44 76.59
N SER H 194 72.64 -35.83 77.45
CA SER H 194 73.93 -35.26 77.05
C SER H 194 75.05 -35.99 77.78
N VAL H 195 76.06 -36.43 77.03
CA VAL H 195 77.16 -37.20 77.58
C VAL H 195 78.47 -36.50 77.23
N VAL H 196 79.47 -36.70 78.09
CA VAL H 196 80.80 -36.12 77.93
C VAL H 196 81.80 -37.26 77.87
N THR H 197 82.66 -37.24 76.85
CA THR H 197 83.70 -38.25 76.69
C THR H 197 84.89 -37.87 77.57
N VAL H 198 85.14 -38.66 78.60
CA VAL H 198 86.22 -38.37 79.55
C VAL H 198 87.06 -39.63 79.73
N PRO H 199 88.33 -39.47 80.11
CA PRO H 199 89.12 -40.64 80.50
C PRO H 199 88.60 -41.23 81.80
N SER H 200 88.92 -42.52 82.01
CA SER H 200 88.44 -43.23 83.18
C SER H 200 89.09 -42.76 84.48
N SER H 201 90.21 -42.04 84.40
CA SER H 201 90.86 -41.55 85.60
C SER H 201 90.13 -40.36 86.22
N SER H 202 89.23 -39.71 85.48
CA SER H 202 88.48 -38.56 85.97
C SER H 202 86.99 -38.83 85.71
N LEU H 203 86.34 -39.44 86.69
CA LEU H 203 84.92 -39.76 86.59
C LEU H 203 84.08 -39.00 87.60
N GLY H 204 84.43 -39.05 88.88
CA GLY H 204 83.67 -38.36 89.91
C GLY H 204 84.53 -37.49 90.80
N THR H 205 85.85 -37.62 90.67
CA THR H 205 86.76 -36.78 91.47
C THR H 205 86.71 -35.32 91.02
N GLN H 206 86.68 -35.09 89.71
CA GLN H 206 86.60 -33.74 89.19
C GLN H 206 85.17 -33.21 89.31
N THR H 207 85.07 -31.91 89.58
CA THR H 207 83.77 -31.25 89.73
C THR H 207 83.12 -31.08 88.36
N TYR H 208 81.96 -31.71 88.17
CA TYR H 208 81.22 -31.62 86.92
C TYR H 208 79.76 -31.33 87.26
N ILE H 209 79.29 -30.14 86.90
CA ILE H 209 77.93 -29.71 87.17
C ILE H 209 77.27 -29.36 85.84
N CYS H 210 76.10 -29.95 85.58
CA CYS H 210 75.34 -29.68 84.38
C CYS H 210 74.15 -28.80 84.72
N ASN H 211 73.96 -27.73 83.96
CA ASN H 211 72.88 -26.78 84.17
C ASN H 211 71.89 -26.87 83.01
N VAL H 212 70.62 -26.96 83.33
CA VAL H 212 69.55 -27.06 82.34
C VAL H 212 68.75 -25.77 82.35
N ASN H 213 68.41 -25.28 81.15
CA ASN H 213 67.63 -24.07 80.98
C ASN H 213 66.32 -24.43 80.27
N HIS H 214 65.21 -23.94 80.82
CA HIS H 214 63.88 -24.25 80.31
C HIS H 214 63.20 -22.92 79.97
N LYS H 215 62.82 -22.76 78.70
CA LYS H 215 62.46 -21.43 78.18
C LYS H 215 61.09 -20.91 78.62
N PRO H 216 59.96 -21.64 78.47
CA PRO H 216 58.67 -21.02 78.83
C PRO H 216 58.44 -20.88 80.33
N SER H 217 59.12 -21.70 81.15
CA SER H 217 58.93 -21.63 82.60
C SER H 217 60.01 -20.84 83.32
N ASN H 218 61.18 -20.66 82.69
CA ASN H 218 62.32 -19.91 83.24
C ASN H 218 62.77 -20.47 84.59
N THR H 219 62.86 -21.79 84.68
CA THR H 219 63.31 -22.49 85.88
C THR H 219 64.62 -23.20 85.58
N LYS H 220 65.63 -22.94 86.42
CA LYS H 220 66.95 -23.53 86.27
C LYS H 220 67.28 -24.36 87.50
N VAL H 221 67.79 -25.58 87.28
CA VAL H 221 68.16 -26.49 88.36
C VAL H 221 69.65 -26.78 88.24
N ASP H 222 70.38 -26.55 89.33
CA ASP H 222 71.82 -26.83 89.38
C ASP H 222 72.00 -28.22 89.95
N LYS H 223 72.39 -29.17 89.11
CA LYS H 223 72.56 -30.56 89.49
C LYS H 223 73.99 -31.00 89.24
N LYS H 224 74.58 -31.67 90.23
CA LYS H 224 75.96 -32.17 90.14
C LYS H 224 75.92 -33.69 90.11
N VAL H 225 76.56 -34.28 89.10
CA VAL H 225 76.57 -35.73 88.91
C VAL H 225 77.66 -36.35 89.76
N GLU H 226 77.36 -37.53 90.31
CA GLU H 226 78.30 -38.30 91.10
C GLU H 226 77.88 -39.76 91.06
N PRO H 227 78.82 -40.70 91.18
CA PRO H 227 78.42 -42.12 91.20
C PRO H 227 77.75 -42.48 92.51
N LYS H 228 76.97 -43.57 92.45
CA LYS H 228 76.22 -44.05 93.60
C LYS H 228 77.16 -44.61 94.66
N SER H 229 76.81 -44.39 95.93
CA SER H 229 77.61 -44.88 97.04
C SER H 229 76.73 -45.44 98.14
N VAL I 2 53.96 -10.23 -10.99
CA VAL I 2 54.05 -9.01 -11.77
C VAL I 2 55.36 -8.30 -11.51
N GLN I 3 55.75 -7.41 -12.41
CA GLN I 3 56.99 -6.66 -12.27
C GLN I 3 56.78 -5.25 -12.81
N LEU I 4 57.60 -4.31 -12.33
CA LEU I 4 57.51 -2.90 -12.66
C LEU I 4 58.89 -2.35 -13.01
N VAL I 5 59.60 -3.05 -13.90
CA VAL I 5 60.98 -2.70 -14.23
C VAL I 5 61.03 -1.39 -15.00
N GLN I 6 62.10 -0.63 -14.78
CA GLN I 6 62.28 0.66 -15.44
C GLN I 6 63.76 0.85 -15.73
N SER I 7 64.07 1.86 -16.54
CA SER I 7 65.44 2.20 -16.86
C SER I 7 66.08 2.99 -15.72
N GLY I 8 67.40 3.12 -15.79
CA GLY I 8 68.14 3.83 -14.76
C GLY I 8 68.95 4.99 -15.28
N ALA I 9 68.81 6.15 -14.66
CA ALA I 9 69.55 7.34 -15.05
C ALA I 9 70.64 7.65 -14.04
N GLU I 10 71.82 8.00 -14.53
CA GLU I 10 72.97 8.27 -13.70
C GLU I 10 72.94 9.72 -13.21
N VAL I 11 74.03 10.16 -12.58
CA VAL I 11 74.11 11.53 -12.08
C VAL I 11 74.31 12.50 -13.25
N LYS I 12 73.77 13.71 -13.10
CA LYS I 12 73.85 14.71 -14.14
C LYS I 12 73.83 16.10 -13.52
N LYS I 13 74.25 17.08 -14.30
CA LYS I 13 74.23 18.46 -13.85
C LYS I 13 72.79 18.95 -13.72
N PRO I 14 72.48 19.75 -12.69
CA PRO I 14 71.14 20.33 -12.58
C PRO I 14 70.85 21.31 -13.71
N GLY I 15 69.58 21.37 -14.09
CA GLY I 15 69.16 22.19 -15.21
C GLY I 15 68.88 21.36 -16.45
N ALA I 16 68.38 20.15 -16.25
CA ALA I 16 68.08 19.22 -17.34
C ALA I 16 66.78 18.50 -17.00
N SER I 17 66.49 17.43 -17.74
CA SER I 17 65.29 16.64 -17.53
C SER I 17 65.65 15.16 -17.58
N VAL I 18 65.32 14.43 -16.52
CA VAL I 18 65.55 12.99 -16.47
C VAL I 18 64.42 12.28 -17.20
N LYS I 19 64.61 11.00 -17.50
CA LYS I 19 63.60 10.23 -18.23
C LYS I 19 63.71 8.77 -17.83
N VAL I 20 62.68 8.27 -17.14
CA VAL I 20 62.55 6.86 -16.82
C VAL I 20 61.14 6.42 -17.19
N SER I 21 60.96 5.10 -17.32
CA SER I 21 59.69 4.54 -17.77
C SER I 21 59.40 3.26 -17.00
N CYS I 22 58.54 3.36 -15.98
CA CYS I 22 58.09 2.18 -15.24
C CYS I 22 57.16 1.37 -16.12
N LYS I 23 57.67 0.28 -16.69
CA LYS I 23 56.91 -0.53 -17.63
C LYS I 23 55.86 -1.34 -16.91
N ALA I 24 54.62 -1.31 -17.43
CA ALA I 24 53.51 -2.07 -16.88
C ALA I 24 53.49 -3.43 -17.56
N SER I 25 54.14 -4.41 -16.94
CA SER I 25 54.24 -5.75 -17.48
C SER I 25 53.76 -6.76 -16.44
N GLY I 26 53.26 -7.90 -16.92
CA GLY I 26 52.70 -8.92 -16.06
C GLY I 26 51.24 -8.75 -15.73
N TYR I 27 50.62 -7.66 -16.17
CA TYR I 27 49.21 -7.41 -15.92
C TYR I 27 48.64 -6.59 -17.07
N ILE I 28 47.32 -6.63 -17.22
CA ILE I 28 46.65 -5.78 -18.20
C ILE I 28 46.57 -4.36 -17.64
N PHE I 29 46.88 -3.38 -18.50
CA PHE I 29 46.96 -1.99 -18.05
C PHE I 29 45.69 -1.24 -18.47
N SER I 30 44.58 -1.66 -17.84
CA SER I 30 43.31 -0.98 -18.03
C SER I 30 42.51 -0.84 -16.74
N ASP I 31 43.05 -1.28 -15.60
CA ASP I 31 42.33 -1.26 -14.34
C ASP I 31 43.16 -0.84 -13.13
N TYR I 32 44.35 -0.29 -13.34
CA TYR I 32 45.23 0.10 -12.24
C TYR I 32 45.72 1.52 -12.42
N ASN I 33 46.34 2.04 -11.35
CA ASN I 33 46.91 3.38 -11.34
C ASN I 33 48.32 3.31 -10.78
N ILE I 34 49.17 4.22 -11.26
CA ILE I 34 50.57 4.29 -10.87
C ILE I 34 50.78 5.56 -10.05
N HIS I 35 51.20 5.40 -8.80
CA HIS I 35 51.47 6.52 -7.91
C HIS I 35 52.98 6.72 -7.77
N TRP I 36 53.41 7.97 -7.81
CA TRP I 36 54.83 8.31 -7.83
C TRP I 36 55.21 9.03 -6.53
N VAL I 37 56.27 8.55 -5.89
CA VAL I 37 56.77 9.09 -4.63
C VAL I 37 58.27 8.86 -4.58
N ARG I 38 59.01 9.85 -4.07
CA ARG I 38 60.45 9.74 -3.93
C ARG I 38 60.80 9.48 -2.46
N GLN I 39 61.87 8.74 -2.23
CA GLN I 39 62.32 8.37 -0.89
C GLN I 39 63.67 9.04 -0.63
N ALA I 40 63.62 10.18 0.04
CA ALA I 40 64.85 10.86 0.43
C ALA I 40 65.52 10.10 1.57
N PRO I 41 66.85 10.05 1.61
CA PRO I 41 67.55 9.33 2.69
C PRO I 41 67.42 10.08 4.01
N GLY I 42 66.93 9.38 5.03
CA GLY I 42 66.76 9.96 6.34
C GLY I 42 65.37 10.52 6.61
N GLN I 43 64.96 11.52 5.85
CA GLN I 43 63.68 12.19 6.09
C GLN I 43 62.56 11.43 5.38
N GLY I 44 61.38 12.05 5.31
CA GLY I 44 60.17 11.38 4.91
C GLY I 44 60.02 11.24 3.40
N LEU I 45 58.79 10.91 3.00
CA LEU I 45 58.45 10.61 1.62
C LEU I 45 57.73 11.80 1.00
N GLU I 46 58.02 12.07 -0.27
CA GLU I 46 57.39 13.17 -1.00
C GLU I 46 56.60 12.59 -2.17
N TRP I 47 55.27 12.69 -2.10
CA TRP I 47 54.37 12.08 -3.07
C TRP I 47 54.02 13.08 -4.16
N MET I 48 54.08 12.63 -5.42
CA MET I 48 53.85 13.51 -6.56
C MET I 48 52.40 13.46 -7.05
N GLY I 49 51.93 12.29 -7.44
CA GLY I 49 50.59 12.17 -7.97
C GLY I 49 50.37 10.80 -8.59
N TRP I 50 49.26 10.70 -9.32
CA TRP I 50 48.85 9.46 -9.96
C TRP I 50 48.40 9.75 -11.38
N ILE I 51 48.47 8.72 -12.23
CA ILE I 51 48.08 8.83 -13.63
C ILE I 51 46.87 7.96 -13.90
N SER I 52 46.33 8.02 -15.11
CA SER I 52 45.19 7.21 -15.52
C SER I 52 45.50 6.53 -16.84
N PRO I 53 45.10 5.24 -16.95
CA PRO I 53 45.43 4.61 -18.20
C PRO I 53 44.48 5.10 -19.25
N ASP I 54 43.21 5.10 -18.95
CA ASP I 54 42.27 5.47 -19.98
C ASP I 54 42.54 6.89 -20.40
N SER I 55 43.04 7.71 -19.48
CA SER I 55 43.21 9.12 -19.82
C SER I 55 44.33 9.82 -19.07
N ASP I 56 44.73 10.99 -19.55
CA ASP I 56 45.75 11.75 -18.86
C ASP I 56 45.17 12.37 -17.59
N ASP I 57 43.97 11.95 -17.23
CA ASP I 57 43.34 12.50 -16.03
C ASP I 57 44.30 12.30 -14.87
N THR I 58 45.14 13.31 -14.62
CA THR I 58 46.17 13.24 -13.60
C THR I 58 45.95 14.34 -12.56
N ASN I 59 46.30 14.03 -11.31
CA ASN I 59 46.23 14.97 -10.20
C ASN I 59 47.65 15.26 -9.72
N TYR I 60 47.98 16.54 -9.58
CA TYR I 60 49.30 16.97 -9.18
C TYR I 60 49.28 17.43 -7.72
N ALA I 61 50.46 17.40 -7.10
CA ALA I 61 50.60 17.82 -5.72
C ALA I 61 50.55 19.34 -5.61
N GLN I 62 50.35 19.82 -4.39
CA GLN I 62 50.27 21.25 -4.11
C GLN I 62 51.63 21.90 -3.94
N SER I 63 52.72 21.12 -3.98
CA SER I 63 54.07 21.65 -3.89
C SER I 63 54.73 21.82 -5.25
N PHE I 64 54.58 20.84 -6.14
CA PHE I 64 55.16 20.88 -7.48
C PHE I 64 54.04 20.88 -8.50
N GLN I 65 54.04 21.88 -9.39
CA GLN I 65 52.99 21.99 -10.41
C GLN I 65 53.55 21.82 -11.81
N GLY I 66 54.51 22.63 -12.22
CA GLY I 66 55.02 22.57 -13.58
C GLY I 66 56.41 21.98 -13.69
N ARG I 67 57.06 21.75 -12.55
CA ARG I 67 58.40 21.18 -12.57
C ARG I 67 58.39 19.68 -12.84
N VAL I 68 57.24 19.03 -12.71
CA VAL I 68 57.08 17.61 -13.01
C VAL I 68 55.83 17.43 -13.87
N THR I 69 55.95 16.60 -14.91
CA THR I 69 54.85 16.36 -15.83
C THR I 69 54.81 14.88 -16.18
N MET I 70 53.61 14.29 -16.18
CA MET I 70 53.42 12.88 -16.49
C MET I 70 52.60 12.75 -17.77
N THR I 71 53.07 11.91 -18.69
CA THR I 71 52.32 11.56 -19.90
C THR I 71 52.43 10.05 -20.11
N ARG I 72 51.45 9.51 -20.84
CA ARG I 72 51.32 8.07 -21.01
C ARG I 72 51.31 7.70 -22.48
N ASP I 73 51.26 6.40 -22.73
CA ASP I 73 51.13 5.85 -24.08
C ASP I 73 50.43 4.50 -24.01
N THR I 74 49.89 4.07 -25.15
CA THR I 74 49.04 2.88 -25.21
C THR I 74 49.74 1.68 -25.83
N SER I 75 50.39 1.86 -26.98
CA SER I 75 50.99 0.72 -27.68
C SER I 75 52.20 0.17 -26.93
N ILE I 76 53.10 1.06 -26.50
CA ILE I 76 54.29 0.62 -25.76
C ILE I 76 53.92 0.28 -24.33
N THR I 77 52.85 0.89 -23.80
CA THR I 77 52.33 0.67 -22.45
C THR I 77 53.41 0.96 -21.40
N THR I 78 53.78 2.24 -21.35
CA THR I 78 54.75 2.76 -20.41
C THR I 78 54.24 4.10 -19.89
N VAL I 79 55.09 4.80 -19.15
CA VAL I 79 54.80 6.16 -18.68
C VAL I 79 56.05 7.00 -18.85
N TYR I 80 55.88 8.23 -19.33
CA TYR I 80 56.99 9.13 -19.62
C TYR I 80 56.88 10.36 -18.72
N MET I 81 58.01 10.74 -18.11
CA MET I 81 58.08 11.88 -17.23
C MET I 81 59.09 12.89 -17.75
N GLU I 82 58.82 14.16 -17.48
CA GLU I 82 59.75 15.25 -17.78
C GLU I 82 59.90 16.09 -16.52
N LEU I 83 61.12 16.11 -15.98
CA LEU I 83 61.42 16.82 -14.73
C LEU I 83 62.28 18.03 -15.06
N SER I 84 61.62 19.13 -15.40
CA SER I 84 62.32 20.35 -15.76
C SER I 84 62.81 21.08 -14.51
N SER I 85 63.95 21.77 -14.66
CA SER I 85 64.56 22.61 -13.63
C SER I 85 64.87 21.81 -12.36
N LEU I 86 65.76 20.83 -12.51
CA LEU I 86 66.19 20.02 -11.38
C LEU I 86 67.05 20.84 -10.42
N ARG I 87 66.89 20.58 -9.14
CA ARG I 87 67.64 21.27 -8.09
C ARG I 87 68.47 20.24 -7.30
N SER I 88 69.51 20.75 -6.64
CA SER I 88 70.39 19.90 -5.85
C SER I 88 69.97 19.82 -4.39
N ASP I 89 68.70 19.51 -4.13
CA ASP I 89 68.22 19.32 -2.78
C ASP I 89 67.22 18.18 -2.62
N ASP I 90 66.94 17.42 -3.69
CA ASP I 90 65.98 16.33 -3.64
C ASP I 90 66.58 15.07 -4.26
N THR I 91 67.80 14.73 -3.83
CA THR I 91 68.47 13.53 -4.31
C THR I 91 67.81 12.29 -3.72
N ALA I 92 66.86 11.71 -4.45
CA ALA I 92 66.07 10.59 -3.96
C ALA I 92 65.79 9.61 -5.08
N VAL I 93 65.46 8.39 -4.70
CA VAL I 93 65.12 7.33 -5.64
C VAL I 93 63.61 7.32 -5.84
N TYR I 94 63.18 7.11 -7.08
CA TYR I 94 61.76 7.20 -7.45
C TYR I 94 61.16 5.80 -7.53
N PHE I 95 59.98 5.64 -6.95
CA PHE I 95 59.26 4.37 -6.93
C PHE I 95 57.95 4.48 -7.68
N CYS I 96 57.62 3.45 -8.46
CA CYS I 96 56.30 3.29 -9.05
C CYS I 96 55.59 2.14 -8.35
N ALA I 97 54.34 2.38 -7.96
CA ALA I 97 53.58 1.41 -7.18
C ALA I 97 52.29 1.07 -7.91
N ARG I 98 51.95 -0.22 -7.95
CA ARG I 98 50.74 -0.68 -8.61
C ARG I 98 49.64 -0.69 -7.55
N SER I 99 48.76 0.31 -7.61
CA SER I 99 47.68 0.44 -6.64
C SER I 99 46.37 0.01 -7.27
N VAL I 100 45.56 -0.71 -6.50
CA VAL I 100 44.22 -1.09 -6.95
C VAL I 100 43.32 0.13 -6.96
N GLY I 101 42.18 0.01 -7.64
CA GLY I 101 41.19 1.05 -7.63
C GLY I 101 41.43 2.17 -8.63
N TYR I 102 40.38 2.57 -9.34
CA TYR I 102 40.44 3.66 -10.29
C TYR I 102 39.47 4.74 -9.88
N CYS I 103 39.97 5.97 -9.73
CA CYS I 103 39.14 7.12 -9.39
C CYS I 103 39.65 8.31 -10.18
N SER I 104 38.76 9.29 -10.40
CA SER I 104 39.12 10.49 -11.14
C SER I 104 38.84 11.73 -10.30
N LEU I 105 37.94 11.60 -9.32
CA LEU I 105 37.62 12.70 -8.43
C LEU I 105 38.71 12.85 -7.37
N ASN I 106 38.70 13.99 -6.69
CA ASN I 106 39.64 14.29 -5.63
C ASN I 106 39.16 13.82 -4.27
N SER I 107 37.96 13.25 -4.18
CA SER I 107 37.43 12.75 -2.93
C SER I 107 37.33 11.23 -2.94
N CYS I 108 38.27 10.58 -3.62
CA CYS I 108 38.28 9.13 -3.71
C CYS I 108 39.22 8.45 -2.73
N GLN I 109 40.27 9.14 -2.28
CA GLN I 109 41.39 8.50 -1.58
C GLN I 109 41.00 8.06 -0.17
N ARG I 110 40.19 7.01 -0.08
CA ARG I 110 39.79 6.46 1.21
C ARG I 110 39.84 4.94 1.27
N TRP I 111 39.90 4.24 0.13
CA TRP I 111 39.76 2.79 0.15
C TRP I 111 40.78 2.04 -0.71
N MET I 112 41.71 2.74 -1.35
CA MET I 112 42.73 2.06 -2.14
C MET I 112 44.10 2.18 -1.47
N TRP I 113 44.99 1.26 -1.83
CA TRP I 113 46.33 1.17 -1.28
C TRP I 113 47.28 0.63 -2.33
N PHE I 114 48.58 0.81 -2.07
CA PHE I 114 49.61 0.34 -2.98
C PHE I 114 50.00 -1.09 -2.64
N ASP I 115 49.81 -2.01 -3.59
CA ASP I 115 50.12 -3.42 -3.35
C ASP I 115 51.60 -3.71 -3.56
N THR I 116 52.09 -3.54 -4.77
CA THR I 116 53.44 -3.94 -5.15
C THR I 116 54.26 -2.72 -5.54
N TRP I 117 55.47 -2.63 -4.97
CA TRP I 117 56.40 -1.55 -5.25
C TRP I 117 57.56 -2.10 -6.06
N GLY I 118 57.73 -1.57 -7.27
CA GLY I 118 58.86 -1.97 -8.09
C GLY I 118 60.17 -1.41 -7.55
N GLN I 119 61.27 -2.01 -8.01
CA GLN I 119 62.58 -1.53 -7.58
C GLN I 119 62.86 -0.16 -8.20
N GLY I 120 63.47 0.71 -7.40
CA GLY I 120 63.63 2.09 -7.81
C GLY I 120 64.80 2.30 -8.76
N ALA I 121 64.81 3.48 -9.37
CA ALA I 121 65.89 3.92 -10.24
C ALA I 121 66.66 5.00 -9.50
N LEU I 122 67.88 4.74 -9.07
CA LEU I 122 68.57 5.76 -8.29
C LEU I 122 68.77 6.99 -9.12
N VAL I 123 68.08 8.07 -8.78
CA VAL I 123 68.28 9.31 -9.49
C VAL I 123 68.70 10.39 -8.52
N THR I 124 69.66 11.21 -8.91
CA THR I 124 70.16 12.21 -7.98
C THR I 124 70.64 13.46 -8.70
N VAL I 125 70.58 14.59 -8.01
CA VAL I 125 70.99 15.84 -8.63
C VAL I 125 72.32 16.34 -8.11
N SER I 126 73.33 16.32 -8.98
CA SER I 126 74.48 17.23 -8.86
C SER I 126 75.38 17.20 -10.08
N SER I 127 76.15 18.26 -10.28
CA SER I 127 77.07 18.33 -11.40
C SER I 127 78.16 17.26 -11.24
N ALA I 128 78.84 16.92 -12.33
CA ALA I 128 79.88 15.89 -12.27
C ALA I 128 80.87 15.96 -13.43
N SER I 129 82.05 15.36 -13.26
CA SER I 129 83.03 15.30 -14.36
C SER I 129 82.57 14.26 -15.36
N THR I 130 83.25 14.14 -16.50
CA THR I 130 82.72 13.19 -17.48
C THR I 130 83.77 12.13 -17.83
N LYS I 131 85.04 12.46 -17.62
CA LYS I 131 86.13 11.59 -18.06
C LYS I 131 86.24 10.35 -17.16
N GLY I 132 87.17 9.46 -17.52
CA GLY I 132 87.31 8.20 -16.84
C GLY I 132 88.06 8.32 -15.53
N PRO I 133 88.29 7.17 -14.90
CA PRO I 133 88.93 7.15 -13.58
C PRO I 133 90.45 7.26 -13.69
N SER I 134 91.11 7.20 -12.54
CA SER I 134 92.56 7.30 -12.46
C SER I 134 93.03 6.54 -11.23
N VAL I 135 93.83 5.49 -11.44
CA VAL I 135 94.30 4.65 -10.35
C VAL I 135 95.72 5.08 -9.99
N PHE I 136 95.92 5.43 -8.72
CA PHE I 136 97.23 5.82 -8.19
C PHE I 136 97.67 4.81 -7.14
N PRO I 137 98.94 4.40 -7.14
CA PRO I 137 99.40 3.44 -6.12
C PRO I 137 99.53 4.08 -4.76
N LEU I 138 99.47 3.24 -3.73
CA LEU I 138 99.62 3.66 -2.34
C LEU I 138 100.80 2.89 -1.73
N ALA I 139 101.73 3.63 -1.14
CA ALA I 139 102.90 3.02 -0.53
C ALA I 139 102.51 2.33 0.78
N PRO I 140 103.10 1.17 1.07
CA PRO I 140 102.79 0.47 2.32
C PRO I 140 103.45 1.13 3.52
N SER I 141 102.93 0.79 4.69
CA SER I 141 103.46 1.33 5.94
C SER I 141 104.33 0.30 6.67
N THR I 149 102.22 -6.69 9.76
CA THR I 149 102.82 -6.71 8.44
C THR I 149 102.65 -5.37 7.73
N ALA I 150 102.70 -5.38 6.40
CA ALA I 150 102.57 -4.19 5.59
C ALA I 150 101.44 -4.36 4.59
N ALA I 151 100.63 -3.31 4.43
CA ALA I 151 99.49 -3.33 3.53
C ALA I 151 99.55 -2.12 2.61
N LEU I 152 99.23 -2.34 1.33
CA LEU I 152 99.22 -1.28 0.33
C LEU I 152 97.82 -1.12 -0.23
N GLY I 153 97.43 0.13 -0.50
CA GLY I 153 96.11 0.44 -0.98
C GLY I 153 96.08 0.74 -2.48
N CYS I 154 94.88 1.08 -2.94
CA CYS I 154 94.65 1.40 -4.35
C CYS I 154 93.74 2.63 -4.39
N LEU I 155 94.32 3.79 -4.68
CA LEU I 155 93.60 5.06 -4.67
C LEU I 155 93.03 5.35 -6.05
N VAL I 156 91.73 5.61 -6.09
CA VAL I 156 91.02 5.98 -7.31
C VAL I 156 90.44 7.37 -7.12
N LYS I 157 90.72 8.28 -8.06
CA LYS I 157 90.29 9.66 -7.96
C LYS I 157 89.60 10.08 -9.25
N ASP I 158 88.53 10.87 -9.11
CA ASP I 158 87.80 11.51 -10.21
C ASP I 158 87.26 10.48 -11.21
N TYR I 159 86.33 9.66 -10.71
CA TYR I 159 85.63 8.67 -11.53
C TYR I 159 84.18 9.08 -11.70
N PHE I 160 83.71 9.07 -12.96
CA PHE I 160 82.34 9.45 -13.30
C PHE I 160 81.98 8.82 -14.63
N PRO I 161 80.75 8.28 -14.78
CA PRO I 161 79.70 8.18 -13.75
C PRO I 161 79.90 7.01 -12.79
N GLU I 162 79.34 7.16 -11.59
CA GLU I 162 79.35 6.08 -10.61
C GLU I 162 78.42 4.96 -11.05
N PRO I 163 78.71 3.70 -10.68
CA PRO I 163 79.90 3.20 -9.99
C PRO I 163 81.00 2.73 -10.93
N VAL I 164 82.06 2.16 -10.37
CA VAL I 164 83.15 1.57 -11.14
C VAL I 164 83.41 0.18 -10.60
N THR I 165 84.07 -0.64 -11.41
CA THR I 165 84.43 -2.01 -11.05
C THR I 165 85.93 -2.09 -10.82
N VAL I 166 86.33 -2.60 -9.66
CA VAL I 166 87.73 -2.70 -9.27
C VAL I 166 88.15 -4.16 -9.30
N SER I 167 89.21 -4.45 -10.04
CA SER I 167 89.77 -5.80 -10.14
C SER I 167 91.25 -5.75 -9.82
N TRP I 168 91.67 -6.57 -8.85
CA TRP I 168 93.08 -6.61 -8.46
C TRP I 168 93.82 -7.58 -9.37
N ASN I 169 94.64 -7.02 -10.28
CA ASN I 169 95.40 -7.77 -11.28
C ASN I 169 94.50 -8.66 -12.13
N SER I 170 93.32 -8.11 -12.48
CA SER I 170 92.29 -8.82 -13.26
C SER I 170 91.86 -10.12 -12.61
N GLY I 171 91.81 -10.13 -11.27
CA GLY I 171 91.39 -11.29 -10.52
C GLY I 171 92.43 -12.38 -10.38
N ALA I 172 93.66 -12.16 -10.85
CA ALA I 172 94.68 -13.20 -10.76
C ALA I 172 95.25 -13.35 -9.36
N LEU I 173 95.38 -12.25 -8.61
CA LEU I 173 95.97 -12.30 -7.28
C LEU I 173 95.26 -11.25 -6.42
N THR I 174 94.28 -11.68 -5.64
CA THR I 174 93.58 -10.80 -4.71
C THR I 174 93.35 -11.53 -3.39
N SER I 175 93.38 -10.77 -2.31
CA SER I 175 93.22 -11.34 -0.97
C SER I 175 92.91 -10.21 0.01
N GLY I 176 91.80 -10.35 0.75
CA GLY I 176 91.48 -9.44 1.83
C GLY I 176 91.20 -8.01 1.42
N VAL I 177 90.38 -7.81 0.38
CA VAL I 177 90.05 -6.47 -0.07
C VAL I 177 89.15 -5.77 0.94
N HIS I 178 89.18 -4.44 0.90
CA HIS I 178 88.40 -3.61 1.80
C HIS I 178 87.58 -2.62 0.99
N THR I 179 86.38 -2.31 1.49
CA THR I 179 85.48 -1.36 0.84
C THR I 179 85.44 -0.08 1.65
N PHE I 180 85.56 1.05 0.96
CA PHE I 180 85.58 2.36 1.59
C PHE I 180 84.54 3.26 0.94
N PRO I 181 83.94 4.20 1.69
CA PRO I 181 82.96 5.10 1.10
C PRO I 181 83.59 6.21 0.28
N ALA I 182 82.77 7.10 -0.25
CA ALA I 182 83.24 8.22 -1.07
C ALA I 182 83.23 9.50 -0.23
N VAL I 183 84.34 10.22 -0.28
CA VAL I 183 84.49 11.45 0.48
C VAL I 183 83.68 12.56 -0.18
N LEU I 184 83.31 13.57 0.61
CA LEU I 184 82.49 14.68 0.13
C LEU I 184 83.26 15.99 0.19
N GLN I 185 83.24 16.73 -0.91
CA GLN I 185 83.80 18.07 -0.98
C GLN I 185 82.99 18.91 -1.95
N SER I 186 83.33 20.19 -2.02
CA SER I 186 82.60 21.14 -2.86
C SER I 186 83.05 21.14 -4.31
N SER I 187 84.12 20.41 -4.64
CA SER I 187 84.63 20.39 -6.00
C SER I 187 83.77 19.55 -6.94
N GLY I 188 82.91 18.69 -6.42
CA GLY I 188 82.05 17.85 -7.23
C GLY I 188 82.64 16.51 -7.62
N LEU I 189 83.91 16.26 -7.31
CA LEU I 189 84.55 14.99 -7.62
C LEU I 189 84.41 14.03 -6.45
N TYR I 190 84.55 12.74 -6.75
CA TYR I 190 84.52 11.70 -5.73
C TYR I 190 85.75 10.81 -5.87
N SER I 191 86.10 10.15 -4.77
CA SER I 191 87.28 9.31 -4.72
C SER I 191 86.93 7.97 -4.09
N LEU I 192 87.69 6.93 -4.44
CA LEU I 192 87.50 5.60 -3.91
C LEU I 192 88.85 5.03 -3.48
N SER I 193 88.82 4.13 -2.51
CA SER I 193 90.02 3.51 -1.99
C SER I 193 89.76 2.03 -1.74
N SER I 194 90.83 1.25 -1.77
CA SER I 194 90.75 -0.19 -1.53
C SER I 194 92.13 -0.68 -1.12
N VAL I 195 92.24 -1.22 0.09
CA VAL I 195 93.50 -1.73 0.63
C VAL I 195 93.34 -3.22 0.88
N VAL I 196 94.38 -3.99 0.58
CA VAL I 196 94.37 -5.43 0.78
C VAL I 196 95.14 -5.77 2.06
N THR I 197 94.64 -6.74 2.81
CA THR I 197 95.29 -7.19 4.05
C THR I 197 96.22 -8.34 3.70
N VAL I 198 97.37 -8.00 3.12
CA VAL I 198 98.34 -8.98 2.67
C VAL I 198 99.45 -9.10 3.72
N PRO I 199 100.06 -10.28 3.88
CA PRO I 199 101.15 -10.42 4.86
C PRO I 199 102.46 -9.84 4.36
N SER I 200 103.52 -10.01 5.15
CA SER I 200 104.84 -9.48 4.80
C SER I 200 105.62 -10.39 3.88
N SER I 201 105.06 -11.54 3.50
CA SER I 201 105.76 -12.46 2.59
C SER I 201 105.87 -11.88 1.18
N SER I 202 104.87 -11.12 0.74
CA SER I 202 104.87 -10.50 -0.58
C SER I 202 104.79 -8.98 -0.40
N LEU I 203 105.95 -8.35 -0.24
CA LEU I 203 106.03 -6.90 -0.08
C LEU I 203 106.82 -6.25 -1.21
N GLY I 204 108.02 -6.76 -1.51
CA GLY I 204 108.82 -6.22 -2.58
C GLY I 204 109.21 -7.26 -3.61
N THR I 205 109.14 -8.53 -3.22
CA THR I 205 109.45 -9.62 -4.15
C THR I 205 108.36 -9.78 -5.20
N GLN I 206 107.09 -9.71 -4.78
CA GLN I 206 105.95 -9.82 -5.68
C GLN I 206 105.16 -8.52 -5.64
N THR I 207 105.00 -7.89 -6.80
CA THR I 207 104.26 -6.65 -6.88
C THR I 207 102.76 -6.92 -6.94
N TYR I 208 101.97 -5.92 -6.54
CA TYR I 208 100.53 -6.00 -6.54
C TYR I 208 99.97 -5.01 -7.56
N ILE I 209 99.01 -5.46 -8.35
CA ILE I 209 98.45 -4.69 -9.45
C ILE I 209 96.97 -4.47 -9.19
N CYS I 210 96.54 -3.21 -9.23
CA CYS I 210 95.15 -2.84 -9.05
C CYS I 210 94.64 -2.18 -10.33
N ASN I 211 93.51 -2.66 -10.83
CA ASN I 211 92.92 -2.15 -12.07
C ASN I 211 91.46 -1.79 -11.82
N VAL I 212 91.01 -0.73 -12.49
CA VAL I 212 89.61 -0.30 -12.43
C VAL I 212 89.10 -0.23 -13.87
N ASN I 213 87.99 -0.92 -14.13
CA ASN I 213 87.38 -0.95 -15.45
C ASN I 213 86.14 -0.07 -15.43
N HIS I 214 86.03 0.82 -16.40
CA HIS I 214 84.92 1.75 -16.52
C HIS I 214 84.20 1.51 -17.83
N LYS I 215 82.88 1.34 -17.76
CA LYS I 215 82.08 1.02 -18.94
C LYS I 215 81.70 2.23 -19.81
N PRO I 216 81.28 3.39 -19.26
CA PRO I 216 81.03 4.54 -20.16
C PRO I 216 82.27 5.04 -20.89
N SER I 217 83.46 4.97 -20.29
CA SER I 217 84.67 5.42 -20.95
C SER I 217 85.35 4.33 -21.77
N ASN I 218 85.11 3.05 -21.44
CA ASN I 218 85.67 1.90 -22.14
C ASN I 218 87.19 1.94 -22.18
N THR I 219 87.79 2.26 -21.03
CA THR I 219 89.25 2.32 -20.92
C THR I 219 89.65 1.92 -19.51
N LYS I 220 90.92 1.55 -19.37
CA LYS I 220 91.46 1.10 -18.09
C LYS I 220 92.82 1.77 -17.86
N VAL I 221 93.18 1.90 -16.58
CA VAL I 221 94.47 2.45 -16.18
C VAL I 221 95.11 1.49 -15.19
N ASP I 222 96.43 1.59 -15.08
CA ASP I 222 97.22 0.70 -14.24
C ASP I 222 98.15 1.51 -13.36
N LYS I 223 98.45 0.96 -12.19
CA LYS I 223 99.35 1.58 -11.23
C LYS I 223 100.70 0.88 -11.22
N LYS I 224 101.65 1.51 -10.51
CA LYS I 224 103.00 0.95 -10.36
C LYS I 224 103.49 1.33 -8.97
N VAL I 225 103.34 0.40 -8.02
CA VAL I 225 103.73 0.65 -6.63
C VAL I 225 105.24 0.57 -6.52
N GLU I 226 105.82 1.50 -5.75
CA GLU I 226 107.26 1.54 -5.49
C GLU I 226 107.46 1.69 -3.98
N PRO I 227 107.49 0.58 -3.24
CA PRO I 227 107.72 0.67 -1.80
C PRO I 227 109.15 1.09 -1.48
N LYS I 228 109.31 1.79 -0.37
CA LYS I 228 110.61 2.27 0.07
C LYS I 228 110.73 2.06 1.58
N SER I 229 111.97 1.92 2.05
CA SER I 229 112.24 1.71 3.46
C SER I 229 113.64 2.20 3.82
C1 NAG J . -78.19 18.11 28.19
C2 NAG J . -79.12 18.03 29.41
C3 NAG J . -78.41 18.54 30.66
C4 NAG J . -77.09 17.81 30.86
C5 NAG J . -76.23 17.92 29.59
C6 NAG J . -74.95 17.13 29.67
C7 NAG J . -81.51 18.18 28.84
C8 NAG J . -82.67 19.10 28.65
N2 NAG J . -80.35 18.76 29.17
O3 NAG J . -79.25 18.36 31.78
O4 NAG J . -76.38 18.37 31.97
O5 NAG J . -76.96 17.40 28.48
O6 NAG J . -75.12 15.80 29.20
O7 NAG J . -81.60 16.96 28.71
C1 NAG J . -76.35 17.42 33.05
C2 NAG J . -75.32 17.88 34.09
C3 NAG J . -75.29 16.92 35.27
C4 NAG J . -76.69 16.74 35.84
C5 NAG J . -77.67 16.33 34.75
C6 NAG J . -79.10 16.26 35.22
C7 NAG J . -73.25 19.10 33.55
C8 NAG J . -71.91 19.04 32.88
N2 NAG J . -73.99 17.99 33.48
O3 NAG J . -74.41 17.43 36.26
O4 NAG J . -76.67 15.75 36.86
O5 NAG J . -77.64 17.28 33.68
O6 NAG J . -79.81 17.46 34.93
O7 NAG J . -73.65 20.11 34.14
C1 NAG K . -61.35 28.13 37.32
C2 NAG K . -61.74 28.68 38.69
C3 NAG K . -60.58 28.55 39.67
C4 NAG K . -60.07 27.12 39.72
C5 NAG K . -59.74 26.62 38.31
C6 NAG K . -59.34 25.17 38.26
C7 NAG K . -63.46 30.43 38.57
C8 NAG K . -63.72 31.90 38.46
N2 NAG K . -62.18 30.06 38.60
O3 NAG K . -61.00 28.96 40.97
O4 NAG K . -58.89 27.04 40.52
O5 NAG K . -60.89 26.77 37.46
O6 NAG K . -60.29 24.39 37.53
O7 NAG K . -64.37 29.61 38.63
C1 NAG K . -59.18 26.33 41.75
C2 NAG K . -57.89 25.72 42.28
C3 NAG K . -58.14 25.01 43.61
C4 NAG K . -58.81 25.95 44.59
C5 NAG K . -60.07 26.56 43.98
C6 NAG K . -60.72 27.59 44.85
C7 NAG K . -56.28 25.14 40.50
C8 NAG K . -55.81 24.06 39.57
N2 NAG K . -57.30 24.81 41.32
O3 NAG K . -56.90 24.55 44.15
O4 NAG K . -59.16 25.25 45.78
O5 NAG K . -59.74 27.21 42.74
O6 NAG K . -59.77 28.48 45.41
O7 NAG K . -55.77 26.25 40.54
C1 NAG L . -96.64 16.54 20.37
C2 NAG L . -97.66 15.95 21.34
C3 NAG L . -98.55 17.06 21.91
C4 NAG L . -97.69 18.17 22.52
C5 NAG L . -96.66 18.67 21.50
C6 NAG L . -95.69 19.67 22.08
C7 NAG L . -98.32 13.62 20.93
C8 NAG L . -99.24 12.70 20.18
N2 NAG L . -98.47 14.93 20.71
O3 NAG L . -99.41 16.51 22.89
O4 NAG L . -98.52 19.26 22.90
O5 NAG L . -95.87 17.55 21.03
O6 NAG L . -95.27 19.31 23.39
O7 NAG L . -97.46 13.19 21.70
C1 NAG L . -98.57 19.35 24.35
C2 NAG L . -98.97 20.77 24.74
C3 NAG L . -99.10 20.89 26.25
C4 NAG L . -100.05 19.82 26.80
C5 NAG L . -99.62 18.44 26.33
C6 NAG L . -100.59 17.35 26.73
C7 NAG L . -98.21 22.46 23.12
C8 NAG L . -97.12 23.40 22.75
N2 NAG L . -98.01 21.74 24.23
O3 NAG L . -99.57 22.18 26.60
O4 NAG L . -100.05 19.85 28.22
O5 NAG L . -99.53 18.41 24.90
O6 NAG L . -101.91 17.85 26.85
O7 NAG L . -99.24 22.35 22.45
C1 NAG M . 25.04 47.56 -23.75
C2 NAG M . 24.31 46.20 -23.89
C3 NAG M . 25.18 45.18 -24.64
C4 NAG M . 25.79 45.77 -25.91
C5 NAG M . 26.36 47.17 -25.68
C6 NAG M . 26.76 47.87 -26.97
C7 NAG M . 24.20 45.26 -21.49
C8 NAG M . 25.70 45.32 -21.26
N2 NAG M . 23.69 45.67 -22.68
O3 NAG M . 24.40 44.04 -24.95
O4 NAG M . 26.86 44.94 -26.33
O5 NAG M . 25.42 48.03 -25.03
O6 NAG M . 25.76 48.78 -27.39
O7 NAG M . 23.45 44.84 -20.61
C1 NAG M . 26.57 44.19 -27.53
C2 NAG M . 27.89 43.93 -28.24
C3 NAG M . 27.65 43.09 -29.49
C4 NAG M . 26.90 41.82 -29.15
C5 NAG M . 25.62 42.15 -28.39
C6 NAG M . 24.88 40.93 -27.90
C7 NAG M . 29.54 45.71 -27.85
C8 NAG M . 30.12 47.00 -28.34
N2 NAG M . 28.55 45.18 -28.58
O3 NAG M . 28.91 42.77 -30.09
O4 NAG M . 26.59 41.10 -30.34
O5 NAG M . 25.92 42.94 -27.24
O6 NAG M . 25.72 40.09 -27.13
O7 NAG M . 29.95 45.17 -26.82
C1 NAG N . -63.65 56.59 3.40
C2 NAG N . -64.56 57.75 3.01
C3 NAG N . -64.13 58.32 1.66
C4 NAG N . -62.66 58.71 1.67
C5 NAG N . -61.82 57.51 2.11
C6 NAG N . -60.35 57.82 2.25
C7 NAG N . -66.84 57.65 3.93
C8 NAG N . -68.23 57.14 3.73
N2 NAG N . -65.96 57.35 2.97
O3 NAG N . -64.93 59.47 1.35
O4 NAG N . -62.25 59.16 0.40
O5 NAG N . -62.27 57.02 3.38
O6 NAG N . -59.70 56.87 3.10
O7 NAG N . -66.52 58.31 4.92
C1 NAG N . -61.92 60.57 0.44
C2 NAG N . -61.72 61.10 -0.98
C3 NAG N . -61.43 62.59 -0.95
C4 NAG N . -62.51 63.34 -0.18
C5 NAG N . -62.67 62.73 1.21
C6 NAG N . -63.81 63.35 1.99
C7 NAG N . -60.74 59.88 -2.90
C8 NAG N . -62.05 60.11 -3.62
N2 NAG N . -60.65 60.37 -1.66
O3 NAG N . -61.34 63.09 -2.28
O4 NAG N . -62.15 64.71 -0.06
O5 NAG N . -62.96 61.33 1.09
O6 NAG N . -64.43 62.41 2.84
O7 NAG N . -59.81 59.28 -3.43
C1 NAG O . -57.05 54.64 -16.93
C2 NAG O . -57.70 55.05 -18.25
C3 NAG O . -56.70 55.79 -19.14
C4 NAG O . -56.07 56.96 -18.38
C5 NAG O . -55.49 56.50 -17.05
C6 NAG O . -55.01 57.64 -16.18
C7 NAG O . -59.55 53.71 -19.18
C8 NAG O . -59.92 52.46 -19.91
N2 NAG O . -58.24 53.89 -18.94
O3 NAG O . -57.40 56.28 -20.27
O4 NAG O . -55.09 57.61 -19.19
O5 NAG O . -56.50 55.80 -16.29
O6 NAG O . -55.54 58.88 -16.61
O7 NAG O . -60.38 54.54 -18.80
C1 NAG O . -53.93 56.83 -19.57
C2 NAG O . -53.53 57.18 -21.02
C3 NAG O . -52.23 56.46 -21.41
C4 NAG O . -51.14 56.71 -20.38
C5 NAG O . -51.65 56.33 -18.99
C6 NAG O . -50.65 56.62 -17.89
C7 NAG O . -55.12 55.72 -22.29
C8 NAG O . -56.20 55.73 -23.33
N2 NAG O . -54.59 56.91 -21.99
O3 NAG O . -51.80 56.92 -22.69
O4 NAG O . -49.99 55.94 -20.68
O5 NAG O . -52.83 57.07 -18.69
O6 NAG O . -50.70 57.99 -17.50
O7 NAG O . -54.77 54.67 -21.73
C1 NAG P . 5.36 7.59 39.74
C2 NAG P . 4.52 7.07 40.91
C3 NAG P . 3.92 8.24 41.68
C4 NAG P . 5.02 9.20 42.12
C5 NAG P . 5.84 9.64 40.90
C6 NAG P . 7.03 10.52 41.26
C7 NAG P . 3.52 4.85 40.58
C8 NAG P . 2.34 4.09 40.04
N2 NAG P . 3.47 6.18 40.44
O3 NAG P . 3.23 7.75 42.82
O4 NAG P . 4.45 10.34 42.75
O5 NAG P . 6.36 8.49 40.23
O6 NAG P . 6.61 11.82 41.64
O7 NAG P . 4.47 4.28 41.11
C1 NAG P . 4.78 10.38 44.16
C2 NAG P . 4.00 11.52 44.81
C3 NAG P . 4.29 11.57 46.31
C4 NAG P . 4.03 10.21 46.95
C5 NAG P . 4.80 9.11 46.21
C6 NAG P . 4.50 7.73 46.72
C7 NAG P . 3.50 13.41 43.33
C8 NAG P . 3.99 14.72 42.79
N2 NAG P . 4.32 12.79 44.19
O3 NAG P . 3.48 12.56 46.93
O4 NAG P . 4.43 10.22 48.31
O5 NAG P . 4.47 9.13 44.81
O6 NAG P . 3.11 7.57 47.01
O7 NAG P . 2.41 12.94 43.01
C1 NAG Q . -84.66 19.28 -19.52
C2 NAG Q . -86.04 19.26 -20.20
C3 NAG Q . -86.63 17.85 -20.11
C4 NAG Q . -85.68 16.82 -20.68
C5 NAG Q . -84.31 16.94 -20.00
C6 NAG Q . -83.26 16.03 -20.59
C7 NAG Q . -87.23 21.40 -20.15
C8 NAG Q . -88.17 22.28 -19.38
N2 NAG Q . -86.93 20.23 -19.59
O3 NAG Q . -87.87 17.82 -20.83
O4 NAG Q . -86.19 15.51 -20.49
O5 NAG Q . -83.82 18.28 -20.12
O6 NAG Q . -83.31 16.03 -22.01
O7 NAG Q . -86.76 21.73 -21.23
C1 NAG Q . -86.58 14.95 -21.75
C2 NAG Q . -86.66 13.42 -21.61
C3 NAG Q . -87.13 12.79 -22.92
C4 NAG Q . -88.44 13.43 -23.38
C5 NAG Q . -88.29 14.94 -23.45
C6 NAG Q . -89.59 15.65 -23.78
C7 NAG Q . -85.24 11.98 -20.22
C8 NAG Q . -83.84 11.52 -19.94
N2 NAG Q . -85.38 12.87 -21.22
O3 NAG Q . -87.30 11.39 -22.74
O4 NAG Q . -88.79 12.93 -24.66
O5 NAG Q . -87.86 15.46 -22.18
O6 NAG Q . -90.13 16.29 -22.64
O7 NAG Q . -86.20 11.57 -19.58
C1 NAG R . -82.34 -0.45 -11.49
C2 NAG R . -83.56 -1.36 -11.64
C3 NAG R . -83.13 -2.78 -11.97
C4 NAG R . -82.21 -2.79 -13.18
C5 NAG R . -81.04 -1.83 -12.97
C6 NAG R . -80.16 -1.68 -14.19
C7 NAG R . -85.48 -0.59 -10.30
C8 NAG R . -86.20 -0.69 -9.00
N2 NAG R . -84.38 -1.34 -10.44
O3 NAG R . -84.28 -3.58 -12.21
O4 NAG R . -81.68 -4.10 -13.38
O5 NAG R . -81.54 -0.51 -12.68
O6 NAG R . -80.68 -0.73 -15.11
O7 NAG R . -85.88 0.15 -11.21
C1 NAG R . -82.26 -4.69 -14.57
C2 NAG R . -81.21 -5.58 -15.23
C3 NAG R . -81.80 -6.26 -16.47
C4 NAG R . -83.09 -7.00 -16.11
C5 NAG R . -84.05 -6.05 -15.41
C6 NAG R . -85.30 -6.75 -14.91
C7 NAG R . -78.83 -4.96 -14.99
C8 NAG R . -78.75 -5.99 -13.90
N2 NAG R . -80.02 -4.81 -15.59
O3 NAG R . -80.85 -7.17 -17.01
O4 NAG R . -83.69 -7.52 -17.29
O5 NAG R . -83.43 -5.47 -14.27
O6 NAG R . -85.00 -8.02 -14.36
O7 NAG R . -77.86 -4.29 -15.33
C1 NAG S . -92.97 37.75 -20.25
C2 NAG S . -94.06 38.19 -21.22
C3 NAG S . -95.33 38.55 -20.46
C4 NAG S . -95.74 37.41 -19.52
C5 NAG S . -94.55 36.91 -18.68
C6 NAG S . -94.86 35.65 -17.90
C7 NAG S . -93.52 39.24 -23.38
C8 NAG S . -93.05 40.49 -24.06
N2 NAG S . -93.62 39.31 -22.04
O3 NAG S . -96.36 38.83 -21.38
O4 NAG S . -96.73 37.87 -18.62
O5 NAG S . -93.42 36.63 -19.51
O6 NAG S . -95.61 34.74 -18.68
O7 NAG S . -93.78 38.22 -24.00
C1 NAG S . -98.05 37.40 -19.00
C2 NAG S . -98.88 37.23 -17.73
C3 NAG S . -100.31 36.81 -18.09
C4 NAG S . -100.92 37.79 -19.08
C5 NAG S . -100.01 37.94 -20.30
C6 NAG S . -100.49 38.98 -21.28
C7 NAG S . -97.67 36.61 -15.69
C8 NAG S . -97.09 35.48 -14.89
N2 NAG S . -98.28 36.26 -16.83
O3 NAG S . -101.10 36.76 -16.90
O4 NAG S . -102.19 37.32 -19.50
O5 NAG S . -98.69 38.33 -19.88
O6 NAG S . -100.46 40.28 -20.69
O7 NAG S . -97.57 37.78 -15.33
C1 NAG T . -89.33 57.32 -13.29
C2 NAG T . -88.97 58.08 -14.57
C3 NAG T . -88.32 59.42 -14.21
C4 NAG T . -89.22 60.22 -13.27
C5 NAG T . -89.55 59.37 -12.04
C6 NAG T . -90.52 60.05 -11.09
C7 NAG T . -88.52 56.60 -16.47
C8 NAG T . -87.48 55.85 -17.23
N2 NAG T . -88.09 57.30 -15.41
O3 NAG T . -88.09 60.17 -15.41
O4 NAG T . -88.57 61.43 -12.88
O5 NAG T . -90.15 58.14 -12.44
O6 NAG T . -91.84 60.05 -11.62
O7 NAG T . -89.71 56.57 -16.78
C1 NAG T . -89.28 62.57 -13.43
C2 NAG T . -88.38 63.80 -13.28
C3 NAG T . -89.06 65.02 -13.89
C4 NAG T . -89.48 64.76 -15.32
C5 NAG T . -90.34 63.49 -15.39
C6 NAG T . -90.70 63.10 -16.79
C7 NAG T . -86.85 63.68 -11.36
C8 NAG T . -86.67 64.00 -9.90
N2 NAG T . -88.03 64.03 -11.89
O3 NAG T . -88.17 66.14 -13.84
O4 NAG T . -90.23 65.86 -15.82
O5 NAG T . -89.62 62.39 -14.81
O6 NAG T . -90.47 61.71 -17.02
O7 NAG T . -85.99 63.11 -12.01
C1 NAG U . -22.58 5.15 43.82
C2 NAG U . -22.39 4.47 45.18
C3 NAG U . -23.36 5.05 46.20
C4 NAG U . -23.22 6.57 46.26
C5 NAG U . -23.39 7.16 44.87
C6 NAG U . -23.15 8.66 44.83
C7 NAG U . -21.54 2.17 44.99
C8 NAG U . -21.91 0.72 44.88
N2 NAG U . -22.56 3.03 45.08
O3 NAG U . -23.09 4.50 47.49
O4 NAG U . -24.22 7.12 47.12
O5 NAG U . -22.43 6.57 43.96
O6 NAG U . -23.88 9.27 43.77
O7 NAG U . -20.37 2.55 44.99
C1 NAG V . -21.68 -42.98 -16.37
C2 NAG V . -21.86 -43.22 -17.88
C3 NAG V . -23.31 -42.94 -18.28
C4 NAG V . -24.27 -43.75 -17.43
C5 NAG V . -24.00 -43.48 -15.94
C6 NAG V . -24.84 -44.35 -15.02
C7 NAG V . -20.40 -42.80 -19.80
C8 NAG V . -19.47 -41.82 -20.47
N2 NAG V . -20.94 -42.40 -18.65
O3 NAG V . -23.48 -43.28 -19.66
O4 NAG V . -25.61 -43.40 -17.73
O5 NAG V . -22.63 -43.77 -15.64
O6 NAG V . -25.83 -45.06 -15.74
O7 NAG V . -20.63 -43.90 -20.29
C1 NAG W . -46.87 -0.99 31.71
C2 NAG W . -47.97 -0.36 32.57
C3 NAG W . -49.08 0.20 31.68
C4 NAG W . -48.50 1.17 30.66
C5 NAG W . -47.38 0.49 29.87
C6 NAG W . -46.67 1.43 28.91
C7 NAG W . -48.44 -1.20 34.83
C8 NAG W . -49.05 -2.30 35.64
N2 NAG W . -48.51 -1.34 33.50
O3 NAG W . -50.03 0.87 32.49
O4 NAG W . -49.52 1.58 29.75
O5 NAG W . -46.38 0.00 30.77
O6 NAG W . -46.34 2.66 29.55
O7 NAG W . -47.91 -0.23 35.36
C1 NAG X . -49.35 -24.83 2.76
C2 NAG X . -50.26 -24.19 1.71
C3 NAG X . -51.67 -24.76 1.80
C4 NAG X . -51.63 -26.29 1.72
C5 NAG X . -50.67 -26.85 2.76
C6 NAG X . -50.50 -28.34 2.65
C7 NAG X . -49.54 -21.92 1.11
C8 NAG X . -49.69 -20.46 1.41
N2 NAG X . -50.29 -22.74 1.85
O3 NAG X . -52.47 -24.24 0.75
O4 NAG X . -52.93 -26.81 1.94
O5 NAG X . -49.37 -26.26 2.60
O6 NAG X . -49.17 -28.69 2.27
O7 NAG X . -48.77 -22.34 0.25
C1 NAG Y . -64.44 -21.23 14.31
C2 NAG Y . -65.57 -21.74 13.42
C3 NAG Y . -65.10 -22.94 12.61
C4 NAG Y . -63.82 -22.59 11.85
C5 NAG Y . -62.77 -22.06 12.80
C6 NAG Y . -61.51 -21.59 12.09
C7 NAG Y . -67.84 -21.31 14.28
C8 NAG Y . -68.95 -21.83 15.13
N2 NAG Y . -66.75 -22.09 14.21
O3 NAG Y . -66.12 -23.33 11.69
O4 NAG Y . -63.32 -23.76 11.19
O5 NAG Y . -63.29 -20.92 13.51
O6 NAG Y . -60.35 -21.89 12.85
O7 NAG Y . -67.91 -20.24 13.68
C1 NAG Z . -93.65 3.42 0.81
C2 NAG Z . -93.65 2.02 1.43
C3 NAG Z . -93.78 0.96 0.33
C4 NAG Z . -95.00 1.24 -0.53
C5 NAG Z . -94.94 2.67 -1.07
C6 NAG Z . -96.17 3.05 -1.85
C7 NAG Z . -92.45 1.58 3.55
C8 NAG Z . -93.80 1.58 4.22
N2 NAG Z . -92.45 1.79 2.22
O3 NAG Z . -93.89 -0.32 0.94
O4 NAG Z . -95.03 0.32 -1.62
O5 NAG Z . -94.83 3.59 0.01
O6 NAG Z . -96.23 4.45 -2.09
O7 NAG Z . -91.42 1.39 4.18
C1 NAG AA . -86.84 5.12 16.41
C2 NAG AA . -85.91 4.76 17.58
C3 NAG AA . -84.94 3.66 17.16
C4 NAG AA . -85.70 2.47 16.61
C5 NAG AA . -86.64 2.89 15.49
C6 NAG AA . -87.52 1.77 14.99
C7 NAG AA . -85.10 6.29 19.31
C8 NAG AA . -84.30 7.53 19.61
N2 NAG AA . -85.17 5.94 18.03
O3 NAG AA . -84.16 3.27 18.29
O4 NAG AA . -84.79 1.49 16.12
O5 NAG AA . -87.51 3.93 15.96
O6 NAG AA . -88.08 1.03 16.06
O7 NAG AA . -85.65 5.65 20.21
C1 NAG BA . -106.52 15.27 1.58
C2 NAG BA . -107.24 16.12 0.54
C3 NAG BA . -107.73 15.25 -0.62
C4 NAG BA . -106.58 14.43 -1.20
C5 NAG BA . -105.89 13.64 -0.09
C6 NAG BA . -104.67 12.89 -0.58
C7 NAG BA . -108.26 18.13 1.51
C8 NAG BA . -109.50 18.72 2.11
N2 NAG BA . -108.35 16.85 1.13
O3 NAG BA . -108.30 16.07 -1.63
O4 NAG BA . -107.07 13.54 -2.18
O5 NAG BA . -105.45 14.52 0.95
O6 NAG BA . -103.48 13.39 0.02
O7 NAG BA . -107.24 18.78 1.37
C1 NAG CA . -26.12 -31.08 28.86
C2 NAG CA . -24.67 -31.46 28.51
C3 NAG CA . -24.61 -32.19 27.18
C4 NAG CA . -25.55 -33.39 27.18
C5 NAG CA . -26.96 -32.94 27.56
C6 NAG CA . -27.93 -34.10 27.70
C7 NAG CA . -22.67 -30.15 29.15
C8 NAG CA . -22.26 -31.34 29.99
N2 NAG CA . -23.82 -30.27 28.48
O3 NAG CA . -23.28 -32.62 26.93
O4 NAG CA . -25.58 -33.98 25.89
O5 NAG CA . -26.94 -32.27 28.82
O6 NAG CA . -27.28 -35.26 28.18
O7 NAG CA . -21.98 -29.14 29.10
C1 NAG DA . 0.15 -24.10 18.46
C2 NAG DA . -1.02 -24.81 17.75
C3 NAG DA . -1.17 -24.28 16.32
C4 NAG DA . -1.27 -22.77 16.32
C5 NAG DA . -0.09 -22.15 17.07
C6 NAG DA . -0.17 -20.64 17.18
C7 NAG DA . -1.87 -27.10 17.93
C8 NAG DA . -1.52 -28.57 17.92
N2 NAG DA . -0.86 -26.25 17.77
O3 NAG DA . -2.33 -24.86 15.73
O4 NAG DA . -1.27 -22.29 14.98
O5 NAG DA . -0.03 -22.67 18.41
O6 NAG DA . 0.95 -20.02 16.60
O7 NAG DA . -3.03 -26.72 18.10
C1 NAG EA . 5.14 49.30 8.95
C2 NAG EA . 4.09 50.36 9.27
C3 NAG EA . 4.66 51.36 10.29
C4 NAG EA . 5.20 50.64 11.51
C5 NAG EA . 6.22 49.58 11.09
C6 NAG EA . 6.70 48.74 12.25
C7 NAG EA . 2.39 51.46 7.90
C8 NAG EA . 2.09 52.15 6.60
N2 NAG EA . 3.65 51.04 8.08
O3 NAG EA . 3.64 52.28 10.68
O4 NAG EA . 5.83 51.57 12.38
O5 NAG EA . 5.61 48.68 10.16
O6 NAG EA . 6.48 47.35 12.03
O7 NAG EA . 1.51 51.27 8.74
C1 NAG FA . 19.06 28.99 0.35
C2 NAG FA . 18.54 27.93 1.32
C3 NAG FA . 18.31 28.54 2.70
C4 NAG FA . 19.57 29.25 3.19
C5 NAG FA . 20.04 30.26 2.16
C6 NAG FA . 21.35 30.91 2.52
C7 NAG FA . 17.30 26.11 0.24
C8 NAG FA . 15.96 25.63 -0.22
N2 NAG FA . 17.32 27.31 0.82
O3 NAG FA . 17.94 27.50 3.62
O4 NAG FA . 19.29 29.91 4.42
O5 NAG FA . 20.24 29.61 0.89
O6 NAG FA . 22.27 29.96 3.04
O7 NAG FA . 18.32 25.44 0.08
C1 NAG GA . -11.94 47.00 -26.18
C2 NAG GA . -12.66 48.20 -25.56
C3 NAG GA . -13.21 49.10 -26.67
C4 NAG GA . -12.12 49.48 -27.65
C5 NAG GA . -11.42 48.24 -28.18
C6 NAG GA . -10.23 48.55 -29.07
C7 NAG GA . -13.59 47.80 -23.33
C8 NAG GA . -14.78 47.32 -22.55
N2 NAG GA . -13.71 47.77 -24.66
O3 NAG GA . -13.78 50.27 -26.08
O4 NAG GA . -12.67 50.21 -28.74
O5 NAG GA . -10.92 47.46 -27.08
O6 NAG GA . -9.36 49.48 -28.45
O7 NAG GA . -12.56 48.18 -22.78
C1 NAG HA . -18.77 32.41 28.60
C2 NAG HA . -19.62 31.59 29.58
C3 NAG HA . -19.97 32.45 30.80
C4 NAG HA . -18.72 33.05 31.42
C5 NAG HA . -17.92 33.80 30.36
C6 NAG HA . -16.60 34.32 30.89
C7 NAG HA . -20.94 29.81 28.53
C8 NAG HA . -22.24 29.45 27.90
N2 NAG HA . -20.82 31.08 28.95
O3 NAG HA . -20.66 31.65 31.76
O4 NAG HA . -19.08 33.94 32.47
O5 NAG HA . -17.61 32.93 29.27
O6 NAG HA . -16.50 34.20 32.30
O7 NAG HA . -20.03 29.00 28.65
C1 NAG IA . -70.62 43.70 33.15
C2 NAG IA . -71.60 43.07 34.14
C3 NAG IA . -71.67 43.91 35.42
C4 NAG IA . -70.28 44.11 36.00
C5 NAG IA . -69.35 44.71 34.94
C6 NAG IA . -67.92 44.83 35.41
C7 NAG IA . -73.55 41.77 33.35
C8 NAG IA . -72.80 40.54 33.78
N2 NAG IA . -72.93 42.95 33.54
O3 NAG IA . -72.49 43.24 36.37
O4 NAG IA . -70.34 44.99 37.12
O5 NAG IA . -69.33 43.86 33.78
O6 NAG IA . -67.23 43.59 35.27
O7 NAG IA . -74.66 41.71 32.85
C1 NAG JA . -63.71 54.32 21.85
C2 NAG JA . -63.40 53.68 23.21
C3 NAG JA . -61.89 53.52 23.36
C4 NAG JA . -61.34 52.67 22.20
C5 NAG JA . -61.69 53.33 20.87
C6 NAG JA . -61.27 52.53 19.67
C7 NAG JA . -64.69 53.93 25.27
C8 NAG JA . -65.17 54.87 26.32
N2 NAG JA . -63.94 54.47 24.30
O3 NAG JA . -61.56 52.90 24.60
O4 NAG JA . -59.94 52.52 22.32
O5 NAG JA . -63.11 53.51 20.77
O6 NAG JA . -60.95 51.18 19.99
O7 NAG JA . -64.97 52.73 25.30
C1 NAG KA . -77.41 58.62 18.14
C2 NAG KA . -77.29 60.13 18.36
C3 NAG KA . -78.56 60.83 17.90
C4 NAG KA . -78.89 60.44 16.45
C5 NAG KA . -78.95 58.93 16.31
C6 NAG KA . -79.15 58.48 14.88
C7 NAG KA . -75.83 60.93 20.16
C8 NAG KA . -75.71 61.19 21.63
N2 NAG KA . -77.01 60.44 19.75
O3 NAG KA . -78.39 62.24 17.99
O4 NAG KA . -80.15 61.00 16.09
O5 NAG KA . -77.72 58.35 16.76
O6 NAG KA . -79.76 59.49 14.10
O7 NAG KA . -74.91 61.15 19.39
C1 NAG LA . -86.85 45.97 31.95
C2 NAG LA . -86.44 46.74 33.21
C3 NAG LA . -86.21 45.77 34.36
C4 NAG LA . -87.43 44.87 34.57
C5 NAG LA . -87.79 44.18 33.25
C6 NAG LA . -89.07 43.37 33.36
C7 NAG LA . -85.30 48.86 32.78
C8 NAG LA . -83.98 49.54 32.54
N2 NAG LA . -85.26 47.54 32.96
O3 NAG LA . -85.94 46.51 35.55
O4 NAG LA . -87.15 43.88 35.55
O5 NAG LA . -88.02 45.16 32.23
O6 NAG LA . -88.81 42.02 33.70
O7 NAG LA . -86.36 49.49 32.80
C1 NAG MA . 29.25 -0.49 38.93
C2 NAG MA . 28.95 0.79 38.12
C3 NAG MA . 29.69 2.02 38.66
C4 NAG MA . 29.45 2.14 40.17
C5 NAG MA . 29.76 0.83 40.89
C6 NAG MA . 29.44 0.87 42.36
C7 NAG MA . 30.08 0.37 35.81
C8 NAG MA . 31.46 0.15 36.40
N2 NAG MA . 29.04 0.66 36.66
O3 NAG MA . 29.24 3.19 37.99
O4 NAG MA . 30.28 3.18 40.71
O5 NAG MA . 28.99 -0.24 40.32
O6 NAG MA . 28.12 1.34 42.59
O7 NAG MA . 29.89 0.31 34.60
C1 NAG NA . 8.58 28.29 -38.93
C2 NAG NA . 9.16 28.97 -40.17
C3 NAG NA . 9.14 30.48 -39.99
C4 NAG NA . 7.74 30.97 -39.65
C5 NAG NA . 7.21 30.21 -38.43
C6 NAG NA . 5.77 30.55 -38.11
C7 NAG NA . 10.83 27.74 -41.49
C8 NAG NA . 12.27 27.35 -41.61
N2 NAG NA . 10.51 28.50 -40.43
O3 NAG NA . 9.58 31.10 -41.19
O4 NAG NA . 7.75 32.36 -39.36
O5 NAG NA . 7.26 28.79 -38.68
O6 NAG NA . 5.04 30.89 -39.27
O7 NAG NA . 9.99 27.38 -42.31
C1 NAG OA . -28.11 -5.02 -53.44
C2 NAG OA . -29.55 -5.01 -54.00
C3 NAG OA . -29.64 -4.04 -55.16
C4 NAG OA . -29.13 -2.65 -54.76
C5 NAG OA . -27.73 -2.76 -54.16
C6 NAG OA . -27.21 -1.44 -53.62
C7 NAG OA . -31.13 -6.90 -54.00
C8 NAG OA . -32.01 -6.07 -53.11
N2 NAG OA . -29.97 -6.33 -54.39
O3 NAG OA . -31.00 -3.95 -55.59
O4 NAG OA . -29.09 -1.80 -55.89
O5 NAG OA . -27.72 -3.69 -53.06
O6 NAG OA . -27.71 -1.19 -52.31
O7 NAG OA . -31.46 -8.03 -54.36
C1 NAG PA . -18.48 -42.14 -47.26
C2 NAG PA . -18.27 -43.56 -47.79
C3 NAG PA . -17.72 -44.45 -46.68
C4 NAG PA . -16.46 -43.84 -46.08
C5 NAG PA . -16.73 -42.41 -45.63
C6 NAG PA . -15.49 -41.70 -45.14
C7 NAG PA . -19.68 -44.37 -49.63
C8 NAG PA . -21.02 -44.93 -50.02
N2 NAG PA . -19.51 -44.11 -48.33
O3 NAG PA . -17.43 -45.75 -47.21
O4 NAG PA . -16.04 -44.62 -44.96
O5 NAG PA . -17.25 -41.63 -46.72
O6 NAG PA . -14.75 -42.51 -44.24
O7 NAG PA . -18.81 -44.16 -50.45
C1 NAG QA . -5.56 -15.25 -39.91
C2 NAG QA . -5.21 -15.59 -41.39
C3 NAG QA . -3.91 -14.90 -41.85
C4 NAG QA . -3.93 -13.41 -41.51
C5 NAG QA . -4.24 -13.23 -40.03
C6 NAG QA . -4.33 -11.77 -39.62
C7 NAG QA . -4.54 -18.09 -41.34
C8 NAG QA . -3.44 -17.90 -40.31
N2 NAG QA . -5.26 -17.02 -41.74
O3 NAG QA . -3.75 -15.08 -43.25
O4 NAG QA . -2.67 -12.82 -41.81
O5 NAG QA . -5.51 -13.82 -39.72
O6 NAG QA . -4.18 -11.60 -38.22
O7 NAG QA . -4.78 -19.21 -41.79
C1 NAG RA . -30.38 27.61 -38.46
C2 NAG RA . -30.68 28.92 -37.72
C3 NAG RA . -31.20 29.97 -38.70
C4 NAG RA . -30.24 30.13 -39.88
C5 NAG RA . -29.97 28.77 -40.53
C6 NAG RA . -28.94 28.85 -41.62
C7 NAG RA . -31.28 28.77 -35.35
C8 NAG RA . -32.38 28.52 -34.36
N2 NAG RA . -31.62 28.70 -36.65
O3 NAG RA . -31.36 31.21 -38.03
O4 NAG RA . -30.81 31.01 -40.84
O5 NAG RA . -29.47 27.86 -39.54
O6 NAG RA . -27.76 29.51 -41.18
O7 NAG RA . -30.13 28.99 -34.99
C1 NAG SA . -49.86 27.50 -43.49
C2 NAG SA . -49.28 27.24 -44.88
C3 NAG SA . -47.98 28.00 -45.07
C4 NAG SA . -48.17 29.47 -44.77
C5 NAG SA . -48.78 29.67 -43.38
C6 NAG SA . -49.13 31.11 -43.08
C7 NAG SA . -49.94 25.05 -45.80
C8 NAG SA . -49.58 23.61 -45.93
N2 NAG SA . -49.10 25.81 -45.10
O3 NAG SA . -47.51 27.82 -46.40
O4 NAG SA . -46.91 30.15 -44.82
O5 NAG SA . -50.02 28.92 -43.29
O6 NAG SA . -49.06 31.91 -44.25
O7 NAG SA . -50.95 25.52 -46.32
C1 NAG TA . -73.83 51.12 -22.92
C2 NAG TA . -73.99 52.60 -22.54
C3 NAG TA . -73.06 53.48 -23.37
C4 NAG TA . -71.63 52.98 -23.30
C5 NAG TA . -71.56 51.51 -23.67
C6 NAG TA . -70.18 50.91 -23.51
C7 NAG TA . -76.13 53.08 -23.73
C8 NAG TA . -77.54 53.59 -23.54
N2 NAG TA . -75.38 53.05 -22.63
O3 NAG TA . -73.14 54.82 -22.91
O4 NAG TA . -70.80 53.72 -24.18
O5 NAG TA . -72.43 50.74 -22.82
O6 NAG TA . -70.16 49.90 -22.52
O7 NAG TA . -75.73 52.71 -24.84
C1 NAG UA . -77.81 36.80 -26.86
C2 NAG UA . -78.01 35.61 -27.79
C3 NAG UA . -76.70 35.28 -28.52
C4 NAG UA . -76.16 36.52 -29.22
C5 NAG UA . -76.04 37.68 -28.23
C6 NAG UA . -75.62 38.98 -28.89
C7 NAG UA . -79.76 34.04 -27.09
C8 NAG UA . -80.08 32.81 -26.28
N2 NAG UA . -78.48 34.43 -27.06
O3 NAG UA . -76.92 34.24 -29.47
O4 NAG UA . -74.89 36.25 -29.79
O5 NAG UA . -77.30 37.92 -27.60
O6 NAG UA . -76.39 39.23 -30.06
O7 NAG UA . -80.62 34.64 -27.73
C1 NAG VA . 29.36 7.28 -27.72
C2 NAG VA . 29.70 7.99 -29.03
C3 NAG VA . 30.93 7.36 -29.70
C4 NAG VA . 32.09 7.28 -28.70
C5 NAG VA . 31.65 6.58 -27.42
C6 NAG VA . 32.72 6.56 -26.36
C7 NAG VA . 27.92 7.02 -30.50
C8 NAG VA . 26.79 7.37 -31.42
N2 NAG VA . 28.57 8.07 -29.95
O3 NAG VA . 31.31 8.13 -30.83
O4 NAG VA . 33.17 6.55 -29.29
O5 NAG VA . 30.51 7.27 -26.86
O6 NAG VA . 32.37 7.38 -25.25
O7 NAG VA . 28.24 5.85 -30.27
#